data_6KE3
#
_entry.id   6KE3
#
_cell.length_a   99.365
_cell.length_b   162.669
_cell.length_c   114.776
_cell.angle_alpha   90.000
_cell.angle_beta   100.380
_cell.angle_gamma   90.000
#
_symmetry.space_group_name_H-M   'P 1 21 1'
#
loop_
_entity.id
_entity.type
_entity.pdbx_description
1 polymer 'Isocitrate dehydrogenase [NAD] subunit alpha, mitochondrial'
2 polymer 'Isocitrate dehydrogenase [NAD] subunit beta, mitochondrial'
3 non-polymer '1,4-DIHYDRONICOTINAMIDE ADENINE DINUCLEOTIDE'
#
loop_
_entity_poly.entity_id
_entity_poly.type
_entity_poly.pdbx_seq_one_letter_code
_entity_poly.pdbx_strand_id
1 'polypeptide(L)'
;GSTGGVQTVTLIPGDGIGPEISAAVMKIFDAAKAPIQWEERNVTAIQGPGGKWMIPSEAKESMDKNKMGLKGPLKTPIAA
GHPSMNLLLRKTFDLYANVRPCVSIEGYKTPYTDVNIVTIRENTEGEYSGIEHVIVDGVVQSIKLITEGASKRIAEFAFE
YARNNHRSNVTAVHKANIMRMSDGLFLQKCREVAESCKDIKFNEMYLDTVCLNMVQDPSQFDVLVMPNLYGDILSDLCAG
LIGGLGVTPSGNIGANGVAIFESVHGTAPDIAGKDMANPTALLLSAVMMLRHMGLFDHAARIEAACFATIKDGKSLTKDL
GGNAKCSDFTEEICRRVKDLD
;
A,C,E,G
2 'polypeptide(L)'
;ASRSQAEDVRVEGSFPVTMLPGDGVGPELMHAVKEVFKAAAVPVEFQEHHLSEVQNMASEEKLEQVLSSMKENKVAIIGK
IHTPMEYKGELASYDMRLRRKLDLFANVVHVKSLPGYMTRHNNLDLVIIREQTEGEYSSLEHESARGVIECLKIVTRAKS
QRIAKFAFDYATKKGRGKVTAVHKANIMKLGDGLFLQCCEEVAELYPKIKFETMIIDNCCMQLVQNPYQFDVLVMPNLYG
NIIDNLAAGLVGGAGVVPGESYSAEYAVFETGARHPFAQAVGRNIANPTAMLLSASNMLRHLNLEYHSSMIADAVKKVIK
VGKVRTSDMGGYATCHDFTEEICRRVKDLDENLYFQ
;
B,D,F,H
#
loop_
_chem_comp.id
_chem_comp.type
_chem_comp.name
_chem_comp.formula
NAI non-polymer '1,4-DIHYDRONICOTINAMIDE ADENINE DINUCLEOTIDE' 'C21 H29 N7 O14 P2'
#
# COMPACT_ATOMS: atom_id res chain seq x y z
N GLY A 5 38.43 -38.18 -42.66
CA GLY A 5 38.89 -39.46 -42.14
C GLY A 5 37.84 -40.34 -41.47
N VAL A 6 38.25 -41.53 -41.01
CA VAL A 6 37.34 -42.50 -40.39
C VAL A 6 37.96 -43.00 -39.10
N GLN A 7 37.59 -42.38 -37.97
CA GLN A 7 38.14 -42.73 -36.66
C GLN A 7 37.50 -44.01 -36.13
N THR A 8 38.18 -44.63 -35.18
CA THR A 8 37.69 -45.82 -34.49
C THR A 8 37.61 -45.55 -32.99
N VAL A 9 36.80 -46.31 -32.29
CA VAL A 9 36.63 -46.10 -30.87
C VAL A 9 36.25 -47.40 -30.20
N THR A 10 36.83 -47.65 -29.03
CA THR A 10 36.47 -48.82 -28.25
C THR A 10 34.97 -48.79 -27.99
N LEU A 11 34.38 -49.98 -27.80
CA LEU A 11 32.98 -50.11 -27.38
C LEU A 11 32.89 -51.25 -26.39
N ILE A 12 32.44 -50.97 -25.17
CA ILE A 12 32.09 -52.03 -24.22
C ILE A 12 30.59 -52.21 -24.28
N PRO A 13 30.07 -53.35 -24.78
CA PRO A 13 28.62 -53.56 -24.84
C PRO A 13 27.95 -53.30 -23.51
N GLY A 14 28.47 -53.88 -22.44
CA GLY A 14 27.81 -53.80 -21.15
C GLY A 14 26.89 -54.98 -20.88
N ASP A 15 26.36 -55.01 -19.67
CA ASP A 15 25.60 -56.13 -19.15
C ASP A 15 24.15 -55.74 -18.94
N GLY A 16 23.26 -56.66 -19.24
CA GLY A 16 21.83 -56.39 -19.12
C GLY A 16 21.28 -55.73 -20.39
N ILE A 17 20.88 -54.48 -20.27
CA ILE A 17 20.38 -53.75 -21.44
C ILE A 17 21.55 -53.09 -22.15
N GLY A 18 22.76 -53.55 -21.86
CA GLY A 18 23.94 -53.18 -22.61
C GLY A 18 23.83 -53.49 -24.09
N PRO A 19 23.62 -54.77 -24.44
CA PRO A 19 23.50 -55.11 -25.86
C PRO A 19 22.36 -54.40 -26.56
N GLU A 20 21.18 -54.35 -25.94
CA GLU A 20 20.01 -53.73 -26.56
C GLU A 20 20.34 -52.34 -27.04
N ILE A 21 20.89 -51.53 -26.15
CA ILE A 21 21.09 -50.14 -26.49
C ILE A 21 22.37 -49.93 -27.27
N SER A 22 23.43 -50.69 -26.95
CA SER A 22 24.67 -50.54 -27.70
C SER A 22 24.47 -50.97 -29.16
N ALA A 23 23.66 -51.99 -29.40
CA ALA A 23 23.22 -52.27 -30.77
C ALA A 23 22.43 -51.09 -31.33
N ALA A 24 21.49 -50.56 -30.55
CA ALA A 24 20.65 -49.48 -31.04
C ALA A 24 21.50 -48.28 -31.42
N VAL A 25 22.44 -47.88 -30.57
CA VAL A 25 23.19 -46.67 -30.85
C VAL A 25 24.24 -46.93 -31.93
N MET A 26 24.73 -48.16 -32.05
CA MET A 26 25.58 -48.49 -33.18
C MET A 26 24.85 -48.25 -34.50
N LYS A 27 23.54 -48.55 -34.52
CA LYS A 27 22.77 -48.54 -35.77
C LYS A 27 22.30 -47.14 -36.14
N ILE A 28 22.15 -46.24 -35.17
CA ILE A 28 21.90 -44.85 -35.53
C ILE A 28 23.15 -44.24 -36.13
N PHE A 29 24.32 -44.59 -35.62
CA PHE A 29 25.55 -44.13 -36.27
C PHE A 29 25.68 -44.75 -37.66
N ASP A 30 25.43 -46.05 -37.77
CA ASP A 30 25.43 -46.71 -39.08
C ASP A 30 24.47 -46.03 -40.04
N ALA A 31 23.20 -45.91 -39.63
CA ALA A 31 22.19 -45.26 -40.47
C ALA A 31 22.61 -43.86 -40.86
N ALA A 32 23.19 -43.11 -39.92
CA ALA A 32 23.62 -41.74 -40.19
C ALA A 32 24.96 -41.65 -40.92
N LYS A 33 25.62 -42.79 -41.15
CA LYS A 33 26.95 -42.87 -41.79
C LYS A 33 27.91 -41.86 -41.17
N ALA A 34 28.23 -42.10 -40.00
CA ALA A 34 29.24 -41.33 -39.31
C ALA A 34 30.59 -42.03 -39.41
N PRO A 35 31.70 -41.30 -39.52
CA PRO A 35 32.99 -41.90 -39.80
C PRO A 35 33.56 -42.63 -38.58
N ILE A 36 32.75 -43.49 -37.99
CA ILE A 36 33.20 -44.23 -36.82
C ILE A 36 33.15 -45.71 -37.12
N GLN A 37 34.20 -46.41 -36.73
CA GLN A 37 34.22 -47.86 -36.64
C GLN A 37 34.25 -48.27 -35.17
N TRP A 38 33.66 -49.43 -34.86
CA TRP A 38 33.52 -49.89 -33.48
C TRP A 38 34.43 -51.09 -33.24
N GLU A 39 35.34 -50.95 -32.28
CA GLU A 39 36.26 -52.02 -31.88
C GLU A 39 35.70 -52.62 -30.60
N GLU A 40 34.85 -53.64 -30.75
CA GLU A 40 34.18 -54.20 -29.59
C GLU A 40 35.17 -54.98 -28.74
N ARG A 41 35.15 -54.69 -27.41
CA ARG A 41 36.13 -55.18 -26.44
C ARG A 41 35.41 -55.49 -25.12
N ASN A 42 34.70 -56.64 -25.06
CA ASN A 42 34.03 -57.04 -23.82
C ASN A 42 35.02 -57.03 -22.66
N VAL A 43 34.83 -56.12 -21.71
CA VAL A 43 35.68 -56.05 -20.54
C VAL A 43 34.90 -56.62 -19.36
N THR A 44 35.30 -57.80 -18.92
CA THR A 44 34.66 -58.48 -17.82
C THR A 44 35.60 -58.51 -16.61
N ALA A 45 35.02 -58.73 -15.43
CA ALA A 45 35.85 -58.84 -14.24
C ALA A 45 36.80 -60.01 -14.42
N ILE A 46 38.09 -59.74 -14.27
CA ILE A 46 39.13 -60.75 -14.48
C ILE A 46 40.09 -60.67 -13.31
N GLN A 47 40.35 -61.82 -12.68
CA GLN A 47 41.17 -61.87 -11.48
C GLN A 47 42.57 -61.32 -11.73
N GLY A 48 43.22 -60.88 -10.67
CA GLY A 48 44.56 -60.36 -10.77
C GLY A 48 45.56 -61.36 -10.23
N PRO A 49 46.81 -61.26 -10.69
CA PRO A 49 47.86 -62.17 -10.19
C PRO A 49 48.07 -62.05 -8.69
N GLY A 50 48.44 -60.85 -8.23
CA GLY A 50 48.58 -60.58 -6.82
C GLY A 50 47.29 -60.44 -6.06
N GLY A 51 46.17 -60.76 -6.69
CA GLY A 51 44.88 -60.50 -6.12
C GLY A 51 44.32 -59.13 -6.45
N LYS A 52 45.15 -58.21 -6.93
CA LYS A 52 44.73 -56.89 -7.41
C LYS A 52 44.12 -57.06 -8.79
N TRP A 53 42.79 -56.97 -8.87
CA TRP A 53 42.05 -57.39 -10.06
C TRP A 53 42.40 -56.51 -11.24
N MET A 54 42.94 -57.12 -12.29
CA MET A 54 43.38 -56.38 -13.47
C MET A 54 42.22 -56.25 -14.46
N ILE A 55 42.55 -55.87 -15.69
CA ILE A 55 41.57 -55.67 -16.75
C ILE A 55 41.80 -56.75 -17.80
N PRO A 56 40.77 -57.23 -18.49
CA PRO A 56 41.01 -57.97 -19.74
C PRO A 56 42.02 -57.24 -20.60
N SER A 57 43.18 -57.87 -20.87
CA SER A 57 44.21 -57.18 -21.64
C SER A 57 43.66 -56.72 -22.98
N GLU A 58 42.62 -57.38 -23.48
CA GLU A 58 41.98 -56.97 -24.73
C GLU A 58 41.55 -55.52 -24.69
N ALA A 59 40.82 -55.14 -23.64
CA ALA A 59 40.32 -53.78 -23.54
C ALA A 59 41.39 -52.78 -23.10
N LYS A 60 42.40 -53.24 -22.35
CA LYS A 60 43.43 -52.35 -21.82
C LYS A 60 44.36 -51.82 -22.92
N GLU A 61 44.77 -52.69 -23.84
CA GLU A 61 45.52 -52.23 -25.00
C GLU A 61 44.60 -51.59 -26.05
N SER A 62 43.34 -52.00 -26.11
CA SER A 62 42.46 -51.49 -27.15
C SER A 62 42.14 -50.02 -26.90
N MET A 63 41.98 -49.62 -25.64
CA MET A 63 41.60 -48.25 -25.38
C MET A 63 42.77 -47.29 -25.58
N ASP A 64 43.98 -47.71 -25.18
CA ASP A 64 45.16 -46.91 -25.42
C ASP A 64 45.38 -46.68 -26.92
N LYS A 65 44.89 -47.59 -27.77
CA LYS A 65 44.99 -47.44 -29.21
C LYS A 65 44.01 -46.43 -29.79
N ASN A 66 42.89 -46.15 -29.10
CA ASN A 66 41.89 -45.23 -29.62
C ASN A 66 41.71 -43.98 -28.76
N LYS A 67 42.04 -44.07 -27.46
CA LYS A 67 41.88 -42.96 -26.52
C LYS A 67 40.44 -42.42 -26.54
N MET A 68 39.48 -43.34 -26.59
CA MET A 68 38.07 -43.01 -26.73
C MET A 68 37.26 -44.27 -26.45
N GLY A 69 36.03 -44.07 -25.98
CA GLY A 69 35.19 -45.18 -25.62
C GLY A 69 33.75 -44.79 -25.39
N LEU A 70 32.84 -45.64 -25.88
CA LEU A 70 31.43 -45.62 -25.53
C LEU A 70 31.16 -46.95 -24.85
N LYS A 71 30.41 -46.93 -23.74
CA LYS A 71 30.32 -48.10 -22.89
C LYS A 71 28.92 -48.21 -22.32
N GLY A 72 28.38 -49.42 -22.37
CA GLY A 72 27.19 -49.74 -21.63
C GLY A 72 27.50 -49.90 -20.18
N PRO A 73 26.45 -50.02 -19.39
CA PRO A 73 26.63 -50.13 -17.94
C PRO A 73 27.09 -51.53 -17.56
N LEU A 74 28.03 -51.61 -16.62
CA LEU A 74 28.54 -52.91 -16.19
C LEU A 74 27.87 -53.36 -14.89
N LYS A 75 27.90 -54.66 -14.64
CA LYS A 75 27.20 -55.20 -13.48
C LYS A 75 28.15 -55.38 -12.30
N THR A 76 27.70 -54.90 -11.14
CA THR A 76 28.41 -55.01 -9.90
C THR A 76 27.56 -55.85 -8.96
N PRO A 77 28.10 -56.89 -8.35
CA PRO A 77 27.29 -57.77 -7.50
C PRO A 77 26.95 -57.14 -6.14
N ILE A 78 25.79 -57.54 -5.61
CA ILE A 78 25.18 -56.83 -4.47
C ILE A 78 26.10 -56.87 -3.25
N ALA A 79 26.67 -58.03 -2.93
CA ALA A 79 27.64 -58.06 -1.84
C ALA A 79 28.68 -59.17 -1.99
N ALA A 80 28.94 -59.63 -3.22
CA ALA A 80 29.56 -60.94 -3.44
C ALA A 80 30.37 -60.89 -4.74
N GLY A 81 31.53 -60.26 -4.69
CA GLY A 81 32.45 -60.31 -5.82
C GLY A 81 33.20 -59.01 -6.02
N HIS A 82 33.32 -58.59 -7.30
CA HIS A 82 34.29 -57.58 -7.69
C HIS A 82 33.96 -56.21 -7.08
N PRO A 83 34.99 -55.39 -6.79
CA PRO A 83 34.72 -54.12 -6.10
C PRO A 83 33.79 -53.22 -6.90
N SER A 84 34.11 -53.02 -8.17
CA SER A 84 33.17 -52.65 -9.21
C SER A 84 33.98 -52.62 -10.48
N MET A 85 33.34 -52.93 -11.61
CA MET A 85 34.07 -52.87 -12.85
C MET A 85 34.26 -51.42 -13.28
N ASN A 86 33.29 -50.57 -13.00
CA ASN A 86 33.37 -49.18 -13.44
C ASN A 86 34.44 -48.42 -12.66
N LEU A 87 34.42 -48.51 -11.33
CA LEU A 87 35.42 -47.81 -10.53
C LEU A 87 36.85 -48.13 -11.00
N LEU A 88 37.20 -49.42 -11.06
CA LEU A 88 38.50 -49.82 -11.59
C LEU A 88 38.72 -49.26 -12.98
N LEU A 89 37.66 -49.24 -13.79
CA LEU A 89 37.77 -48.77 -15.17
C LEU A 89 38.08 -47.30 -15.21
N ARG A 90 37.33 -46.49 -14.46
CA ARG A 90 37.63 -45.06 -14.45
C ARG A 90 39.03 -44.79 -13.91
N LYS A 91 39.42 -45.50 -12.84
CA LYS A 91 40.68 -45.22 -12.17
C LYS A 91 41.88 -45.62 -13.02
N THR A 92 41.88 -46.82 -13.59
CA THR A 92 43.04 -47.20 -14.40
C THR A 92 43.08 -46.50 -15.74
N PHE A 93 42.41 -45.35 -15.90
CA PHE A 93 42.55 -44.48 -17.07
C PHE A 93 42.65 -43.02 -16.70
N ASP A 94 42.61 -42.70 -15.41
CA ASP A 94 42.65 -41.33 -14.90
C ASP A 94 41.66 -40.48 -15.66
N LEU A 95 40.39 -40.89 -15.59
CA LEU A 95 39.31 -40.06 -16.13
C LEU A 95 38.79 -39.26 -14.93
N TYR A 96 39.48 -38.15 -14.65
CA TYR A 96 39.31 -37.58 -13.33
C TYR A 96 38.08 -36.70 -13.19
N ALA A 97 37.08 -36.82 -14.05
CA ALA A 97 35.97 -35.87 -14.11
C ALA A 97 34.75 -36.59 -14.69
N ASN A 98 33.67 -36.64 -13.93
CA ASN A 98 32.42 -37.24 -14.41
C ASN A 98 31.40 -36.13 -14.60
N VAL A 99 31.34 -35.65 -15.84
CA VAL A 99 30.45 -34.56 -16.25
C VAL A 99 29.06 -35.13 -16.49
N ARG A 100 28.07 -34.65 -15.77
CA ARG A 100 26.70 -35.07 -15.98
C ARG A 100 25.89 -33.84 -16.39
N PRO A 101 25.85 -33.54 -17.69
CA PRO A 101 24.90 -32.57 -18.18
C PRO A 101 23.51 -33.07 -17.89
N CYS A 102 22.56 -32.15 -17.88
CA CYS A 102 21.22 -32.51 -17.46
C CYS A 102 20.31 -31.38 -17.95
N VAL A 103 19.76 -31.56 -19.16
CA VAL A 103 18.92 -30.57 -19.81
C VAL A 103 17.61 -31.22 -20.21
N SER A 104 16.56 -30.41 -20.35
CA SER A 104 15.23 -30.90 -20.68
C SER A 104 15.18 -31.44 -22.11
N ILE A 105 14.10 -32.17 -22.41
CA ILE A 105 13.82 -32.66 -23.75
C ILE A 105 12.56 -31.94 -24.22
N GLU A 106 12.71 -30.84 -24.98
CA GLU A 106 11.68 -29.85 -25.25
C GLU A 106 10.28 -30.46 -25.41
N GLY A 107 10.19 -31.59 -26.11
CA GLY A 107 8.89 -32.14 -26.41
C GLY A 107 8.32 -33.05 -25.34
N TYR A 108 9.12 -33.44 -24.36
CA TYR A 108 8.67 -34.38 -23.32
C TYR A 108 8.57 -33.64 -21.99
N LYS A 109 7.34 -33.35 -21.57
CA LYS A 109 7.13 -32.51 -20.40
C LYS A 109 7.17 -33.32 -19.10
N THR A 110 7.87 -32.76 -18.11
CA THR A 110 7.89 -33.16 -16.71
C THR A 110 7.21 -32.07 -15.88
N PRO A 111 7.11 -32.26 -14.57
CA PRO A 111 6.76 -31.13 -13.69
C PRO A 111 7.80 -30.03 -13.63
N TYR A 112 9.00 -30.24 -14.18
CA TYR A 112 10.03 -29.24 -14.19
C TYR A 112 10.28 -28.77 -15.62
N THR A 113 10.42 -27.46 -15.78
CA THR A 113 10.67 -26.87 -17.08
C THR A 113 12.02 -26.16 -17.14
N ASP A 114 12.60 -26.16 -18.34
CA ASP A 114 13.77 -25.38 -18.69
C ASP A 114 14.93 -25.57 -17.70
N VAL A 115 15.26 -26.83 -17.45
CA VAL A 115 16.34 -27.16 -16.53
C VAL A 115 17.58 -27.46 -17.36
N ASN A 116 18.59 -26.61 -17.23
CA ASN A 116 19.90 -26.85 -17.81
C ASN A 116 20.87 -26.86 -16.64
N ILE A 117 21.30 -28.04 -16.24
CA ILE A 117 22.15 -28.22 -15.08
C ILE A 117 23.24 -29.21 -15.42
N VAL A 118 24.45 -28.94 -14.93
CA VAL A 118 25.61 -29.78 -15.18
C VAL A 118 26.29 -30.07 -13.85
N THR A 119 26.43 -31.35 -13.53
CA THR A 119 27.19 -31.80 -12.38
C THR A 119 28.59 -32.18 -12.85
N ILE A 120 29.59 -31.42 -12.44
CA ILE A 120 30.98 -31.83 -12.60
C ILE A 120 31.37 -32.47 -11.27
N ARG A 121 31.50 -33.81 -11.26
CA ARG A 121 31.89 -34.53 -10.07
C ARG A 121 33.18 -35.32 -10.33
N GLU A 122 34.07 -35.25 -9.33
CA GLU A 122 35.39 -35.85 -9.38
C GLU A 122 35.31 -37.37 -9.37
N ASN A 123 36.25 -38.04 -10.03
CA ASN A 123 36.00 -39.41 -10.46
C ASN A 123 37.05 -40.41 -10.06
N THR A 124 38.02 -40.04 -9.21
CA THR A 124 39.10 -40.98 -8.90
C THR A 124 39.47 -41.01 -7.45
N GLU A 125 38.65 -40.47 -6.55
CA GLU A 125 39.05 -40.36 -5.17
C GLU A 125 37.82 -40.49 -4.29
N GLY A 126 38.02 -40.30 -3.00
CA GLY A 126 36.89 -40.49 -2.13
C GLY A 126 36.38 -41.92 -2.23
N GLU A 127 35.12 -42.08 -1.83
CA GLU A 127 34.53 -43.40 -1.68
C GLU A 127 34.72 -44.27 -2.92
N TYR A 128 35.20 -43.73 -4.04
CA TYR A 128 35.54 -44.58 -5.16
C TYR A 128 36.65 -45.54 -4.79
N SER A 129 37.72 -45.03 -4.22
CA SER A 129 38.91 -45.84 -3.99
C SER A 129 39.26 -45.82 -2.51
N GLY A 130 39.11 -46.95 -1.86
CA GLY A 130 39.50 -47.00 -0.47
C GLY A 130 39.41 -48.42 0.02
N ILE A 131 40.09 -48.67 1.11
CA ILE A 131 39.84 -49.88 1.88
C ILE A 131 38.50 -49.70 2.59
N GLU A 132 37.67 -50.74 2.55
CA GLU A 132 36.66 -50.98 3.59
C GLU A 132 36.92 -52.37 4.12
N HIS A 133 37.01 -52.51 5.45
CA HIS A 133 37.46 -53.78 6.00
C HIS A 133 36.73 -54.07 7.30
N VAL A 134 36.85 -55.32 7.74
CA VAL A 134 36.26 -55.78 8.98
C VAL A 134 37.28 -55.53 10.08
N ILE A 135 36.94 -54.63 11.01
CA ILE A 135 37.86 -54.35 12.10
C ILE A 135 37.67 -55.33 13.26
N VAL A 136 36.42 -55.63 13.62
CA VAL A 136 36.07 -56.69 14.57
C VAL A 136 34.80 -57.32 14.03
N ASP A 137 34.22 -58.26 14.78
CA ASP A 137 32.95 -58.83 14.37
C ASP A 137 31.84 -57.79 14.49
N GLY A 138 31.02 -57.69 13.45
CA GLY A 138 29.90 -56.77 13.45
C GLY A 138 30.26 -55.30 13.44
N VAL A 139 31.53 -54.95 13.29
CA VAL A 139 31.98 -53.56 13.16
C VAL A 139 32.81 -53.45 11.88
N VAL A 140 32.41 -52.53 10.99
CA VAL A 140 33.16 -52.27 9.76
C VAL A 140 33.64 -50.83 9.75
N GLN A 141 34.92 -50.65 9.38
CA GLN A 141 35.55 -49.37 9.15
C GLN A 141 35.79 -49.21 7.66
N SER A 142 35.59 -47.99 7.15
CA SER A 142 35.85 -47.65 5.76
C SER A 142 36.78 -46.46 5.71
N ILE A 143 37.72 -46.50 4.76
CA ILE A 143 38.84 -45.58 4.72
C ILE A 143 38.89 -44.82 3.39
N LYS A 144 37.89 -43.98 3.15
CA LYS A 144 37.85 -43.17 1.93
C LYS A 144 38.77 -41.95 2.09
N LEU A 145 39.68 -41.74 1.15
CA LEU A 145 40.54 -40.58 1.23
C LEU A 145 40.37 -39.66 0.03
N ILE A 146 40.47 -38.36 0.32
CA ILE A 146 40.41 -37.26 -0.62
C ILE A 146 41.78 -36.60 -0.59
N THR A 147 42.18 -35.99 -1.69
CA THR A 147 43.51 -35.44 -1.86
C THR A 147 43.46 -33.91 -1.92
N GLU A 148 44.63 -33.29 -1.77
CA GLU A 148 44.71 -31.87 -2.12
C GLU A 148 44.75 -31.69 -3.62
N GLY A 149 45.48 -32.57 -4.32
CA GLY A 149 45.68 -32.48 -5.75
C GLY A 149 44.49 -32.54 -6.69
N ALA A 150 43.80 -33.69 -6.75
CA ALA A 150 42.66 -33.87 -7.65
C ALA A 150 41.55 -32.91 -7.25
N SER A 151 41.53 -32.48 -5.98
CA SER A 151 40.59 -31.43 -5.59
C SER A 151 40.74 -30.23 -6.51
N LYS A 152 41.94 -29.68 -6.54
CA LYS A 152 42.32 -28.64 -7.48
C LYS A 152 42.06 -29.05 -8.95
N ARG A 153 42.31 -30.32 -9.30
CA ARG A 153 42.18 -30.76 -10.71
C ARG A 153 40.72 -30.74 -11.18
N ILE A 154 39.79 -31.13 -10.31
CA ILE A 154 38.38 -31.05 -10.70
C ILE A 154 37.88 -29.61 -10.64
N ALA A 155 38.32 -28.82 -9.65
CA ALA A 155 37.91 -27.42 -9.55
C ALA A 155 38.54 -26.53 -10.63
N GLU A 156 39.62 -26.96 -11.28
CA GLU A 156 40.01 -26.33 -12.53
C GLU A 156 39.09 -26.79 -13.66
N PHE A 157 38.83 -28.09 -13.75
CA PHE A 157 37.89 -28.58 -14.75
C PHE A 157 36.57 -27.84 -14.66
N ALA A 158 36.12 -27.57 -13.44
CA ALA A 158 34.83 -26.89 -13.27
C ALA A 158 34.80 -25.58 -14.07
N PHE A 159 35.78 -24.73 -13.85
CA PHE A 159 35.73 -23.43 -14.49
C PHE A 159 36.11 -23.56 -15.97
N GLU A 160 36.88 -24.59 -16.34
CA GLU A 160 37.17 -24.76 -17.76
C GLU A 160 35.93 -25.17 -18.51
N TYR A 161 35.14 -26.10 -17.94
CA TYR A 161 33.87 -26.48 -18.58
C TYR A 161 32.99 -25.26 -18.71
N ALA A 162 32.77 -24.58 -17.60
CA ALA A 162 31.94 -23.39 -17.59
C ALA A 162 32.49 -22.28 -18.48
N ARG A 163 33.73 -22.41 -18.95
CA ARG A 163 34.35 -21.43 -19.84
C ARG A 163 34.16 -21.80 -21.31
N ASN A 164 34.37 -23.06 -21.68
CA ASN A 164 34.07 -23.50 -23.04
C ASN A 164 32.57 -23.43 -23.34
N ASN A 165 31.74 -23.95 -22.43
CA ASN A 165 30.32 -24.07 -22.70
C ASN A 165 29.55 -22.85 -22.23
N HIS A 166 30.23 -21.71 -22.08
CA HIS A 166 29.62 -20.40 -21.86
C HIS A 166 28.58 -20.46 -20.74
N ARG A 167 29.09 -20.55 -19.53
CA ARG A 167 28.26 -20.77 -18.37
C ARG A 167 28.29 -19.53 -17.49
N SER A 168 27.15 -19.26 -16.85
CA SER A 168 27.06 -18.09 -15.97
C SER A 168 27.75 -18.40 -14.65
N ASN A 169 27.17 -19.33 -13.88
CA ASN A 169 27.57 -19.55 -12.50
C ASN A 169 28.24 -20.92 -12.33
N VAL A 170 29.16 -21.00 -11.37
CA VAL A 170 29.72 -22.26 -10.91
C VAL A 170 29.61 -22.29 -9.40
N THR A 171 28.95 -23.31 -8.86
CA THR A 171 28.67 -23.37 -7.44
C THR A 171 29.23 -24.65 -6.85
N ALA A 172 29.93 -24.52 -5.74
CA ALA A 172 30.63 -25.66 -5.15
C ALA A 172 29.74 -26.33 -4.09
N VAL A 173 29.29 -27.54 -4.40
CA VAL A 173 28.48 -28.33 -3.48
C VAL A 173 29.42 -29.10 -2.59
N HIS A 174 29.27 -28.95 -1.29
CA HIS A 174 30.23 -29.41 -0.30
C HIS A 174 29.50 -29.64 1.01
N LYS A 175 30.14 -30.38 1.93
CA LYS A 175 29.59 -30.55 3.26
C LYS A 175 30.68 -30.27 4.31
N ALA A 176 31.19 -29.03 4.28
CA ALA A 176 32.20 -28.57 5.24
C ALA A 176 31.63 -28.33 6.64
N ASN A 177 30.31 -28.42 6.82
CA ASN A 177 29.77 -28.40 8.17
C ASN A 177 30.08 -29.70 8.89
N ILE A 178 29.85 -30.84 8.24
CA ILE A 178 30.01 -32.11 8.94
C ILE A 178 31.36 -32.80 8.62
N MET A 179 32.14 -32.32 7.63
CA MET A 179 33.47 -32.88 7.33
C MET A 179 34.51 -31.76 7.17
N ARG A 180 34.95 -31.19 8.31
CA ARG A 180 35.73 -29.96 8.28
C ARG A 180 36.97 -30.08 7.41
N MET A 181 37.83 -31.03 7.74
CA MET A 181 39.05 -31.22 6.96
C MET A 181 38.75 -31.59 5.51
N SER A 182 38.06 -32.71 5.28
CA SER A 182 37.95 -33.25 3.92
C SER A 182 37.42 -32.20 2.93
N ASP A 183 36.26 -31.66 3.20
CA ASP A 183 35.64 -30.72 2.27
C ASP A 183 35.99 -29.28 2.55
N GLY A 184 36.59 -28.99 3.70
CA GLY A 184 37.14 -27.68 3.89
C GLY A 184 38.29 -27.49 2.94
N LEU A 185 39.06 -28.56 2.71
CA LEU A 185 40.15 -28.47 1.75
C LEU A 185 39.60 -28.09 0.39
N PHE A 186 38.59 -28.84 -0.07
CA PHE A 186 38.11 -28.74 -1.45
C PHE A 186 37.70 -27.32 -1.76
N LEU A 187 36.93 -26.70 -0.86
CA LEU A 187 36.62 -25.28 -1.00
C LEU A 187 37.89 -24.47 -1.20
N GLN A 188 38.88 -24.66 -0.33
CA GLN A 188 40.10 -23.88 -0.45
C GLN A 188 40.68 -24.00 -1.85
N LYS A 189 40.63 -25.21 -2.43
CA LYS A 189 41.10 -25.40 -3.79
C LYS A 189 40.15 -24.78 -4.81
N CYS A 190 38.84 -24.90 -4.60
CA CYS A 190 37.89 -24.14 -5.40
C CYS A 190 38.13 -22.65 -5.25
N ARG A 191 38.14 -22.16 -4.02
CA ARG A 191 38.35 -20.73 -3.80
C ARG A 191 39.56 -20.22 -4.58
N GLU A 192 40.66 -20.97 -4.58
CA GLU A 192 41.89 -20.49 -5.22
C GLU A 192 41.71 -20.28 -6.72
N VAL A 193 41.09 -21.27 -7.40
CA VAL A 193 40.90 -21.16 -8.84
C VAL A 193 39.77 -20.17 -9.16
N ALA A 194 38.81 -20.01 -8.25
CA ALA A 194 37.74 -19.05 -8.48
C ALA A 194 38.24 -17.62 -8.40
N GLU A 195 39.27 -17.36 -7.60
CA GLU A 195 39.88 -16.03 -7.62
C GLU A 195 40.62 -15.82 -8.93
N SER A 196 41.25 -16.87 -9.47
CA SER A 196 41.95 -16.77 -10.75
C SER A 196 41.09 -16.17 -11.83
N CYS A 197 39.79 -16.39 -11.77
CA CYS A 197 38.89 -15.95 -12.84
C CYS A 197 37.60 -15.43 -12.23
N LYS A 198 37.50 -14.10 -12.14
CA LYS A 198 36.20 -13.47 -11.90
C LYS A 198 35.33 -13.53 -13.15
N ASP A 199 35.89 -13.96 -14.28
CA ASP A 199 35.15 -14.40 -15.45
C ASP A 199 33.86 -15.10 -15.01
N ILE A 200 34.00 -16.17 -14.24
CA ILE A 200 32.88 -17.01 -13.81
C ILE A 200 32.49 -16.64 -12.39
N LYS A 201 31.18 -16.56 -12.15
CA LYS A 201 30.64 -16.24 -10.83
C LYS A 201 30.48 -17.52 -10.04
N PHE A 202 30.71 -17.43 -8.73
CA PHE A 202 31.01 -18.55 -7.85
C PHE A 202 30.21 -18.43 -6.56
N ASN A 203 29.94 -19.57 -5.90
CA ASN A 203 29.40 -19.59 -4.55
C ASN A 203 29.69 -20.95 -3.92
N GLU A 204 29.18 -21.14 -2.71
CA GLU A 204 29.31 -22.41 -2.01
C GLU A 204 28.00 -22.71 -1.29
N MET A 205 27.27 -23.72 -1.75
CA MET A 205 26.12 -24.25 -1.02
C MET A 205 26.43 -25.64 -0.43
N TYR A 206 25.93 -25.90 0.78
CA TYR A 206 26.05 -27.20 1.44
C TYR A 206 25.14 -28.25 0.77
N LEU A 207 25.55 -29.52 0.80
CA LEU A 207 24.85 -30.49 -0.05
C LEU A 207 23.38 -30.63 0.33
N ASP A 208 23.06 -30.64 1.62
CA ASP A 208 21.65 -30.84 1.97
C ASP A 208 20.81 -29.66 1.50
N THR A 209 21.36 -28.46 1.54
CA THR A 209 20.60 -27.32 1.06
C THR A 209 20.29 -27.48 -0.41
N VAL A 210 21.30 -27.84 -1.20
CA VAL A 210 21.11 -27.93 -2.63
C VAL A 210 20.02 -28.93 -2.96
N CYS A 211 20.08 -30.14 -2.40
CA CYS A 211 19.07 -31.12 -2.76
C CYS A 211 17.68 -30.59 -2.45
N LEU A 212 17.54 -29.77 -1.38
CA LEU A 212 16.26 -29.13 -1.07
C LEU A 212 15.99 -27.98 -2.05
N ASN A 213 16.90 -27.00 -2.14
CA ASN A 213 16.80 -25.95 -3.13
C ASN A 213 16.67 -26.48 -4.56
N MET A 214 16.98 -27.76 -4.79
CA MET A 214 16.88 -28.26 -6.15
C MET A 214 15.45 -28.69 -6.46
N VAL A 215 14.91 -29.66 -5.72
CA VAL A 215 13.54 -30.07 -6.05
C VAL A 215 12.59 -28.89 -5.94
N GLN A 216 13.00 -27.80 -5.30
CA GLN A 216 12.14 -26.63 -5.28
C GLN A 216 12.26 -25.84 -6.58
N ASP A 217 13.50 -25.62 -7.09
CA ASP A 217 13.64 -24.78 -8.29
C ASP A 217 14.97 -24.88 -9.02
N PRO A 218 15.14 -25.80 -9.97
CA PRO A 218 16.45 -25.91 -10.64
C PRO A 218 16.76 -24.76 -11.58
N SER A 219 16.18 -23.59 -11.34
CA SER A 219 16.51 -22.41 -12.12
C SER A 219 17.62 -21.59 -11.48
N GLN A 220 18.13 -22.01 -10.32
CA GLN A 220 19.18 -21.25 -9.65
C GLN A 220 20.54 -21.88 -9.84
N PHE A 221 20.66 -22.90 -10.68
CA PHE A 221 21.89 -23.67 -10.71
C PHE A 221 22.38 -23.82 -12.14
N ASP A 222 23.67 -23.50 -12.32
CA ASP A 222 24.34 -23.57 -13.61
C ASP A 222 25.29 -24.75 -13.67
N VAL A 223 26.51 -24.59 -13.21
CA VAL A 223 27.42 -25.72 -13.10
C VAL A 223 27.55 -26.04 -11.61
N LEU A 224 27.66 -27.33 -11.29
CA LEU A 224 27.95 -27.73 -9.92
C LEU A 224 29.25 -28.52 -9.91
N VAL A 225 30.06 -28.35 -8.85
CA VAL A 225 31.32 -29.07 -8.68
C VAL A 225 31.27 -29.76 -7.33
N MET A 226 31.68 -31.05 -7.28
CA MET A 226 31.57 -31.88 -6.06
C MET A 226 32.76 -32.81 -5.91
N PRO A 227 33.28 -32.91 -4.68
CA PRO A 227 34.15 -34.04 -4.33
C PRO A 227 33.37 -35.33 -4.38
N ASN A 228 34.04 -36.41 -4.74
CA ASN A 228 33.34 -37.69 -4.74
C ASN A 228 33.17 -38.28 -3.33
N LEU A 229 32.85 -37.46 -2.35
CA LEU A 229 32.62 -37.96 -1.00
C LEU A 229 31.18 -38.34 -0.77
N TYR A 230 30.26 -37.79 -1.55
CA TYR A 230 28.84 -38.08 -1.41
C TYR A 230 28.33 -38.72 -2.68
N GLY A 231 29.20 -39.49 -3.33
CA GLY A 231 28.95 -40.05 -4.64
C GLY A 231 28.23 -39.04 -5.49
N ASP A 232 27.25 -39.50 -6.24
CA ASP A 232 26.47 -38.65 -7.13
C ASP A 232 25.00 -38.85 -6.84
N ILE A 233 24.59 -38.54 -5.62
CA ILE A 233 23.16 -38.62 -5.39
C ILE A 233 22.51 -37.41 -6.01
N LEU A 234 23.26 -36.31 -6.11
CA LEU A 234 22.75 -35.11 -6.78
C LEU A 234 22.54 -35.38 -8.27
N SER A 235 23.52 -36.00 -8.92
CA SER A 235 23.44 -36.22 -10.36
C SER A 235 22.27 -37.10 -10.72
N ASP A 236 21.93 -38.06 -9.87
CA ASP A 236 20.77 -38.90 -10.16
C ASP A 236 19.47 -38.18 -9.80
N LEU A 237 19.48 -37.38 -8.74
CA LEU A 237 18.36 -36.47 -8.48
C LEU A 237 18.06 -35.63 -9.71
N CYS A 238 19.07 -34.91 -10.21
CA CYS A 238 18.85 -34.06 -11.36
C CYS A 238 18.34 -34.85 -12.54
N ALA A 239 18.69 -36.14 -12.62
CA ALA A 239 18.15 -37.00 -13.67
C ALA A 239 16.69 -37.41 -13.44
N GLY A 240 16.06 -36.85 -12.41
CA GLY A 240 14.64 -37.03 -12.17
C GLY A 240 13.85 -35.83 -12.66
N LEU A 241 14.53 -34.70 -12.88
CA LEU A 241 13.85 -33.54 -13.43
C LEU A 241 13.63 -33.69 -14.93
N ILE A 242 14.62 -34.23 -15.64
CA ILE A 242 14.62 -34.21 -17.10
C ILE A 242 13.48 -35.06 -17.67
N GLY A 243 13.39 -36.28 -17.18
CA GLY A 243 12.64 -37.37 -17.79
C GLY A 243 12.94 -38.60 -16.96
N GLY A 244 13.79 -39.51 -17.45
CA GLY A 244 14.15 -40.69 -16.69
C GLY A 244 15.63 -41.02 -16.70
N LEU A 245 16.01 -42.16 -16.16
CA LEU A 245 17.38 -42.59 -16.38
C LEU A 245 17.61 -42.93 -17.82
N GLY A 246 16.53 -43.20 -18.55
CA GLY A 246 16.61 -43.56 -19.95
C GLY A 246 17.07 -42.44 -20.84
N VAL A 247 17.08 -41.20 -20.36
CA VAL A 247 17.32 -40.07 -21.23
C VAL A 247 18.50 -39.21 -20.79
N THR A 248 19.25 -39.60 -19.76
CA THR A 248 20.34 -38.75 -19.30
C THR A 248 21.67 -39.33 -19.75
N PRO A 249 22.54 -38.53 -20.34
CA PRO A 249 23.88 -38.99 -20.69
C PRO A 249 24.91 -38.52 -19.68
N SER A 250 26.15 -38.96 -19.86
CA SER A 250 27.17 -38.93 -18.81
C SER A 250 28.53 -39.14 -19.43
N GLY A 251 29.54 -38.50 -18.85
CA GLY A 251 30.83 -38.53 -19.50
C GLY A 251 32.02 -38.60 -18.56
N ASN A 252 32.84 -39.62 -18.76
CA ASN A 252 34.08 -39.77 -17.99
C ASN A 252 35.25 -39.11 -18.74
N ILE A 253 35.11 -37.78 -18.87
CA ILE A 253 36.16 -36.97 -19.47
C ILE A 253 37.42 -37.16 -18.65
N GLY A 254 38.55 -37.20 -19.33
CA GLY A 254 39.83 -37.30 -18.67
C GLY A 254 40.80 -36.38 -19.37
N ALA A 255 42.05 -36.45 -18.96
CA ALA A 255 43.04 -35.58 -19.57
C ALA A 255 43.61 -36.20 -20.84
N ASN A 256 44.25 -35.35 -21.64
CA ASN A 256 44.77 -35.71 -22.96
C ASN A 256 43.65 -36.11 -23.93
N GLY A 257 42.41 -35.73 -23.64
CA GLY A 257 41.33 -36.02 -24.55
C GLY A 257 40.81 -37.43 -24.48
N VAL A 258 41.45 -38.31 -23.69
CA VAL A 258 40.85 -39.60 -23.40
C VAL A 258 39.54 -39.38 -22.67
N ALA A 259 38.56 -40.25 -22.97
CA ALA A 259 37.26 -40.17 -22.31
C ALA A 259 36.50 -41.44 -22.62
N ILE A 260 35.76 -41.94 -21.64
CA ILE A 260 34.76 -42.98 -21.84
C ILE A 260 33.40 -42.36 -21.59
N PHE A 261 32.49 -42.52 -22.54
CA PHE A 261 31.15 -41.99 -22.39
C PHE A 261 30.19 -43.14 -22.17
N GLU A 262 29.37 -43.00 -21.13
CA GLU A 262 28.37 -43.97 -20.76
C GLU A 262 27.18 -43.17 -20.28
N SER A 263 26.16 -43.86 -19.80
CA SER A 263 25.00 -43.19 -19.25
C SER A 263 24.82 -43.58 -17.81
N VAL A 264 24.14 -42.71 -17.05
CA VAL A 264 23.89 -43.00 -15.63
C VAL A 264 23.07 -44.28 -15.51
N HIS A 265 22.09 -44.47 -16.38
CA HIS A 265 21.25 -45.65 -16.33
C HIS A 265 22.13 -46.90 -16.24
N GLY A 266 21.83 -47.78 -15.29
CA GLY A 266 22.69 -48.90 -14.94
C GLY A 266 22.33 -50.20 -15.64
N THR A 267 22.53 -51.31 -14.92
CA THR A 267 22.47 -52.62 -15.56
C THR A 267 21.07 -52.90 -16.12
N ALA A 268 20.03 -52.39 -15.47
CA ALA A 268 18.61 -52.55 -15.81
C ALA A 268 18.24 -54.02 -15.94
N PRO A 269 18.03 -54.71 -14.81
CA PRO A 269 17.73 -56.15 -14.83
C PRO A 269 16.29 -56.45 -15.18
N ASP A 270 15.39 -55.65 -14.60
CA ASP A 270 13.94 -55.77 -14.86
C ASP A 270 13.63 -55.88 -16.35
N ILE A 271 14.29 -55.07 -17.18
CA ILE A 271 13.92 -55.00 -18.58
C ILE A 271 15.08 -55.52 -19.41
N ALA A 272 15.96 -56.28 -18.78
CA ALA A 272 17.01 -56.97 -19.52
C ALA A 272 16.39 -57.92 -20.52
N GLY A 273 16.85 -57.86 -21.76
CA GLY A 273 16.45 -58.79 -22.78
C GLY A 273 14.99 -58.68 -23.17
N LYS A 274 14.27 -57.73 -22.58
CA LYS A 274 12.86 -57.55 -22.86
C LYS A 274 12.61 -56.59 -24.02
N ASP A 275 13.63 -55.84 -24.47
CA ASP A 275 13.54 -54.96 -25.64
C ASP A 275 12.64 -53.74 -25.39
N MET A 276 12.60 -53.24 -24.15
CA MET A 276 11.84 -52.04 -23.81
C MET A 276 12.74 -50.98 -23.19
N ALA A 277 14.04 -51.05 -23.45
CA ALA A 277 14.99 -50.13 -22.86
C ALA A 277 14.89 -48.75 -23.50
N ASN A 278 15.65 -47.81 -22.96
CA ASN A 278 15.75 -46.52 -23.62
C ASN A 278 17.13 -46.35 -24.24
N PRO A 279 17.21 -46.23 -25.57
CA PRO A 279 18.50 -45.96 -26.19
C PRO A 279 18.88 -44.50 -26.11
N THR A 280 18.01 -43.64 -25.57
CA THR A 280 18.29 -42.21 -25.51
C THR A 280 19.49 -41.89 -24.63
N ALA A 281 19.74 -42.72 -23.64
CA ALA A 281 20.87 -42.48 -22.76
C ALA A 281 22.17 -42.73 -23.49
N LEU A 282 22.47 -43.99 -23.82
CA LEU A 282 23.72 -44.29 -24.52
C LEU A 282 23.88 -43.47 -25.79
N LEU A 283 22.77 -43.02 -26.37
CA LEU A 283 22.80 -42.20 -27.59
C LEU A 283 23.35 -40.81 -27.31
N LEU A 284 22.64 -40.03 -26.50
CA LEU A 284 23.12 -38.70 -26.15
C LEU A 284 24.45 -38.77 -25.44
N SER A 285 24.76 -39.90 -24.82
CA SER A 285 26.14 -40.14 -24.42
C SER A 285 27.06 -40.03 -25.63
N ALA A 286 26.80 -40.84 -26.65
CA ALA A 286 27.60 -40.81 -27.87
C ALA A 286 27.44 -39.50 -28.62
N VAL A 287 26.42 -38.70 -28.32
CA VAL A 287 26.43 -37.38 -28.93
C VAL A 287 27.39 -36.47 -28.16
N MET A 288 27.79 -36.84 -26.95
CA MET A 288 28.88 -36.10 -26.33
C MET A 288 30.22 -36.49 -26.97
N MET A 289 30.41 -37.79 -27.23
CA MET A 289 31.58 -38.31 -27.93
C MET A 289 31.90 -37.50 -29.15
N LEU A 290 30.96 -37.45 -30.10
CA LEU A 290 31.20 -36.70 -31.31
C LEU A 290 31.52 -35.25 -30.98
N ARG A 291 30.66 -34.60 -30.20
CA ARG A 291 30.93 -33.21 -29.86
C ARG A 291 32.22 -33.07 -29.07
N HIS A 292 32.68 -34.15 -28.42
CA HIS A 292 34.02 -34.15 -27.84
C HIS A 292 35.07 -34.46 -28.89
N MET A 293 34.70 -35.26 -29.89
CA MET A 293 35.58 -35.65 -30.99
C MET A 293 35.72 -34.60 -32.08
N GLY A 294 34.94 -33.53 -32.03
CA GLY A 294 34.98 -32.52 -33.06
C GLY A 294 34.11 -32.80 -34.25
N LEU A 295 33.32 -33.87 -34.20
CA LEU A 295 32.40 -34.20 -35.29
C LEU A 295 31.06 -33.53 -35.02
N PHE A 296 31.06 -32.19 -35.14
CA PHE A 296 29.93 -31.41 -34.62
C PHE A 296 28.67 -31.63 -35.42
N ASP A 297 28.79 -32.00 -36.68
CA ASP A 297 27.58 -32.00 -37.49
C ASP A 297 26.98 -33.39 -37.70
N HIS A 298 27.75 -34.45 -37.56
CA HIS A 298 27.09 -35.70 -37.21
C HIS A 298 26.41 -35.60 -35.86
N ALA A 299 26.86 -34.69 -35.01
CA ALA A 299 26.31 -34.61 -33.67
C ALA A 299 24.93 -34.01 -33.73
N ALA A 300 24.85 -32.75 -34.18
CA ALA A 300 23.58 -32.03 -34.18
C ALA A 300 22.53 -32.70 -35.06
N ARG A 301 22.95 -33.40 -36.11
CA ARG A 301 22.04 -34.22 -36.90
C ARG A 301 21.40 -35.32 -36.06
N ILE A 302 22.21 -36.27 -35.55
CA ILE A 302 21.71 -37.34 -34.70
C ILE A 302 20.97 -36.77 -33.49
N GLU A 303 21.60 -35.84 -32.76
CA GLU A 303 20.95 -35.32 -31.55
C GLU A 303 19.59 -34.72 -31.87
N ALA A 304 19.56 -33.74 -32.76
CA ALA A 304 18.28 -33.10 -33.04
C ALA A 304 17.29 -34.08 -33.67
N ALA A 305 17.79 -35.14 -34.30
CA ALA A 305 16.90 -36.22 -34.74
C ALA A 305 16.18 -36.86 -33.56
N CYS A 306 16.94 -37.27 -32.54
CA CYS A 306 16.37 -37.97 -31.39
C CYS A 306 15.36 -37.10 -30.67
N PHE A 307 15.60 -35.80 -30.60
CA PHE A 307 14.59 -34.92 -30.02
C PHE A 307 13.30 -34.93 -30.84
N ALA A 308 13.38 -34.50 -32.11
CA ALA A 308 12.19 -34.43 -32.96
C ALA A 308 11.40 -35.73 -32.95
N THR A 309 12.08 -36.88 -32.82
CA THR A 309 11.38 -38.15 -32.63
C THR A 309 10.54 -38.13 -31.37
N ILE A 310 11.20 -37.86 -30.24
CA ILE A 310 10.54 -37.79 -28.95
C ILE A 310 9.35 -36.83 -28.98
N LYS A 311 9.53 -35.66 -29.60
CA LYS A 311 8.44 -34.68 -29.62
C LYS A 311 7.23 -35.20 -30.38
N ASP A 312 7.46 -35.95 -31.48
CA ASP A 312 6.34 -36.43 -32.29
C ASP A 312 5.42 -37.36 -31.48
N GLY A 313 6.01 -38.19 -30.62
CA GLY A 313 5.25 -38.87 -29.59
C GLY A 313 4.73 -40.24 -29.94
N LYS A 314 4.86 -40.69 -31.19
CA LYS A 314 4.21 -41.93 -31.60
C LYS A 314 5.06 -43.17 -31.35
N SER A 315 6.33 -43.01 -31.00
CA SER A 315 7.21 -44.16 -30.82
C SER A 315 7.97 -44.12 -29.50
N LEU A 316 7.71 -43.15 -28.62
CA LEU A 316 8.47 -43.04 -27.39
C LEU A 316 8.27 -44.28 -26.52
N THR A 317 9.34 -44.71 -25.86
CA THR A 317 9.44 -46.07 -25.37
C THR A 317 8.68 -46.21 -24.05
N LYS A 318 8.85 -47.37 -23.38
CA LYS A 318 7.92 -47.74 -22.31
C LYS A 318 8.04 -46.82 -21.11
N ASP A 319 9.27 -46.52 -20.68
CA ASP A 319 9.45 -45.65 -19.53
C ASP A 319 9.10 -44.19 -19.80
N LEU A 320 8.79 -43.81 -21.06
CA LEU A 320 8.47 -42.44 -21.44
C LEU A 320 6.98 -42.22 -21.69
N GLY A 321 6.17 -43.27 -21.68
CA GLY A 321 4.74 -43.05 -21.77
C GLY A 321 4.12 -43.54 -23.07
N GLY A 322 4.58 -44.68 -23.54
CA GLY A 322 3.99 -45.27 -24.72
C GLY A 322 4.51 -46.67 -24.83
N ASN A 323 3.66 -47.62 -25.19
CA ASN A 323 4.11 -48.98 -25.49
C ASN A 323 4.77 -48.95 -26.86
N ALA A 324 6.10 -48.92 -26.87
CA ALA A 324 6.86 -48.81 -28.10
C ALA A 324 8.17 -49.55 -27.87
N LYS A 325 8.48 -50.47 -28.78
CA LYS A 325 9.60 -51.37 -28.53
C LYS A 325 10.90 -50.61 -28.72
N CYS A 326 11.88 -50.96 -27.89
CA CYS A 326 13.19 -50.33 -28.05
C CYS A 326 13.66 -50.38 -29.50
N SER A 327 13.32 -51.45 -30.22
CA SER A 327 13.69 -51.59 -31.63
C SER A 327 12.94 -50.60 -32.50
N ASP A 328 11.60 -50.56 -32.37
CA ASP A 328 10.81 -49.67 -33.22
C ASP A 328 11.17 -48.21 -32.96
N PHE A 329 11.40 -47.84 -31.70
CA PHE A 329 12.01 -46.55 -31.39
C PHE A 329 13.28 -46.32 -32.22
N THR A 330 14.25 -47.21 -32.05
CA THR A 330 15.55 -47.00 -32.68
C THR A 330 15.47 -46.93 -34.22
N GLU A 331 14.37 -47.33 -34.85
CA GLU A 331 14.29 -47.19 -36.31
C GLU A 331 13.48 -45.97 -36.73
N GLU A 332 12.55 -45.51 -35.89
CA GLU A 332 11.95 -44.20 -36.13
C GLU A 332 13.02 -43.11 -36.04
N ILE A 333 13.99 -43.29 -35.14
CA ILE A 333 15.11 -42.37 -35.03
C ILE A 333 16.10 -42.61 -36.17
N CYS A 334 16.26 -43.87 -36.59
CA CYS A 334 17.14 -44.17 -37.72
C CYS A 334 16.59 -43.57 -39.00
N ARG A 335 15.37 -43.96 -39.38
CA ARG A 335 14.71 -43.40 -40.54
C ARG A 335 14.73 -41.88 -40.50
N ARG A 336 14.48 -41.29 -39.34
CA ARG A 336 14.41 -39.84 -39.21
C ARG A 336 15.70 -39.16 -39.68
N VAL A 337 16.86 -39.78 -39.41
CA VAL A 337 18.13 -39.15 -39.69
C VAL A 337 18.39 -39.08 -41.18
N LYS A 338 17.99 -40.12 -41.92
CA LYS A 338 18.58 -40.40 -43.22
C LYS A 338 18.32 -39.29 -44.26
N ASP A 339 17.17 -38.62 -44.21
CA ASP A 339 16.95 -37.50 -45.13
C ASP A 339 16.99 -36.19 -44.37
N SER B 14 -0.12 -30.69 34.18
CA SER B 14 -0.01 -32.12 34.47
C SER B 14 1.23 -32.69 33.83
N PHE B 15 1.49 -32.23 32.60
CA PHE B 15 2.36 -32.95 31.66
C PHE B 15 3.54 -32.09 31.32
N PRO B 16 4.69 -32.30 31.92
CA PRO B 16 5.82 -31.41 31.63
C PRO B 16 6.54 -31.86 30.38
N VAL B 17 6.95 -30.88 29.56
CA VAL B 17 7.68 -31.15 28.33
C VAL B 17 8.93 -30.28 28.31
N THR B 18 10.09 -30.92 28.18
CA THR B 18 11.33 -30.20 28.01
C THR B 18 11.31 -29.50 26.67
N MET B 19 11.54 -28.18 26.69
CA MET B 19 11.53 -27.32 25.51
C MET B 19 12.85 -26.63 25.39
N LEU B 20 13.47 -26.76 24.23
CA LEU B 20 14.77 -26.19 23.96
C LEU B 20 14.63 -25.29 22.74
N PRO B 21 14.60 -23.97 22.93
CA PRO B 21 14.37 -23.06 21.79
C PRO B 21 15.55 -23.11 20.85
N GLY B 22 16.75 -22.98 21.42
CA GLY B 22 17.93 -22.96 20.60
C GLY B 22 18.12 -21.58 19.99
N ASP B 23 18.65 -21.56 18.78
CA ASP B 23 18.90 -20.27 18.18
C ASP B 23 18.36 -20.21 16.76
N GLY B 24 18.58 -19.08 16.08
CA GLY B 24 17.96 -18.85 14.79
C GLY B 24 16.60 -18.20 14.98
N VAL B 25 15.71 -18.43 14.01
CA VAL B 25 14.30 -18.12 14.21
C VAL B 25 13.64 -19.13 15.13
N GLY B 26 14.34 -20.22 15.43
CA GLY B 26 13.91 -21.24 16.36
C GLY B 26 13.21 -20.77 17.63
N PRO B 27 13.82 -19.88 18.41
CA PRO B 27 13.12 -19.40 19.62
C PRO B 27 11.79 -18.74 19.31
N GLU B 28 11.60 -18.21 18.11
CA GLU B 28 10.32 -17.61 17.77
C GLU B 28 9.26 -18.66 17.53
N LEU B 29 9.58 -19.67 16.71
CA LEU B 29 8.67 -20.81 16.53
C LEU B 29 8.25 -21.38 17.88
N MET B 30 9.22 -21.66 18.75
CA MET B 30 8.96 -22.21 20.08
C MET B 30 7.88 -21.45 20.81
N HIS B 31 8.03 -20.13 20.90
CA HIS B 31 6.99 -19.23 21.35
C HIS B 31 5.64 -19.57 20.70
N ALA B 32 5.59 -19.60 19.37
CA ALA B 32 4.35 -19.88 18.65
C ALA B 32 3.70 -21.18 19.12
N VAL B 33 4.49 -22.24 19.26
CA VAL B 33 3.96 -23.50 19.81
C VAL B 33 3.40 -23.28 21.22
N LYS B 34 4.12 -22.55 22.07
CA LYS B 34 3.56 -22.41 23.41
C LYS B 34 2.38 -21.45 23.40
N GLU B 35 2.36 -20.48 22.51
CA GLU B 35 1.19 -19.61 22.47
C GLU B 35 -0.03 -20.35 21.92
N VAL B 36 0.16 -21.19 20.90
CA VAL B 36 -0.96 -21.97 20.38
C VAL B 36 -1.43 -22.98 21.42
N PHE B 37 -0.51 -23.63 22.14
CA PHE B 37 -0.93 -24.46 23.26
C PHE B 37 -1.77 -23.64 24.24
N LYS B 38 -1.38 -22.39 24.50
CA LYS B 38 -2.18 -21.55 25.38
C LYS B 38 -3.58 -21.38 24.82
N ALA B 39 -3.70 -21.19 23.50
CA ALA B 39 -5.02 -21.01 22.92
C ALA B 39 -5.89 -22.24 23.12
N ALA B 40 -5.32 -23.43 22.96
CA ALA B 40 -6.11 -24.66 23.02
C ALA B 40 -6.31 -25.18 24.42
N ALA B 41 -5.57 -24.63 25.40
CA ALA B 41 -5.54 -25.10 26.78
C ALA B 41 -5.06 -26.55 26.85
N VAL B 42 -3.77 -26.69 26.61
CA VAL B 42 -3.21 -28.03 26.46
C VAL B 42 -2.39 -28.35 27.71
N PRO B 43 -2.81 -29.37 28.51
CA PRO B 43 -2.28 -29.56 29.86
C PRO B 43 -0.82 -29.97 29.89
N VAL B 44 -0.06 -29.27 29.07
CA VAL B 44 1.38 -29.41 28.95
C VAL B 44 2.02 -28.14 29.49
N GLU B 45 2.94 -28.28 30.43
CA GLU B 45 3.73 -27.16 30.92
C GLU B 45 5.20 -27.38 30.56
N PHE B 46 5.89 -26.29 30.22
CA PHE B 46 7.21 -26.36 29.57
C PHE B 46 8.35 -25.93 30.48
N GLN B 47 9.44 -26.69 30.48
CA GLN B 47 10.71 -26.25 31.08
C GLN B 47 11.66 -25.88 29.95
N GLU B 48 11.97 -24.59 29.82
CA GLU B 48 12.86 -24.09 28.76
C GLU B 48 14.29 -24.10 29.25
N HIS B 49 15.21 -24.54 28.40
CA HIS B 49 16.57 -24.71 28.86
C HIS B 49 17.55 -23.70 28.27
N HIS B 50 17.11 -22.82 27.38
CA HIS B 50 17.87 -21.64 26.97
C HIS B 50 19.36 -21.95 26.81
N LEU B 51 19.64 -22.83 25.85
CA LEU B 51 20.98 -23.33 25.61
C LEU B 51 21.36 -23.05 24.16
N SER B 52 22.58 -22.54 23.96
CA SER B 52 23.00 -21.99 22.68
C SER B 52 24.47 -21.63 22.74
N GLU B 53 25.18 -21.68 21.61
CA GLU B 53 26.60 -21.32 21.59
C GLU B 53 26.86 -20.00 20.89
N VAL B 54 25.94 -19.54 20.05
CA VAL B 54 26.09 -18.24 19.39
C VAL B 54 25.84 -17.11 20.39
N GLN B 55 24.96 -17.31 21.36
CA GLN B 55 24.77 -16.37 22.44
C GLN B 55 25.63 -16.67 23.66
N ASN B 56 26.38 -17.77 23.64
CA ASN B 56 27.33 -18.14 24.70
C ASN B 56 26.63 -18.53 26.00
N MET B 57 25.34 -18.85 25.96
CA MET B 57 24.70 -19.58 27.05
C MET B 57 24.88 -21.08 26.83
N ALA B 58 26.10 -21.57 27.11
CA ALA B 58 26.41 -22.96 26.78
C ALA B 58 27.58 -23.47 27.60
N SER B 59 27.40 -24.66 28.17
CA SER B 59 28.44 -25.45 28.78
C SER B 59 27.88 -26.87 28.88
N GLU B 60 28.74 -27.84 29.19
CA GLU B 60 28.20 -29.16 29.41
C GLU B 60 27.44 -29.26 30.73
N GLU B 61 27.73 -28.37 31.69
CA GLU B 61 26.86 -28.26 32.85
C GLU B 61 25.45 -27.83 32.46
N LYS B 62 25.30 -27.10 31.34
CA LYS B 62 23.98 -26.78 30.81
C LYS B 62 23.33 -28.00 30.16
N LEU B 63 24.13 -28.84 29.49
CA LEU B 63 23.63 -30.09 28.95
C LEU B 63 23.15 -31.00 30.05
N GLU B 64 23.93 -31.13 31.12
CA GLU B 64 23.52 -32.00 32.21
C GLU B 64 22.15 -31.61 32.73
N GLN B 65 21.94 -30.30 32.95
CA GLN B 65 20.62 -29.79 33.33
C GLN B 65 19.56 -30.20 32.33
N VAL B 66 19.90 -30.25 31.05
CA VAL B 66 18.96 -30.75 30.05
C VAL B 66 18.57 -32.20 30.36
N LEU B 67 19.56 -33.09 30.56
CA LEU B 67 19.28 -34.51 30.74
C LEU B 67 18.65 -34.82 32.10
N SER B 68 19.03 -34.06 33.14
CA SER B 68 18.28 -34.08 34.40
C SER B 68 16.82 -33.76 34.15
N SER B 69 16.54 -32.91 33.15
CA SER B 69 15.17 -32.69 32.73
C SER B 69 14.64 -33.88 31.93
N MET B 70 15.47 -34.51 31.12
CA MET B 70 14.95 -35.60 30.30
C MET B 70 14.67 -36.85 31.11
N LYS B 71 15.37 -37.05 32.23
CA LYS B 71 15.10 -38.23 33.05
C LYS B 71 13.63 -38.27 33.48
N GLU B 72 13.10 -37.14 33.92
CA GLU B 72 11.74 -37.08 34.43
C GLU B 72 10.72 -37.11 33.31
N ASN B 73 10.71 -36.06 32.48
CA ASN B 73 9.62 -35.82 31.52
C ASN B 73 9.68 -36.81 30.37
N LYS B 74 10.88 -37.24 29.99
CA LYS B 74 11.17 -38.33 29.05
C LYS B 74 10.72 -38.03 27.61
N VAL B 75 10.50 -36.73 27.31
CA VAL B 75 9.79 -36.28 26.12
C VAL B 75 10.07 -34.79 25.89
N ALA B 76 10.66 -34.45 24.75
CA ALA B 76 11.08 -33.07 24.59
C ALA B 76 10.98 -32.61 23.14
N ILE B 77 10.64 -31.33 22.96
CA ILE B 77 10.53 -30.69 21.65
C ILE B 77 11.70 -29.71 21.53
N ILE B 78 12.56 -29.89 20.51
CA ILE B 78 13.75 -29.04 20.40
C ILE B 78 13.87 -28.36 19.04
N GLY B 79 14.64 -27.26 19.03
CA GLY B 79 14.92 -26.56 17.78
C GLY B 79 16.19 -26.99 17.09
N LYS B 80 17.06 -26.03 16.75
CA LYS B 80 18.38 -26.28 16.21
C LYS B 80 19.35 -25.29 16.84
N ILE B 81 20.48 -25.78 17.37
CA ILE B 81 21.25 -25.01 18.36
C ILE B 81 22.33 -24.11 17.73
N HIS B 82 22.55 -24.19 16.40
CA HIS B 82 23.50 -23.34 15.69
C HIS B 82 24.94 -23.61 16.12
N THR B 83 25.62 -24.46 15.36
CA THR B 83 27.04 -24.68 15.57
C THR B 83 27.80 -23.50 14.97
N PRO B 84 28.85 -22.99 15.65
CA PRO B 84 29.66 -21.92 15.07
C PRO B 84 30.79 -22.49 14.25
N MET B 85 30.53 -22.71 12.95
CA MET B 85 31.45 -23.46 12.10
C MET B 85 32.75 -22.72 11.82
N GLU B 86 32.88 -21.47 12.28
CA GLU B 86 34.14 -20.74 12.13
C GLU B 86 35.21 -21.18 13.12
N TYR B 87 34.84 -21.87 14.21
CA TYR B 87 35.81 -22.44 15.13
C TYR B 87 35.66 -23.96 15.25
N LYS B 88 34.44 -24.46 15.49
CA LYS B 88 34.16 -25.89 15.66
C LYS B 88 33.66 -26.49 14.34
N GLY B 89 33.14 -27.71 14.40
CA GLY B 89 32.68 -28.37 13.20
C GLY B 89 31.22 -28.68 13.26
N GLU B 90 30.87 -29.96 13.24
CA GLU B 90 29.50 -30.32 13.55
C GLU B 90 29.47 -31.50 14.48
N LEU B 91 30.37 -32.46 14.27
CA LEU B 91 30.33 -33.60 15.17
C LEU B 91 30.81 -33.24 16.57
N ALA B 92 31.27 -32.01 16.76
CA ALA B 92 31.53 -31.46 18.08
C ALA B 92 30.62 -30.28 18.40
N SER B 93 29.58 -30.06 17.60
CA SER B 93 28.54 -29.07 17.90
C SER B 93 27.93 -29.38 19.27
N TYR B 94 27.35 -28.37 19.90
CA TYR B 94 26.56 -28.68 21.07
C TYR B 94 25.31 -29.47 20.71
N ASP B 95 24.92 -29.47 19.44
CA ASP B 95 23.75 -30.23 19.00
C ASP B 95 24.09 -31.70 18.84
N MET B 96 25.23 -32.03 18.23
CA MET B 96 25.64 -33.42 18.23
C MET B 96 25.94 -33.91 19.64
N ARG B 97 26.54 -33.05 20.49
CA ARG B 97 26.87 -33.44 21.86
C ARG B 97 25.63 -33.73 22.70
N LEU B 98 24.48 -33.14 22.33
CA LEU B 98 23.19 -33.36 22.99
C LEU B 98 22.57 -34.65 22.51
N ARG B 99 22.24 -34.70 21.22
CA ARG B 99 21.85 -35.91 20.51
C ARG B 99 22.52 -37.15 21.07
N ARG B 100 23.84 -37.07 21.26
CA ARG B 100 24.60 -38.15 21.88
C ARG B 100 24.04 -38.51 23.26
N LYS B 101 24.02 -37.53 24.19
CA LYS B 101 23.74 -37.82 25.59
C LYS B 101 22.41 -38.50 25.79
N LEU B 102 21.49 -38.34 24.84
CA LEU B 102 20.18 -38.98 24.90
C LEU B 102 20.16 -40.34 24.21
N ASP B 103 21.32 -40.88 23.80
CA ASP B 103 21.38 -41.96 22.82
C ASP B 103 20.19 -41.90 21.86
N LEU B 104 20.04 -40.77 21.16
CA LEU B 104 19.09 -40.70 20.07
C LEU B 104 19.61 -41.48 18.88
N PHE B 105 18.76 -42.31 18.31
CA PHE B 105 18.99 -42.85 16.97
C PHE B 105 17.68 -42.66 16.23
N ALA B 106 17.58 -43.23 15.03
CA ALA B 106 16.28 -43.23 14.38
C ALA B 106 15.68 -41.83 14.20
N ASN B 107 16.09 -41.11 13.17
CA ASN B 107 15.38 -39.91 12.79
C ASN B 107 14.13 -40.29 12.02
N VAL B 108 12.99 -39.74 12.41
CA VAL B 108 11.71 -39.95 11.73
C VAL B 108 11.32 -38.65 11.04
N VAL B 109 11.32 -38.64 9.71
CA VAL B 109 10.90 -37.47 8.94
C VAL B 109 9.59 -37.81 8.24
N HIS B 110 8.55 -36.98 8.43
CA HIS B 110 7.25 -37.17 7.79
C HIS B 110 7.13 -36.25 6.56
N VAL B 111 7.23 -36.84 5.38
CA VAL B 111 7.02 -36.15 4.12
C VAL B 111 5.56 -36.34 3.74
N LYS B 112 4.71 -35.34 4.04
CA LYS B 112 3.27 -35.39 3.75
C LYS B 112 2.82 -34.03 3.25
N SER B 113 2.41 -33.97 1.99
CA SER B 113 1.93 -32.71 1.43
C SER B 113 0.69 -32.24 2.18
N LEU B 114 0.51 -30.95 2.17
CA LEU B 114 -0.59 -30.30 2.86
C LEU B 114 -1.59 -29.79 1.83
N PRO B 115 -2.84 -30.20 1.96
CA PRO B 115 -3.87 -29.80 1.00
C PRO B 115 -4.07 -28.31 1.04
N GLY B 116 -3.83 -27.65 -0.10
CA GLY B 116 -3.94 -26.21 -0.20
C GLY B 116 -2.61 -25.51 -0.35
N TYR B 117 -1.51 -26.24 -0.21
CA TYR B 117 -0.19 -25.76 -0.57
C TYR B 117 0.18 -26.61 -1.77
N MET B 118 -0.05 -26.10 -2.97
CA MET B 118 0.27 -26.87 -4.15
C MET B 118 1.78 -26.92 -4.30
N THR B 119 2.29 -28.09 -4.70
CA THR B 119 3.68 -28.20 -5.14
C THR B 119 3.73 -29.07 -6.38
N ARG B 120 4.92 -29.48 -6.78
CA ARG B 120 5.02 -30.49 -7.83
C ARG B 120 4.77 -31.89 -7.30
N HIS B 121 4.56 -32.05 -6.00
CA HIS B 121 4.39 -33.37 -5.42
C HIS B 121 3.25 -33.33 -4.39
N ASN B 122 2.03 -33.41 -4.88
CA ASN B 122 0.89 -33.21 -4.01
C ASN B 122 0.28 -34.55 -3.62
N ASN B 123 -0.36 -34.57 -2.44
CA ASN B 123 -1.03 -35.75 -1.89
C ASN B 123 -0.02 -36.87 -1.63
N LEU B 124 1.04 -36.54 -0.90
CA LEU B 124 2.17 -37.43 -0.71
C LEU B 124 2.31 -37.80 0.76
N ASP B 125 2.62 -39.07 1.03
CA ASP B 125 2.56 -39.60 2.41
C ASP B 125 3.67 -40.62 2.62
N LEU B 126 4.72 -40.21 3.33
CA LEU B 126 6.04 -40.80 3.18
C LEU B 126 6.86 -40.41 4.41
N VAL B 127 7.51 -41.40 5.04
CA VAL B 127 8.17 -41.23 6.34
C VAL B 127 9.58 -41.84 6.28
N ILE B 128 10.60 -41.03 6.59
CA ILE B 128 11.99 -41.32 6.21
C ILE B 128 12.75 -41.68 7.47
N ILE B 129 12.97 -42.99 7.71
CA ILE B 129 13.72 -43.45 8.88
C ILE B 129 15.20 -43.60 8.55
N ARG B 130 16.05 -42.81 9.19
CA ARG B 130 17.46 -42.95 8.95
C ARG B 130 18.16 -43.11 10.29
N GLU B 131 19.25 -43.87 10.26
CA GLU B 131 20.05 -44.15 11.44
C GLU B 131 20.82 -42.89 11.79
N GLN B 132 20.85 -42.51 13.07
CA GLN B 132 21.33 -41.17 13.41
C GLN B 132 22.61 -41.14 14.25
N THR B 133 23.34 -42.26 14.37
CA THR B 133 24.44 -42.38 15.34
C THR B 133 25.82 -42.59 14.75
N GLU B 134 25.94 -42.98 13.50
CA GLU B 134 27.22 -43.30 12.90
C GLU B 134 27.13 -43.01 11.40
N GLY B 135 27.99 -43.64 10.61
CA GLY B 135 28.00 -43.30 9.21
C GLY B 135 28.77 -42.01 8.99
N GLU B 136 28.10 -40.96 8.52
CA GLU B 136 28.79 -39.68 8.39
C GLU B 136 29.14 -39.10 9.75
N TYR B 137 28.34 -39.38 10.79
CA TYR B 137 28.53 -38.77 12.09
C TYR B 137 29.62 -39.44 12.90
N SER B 138 30.32 -40.42 12.33
CA SER B 138 31.48 -41.01 12.97
C SER B 138 32.76 -40.62 12.26
N SER B 139 32.66 -39.71 11.29
CA SER B 139 33.80 -39.27 10.48
C SER B 139 35.02 -39.08 11.36
N LEU B 140 35.99 -39.95 11.22
CA LEU B 140 37.29 -39.69 11.80
C LEU B 140 38.21 -39.22 10.69
N GLU B 141 38.88 -38.11 10.94
CA GLU B 141 39.70 -37.46 9.93
C GLU B 141 41.07 -37.13 10.49
N HIS B 142 42.09 -37.76 9.94
CA HIS B 142 43.47 -37.55 10.33
C HIS B 142 44.25 -37.31 9.05
N GLU B 143 45.08 -36.27 9.04
CA GLU B 143 45.91 -36.04 7.86
C GLU B 143 47.09 -37.02 7.83
N SER B 144 47.36 -37.55 6.63
CA SER B 144 48.34 -38.62 6.46
C SER B 144 49.58 -38.22 5.69
N ALA B 145 49.55 -37.12 4.93
CA ALA B 145 50.72 -36.81 4.11
C ALA B 145 50.97 -35.32 4.09
N ARG B 146 51.50 -34.82 2.97
CA ARG B 146 51.56 -33.38 2.79
C ARG B 146 50.15 -32.83 2.56
N GLY B 147 49.35 -33.51 1.76
CA GLY B 147 48.01 -33.03 1.53
C GLY B 147 47.06 -34.16 1.23
N VAL B 148 47.20 -35.28 1.92
CA VAL B 148 46.29 -36.41 1.75
C VAL B 148 45.44 -36.52 3.01
N ILE B 149 44.13 -36.20 2.88
CA ILE B 149 43.17 -36.32 3.98
C ILE B 149 42.58 -37.71 3.91
N GLU B 150 42.28 -38.27 5.07
CA GLU B 150 41.75 -39.60 5.16
C GLU B 150 40.52 -39.54 6.04
N CYS B 151 39.54 -40.37 5.71
CA CYS B 151 38.24 -40.30 6.34
C CYS B 151 37.77 -41.71 6.68
N LEU B 152 37.60 -41.94 7.97
CA LEU B 152 37.32 -43.26 8.52
C LEU B 152 35.88 -43.26 9.04
N LYS B 153 35.10 -44.26 8.64
CA LYS B 153 33.69 -44.32 8.97
C LYS B 153 33.34 -45.73 9.46
N ILE B 154 32.34 -45.82 10.33
CA ILE B 154 32.08 -47.08 11.02
C ILE B 154 30.62 -47.45 10.87
N VAL B 155 30.38 -48.75 10.64
CA VAL B 155 29.05 -49.36 10.56
C VAL B 155 29.02 -50.53 11.52
N THR B 156 27.92 -50.71 12.25
CA THR B 156 27.85 -51.76 13.26
C THR B 156 26.54 -52.52 13.18
N ARG B 157 26.60 -53.86 13.29
CA ARG B 157 25.39 -54.66 13.28
C ARG B 157 24.46 -54.29 14.42
N ALA B 158 25.02 -53.87 15.54
CA ALA B 158 24.19 -53.58 16.70
C ALA B 158 23.41 -52.27 16.55
N LYS B 159 23.96 -51.29 15.82
CA LYS B 159 23.25 -50.05 15.53
C LYS B 159 22.35 -50.18 14.31
N SER B 160 22.47 -51.26 13.56
CA SER B 160 21.59 -51.46 12.42
C SER B 160 20.41 -52.37 12.75
N GLN B 161 20.65 -53.50 13.44
CA GLN B 161 19.51 -54.26 13.96
C GLN B 161 18.62 -53.37 14.79
N ARG B 162 19.19 -52.32 15.36
CA ARG B 162 18.41 -51.31 16.06
C ARG B 162 17.56 -50.49 15.09
N ILE B 163 18.14 -49.99 14.00
CA ILE B 163 17.38 -49.09 13.14
C ILE B 163 16.30 -49.82 12.36
N ALA B 164 16.43 -51.12 12.14
CA ALA B 164 15.37 -51.73 11.38
C ALA B 164 14.24 -52.22 12.28
N LYS B 165 14.54 -52.76 13.46
CA LYS B 165 13.48 -53.08 14.40
C LYS B 165 12.66 -51.84 14.73
N PHE B 166 13.33 -50.71 14.96
CA PHE B 166 12.62 -49.44 15.13
C PHE B 166 11.75 -49.16 13.92
N ALA B 167 12.36 -49.24 12.73
CA ALA B 167 11.63 -48.98 11.50
C ALA B 167 10.38 -49.85 11.39
N PHE B 168 10.55 -51.17 11.44
CA PHE B 168 9.41 -52.06 11.35
C PHE B 168 8.40 -51.78 12.45
N ASP B 169 8.88 -51.66 13.71
CA ASP B 169 7.98 -51.37 14.81
C ASP B 169 7.22 -50.06 14.61
N TYR B 170 7.76 -49.15 13.78
CA TYR B 170 7.06 -47.92 13.42
C TYR B 170 6.09 -48.16 12.29
N ALA B 171 6.47 -49.00 11.32
CA ALA B 171 5.54 -49.37 10.26
C ALA B 171 4.28 -49.99 10.85
N THR B 172 4.43 -51.01 11.69
CA THR B 172 3.26 -51.63 12.32
C THR B 172 2.48 -50.64 13.14
N LYS B 173 3.18 -49.82 13.95
CA LYS B 173 2.53 -48.91 14.89
C LYS B 173 1.77 -47.78 14.20
N LYS B 174 2.11 -47.43 12.96
CA LYS B 174 1.43 -46.31 12.31
C LYS B 174 0.63 -46.75 11.08
N GLY B 175 0.35 -48.05 10.96
CA GLY B 175 -0.56 -48.54 9.94
C GLY B 175 0.06 -48.80 8.60
N ARG B 176 1.36 -48.63 8.45
CA ARG B 176 1.98 -48.60 7.14
C ARG B 176 2.43 -49.98 6.67
N GLY B 177 2.27 -50.23 5.37
CA GLY B 177 2.40 -51.57 4.85
C GLY B 177 3.68 -51.98 4.15
N LYS B 178 4.44 -51.02 3.64
CA LYS B 178 5.68 -51.31 2.94
C LYS B 178 6.85 -50.62 3.61
N VAL B 179 8.03 -51.22 3.49
CA VAL B 179 9.23 -50.73 4.15
C VAL B 179 10.39 -50.96 3.20
N THR B 180 11.02 -49.88 2.75
CA THR B 180 12.15 -50.00 1.84
C THR B 180 13.46 -49.71 2.57
N ALA B 181 14.52 -50.33 2.08
CA ALA B 181 15.83 -50.27 2.72
C ALA B 181 16.74 -49.75 1.62
N VAL B 182 17.06 -48.47 1.72
CA VAL B 182 17.87 -47.79 0.72
C VAL B 182 19.33 -47.94 1.10
N HIS B 183 20.12 -48.54 0.23
CA HIS B 183 21.38 -49.15 0.64
C HIS B 183 22.38 -49.03 -0.49
N LYS B 184 23.67 -49.09 -0.16
CA LYS B 184 24.61 -49.02 -1.26
C LYS B 184 25.46 -50.28 -1.32
N ALA B 185 24.80 -51.44 -1.36
CA ALA B 185 25.52 -52.70 -1.34
C ALA B 185 26.52 -52.81 -2.49
N ASN B 186 26.28 -52.12 -3.60
CA ASN B 186 27.04 -52.37 -4.82
C ASN B 186 28.53 -52.09 -4.62
N ILE B 187 28.90 -50.89 -4.17
CA ILE B 187 30.31 -50.58 -3.92
C ILE B 187 30.69 -50.76 -2.45
N MET B 188 29.88 -50.29 -1.51
CA MET B 188 30.14 -50.50 -0.08
C MET B 188 29.76 -51.93 0.32
N LYS B 189 30.46 -52.90 -0.29
CA LYS B 189 30.04 -54.30 -0.19
C LYS B 189 30.05 -54.78 1.26
N LEU B 190 30.84 -54.16 2.13
CA LEU B 190 30.96 -54.66 3.50
C LEU B 190 30.18 -53.86 4.52
N GLY B 191 30.07 -52.54 4.33
CA GLY B 191 29.38 -51.74 5.31
C GLY B 191 27.88 -51.88 5.17
N ASP B 192 27.39 -51.65 3.94
CA ASP B 192 25.98 -51.74 3.60
C ASP B 192 25.56 -53.13 3.16
N GLY B 193 26.50 -54.02 2.87
CA GLY B 193 26.15 -55.43 2.84
C GLY B 193 25.66 -55.87 4.21
N LEU B 194 26.44 -55.55 5.25
CA LEU B 194 26.03 -55.80 6.64
C LEU B 194 24.67 -55.17 6.94
N PHE B 195 24.48 -53.91 6.55
CA PHE B 195 23.20 -53.26 6.83
C PHE B 195 22.08 -53.99 6.14
N LEU B 196 22.28 -54.42 4.90
CA LEU B 196 21.23 -55.17 4.22
C LEU B 196 20.97 -56.48 4.93
N GLN B 197 22.04 -57.22 5.24
CA GLN B 197 21.92 -58.48 5.98
C GLN B 197 21.07 -58.32 7.22
N CYS B 198 21.32 -57.29 8.02
CA CYS B 198 20.49 -57.04 9.19
C CYS B 198 19.06 -56.75 8.78
N CYS B 199 18.88 -55.81 7.85
CA CYS B 199 17.54 -55.48 7.40
C CYS B 199 16.81 -56.71 6.94
N GLU B 200 17.45 -57.51 6.08
CA GLU B 200 16.84 -58.76 5.61
C GLU B 200 16.53 -59.66 6.80
N GLU B 201 17.42 -59.70 7.79
CA GLU B 201 17.20 -60.51 8.99
C GLU B 201 15.91 -60.10 9.68
N VAL B 202 15.86 -58.87 10.20
CA VAL B 202 14.67 -58.40 10.90
C VAL B 202 13.43 -58.40 10.02
N ALA B 203 13.58 -58.56 8.70
CA ALA B 203 12.48 -58.32 7.77
C ALA B 203 11.49 -59.47 7.71
N GLU B 204 11.95 -60.68 8.06
CA GLU B 204 11.06 -61.83 8.16
C GLU B 204 10.19 -61.76 9.41
N LEU B 205 10.66 -61.06 10.44
CA LEU B 205 10.06 -61.12 11.76
C LEU B 205 8.67 -60.47 11.81
N TYR B 206 8.39 -59.50 10.93
CA TYR B 206 7.08 -58.86 10.85
C TYR B 206 6.48 -59.16 9.48
N PRO B 207 6.05 -60.40 9.23
CA PRO B 207 5.67 -60.81 7.88
C PRO B 207 4.37 -60.20 7.38
N LYS B 208 3.75 -59.28 8.12
CA LYS B 208 2.59 -58.58 7.62
C LYS B 208 2.97 -57.29 6.89
N ILE B 209 4.25 -57.18 6.49
CA ILE B 209 4.84 -55.94 6.00
C ILE B 209 5.72 -56.25 4.79
N LYS B 210 5.43 -55.61 3.66
CA LYS B 210 6.27 -55.79 2.48
C LYS B 210 7.64 -55.16 2.72
N PHE B 211 8.67 -55.83 2.24
CA PHE B 211 10.03 -55.34 2.39
C PHE B 211 10.72 -55.42 1.04
N GLU B 212 11.58 -54.43 0.76
CA GLU B 212 12.29 -54.37 -0.51
C GLU B 212 13.50 -53.48 -0.39
N THR B 213 14.50 -53.74 -1.23
CA THR B 213 15.76 -53.03 -1.17
C THR B 213 15.93 -52.18 -2.41
N MET B 214 16.49 -50.98 -2.23
CA MET B 214 16.73 -50.05 -3.32
C MET B 214 18.15 -49.51 -3.16
N ILE B 215 18.93 -49.54 -4.25
CA ILE B 215 20.21 -48.86 -4.26
C ILE B 215 19.97 -47.36 -4.10
N ILE B 216 20.80 -46.69 -3.29
CA ILE B 216 20.49 -45.31 -2.89
C ILE B 216 20.59 -44.37 -4.08
N ASP B 217 21.66 -44.51 -4.86
CA ASP B 217 21.84 -43.75 -6.09
C ASP B 217 20.53 -43.63 -6.87
N ASN B 218 20.03 -44.77 -7.31
CA ASN B 218 18.74 -44.78 -8.01
C ASN B 218 17.62 -44.12 -7.19
N CYS B 219 17.60 -44.33 -5.86
CA CYS B 219 16.44 -43.89 -5.08
C CYS B 219 16.26 -42.37 -5.09
N CYS B 220 17.34 -41.60 -5.18
CA CYS B 220 17.11 -40.16 -5.16
C CYS B 220 16.53 -39.71 -6.47
N MET B 221 16.79 -40.45 -7.55
CA MET B 221 16.08 -40.18 -8.79
C MET B 221 14.61 -40.53 -8.64
N GLN B 222 14.32 -41.76 -8.22
CA GLN B 222 12.94 -42.18 -7.99
C GLN B 222 12.22 -41.27 -6.98
N LEU B 223 12.93 -40.82 -5.95
CA LEU B 223 12.30 -39.95 -4.98
C LEU B 223 11.79 -38.65 -5.59
N VAL B 224 12.22 -38.26 -6.78
CA VAL B 224 11.75 -37.03 -7.41
C VAL B 224 11.09 -37.27 -8.74
N GLN B 225 11.25 -38.46 -9.34
CA GLN B 225 10.48 -38.86 -10.51
C GLN B 225 9.09 -39.36 -10.13
N ASN B 226 8.97 -40.11 -9.03
CA ASN B 226 7.66 -40.30 -8.39
C ASN B 226 7.83 -40.79 -6.95
N PRO B 227 7.69 -39.90 -5.96
CA PRO B 227 7.73 -40.35 -4.56
C PRO B 227 6.56 -41.23 -4.19
N TYR B 228 5.52 -41.26 -5.01
CA TYR B 228 4.35 -42.04 -4.65
C TYR B 228 4.60 -43.53 -4.62
N GLN B 229 5.77 -44.00 -5.04
CA GLN B 229 5.97 -45.44 -4.98
C GLN B 229 6.37 -45.94 -3.59
N PHE B 230 6.61 -45.07 -2.62
CA PHE B 230 7.26 -45.46 -1.38
C PHE B 230 6.29 -45.39 -0.21
N ASP B 231 6.79 -45.75 0.97
CA ASP B 231 5.99 -45.50 2.15
C ASP B 231 6.85 -45.26 3.38
N VAL B 232 7.54 -46.30 3.84
CA VAL B 232 8.54 -46.21 4.91
C VAL B 232 9.90 -46.47 4.29
N LEU B 233 10.82 -45.54 4.48
CA LEU B 233 12.18 -45.66 4.00
C LEU B 233 13.11 -45.72 5.20
N VAL B 234 13.80 -46.85 5.37
CA VAL B 234 14.83 -46.97 6.40
C VAL B 234 16.20 -47.05 5.70
N MET B 235 17.16 -46.28 6.20
CA MET B 235 18.47 -46.21 5.56
C MET B 235 19.54 -45.98 6.61
N PRO B 236 20.75 -46.50 6.38
CA PRO B 236 21.88 -46.13 7.24
C PRO B 236 22.25 -44.67 7.04
N ASN B 237 22.98 -44.16 8.02
CA ASN B 237 23.30 -42.75 8.00
C ASN B 237 24.42 -42.42 7.03
N LEU B 238 24.70 -43.29 6.07
CA LEU B 238 25.71 -42.92 5.11
C LEU B 238 25.18 -41.75 4.29
N TYR B 239 26.11 -40.88 3.88
CA TYR B 239 25.83 -39.76 2.98
C TYR B 239 25.23 -38.56 3.72
N GLY B 240 24.69 -38.77 4.91
CA GLY B 240 24.25 -37.70 5.76
C GLY B 240 22.74 -37.61 5.85
N ASN B 241 22.27 -36.40 6.16
CA ASN B 241 20.85 -36.08 6.28
C ASN B 241 20.24 -35.59 4.96
N ILE B 242 20.88 -35.89 3.83
CA ILE B 242 20.51 -35.33 2.53
C ILE B 242 19.06 -35.70 2.18
N ILE B 243 18.78 -37.01 2.14
CA ILE B 243 17.53 -37.50 1.57
C ILE B 243 16.33 -36.99 2.36
N ASP B 244 16.48 -36.84 3.68
CA ASP B 244 15.48 -36.11 4.44
C ASP B 244 15.20 -34.76 3.80
N ASN B 245 16.25 -34.04 3.40
CA ASN B 245 16.09 -32.69 2.89
C ASN B 245 15.57 -32.70 1.45
N LEU B 246 16.04 -33.64 0.63
CA LEU B 246 15.54 -33.76 -0.74
C LEU B 246 14.03 -34.04 -0.77
N ALA B 247 13.58 -35.07 -0.05
CA ALA B 247 12.15 -35.33 0.01
C ALA B 247 11.41 -34.14 0.59
N ALA B 248 11.92 -33.59 1.69
CA ALA B 248 11.21 -32.50 2.35
C ALA B 248 10.95 -31.32 1.43
N GLY B 249 11.56 -31.30 0.24
CA GLY B 249 11.25 -30.24 -0.71
C GLY B 249 10.00 -30.51 -1.52
N LEU B 250 9.69 -31.78 -1.75
CA LEU B 250 8.44 -32.15 -2.42
C LEU B 250 7.26 -31.47 -1.75
N VAL B 251 7.28 -31.38 -0.43
CA VAL B 251 6.13 -30.99 0.36
C VAL B 251 6.14 -29.49 0.72
N GLY B 252 7.14 -28.74 0.25
CA GLY B 252 7.11 -27.29 0.40
C GLY B 252 8.08 -26.69 1.40
N GLY B 253 8.96 -27.47 2.02
CA GLY B 253 10.22 -26.96 2.54
C GLY B 253 10.37 -27.11 4.03
N ALA B 254 11.50 -26.57 4.51
CA ALA B 254 11.84 -26.50 5.93
C ALA B 254 10.85 -25.67 6.73
N GLY B 255 9.89 -25.04 6.06
CA GLY B 255 8.85 -24.40 6.82
C GLY B 255 7.70 -25.30 7.26
N VAL B 256 7.59 -26.52 6.73
CA VAL B 256 6.36 -27.28 6.94
C VAL B 256 6.60 -28.74 7.33
N VAL B 257 7.76 -29.34 7.07
CA VAL B 257 7.91 -30.80 7.19
C VAL B 257 8.33 -31.12 8.62
N PRO B 258 7.44 -31.75 9.45
CA PRO B 258 7.82 -32.05 10.84
C PRO B 258 8.91 -33.09 10.91
N GLY B 259 9.39 -33.36 12.12
CA GLY B 259 10.37 -34.40 12.33
C GLY B 259 10.38 -34.83 13.79
N GLU B 260 10.81 -36.05 14.01
CA GLU B 260 10.95 -36.50 15.38
C GLU B 260 12.17 -37.39 15.45
N SER B 261 12.83 -37.40 16.59
CA SER B 261 13.97 -38.25 16.83
C SER B 261 13.71 -39.04 18.11
N TYR B 262 13.77 -40.36 18.02
CA TYR B 262 13.43 -41.27 19.10
C TYR B 262 14.67 -41.87 19.75
N SER B 263 14.47 -42.50 20.91
CA SER B 263 15.53 -43.16 21.67
C SER B 263 14.98 -44.51 22.11
N ALA B 264 15.81 -45.30 22.77
CA ALA B 264 15.25 -46.43 23.50
C ALA B 264 14.18 -45.95 24.46
N GLU B 265 14.43 -44.83 25.11
CA GLU B 265 13.54 -44.37 26.16
C GLU B 265 13.02 -42.93 26.01
N TYR B 266 13.39 -42.22 24.96
CA TYR B 266 13.01 -40.80 24.84
C TYR B 266 12.24 -40.54 23.55
N ALA B 267 11.86 -39.28 23.35
CA ALA B 267 11.30 -38.84 22.07
C ALA B 267 11.50 -37.33 21.98
N VAL B 268 12.36 -36.91 21.06
CA VAL B 268 12.68 -35.52 20.83
C VAL B 268 12.00 -35.13 19.54
N PHE B 269 11.14 -34.11 19.59
CA PHE B 269 10.34 -33.69 18.44
C PHE B 269 10.90 -32.38 17.89
N GLU B 270 11.29 -32.40 16.62
CA GLU B 270 12.00 -31.29 15.98
C GLU B 270 11.40 -31.05 14.59
N THR B 271 12.22 -30.54 13.68
CA THR B 271 11.83 -30.35 12.29
C THR B 271 12.56 -31.36 11.40
N GLY B 272 11.87 -31.81 10.35
CA GLY B 272 12.47 -32.77 9.43
C GLY B 272 13.70 -32.22 8.74
N ALA B 273 13.55 -31.09 8.05
CA ALA B 273 14.62 -30.52 7.23
C ALA B 273 15.35 -29.43 8.00
N ARG B 274 16.59 -29.70 8.38
CA ARG B 274 17.35 -28.80 9.23
C ARG B 274 18.74 -28.61 8.63
N HIS B 275 18.77 -28.02 7.43
CA HIS B 275 20.04 -27.64 6.83
C HIS B 275 20.53 -26.35 7.46
N PRO B 276 21.78 -25.96 7.23
CA PRO B 276 22.21 -24.62 7.61
C PRO B 276 21.42 -23.62 6.78
N PHE B 277 21.07 -22.50 7.39
CA PHE B 277 20.13 -21.56 6.77
C PHE B 277 18.83 -22.29 6.43
N ALA B 278 18.36 -23.14 7.34
CA ALA B 278 17.02 -23.71 7.18
C ALA B 278 15.99 -22.60 7.13
N GLN B 279 15.98 -21.76 8.15
CA GLN B 279 15.12 -20.57 8.17
C GLN B 279 16.03 -19.39 8.48
N ALA B 280 16.60 -18.79 7.45
CA ALA B 280 17.39 -17.57 7.64
C ALA B 280 16.52 -16.33 7.40
N VAL B 281 15.40 -16.29 8.10
CA VAL B 281 14.53 -15.14 8.08
C VAL B 281 14.87 -14.27 9.27
N GLY B 282 14.24 -13.10 9.34
CA GLY B 282 14.58 -12.08 10.31
C GLY B 282 13.70 -12.14 11.53
N ARG B 283 13.32 -10.96 12.01
CA ARG B 283 12.19 -10.87 12.93
C ARG B 283 10.94 -11.31 12.20
N ASN B 284 10.09 -12.08 12.88
CA ASN B 284 8.85 -12.57 12.24
C ASN B 284 9.20 -13.41 11.00
N ILE B 285 8.31 -13.34 10.01
CA ILE B 285 8.49 -13.79 8.63
C ILE B 285 9.05 -15.21 8.50
N ALA B 286 8.67 -16.10 9.42
CA ALA B 286 9.10 -17.49 9.37
C ALA B 286 7.91 -18.44 9.48
N ASN B 287 8.01 -19.58 8.80
CA ASN B 287 6.79 -20.36 8.92
C ASN B 287 6.84 -21.23 10.19
N PRO B 288 5.69 -21.40 10.91
CA PRO B 288 5.65 -22.29 12.07
C PRO B 288 4.91 -23.59 11.85
N THR B 289 4.65 -23.93 10.59
CA THR B 289 3.88 -25.15 10.35
C THR B 289 4.67 -26.38 10.76
N ALA B 290 5.99 -26.34 10.61
CA ALA B 290 6.81 -27.48 11.00
C ALA B 290 6.73 -27.70 12.49
N MET B 291 7.01 -26.65 13.25
CA MET B 291 6.96 -26.80 14.70
C MET B 291 5.58 -27.24 15.15
N LEU B 292 4.53 -26.59 14.63
CA LEU B 292 3.17 -26.86 15.11
C LEU B 292 2.72 -28.27 14.76
N LEU B 293 2.92 -28.70 13.50
CA LEU B 293 2.64 -30.08 13.15
C LEU B 293 3.54 -31.06 13.90
N SER B 294 4.67 -30.62 14.43
CA SER B 294 5.47 -31.49 15.29
C SER B 294 5.03 -31.42 16.73
N ALA B 295 4.47 -30.29 17.16
CA ALA B 295 3.89 -30.23 18.49
C ALA B 295 2.73 -31.21 18.61
N SER B 296 1.78 -31.15 17.70
CA SER B 296 0.67 -32.08 17.79
C SER B 296 1.16 -33.51 17.77
N ASN B 297 2.17 -33.82 16.95
CA ASN B 297 2.72 -35.17 16.93
C ASN B 297 3.34 -35.53 18.28
N MET B 298 4.05 -34.59 18.91
CA MET B 298 4.42 -34.73 20.31
C MET B 298 3.19 -34.98 21.17
N LEU B 299 2.12 -34.19 20.96
CA LEU B 299 0.92 -34.37 21.77
C LEU B 299 0.36 -35.76 21.61
N ARG B 300 0.34 -36.29 20.38
CA ARG B 300 -0.09 -37.66 20.20
C ARG B 300 0.76 -38.62 21.00
N HIS B 301 2.05 -38.34 21.12
CA HIS B 301 2.92 -39.23 21.88
C HIS B 301 2.51 -39.25 23.34
N LEU B 302 1.99 -38.13 23.84
CA LEU B 302 1.62 -37.99 25.24
C LEU B 302 0.24 -38.56 25.53
N ASN B 303 -0.43 -39.07 24.49
CA ASN B 303 -1.81 -39.60 24.52
C ASN B 303 -2.84 -38.51 24.85
N LEU B 304 -2.46 -37.28 24.64
CA LEU B 304 -3.41 -36.20 24.51
C LEU B 304 -4.00 -36.11 23.11
N GLU B 305 -4.42 -37.26 22.53
CA GLU B 305 -4.92 -37.32 21.14
C GLU B 305 -5.96 -36.26 20.86
N TYR B 306 -6.83 -35.97 21.83
CA TYR B 306 -7.79 -34.91 21.61
C TYR B 306 -7.11 -33.63 21.22
N HIS B 307 -6.15 -33.17 22.04
CA HIS B 307 -5.49 -31.91 21.72
C HIS B 307 -4.55 -32.04 20.56
N SER B 308 -4.10 -33.25 20.24
CA SER B 308 -3.29 -33.41 19.05
C SER B 308 -4.16 -33.23 17.82
N SER B 309 -5.32 -33.88 17.79
CA SER B 309 -6.27 -33.67 16.70
C SER B 309 -6.52 -32.19 16.41
N MET B 310 -6.72 -31.41 17.47
CA MET B 310 -7.25 -30.06 17.32
C MET B 310 -6.21 -29.12 16.70
N ILE B 311 -5.05 -28.97 17.36
CA ILE B 311 -3.94 -28.19 16.80
C ILE B 311 -3.70 -28.61 15.35
N ALA B 312 -3.45 -29.90 15.15
CA ALA B 312 -3.14 -30.45 13.82
C ALA B 312 -4.20 -30.11 12.78
N ASP B 313 -5.46 -30.49 13.04
CA ASP B 313 -6.56 -30.26 12.11
C ASP B 313 -6.84 -28.77 11.91
N ALA B 314 -6.41 -27.93 12.86
CA ALA B 314 -6.58 -26.49 12.70
C ALA B 314 -5.62 -25.95 11.65
N VAL B 315 -4.32 -26.19 11.83
CA VAL B 315 -3.32 -25.57 10.96
C VAL B 315 -3.17 -26.29 9.64
N LYS B 316 -3.77 -27.47 9.48
CA LYS B 316 -3.89 -28.10 8.16
C LYS B 316 -5.04 -27.51 7.37
N LYS B 317 -5.85 -26.65 8.01
CA LYS B 317 -6.99 -26.04 7.38
C LYS B 317 -6.84 -24.54 7.25
N VAL B 318 -6.17 -23.87 8.20
CA VAL B 318 -5.86 -22.46 8.02
C VAL B 318 -4.98 -22.30 6.80
N ILE B 319 -4.23 -23.35 6.44
CA ILE B 319 -3.45 -23.29 5.22
C ILE B 319 -4.17 -23.89 4.04
N LYS B 320 -5.31 -24.56 4.24
CA LYS B 320 -6.15 -24.91 3.09
C LYS B 320 -7.05 -23.76 2.66
N VAL B 321 -7.54 -22.95 3.61
CA VAL B 321 -8.51 -21.91 3.29
C VAL B 321 -7.88 -20.77 2.51
N GLY B 322 -6.55 -20.60 2.59
CA GLY B 322 -5.81 -19.72 1.71
C GLY B 322 -5.76 -18.26 2.11
N LYS B 323 -6.38 -17.89 3.23
CA LYS B 323 -6.43 -16.47 3.56
C LYS B 323 -5.11 -15.97 4.13
N VAL B 324 -4.37 -16.80 4.86
CA VAL B 324 -3.09 -16.37 5.40
C VAL B 324 -2.03 -17.39 5.03
N ARG B 325 -0.83 -16.89 4.80
CA ARG B 325 0.24 -17.58 4.10
C ARG B 325 1.51 -16.82 4.41
N THR B 326 2.59 -17.54 4.68
CA THR B 326 3.83 -16.88 4.99
C THR B 326 4.64 -16.69 3.71
N SER B 327 5.82 -16.10 3.85
CA SER B 327 6.67 -15.87 2.69
C SER B 327 6.89 -17.15 1.89
N ASP B 328 7.32 -18.21 2.56
CA ASP B 328 7.74 -19.40 1.83
C ASP B 328 6.60 -20.14 1.16
N MET B 329 5.37 -19.98 1.62
CA MET B 329 4.24 -20.66 0.98
C MET B 329 3.56 -19.81 -0.09
N GLY B 330 4.06 -18.62 -0.39
CA GLY B 330 3.38 -17.77 -1.32
C GLY B 330 2.30 -16.98 -0.61
N GLY B 331 2.69 -15.84 -0.06
CA GLY B 331 1.80 -15.02 0.73
C GLY B 331 2.62 -13.90 1.29
N TYR B 332 1.98 -13.07 2.09
CA TYR B 332 2.62 -11.83 2.54
C TYR B 332 2.72 -11.68 4.05
N ALA B 333 2.04 -12.52 4.84
CA ALA B 333 1.80 -12.26 6.27
C ALA B 333 3.04 -12.50 7.13
N THR B 334 3.02 -11.89 8.32
CA THR B 334 4.10 -12.15 9.25
C THR B 334 3.87 -13.49 9.94
N CYS B 335 4.85 -13.89 10.76
CA CYS B 335 4.65 -15.08 11.56
C CYS B 335 3.67 -14.81 12.70
N HIS B 336 3.79 -13.66 13.36
CA HIS B 336 2.78 -13.28 14.33
C HIS B 336 1.40 -13.37 13.73
N ASP B 337 1.24 -12.93 12.48
CA ASP B 337 -0.08 -12.95 11.87
C ASP B 337 -0.53 -14.37 11.56
N PHE B 338 0.38 -15.23 11.11
CA PHE B 338 -0.02 -16.59 10.77
C PHE B 338 -0.25 -17.42 12.00
N THR B 339 0.50 -17.18 13.08
CA THR B 339 0.19 -17.90 14.31
C THR B 339 -1.06 -17.35 14.98
N GLU B 340 -1.31 -16.05 14.86
CA GLU B 340 -2.56 -15.54 15.42
C GLU B 340 -3.75 -15.98 14.61
N GLU B 341 -3.60 -16.26 13.31
CA GLU B 341 -4.73 -16.83 12.59
C GLU B 341 -5.08 -18.21 13.16
N ILE B 342 -4.06 -18.93 13.62
CA ILE B 342 -4.29 -20.30 14.06
C ILE B 342 -4.98 -20.32 15.41
N CYS B 343 -4.59 -19.42 16.30
CA CYS B 343 -5.31 -19.28 17.56
C CYS B 343 -6.80 -19.08 17.36
N ARG B 344 -7.18 -18.17 16.45
CA ARG B 344 -8.60 -17.94 16.23
C ARG B 344 -9.31 -19.25 15.89
N ARG B 345 -8.76 -20.03 14.96
CA ARG B 345 -9.42 -21.27 14.58
C ARG B 345 -9.21 -22.39 15.59
N VAL B 346 -8.21 -22.29 16.46
CA VAL B 346 -8.13 -23.22 17.59
C VAL B 346 -9.20 -22.90 18.61
N LYS B 347 -9.30 -21.63 19.01
CA LYS B 347 -10.30 -21.22 19.99
C LYS B 347 -11.72 -21.52 19.50
N ASP B 348 -11.96 -21.45 18.19
CA ASP B 348 -13.27 -21.82 17.69
C ASP B 348 -13.57 -23.28 17.98
N LEU B 349 -12.59 -24.17 17.79
CA LEU B 349 -12.90 -25.59 17.72
C LEU B 349 -13.37 -26.18 19.05
N ASP B 350 -13.37 -25.41 20.14
CA ASP B 350 -13.96 -25.93 21.37
C ASP B 350 -15.49 -26.00 21.28
N GLU B 351 -16.12 -24.91 20.85
CA GLU B 351 -17.52 -24.90 20.44
C GLU B 351 -17.69 -23.63 19.67
N GLY C 5 7.43 -18.58 42.46
CA GLY C 5 6.99 -18.45 41.08
C GLY C 5 8.07 -17.96 40.12
N VAL C 6 7.78 -18.02 38.83
CA VAL C 6 8.70 -17.55 37.80
C VAL C 6 8.03 -16.38 37.09
N GLN C 7 8.51 -15.16 37.36
CA GLN C 7 7.99 -13.95 36.75
C GLN C 7 8.67 -13.68 35.41
N THR C 8 7.88 -13.29 34.41
CA THR C 8 8.34 -13.09 33.05
C THR C 8 8.29 -11.61 32.72
N VAL C 9 9.41 -11.08 32.23
CA VAL C 9 9.58 -9.66 31.97
C VAL C 9 10.04 -9.48 30.52
N THR C 10 9.44 -8.50 29.84
CA THR C 10 9.83 -8.20 28.47
C THR C 10 11.30 -7.78 28.44
N LEU C 11 11.87 -7.73 27.24
CA LEU C 11 13.23 -7.22 27.03
C LEU C 11 13.35 -6.75 25.60
N ILE C 12 13.70 -5.49 25.38
CA ILE C 12 14.02 -5.00 24.04
C ILE C 12 15.54 -5.06 23.90
N PRO C 13 16.09 -5.98 23.10
CA PRO C 13 17.55 -6.00 22.89
C PRO C 13 18.08 -4.68 22.41
N GLY C 14 17.29 -3.95 21.63
CA GLY C 14 17.64 -2.59 21.30
C GLY C 14 18.74 -2.43 20.26
N ASP C 15 18.89 -1.21 19.77
CA ASP C 15 19.78 -0.91 18.66
C ASP C 15 21.18 -0.52 19.15
N GLY C 16 22.17 -0.72 18.26
CA GLY C 16 23.53 -0.31 18.58
C GLY C 16 24.25 -1.38 19.33
N ILE C 17 24.86 -1.00 20.45
CA ILE C 17 25.61 -1.92 21.31
C ILE C 17 24.65 -2.60 22.28
N GLY C 18 23.35 -2.53 21.98
CA GLY C 18 22.31 -3.05 22.83
C GLY C 18 22.45 -4.54 23.11
N PRO C 19 22.37 -5.36 22.06
CA PRO C 19 22.43 -6.82 22.27
C PRO C 19 23.64 -7.30 23.06
N GLU C 20 24.83 -6.74 22.81
CA GLU C 20 25.99 -7.11 23.63
C GLU C 20 25.64 -7.03 25.11
N ILE C 21 25.09 -5.91 25.53
CA ILE C 21 24.86 -5.70 26.96
C ILE C 21 23.59 -6.43 27.42
N SER C 22 22.56 -6.48 26.59
CA SER C 22 21.35 -7.19 26.98
C SER C 22 21.64 -8.67 27.23
N ALA C 23 22.29 -9.32 26.27
CA ALA C 23 22.70 -10.72 26.49
C ALA C 23 23.62 -10.84 27.69
N ALA C 24 24.46 -9.84 27.93
CA ALA C 24 25.30 -9.85 29.12
C ALA C 24 24.44 -9.95 30.38
N VAL C 25 23.53 -8.99 30.57
CA VAL C 25 22.76 -8.95 31.81
C VAL C 25 21.85 -10.18 31.94
N MET C 26 21.47 -10.80 30.81
CA MET C 26 20.71 -12.05 30.85
C MET C 26 21.56 -13.21 31.37
N LYS C 27 22.85 -13.23 31.00
CA LYS C 27 23.75 -14.28 31.46
C LYS C 27 24.06 -14.14 32.95
N ILE C 28 24.06 -12.91 33.47
CA ILE C 28 24.18 -12.77 34.91
C ILE C 28 22.93 -13.27 35.60
N PHE C 29 21.76 -13.11 34.96
CA PHE C 29 20.51 -13.57 35.59
C PHE C 29 20.32 -15.09 35.47
N ASP C 30 20.95 -15.74 34.49
CA ASP C 30 20.82 -17.20 34.34
C ASP C 30 21.80 -17.93 35.25
N ALA C 31 23.01 -17.40 35.38
CA ALA C 31 23.83 -17.80 36.51
C ALA C 31 23.22 -17.38 37.84
N ALA C 32 22.41 -16.32 37.85
CA ALA C 32 21.94 -15.81 39.14
C ALA C 32 20.85 -16.69 39.74
N LYS C 33 20.16 -17.50 38.93
CA LYS C 33 19.10 -18.35 39.46
C LYS C 33 18.07 -17.49 40.20
N ALA C 34 17.58 -16.46 39.48
CA ALA C 34 16.52 -15.51 39.82
C ALA C 34 15.24 -15.87 39.09
N PRO C 35 14.14 -16.01 39.82
CA PRO C 35 12.84 -16.28 39.18
C PRO C 35 12.91 -15.14 38.18
N ILE C 36 12.98 -15.45 36.88
CA ILE C 36 12.72 -14.51 35.79
C ILE C 36 12.71 -15.30 34.48
N GLN C 37 12.04 -14.75 33.46
CA GLN C 37 12.07 -15.25 32.08
C GLN C 37 12.06 -14.05 31.14
N TRP C 38 12.44 -14.29 29.88
CA TRP C 38 12.69 -13.19 28.93
C TRP C 38 11.89 -13.38 27.65
N GLU C 39 11.15 -12.35 27.26
CA GLU C 39 10.35 -12.37 26.03
C GLU C 39 10.88 -11.30 25.07
N GLU C 40 12.03 -11.59 24.46
CA GLU C 40 12.73 -10.68 23.55
C GLU C 40 11.81 -10.10 22.49
N ARG C 41 11.57 -8.79 22.53
CA ARG C 41 10.78 -8.13 21.50
C ARG C 41 11.58 -6.96 20.94
N ASN C 42 11.78 -6.97 19.63
CA ASN C 42 12.53 -5.93 18.94
C ASN C 42 11.54 -4.91 18.39
N VAL C 43 11.46 -3.76 19.03
CA VAL C 43 10.58 -2.68 18.57
C VAL C 43 11.23 -1.88 17.44
N GLY C 50 -2.09 6.02 8.17
CA GLY C 50 -2.73 7.05 8.98
C GLY C 50 -1.83 8.23 9.33
N GLY C 51 -0.58 7.95 9.66
CA GLY C 51 0.42 8.97 9.90
C GLY C 51 0.93 9.01 11.33
N LYS C 52 0.10 8.62 12.30
CA LYS C 52 0.51 8.57 13.70
C LYS C 52 1.34 7.31 13.95
N TRP C 53 2.50 7.49 14.60
CA TRP C 53 3.59 6.56 14.34
C TRP C 53 3.43 5.19 15.00
N MET C 54 2.79 5.13 16.16
CA MET C 54 2.41 3.85 16.76
C MET C 54 3.60 2.93 17.07
N ILE C 55 3.31 1.74 17.59
CA ILE C 55 4.31 0.92 18.25
C ILE C 55 4.34 -0.43 17.56
N PRO C 56 5.38 -1.25 17.80
CA PRO C 56 5.43 -2.58 17.20
C PRO C 56 4.35 -3.50 17.75
N SER C 57 3.74 -4.28 16.84
CA SER C 57 2.59 -5.11 17.18
C SER C 57 2.91 -6.04 18.35
N GLU C 58 3.94 -6.87 18.21
CA GLU C 58 4.25 -7.89 19.19
C GLU C 58 4.62 -7.30 20.56
N ALA C 59 5.09 -6.06 20.61
CA ALA C 59 5.57 -5.50 21.86
C ALA C 59 4.43 -4.94 22.72
N LYS C 60 3.60 -4.07 22.14
CA LYS C 60 2.53 -3.41 22.88
C LYS C 60 1.69 -4.40 23.68
N GLU C 61 1.44 -5.59 23.12
CA GLU C 61 0.77 -6.62 23.88
C GLU C 61 1.69 -7.25 24.92
N SER C 62 2.96 -7.46 24.54
CA SER C 62 3.88 -8.19 25.40
C SER C 62 4.15 -7.45 26.71
N MET C 63 4.12 -6.12 26.69
CA MET C 63 4.36 -5.38 27.92
C MET C 63 3.17 -5.48 28.87
N ASP C 64 1.97 -5.15 28.37
CA ASP C 64 0.77 -5.15 29.21
C ASP C 64 0.61 -6.47 29.94
N LYS C 65 0.87 -7.58 29.25
CA LYS C 65 0.78 -8.91 29.83
C LYS C 65 1.86 -9.18 30.87
N ASN C 66 2.69 -8.21 31.21
CA ASN C 66 3.80 -8.48 32.12
C ASN C 66 3.97 -7.41 33.20
N LYS C 67 3.52 -6.18 32.93
CA LYS C 67 3.65 -5.02 33.82
C LYS C 67 5.12 -4.72 34.17
N MET C 68 6.06 -5.19 33.34
CA MET C 68 7.49 -5.01 33.58
C MET C 68 8.22 -4.89 32.25
N GLY C 69 9.48 -4.46 32.34
CA GLY C 69 10.24 -4.13 31.15
C GLY C 69 11.70 -3.84 31.45
N LEU C 70 12.49 -3.83 30.38
CA LEU C 70 13.93 -3.61 30.37
C LEU C 70 14.33 -3.38 28.92
N LYS C 71 15.04 -2.28 28.66
CA LYS C 71 15.27 -1.90 27.27
C LYS C 71 16.64 -1.26 27.12
N GLY C 72 17.46 -1.85 26.24
CA GLY C 72 18.69 -1.21 25.84
C GLY C 72 18.37 0.06 25.09
N PRO C 73 19.35 0.95 25.00
CA PRO C 73 19.14 2.21 24.28
C PRO C 73 18.70 1.99 22.84
N LEU C 74 17.77 2.82 22.38
CA LEU C 74 17.27 2.78 21.02
C LEU C 74 17.87 3.93 20.21
N LYS C 75 18.36 3.61 19.01
CA LYS C 75 18.92 4.61 18.11
C LYS C 75 17.86 5.66 17.76
N THR C 76 18.33 6.80 17.27
CA THR C 76 17.41 7.87 16.93
C THR C 76 18.05 8.91 16.04
N GLY C 81 15.62 12.73 10.39
CA GLY C 81 15.13 11.41 10.71
C GLY C 81 13.73 11.38 11.29
N HIS C 82 13.57 10.62 12.38
CA HIS C 82 12.29 10.25 12.97
C HIS C 82 12.08 10.93 14.33
N PRO C 83 10.98 10.65 15.05
CA PRO C 83 10.92 11.01 16.46
C PRO C 83 11.51 9.90 17.34
N SER C 84 12.19 10.31 18.41
CA SER C 84 12.87 9.38 19.30
C SER C 84 11.89 8.33 19.81
N MET C 85 12.25 7.07 19.57
CA MET C 85 11.42 5.96 20.03
C MET C 85 11.01 6.14 21.49
N ASN C 86 11.97 6.44 22.36
CA ASN C 86 11.73 6.46 23.79
C ASN C 86 10.70 7.50 24.22
N LEU C 87 10.47 8.53 23.40
CA LEU C 87 9.43 9.50 23.70
C LEU C 87 8.04 8.87 23.59
N LEU C 88 7.75 8.31 22.42
CA LEU C 88 6.53 7.53 22.20
C LEU C 88 6.40 6.36 23.19
N LEU C 89 7.53 5.72 23.51
CA LEU C 89 7.57 4.64 24.50
C LEU C 89 7.11 5.12 25.87
N ARG C 90 7.75 6.16 26.39
CA ARG C 90 7.38 6.67 27.71
C ARG C 90 5.94 7.14 27.73
N LYS C 91 5.54 7.95 26.74
CA LYS C 91 4.23 8.59 26.76
C LYS C 91 3.09 7.58 26.72
N THR C 92 3.11 6.69 25.73
CA THR C 92 2.02 5.73 25.56
C THR C 92 2.03 4.62 26.60
N PHE C 93 2.65 4.83 27.77
CA PHE C 93 2.53 3.92 28.91
C PHE C 93 2.29 4.67 30.21
N ASP C 94 2.18 6.00 30.17
CA ASP C 94 2.12 6.84 31.35
C ASP C 94 3.10 6.32 32.40
N LEU C 95 4.37 6.24 31.98
CA LEU C 95 5.49 6.03 32.90
C LEU C 95 5.97 7.41 33.35
N TYR C 96 5.21 8.02 34.26
CA TYR C 96 5.35 9.46 34.47
C TYR C 96 6.60 9.82 35.24
N ALA C 97 7.06 8.96 36.14
CA ALA C 97 8.31 9.17 36.85
C ALA C 97 9.48 8.81 35.96
N ASN C 98 10.58 9.55 36.07
CA ASN C 98 11.88 9.04 35.64
C ASN C 98 12.82 9.16 36.83
N VAL C 99 13.41 8.04 37.22
CA VAL C 99 14.26 7.96 38.39
C VAL C 99 15.68 7.70 37.92
N ARG C 100 16.63 8.46 38.45
CA ARG C 100 18.04 8.26 38.13
C ARG C 100 18.81 8.42 39.42
N PRO C 101 18.97 7.32 40.15
CA PRO C 101 19.88 7.31 41.29
C PRO C 101 21.32 7.24 40.82
N CYS C 102 22.20 7.55 41.75
CA CYS C 102 23.55 8.02 41.48
C CYS C 102 24.28 8.02 42.80
N VAL C 103 24.70 6.85 43.24
CA VAL C 103 25.54 6.72 44.42
C VAL C 103 26.89 6.21 43.95
N SER C 104 27.95 6.72 44.57
CA SER C 104 29.30 6.33 44.20
C SER C 104 29.53 4.84 44.44
N ILE C 105 30.34 4.25 43.57
CA ILE C 105 30.73 2.82 43.71
C ILE C 105 31.86 2.84 44.73
N GLU C 106 31.75 2.08 45.80
CA GLU C 106 32.75 2.17 46.87
C GLU C 106 34.16 1.91 46.35
N GLY C 107 34.28 1.07 45.33
CA GLY C 107 35.58 0.69 44.82
C GLY C 107 36.26 1.73 43.94
N TYR C 108 35.61 2.09 42.82
CA TYR C 108 36.16 2.95 41.78
C TYR C 108 36.10 4.41 42.20
N LYS C 109 37.21 4.94 42.73
CA LYS C 109 37.25 6.29 43.26
C LYS C 109 37.47 7.32 42.17
N THR C 110 36.85 8.49 42.35
CA THR C 110 36.73 9.62 41.41
C THR C 110 37.01 10.90 42.18
N PRO C 111 37.15 12.06 41.53
CA PRO C 111 37.36 13.29 42.30
C PRO C 111 36.24 13.62 43.26
N TYR C 112 35.03 13.07 43.05
CA TYR C 112 33.90 13.27 43.95
C TYR C 112 33.67 12.01 44.79
N THR C 113 33.60 12.18 46.13
CA THR C 113 33.39 11.07 47.05
C THR C 113 32.07 11.22 47.82
N ASP C 114 31.42 10.08 48.08
CA ASP C 114 30.23 9.99 48.92
C ASP C 114 29.04 10.76 48.35
N VAL C 115 28.73 10.51 47.10
CA VAL C 115 27.64 11.17 46.42
C VAL C 115 26.44 10.22 46.38
N ASN C 116 25.31 10.66 46.89
CA ASN C 116 24.09 9.86 46.95
C ASN C 116 22.95 10.79 46.52
N ILE C 117 22.74 10.86 45.21
CA ILE C 117 21.79 11.79 44.59
C ILE C 117 20.78 10.99 43.78
N VAL C 118 19.53 11.43 43.83
CA VAL C 118 18.43 10.79 43.11
C VAL C 118 17.71 11.84 42.25
N THR C 119 17.72 11.67 40.92
CA THR C 119 17.12 12.67 40.03
C THR C 119 15.75 12.23 39.53
N ILE C 120 14.71 12.73 40.18
CA ILE C 120 13.32 12.48 39.80
C ILE C 120 12.90 13.54 38.80
N ARG C 121 12.77 13.15 37.53
CA ARG C 121 12.40 14.04 36.44
C ARG C 121 11.06 13.60 35.85
N GLU C 122 10.24 14.55 35.43
CA GLU C 122 8.92 14.21 34.95
C GLU C 122 9.00 13.77 33.49
N ASN C 123 8.39 12.64 33.16
CA ASN C 123 8.81 11.85 32.01
C ASN C 123 7.80 11.86 30.86
N THR C 124 6.74 12.67 30.93
CA THR C 124 5.67 12.59 29.94
C THR C 124 5.20 13.92 29.39
N GLU C 125 5.70 15.03 29.92
CA GLU C 125 5.28 16.35 29.46
C GLU C 125 6.45 17.19 28.98
N GLY C 126 6.23 18.50 28.84
CA GLY C 126 7.29 19.40 28.39
C GLY C 126 7.85 19.04 27.02
N GLU C 127 9.18 19.06 26.93
CA GLU C 127 9.87 18.73 25.69
C GLU C 127 9.30 17.50 25.02
N TYR C 128 8.90 16.51 25.80
CA TYR C 128 8.46 15.25 25.22
C TYR C 128 7.15 15.40 24.44
N SER C 129 6.29 16.33 24.85
CA SER C 129 5.01 16.61 24.18
C SER C 129 5.29 17.50 22.97
N GLY C 130 5.91 16.88 21.97
CA GLY C 130 6.67 17.61 20.97
C GLY C 130 5.87 18.14 19.81
N ILE C 131 6.20 19.36 19.41
CA ILE C 131 5.83 19.92 18.12
C ILE C 131 7.05 20.68 17.58
N GLU C 132 7.34 20.49 16.30
CA GLU C 132 8.52 21.16 15.76
C GLU C 132 8.29 21.70 14.35
N HIS C 133 7.07 22.10 14.02
CA HIS C 133 6.78 22.65 12.70
C HIS C 133 7.52 23.97 12.49
N VAL C 134 7.76 24.28 11.25
CA VAL C 134 8.49 25.49 10.88
C VAL C 134 7.48 26.55 10.42
N ILE C 135 7.84 27.83 10.59
CA ILE C 135 6.91 28.93 10.44
C ILE C 135 7.21 29.75 9.20
N VAL C 136 8.48 30.13 8.99
CA VAL C 136 8.85 30.66 7.68
C VAL C 136 10.15 30.01 7.25
N ASP C 137 10.74 30.49 6.16
CA ASP C 137 12.01 29.94 5.67
C ASP C 137 13.12 30.18 6.69
N GLY C 138 13.71 29.09 7.19
CA GLY C 138 14.68 29.23 8.26
C GLY C 138 14.07 29.90 9.49
N VAL C 139 12.99 29.30 10.00
CA VAL C 139 12.41 29.62 11.30
C VAL C 139 11.63 28.38 11.73
N VAL C 140 11.96 27.85 12.90
CA VAL C 140 11.31 26.65 13.45
C VAL C 140 10.84 26.96 14.86
N GLN C 141 9.57 26.72 15.10
CA GLN C 141 8.96 26.95 16.40
C GLN C 141 8.70 25.61 17.07
N SER C 142 8.97 25.53 18.37
CA SER C 142 8.67 24.35 19.16
C SER C 142 7.67 24.70 20.24
N ILE C 143 6.72 23.80 20.49
CA ILE C 143 5.73 23.97 21.54
C ILE C 143 5.91 22.86 22.58
N LYS C 144 6.30 23.24 23.77
CA LYS C 144 6.26 22.35 24.92
C LYS C 144 5.02 22.72 25.72
N LEU C 145 4.46 21.76 26.44
CA LEU C 145 3.41 22.15 27.37
C LEU C 145 3.48 21.38 28.69
N ILE C 146 3.45 22.14 29.77
CA ILE C 146 3.46 21.65 31.15
C ILE C 146 2.05 21.85 31.70
N THR C 147 1.52 20.85 32.42
CA THR C 147 0.13 20.91 32.89
C THR C 147 0.06 20.75 34.40
N GLU C 148 -0.92 21.43 35.01
CA GLU C 148 -1.05 21.43 36.47
C GLU C 148 -1.17 20.03 37.01
N GLY C 149 -1.91 19.16 36.32
CA GLY C 149 -2.20 17.85 36.86
C GLY C 149 -0.95 16.99 37.02
N ALA C 150 -0.25 16.73 35.91
CA ALA C 150 0.90 15.82 35.98
C ALA C 150 2.08 16.43 36.72
N SER C 151 2.17 17.76 36.78
CA SER C 151 3.16 18.35 37.68
C SER C 151 2.85 18.00 39.12
N LYS C 152 1.58 18.14 39.52
CA LYS C 152 1.18 17.74 40.86
C LYS C 152 1.44 16.26 41.09
N ARG C 153 1.49 15.46 40.04
CA ARG C 153 1.65 14.03 40.25
C ARG C 153 3.11 13.65 40.52
N ILE C 154 4.06 14.25 39.78
CA ILE C 154 5.47 13.89 39.94
C ILE C 154 5.99 14.42 41.28
N ALA C 155 5.60 15.64 41.64
CA ALA C 155 5.88 16.14 42.97
C ALA C 155 5.44 15.13 44.03
N GLU C 156 4.18 14.68 43.97
CA GLU C 156 3.74 13.62 44.85
C GLU C 156 4.71 12.46 44.81
N PHE C 157 5.02 11.97 43.60
CA PHE C 157 5.89 10.80 43.50
C PHE C 157 7.17 10.97 44.31
N ALA C 158 7.77 12.17 44.29
CA ALA C 158 9.09 12.34 44.90
C ALA C 158 9.00 12.37 46.42
N PHE C 159 7.93 12.93 46.98
CA PHE C 159 7.78 12.87 48.43
C PHE C 159 7.36 11.47 48.89
N GLU C 160 6.63 10.72 48.06
CA GLU C 160 6.55 9.29 48.27
C GLU C 160 7.95 8.69 48.30
N TYR C 161 8.70 8.83 47.17
CA TYR C 161 10.00 8.20 47.03
C TYR C 161 10.89 8.50 48.23
N ALA C 162 10.83 9.73 48.73
CA ALA C 162 11.71 10.08 49.84
C ALA C 162 11.36 9.28 51.10
N ARG C 163 10.08 9.19 51.45
CA ARG C 163 9.68 8.44 52.64
C ARG C 163 10.06 6.97 52.57
N ASN C 164 10.17 6.39 51.37
CA ASN C 164 10.36 4.96 51.29
C ASN C 164 11.84 4.57 51.18
N ASN C 165 12.66 5.35 50.48
CA ASN C 165 14.10 5.09 50.46
C ASN C 165 14.82 5.82 51.57
N HIS C 166 14.06 6.61 52.32
CA HIS C 166 14.46 7.27 53.55
C HIS C 166 15.47 8.38 53.27
N ARG C 167 14.99 9.40 52.59
CA ARG C 167 15.78 10.56 52.29
C ARG C 167 15.33 11.69 53.20
N SER C 168 16.28 12.50 53.64
CA SER C 168 15.89 13.63 54.45
C SER C 168 15.38 14.79 53.60
N ASN C 169 15.83 14.90 52.34
CA ASN C 169 15.62 16.12 51.56
C ASN C 169 15.12 15.90 50.14
N VAL C 170 14.08 16.62 49.77
CA VAL C 170 13.50 16.63 48.43
C VAL C 170 13.51 18.07 47.93
N THR C 171 14.40 18.38 46.98
CA THR C 171 14.62 19.77 46.57
C THR C 171 14.17 19.97 45.11
N ALA C 172 13.13 20.79 44.96
CA ALA C 172 12.52 21.07 43.67
C ALA C 172 13.39 21.99 42.85
N VAL C 173 13.85 21.53 41.68
CA VAL C 173 14.82 22.23 40.84
C VAL C 173 14.11 22.70 39.59
N HIS C 174 14.21 24.01 39.31
CA HIS C 174 13.31 24.75 38.42
C HIS C 174 14.00 25.97 37.83
N LYS C 175 13.23 26.77 37.08
CA LYS C 175 13.68 28.12 36.61
C LYS C 175 12.51 29.10 36.46
N ALA C 176 11.86 29.45 37.57
CA ALA C 176 10.77 30.43 37.62
C ALA C 176 11.20 31.84 37.26
N ASN C 177 12.50 32.13 37.17
CA ASN C 177 12.86 33.49 36.81
C ASN C 177 12.74 33.71 35.32
N ILE C 178 12.96 32.67 34.51
CA ILE C 178 12.90 32.81 33.06
C ILE C 178 11.79 31.99 32.43
N MET C 179 11.04 31.22 33.21
CA MET C 179 9.85 30.51 32.71
C MET C 179 8.70 30.71 33.71
N ARG C 180 8.25 31.96 33.87
CA ARG C 180 7.33 32.30 34.95
C ARG C 180 6.04 31.47 34.93
N MET C 181 5.34 31.45 33.79
CA MET C 181 4.04 30.79 33.71
C MET C 181 4.14 29.29 33.95
N SER C 182 5.20 28.65 33.44
CA SER C 182 5.27 27.20 33.52
C SER C 182 5.60 26.78 34.95
N ASP C 183 6.87 26.93 35.35
CA ASP C 183 7.32 26.45 36.66
C ASP C 183 6.82 27.28 37.80
N GLY C 184 6.27 28.46 37.55
CA GLY C 184 5.44 29.08 38.56
C GLY C 184 4.40 28.09 39.04
N LEU C 185 3.76 27.41 38.09
CA LEU C 185 2.82 26.35 38.42
C LEU C 185 3.52 25.21 39.13
N PHE C 186 4.56 24.65 38.48
CA PHE C 186 5.24 23.47 39.02
C PHE C 186 5.71 23.70 40.44
N LEU C 187 6.23 24.89 40.72
CA LEU C 187 6.65 25.18 42.09
C LEU C 187 5.47 25.30 43.01
N GLN C 188 4.39 25.94 42.54
CA GLN C 188 3.19 26.00 43.34
C GLN C 188 2.72 24.60 43.70
N LYS C 189 2.67 23.71 42.69
CA LYS C 189 2.28 22.34 42.96
C LYS C 189 3.25 21.67 43.92
N CYS C 190 4.54 21.74 43.63
CA CYS C 190 5.54 21.21 44.55
C CYS C 190 5.36 21.78 45.95
N ARG C 191 4.90 23.02 46.07
CA ARG C 191 4.76 23.58 47.41
C ARG C 191 3.60 22.94 48.15
N GLU C 192 2.48 22.72 47.45
CA GLU C 192 1.30 22.18 48.11
C GLU C 192 1.60 20.81 48.69
N VAL C 193 2.20 19.92 47.89
CA VAL C 193 2.49 18.57 48.37
C VAL C 193 3.59 18.55 49.41
N ALA C 194 4.34 19.65 49.54
CA ALA C 194 5.35 19.73 50.59
C ALA C 194 4.75 20.19 51.91
N GLU C 195 3.69 21.01 51.87
CA GLU C 195 2.94 21.32 53.08
C GLU C 195 2.25 20.09 53.64
N SER C 196 2.11 19.03 52.83
CA SER C 196 1.43 17.84 53.29
C SER C 196 2.37 16.90 54.02
N CYS C 197 3.66 16.96 53.71
CA CYS C 197 4.66 16.06 54.27
C CYS C 197 5.71 16.91 54.98
N LYS C 198 5.39 17.33 56.20
CA LYS C 198 6.37 18.06 56.98
C LYS C 198 7.51 17.17 57.47
N ASP C 199 7.42 15.85 57.27
CA ASP C 199 8.55 15.01 57.65
C ASP C 199 9.72 15.13 56.68
N ILE C 200 9.56 15.81 55.54
CA ILE C 200 10.57 15.84 54.50
C ILE C 200 10.87 17.29 54.18
N LYS C 201 12.17 17.66 54.22
CA LYS C 201 12.59 19.06 54.16
C LYS C 201 12.71 19.55 52.70
N PHE C 202 12.02 20.64 52.40
CA PHE C 202 11.80 21.07 51.03
C PHE C 202 12.48 22.43 50.80
N ASN C 203 12.87 22.68 49.55
CA ASN C 203 13.64 23.88 49.20
C ASN C 203 13.73 24.00 47.69
N GLU C 204 13.54 25.22 47.20
CA GLU C 204 13.53 25.51 45.77
C GLU C 204 14.90 26.07 45.39
N MET C 205 15.50 25.49 44.36
CA MET C 205 16.78 25.98 43.84
C MET C 205 16.64 26.16 42.35
N TYR C 206 17.06 27.32 41.83
CA TYR C 206 17.10 27.58 40.38
C TYR C 206 18.10 26.63 39.72
N LEU C 207 17.72 26.05 38.58
CA LEU C 207 18.54 24.99 37.99
C LEU C 207 20.00 25.41 37.80
N ASP C 208 20.25 26.66 37.40
CA ASP C 208 21.64 27.00 37.15
C ASP C 208 22.44 27.12 38.44
N THR C 209 21.86 27.68 39.50
CA THR C 209 22.53 27.61 40.79
C THR C 209 22.89 26.17 41.12
N VAL C 210 21.95 25.25 40.95
CA VAL C 210 22.24 23.85 41.26
C VAL C 210 23.41 23.34 40.44
N CYS C 211 23.46 23.67 39.14
CA CYS C 211 24.52 23.13 38.31
C CYS C 211 25.87 23.63 38.79
N LEU C 212 25.95 24.92 39.16
CA LEU C 212 27.13 25.45 39.81
C LEU C 212 27.32 24.63 41.07
N ASN C 213 26.43 24.81 42.05
CA ASN C 213 26.60 24.20 43.36
C ASN C 213 26.84 22.69 43.31
N MET C 214 26.70 22.05 42.14
CA MET C 214 26.81 20.60 42.05
C MET C 214 28.22 20.09 41.76
N VAL C 215 28.92 20.65 40.77
CA VAL C 215 30.27 20.15 40.48
C VAL C 215 31.20 20.59 41.60
N GLN C 216 30.66 21.30 42.57
CA GLN C 216 31.44 21.80 43.68
C GLN C 216 31.15 21.08 44.99
N ASP C 217 29.91 20.68 45.23
CA ASP C 217 29.65 19.89 46.44
C ASP C 217 28.33 19.13 46.38
N PRO C 218 28.29 17.95 45.77
CA PRO C 218 27.05 17.15 45.73
C PRO C 218 26.61 16.65 47.11
N SER C 219 27.37 16.92 48.17
CA SER C 219 26.94 16.72 49.55
C SER C 219 25.88 17.70 49.98
N GLN C 220 25.38 18.53 49.07
CA GLN C 220 24.38 19.55 49.38
C GLN C 220 22.98 19.13 48.98
N PHE C 221 22.80 17.96 48.36
CA PHE C 221 21.51 17.57 47.79
C PHE C 221 21.19 16.12 48.10
N ASP C 222 19.90 15.81 48.17
CA ASP C 222 19.40 14.45 48.43
C ASP C 222 18.48 13.97 47.32
N VAL C 223 17.28 14.52 47.19
CA VAL C 223 16.37 14.18 46.11
C VAL C 223 16.13 15.44 45.29
N LEU C 224 16.06 15.31 43.96
CA LEU C 224 15.86 16.44 43.06
C LEU C 224 14.62 16.24 42.19
N VAL C 225 13.74 17.25 42.07
CA VAL C 225 12.50 17.07 41.32
C VAL C 225 12.40 18.16 40.26
N MET C 226 12.31 17.75 38.99
CA MET C 226 12.37 18.64 37.82
C MET C 226 11.21 18.39 36.86
N PRO C 227 10.66 19.44 36.26
CA PRO C 227 9.88 19.27 35.04
C PRO C 227 10.77 18.83 33.89
N ASN C 228 10.18 18.14 32.91
CA ASN C 228 10.91 17.84 31.66
C ASN C 228 10.94 19.02 30.67
N LEU C 229 11.13 20.24 31.15
CA LEU C 229 11.44 21.32 30.22
C LEU C 229 12.92 21.35 29.92
N TYR C 230 13.74 21.24 30.97
CA TYR C 230 15.17 21.44 30.93
C TYR C 230 15.93 20.18 30.58
N GLY C 231 15.30 19.28 29.83
CA GLY C 231 15.90 17.99 29.55
C GLY C 231 16.36 17.32 30.83
N ASP C 232 17.26 16.36 30.71
CA ASP C 232 17.77 15.67 31.88
C ASP C 232 19.25 15.95 32.10
N ILE C 233 19.76 17.05 31.53
CA ILE C 233 21.18 17.34 31.68
C ILE C 233 21.62 17.26 33.13
N LEU C 234 20.73 17.53 34.09
CA LEU C 234 21.13 17.45 35.49
C LEU C 234 21.51 16.03 35.86
N SER C 235 20.73 15.05 35.39
CA SER C 235 21.11 13.66 35.59
C SER C 235 22.43 13.35 34.89
N ASP C 236 22.58 13.82 33.65
CA ASP C 236 23.81 13.49 32.93
C ASP C 236 25.03 14.08 33.64
N LEU C 237 24.96 15.35 34.06
CA LEU C 237 26.03 15.93 34.89
C LEU C 237 26.35 15.00 36.04
N CYS C 238 25.33 14.59 36.81
CA CYS C 238 25.63 13.79 37.97
C CYS C 238 26.37 12.52 37.58
N ALA C 239 26.10 11.99 36.38
CA ALA C 239 26.74 10.74 35.95
C ALA C 239 28.27 10.84 35.99
N GLY C 240 28.82 12.05 35.84
CA GLY C 240 30.27 12.20 35.83
C GLY C 240 30.85 12.10 37.24
N LEU C 241 30.12 12.63 38.22
CA LEU C 241 30.46 12.40 39.62
C LEU C 241 30.59 10.90 39.90
N ILE C 242 29.48 10.14 39.73
CA ILE C 242 29.36 8.77 40.22
C ILE C 242 30.55 7.92 39.78
N GLY C 243 30.87 7.95 38.48
CA GLY C 243 32.01 7.23 37.96
C GLY C 243 32.09 7.38 36.45
N GLY C 244 31.04 6.93 35.74
CA GLY C 244 31.02 7.05 34.29
C GLY C 244 29.60 6.98 33.79
N LEU C 245 29.39 7.14 32.48
CA LEU C 245 28.06 6.89 31.94
C LEU C 245 27.70 5.42 32.02
N GLY C 246 28.70 4.55 31.89
CA GLY C 246 28.41 3.13 31.79
C GLY C 246 27.89 2.51 33.08
N VAL C 247 27.93 3.25 34.18
CA VAL C 247 27.65 2.63 35.46
C VAL C 247 26.36 3.18 36.08
N THR C 248 25.56 3.91 35.29
CA THR C 248 24.44 4.63 35.92
C THR C 248 23.09 4.01 35.59
N PRO C 249 22.26 3.75 36.59
CA PRO C 249 20.98 3.10 36.34
C PRO C 249 19.85 4.08 36.15
N SER C 250 18.79 3.60 35.49
CA SER C 250 17.69 4.41 35.00
C SER C 250 16.36 3.94 35.59
N GLY C 251 15.30 4.65 35.20
CA GLY C 251 14.03 4.62 35.91
C GLY C 251 12.79 4.29 35.09
N ASN C 252 11.98 5.31 34.71
CA ASN C 252 10.70 5.14 33.98
C ASN C 252 9.70 4.30 34.78
N ILE C 253 9.41 4.72 36.01
CA ILE C 253 8.40 4.05 36.83
C ILE C 253 7.03 4.50 36.34
N GLY C 254 5.99 4.13 37.07
CA GLY C 254 4.64 4.42 36.64
C GLY C 254 3.68 3.86 37.66
N ALA C 255 2.39 4.05 37.40
CA ALA C 255 1.39 3.63 38.37
C ALA C 255 0.88 2.24 38.05
N ASN C 256 0.32 1.61 39.08
CA ASN C 256 -0.09 0.21 39.02
C ASN C 256 1.11 -0.71 38.80
N GLY C 257 2.22 -0.39 39.49
CA GLY C 257 3.41 -1.21 39.52
C GLY C 257 4.17 -1.33 38.22
N VAL C 258 3.71 -0.69 37.15
CA VAL C 258 4.42 -0.73 35.87
C VAL C 258 5.73 0.01 36.02
N ALA C 259 6.71 -0.34 35.16
CA ALA C 259 8.04 0.27 35.17
C ALA C 259 8.93 -0.33 34.08
N ILE C 260 9.59 0.50 33.28
CA ILE C 260 10.58 0.03 32.32
C ILE C 260 11.96 0.48 32.77
N PHE C 261 12.80 -0.47 33.19
CA PHE C 261 14.15 -0.16 33.66
C PHE C 261 15.14 -0.23 32.49
N GLU C 262 15.59 0.92 32.02
CA GLU C 262 16.61 1.05 31.00
C GLU C 262 17.85 1.63 31.67
N SER C 263 18.71 2.30 30.91
CA SER C 263 20.01 2.70 31.36
C SER C 263 20.37 4.03 30.73
N VAL C 264 21.10 4.88 31.47
CA VAL C 264 21.26 6.25 31.03
C VAL C 264 21.97 6.33 29.69
N HIS C 265 23.00 5.49 29.50
CA HIS C 265 23.82 5.58 28.30
C HIS C 265 23.00 5.27 27.06
N GLY C 266 23.52 5.70 25.91
CA GLY C 266 22.89 5.47 24.62
C GLY C 266 23.46 4.28 23.86
N THR C 267 23.32 4.33 22.52
CA THR C 267 23.74 3.22 21.68
C THR C 267 25.25 3.05 21.64
N ALA C 268 26.00 4.10 21.94
CA ALA C 268 27.46 4.08 22.08
C ALA C 268 28.21 3.77 20.79
N PRO C 269 27.85 4.36 19.65
CA PRO C 269 28.39 3.89 18.37
C PRO C 269 29.89 3.98 18.28
N ASP C 270 30.54 4.74 19.18
CA ASP C 270 31.99 4.75 19.24
C ASP C 270 32.55 3.35 19.45
N ILE C 271 31.81 2.48 20.12
CA ILE C 271 32.31 1.16 20.50
C ILE C 271 31.33 0.06 20.13
N ALA C 272 30.42 0.33 19.19
CA ALA C 272 29.37 -0.64 18.87
C ALA C 272 29.99 -1.92 18.33
N GLY C 273 29.44 -3.05 18.75
CA GLY C 273 29.94 -4.35 18.33
C GLY C 273 31.36 -4.67 18.72
N LYS C 274 32.07 -3.75 19.40
CA LYS C 274 33.48 -3.94 19.76
C LYS C 274 33.67 -4.75 21.03
N ASP C 275 32.59 -5.11 21.73
CA ASP C 275 32.65 -5.85 22.99
C ASP C 275 33.50 -5.16 24.07
N MET C 276 33.67 -3.84 24.01
CA MET C 276 34.30 -3.09 25.08
C MET C 276 33.28 -2.35 25.92
N ALA C 277 32.03 -2.80 25.93
CA ALA C 277 30.92 -2.14 26.60
C ALA C 277 31.06 -2.21 28.13
N ASN C 278 30.23 -1.44 28.84
CA ASN C 278 30.08 -1.69 30.27
C ASN C 278 28.63 -2.03 30.55
N PRO C 279 28.31 -3.27 30.93
CA PRO C 279 26.93 -3.61 31.20
C PRO C 279 26.46 -3.17 32.59
N THR C 280 27.28 -2.46 33.35
CA THR C 280 26.91 -2.14 34.73
C THR C 280 25.65 -1.27 34.78
N ALA C 281 25.44 -0.43 33.78
CA ALA C 281 24.20 0.34 33.68
C ALA C 281 22.97 -0.54 33.62
N LEU C 282 22.85 -1.30 32.53
CA LEU C 282 21.68 -2.13 32.30
C LEU C 282 21.51 -3.09 33.47
N LEU C 283 22.63 -3.65 33.95
CA LEU C 283 22.58 -4.57 35.08
C LEU C 283 22.16 -3.87 36.37
N LEU C 284 22.74 -2.70 36.68
CA LEU C 284 22.34 -2.00 37.91
C LEU C 284 20.97 -1.36 37.75
N SER C 285 20.55 -1.16 36.50
CA SER C 285 19.16 -0.79 36.22
C SER C 285 18.20 -1.96 36.39
N ALA C 286 18.59 -3.14 35.94
CA ALA C 286 17.80 -4.33 36.23
C ALA C 286 17.95 -4.75 37.67
N VAL C 287 18.78 -4.07 38.44
CA VAL C 287 18.86 -4.38 39.86
C VAL C 287 17.77 -3.62 40.60
N MET C 288 17.44 -2.42 40.13
CA MET C 288 16.23 -1.76 40.60
C MET C 288 14.99 -2.61 40.33
N MET C 289 14.99 -3.39 39.22
CA MET C 289 13.86 -4.26 38.91
C MET C 289 13.60 -5.24 40.02
N LEU C 290 14.63 -6.00 40.38
CA LEU C 290 14.47 -6.97 41.45
C LEU C 290 13.95 -6.29 42.69
N ARG C 291 14.54 -5.15 43.06
CA ARG C 291 14.08 -4.42 44.23
C ARG C 291 12.65 -3.88 44.04
N HIS C 292 12.29 -3.48 42.82
CA HIS C 292 10.92 -3.06 42.53
C HIS C 292 9.97 -4.25 42.59
N MET C 293 10.38 -5.39 42.02
CA MET C 293 9.57 -6.59 41.94
C MET C 293 9.44 -7.33 43.27
N GLY C 294 10.04 -6.83 44.35
CA GLY C 294 9.97 -7.54 45.61
C GLY C 294 10.91 -8.71 45.72
N LEU C 295 11.87 -8.85 44.80
CA LEU C 295 12.83 -9.95 44.83
C LEU C 295 14.13 -9.48 45.50
N PHE C 296 14.03 -9.22 46.80
CA PHE C 296 15.08 -8.44 47.47
C PHE C 296 16.38 -9.23 47.64
N ASP C 297 16.31 -10.40 48.29
CA ASP C 297 17.50 -11.23 48.50
C ASP C 297 18.30 -11.41 47.21
N HIS C 298 17.60 -11.53 46.07
CA HIS C 298 18.29 -11.74 44.80
C HIS C 298 18.97 -10.47 44.32
N ALA C 299 18.30 -9.33 44.48
CA ALA C 299 18.92 -8.05 44.16
C ALA C 299 20.31 -7.94 44.77
N ALA C 300 20.37 -7.84 46.11
CA ALA C 300 21.66 -7.65 46.77
C ALA C 300 22.65 -8.76 46.43
N ARG C 301 22.16 -9.96 46.09
CA ARG C 301 23.06 -11.03 45.67
C ARG C 301 23.74 -10.68 44.35
N ILE C 302 22.96 -10.23 43.37
CA ILE C 302 23.52 -9.77 42.10
C ILE C 302 24.26 -8.45 42.29
N GLU C 303 23.62 -7.48 42.95
CA GLU C 303 24.25 -6.18 43.15
C GLU C 303 25.58 -6.34 43.86
N ALA C 304 25.58 -6.88 45.08
CA ALA C 304 26.80 -6.94 45.89
C ALA C 304 27.94 -7.63 45.16
N ALA C 305 27.63 -8.45 44.16
CA ALA C 305 28.68 -9.01 43.33
C ALA C 305 29.32 -7.95 42.44
N CYS C 306 28.48 -7.18 41.72
CA CYS C 306 29.01 -6.18 40.78
C CYS C 306 29.95 -5.19 41.45
N PHE C 307 29.57 -4.66 42.61
CA PHE C 307 30.50 -3.83 43.38
C PHE C 307 31.70 -4.65 43.83
N ALA C 308 31.46 -5.80 44.45
CA ALA C 308 32.59 -6.60 44.91
C ALA C 308 33.46 -7.05 43.75
N THR C 309 32.87 -7.21 42.55
CA THR C 309 33.69 -7.36 41.36
C THR C 309 34.59 -6.16 41.19
N ILE C 310 34.00 -4.96 41.14
CA ILE C 310 34.71 -3.72 40.83
C ILE C 310 35.84 -3.46 41.83
N LYS C 311 35.53 -3.54 43.13
CA LYS C 311 36.47 -3.15 44.18
C LYS C 311 37.76 -3.98 44.18
N ASP C 312 37.83 -5.05 43.38
CA ASP C 312 39.02 -5.89 43.31
C ASP C 312 39.98 -5.43 42.23
N GLY C 313 39.46 -5.08 41.06
CA GLY C 313 40.30 -4.76 39.93
C GLY C 313 40.57 -5.96 39.04
N LYS C 314 41.49 -5.76 38.09
CA LYS C 314 42.00 -6.72 37.12
C LYS C 314 41.00 -6.99 35.99
N SER C 315 39.74 -6.57 36.10
CA SER C 315 38.69 -6.99 35.19
C SER C 315 37.81 -5.86 34.67
N LEU C 316 38.01 -4.62 35.14
CA LEU C 316 37.22 -3.48 34.70
C LEU C 316 37.32 -3.30 33.19
N THR C 317 36.20 -2.97 32.56
CA THR C 317 36.24 -2.81 31.10
C THR C 317 36.96 -1.51 30.74
N LYS C 318 36.95 -1.20 29.42
CA LYS C 318 37.84 -0.19 28.87
C LYS C 318 37.60 1.18 29.48
N ASP C 319 36.34 1.59 29.57
CA ASP C 319 36.01 2.93 30.04
C ASP C 319 36.13 3.10 31.55
N LEU C 320 36.55 2.07 32.29
CA LEU C 320 36.52 2.13 33.75
C LEU C 320 37.90 1.95 34.39
N GLY C 321 38.99 2.00 33.62
CA GLY C 321 40.31 2.02 34.21
C GLY C 321 41.04 0.71 34.16
N GLY C 322 41.11 0.12 32.97
CA GLY C 322 41.79 -1.14 32.80
C GLY C 322 41.48 -1.72 31.44
N ASN C 323 42.26 -2.75 31.09
CA ASN C 323 42.08 -3.52 29.87
C ASN C 323 41.24 -4.73 30.21
N ALA C 324 40.03 -4.79 29.67
CA ALA C 324 39.17 -5.98 29.79
C ALA C 324 37.97 -5.79 28.88
N LYS C 325 37.53 -6.87 28.26
CA LYS C 325 36.39 -6.81 27.37
C LYS C 325 35.11 -7.04 28.15
N CYS C 326 33.97 -6.77 27.49
CA CYS C 326 32.68 -6.88 28.17
C CYS C 326 32.39 -8.30 28.60
N SER C 327 32.94 -9.29 27.87
CA SER C 327 32.84 -10.68 28.30
C SER C 327 33.70 -10.93 29.53
N ASP C 328 34.97 -10.51 29.50
CA ASP C 328 35.87 -10.72 30.61
C ASP C 328 35.28 -10.18 31.91
N PHE C 329 34.69 -8.99 31.84
CA PHE C 329 33.95 -8.41 32.96
C PHE C 329 32.70 -9.23 33.27
N THR C 330 31.86 -9.47 32.26
CA THR C 330 30.54 -10.10 32.45
C THR C 330 30.65 -11.54 32.94
N GLU C 331 31.77 -12.21 32.70
CA GLU C 331 31.96 -13.52 33.29
C GLU C 331 32.48 -13.41 34.73
N GLU C 332 33.50 -12.57 34.96
CA GLU C 332 34.04 -12.45 36.31
C GLU C 332 33.01 -11.96 37.29
N ILE C 333 31.91 -11.37 36.81
CA ILE C 333 30.79 -11.03 37.68
C ILE C 333 29.90 -12.26 37.91
N CYS C 334 29.60 -13.02 36.85
CA CYS C 334 28.83 -14.26 36.97
C CYS C 334 29.44 -15.17 38.03
N ARG C 335 30.76 -15.37 37.94
CA ARG C 335 31.46 -16.21 38.91
C ARG C 335 31.21 -15.74 40.34
N ARG C 336 31.14 -14.42 40.57
CA ARG C 336 31.16 -13.91 41.92
C ARG C 336 29.90 -14.27 42.70
N VAL C 337 28.77 -14.44 42.00
CA VAL C 337 27.49 -14.69 42.66
C VAL C 337 27.46 -16.10 43.25
N LYS C 338 27.52 -17.11 42.36
CA LYS C 338 27.51 -18.51 42.76
C LYS C 338 28.52 -18.82 43.86
N ASP C 339 29.61 -18.06 43.94
CA ASP C 339 30.62 -18.25 44.98
C ASP C 339 30.14 -17.63 46.28
N SER D 14 41.86 59.72 28.30
CA SER D 14 41.92 59.10 26.98
C SER D 14 40.64 58.30 26.63
N PHE D 15 40.33 57.23 27.38
CA PHE D 15 39.50 56.13 26.89
C PHE D 15 38.22 55.90 27.66
N PRO D 16 37.11 56.56 27.28
CA PRO D 16 35.87 56.49 28.08
C PRO D 16 35.18 55.15 27.96
N VAL D 17 34.63 54.66 29.08
CA VAL D 17 34.06 53.32 29.17
C VAL D 17 32.74 53.35 29.93
N THR D 18 31.76 52.59 29.44
CA THR D 18 30.45 52.53 30.04
C THR D 18 30.49 51.59 31.22
N MET D 19 30.10 52.07 32.39
CA MET D 19 30.04 51.23 33.60
C MET D 19 28.59 51.05 34.03
N LEU D 20 28.12 49.82 34.06
CA LEU D 20 26.82 49.60 34.68
C LEU D 20 27.04 48.94 36.03
N PRO D 21 27.17 49.72 37.11
CA PRO D 21 27.41 49.13 38.44
C PRO D 21 26.43 48.03 38.74
N GLY D 22 25.20 48.17 38.31
CA GLY D 22 24.28 47.10 38.55
C GLY D 22 23.85 47.04 40.01
N ASP D 23 23.29 45.90 40.38
CA ASP D 23 22.78 45.65 41.71
C ASP D 23 23.40 44.37 42.24
N GLY D 24 23.10 44.08 43.50
CA GLY D 24 23.73 42.98 44.21
C GLY D 24 24.91 43.52 44.97
N VAL D 25 26.02 42.80 44.95
CA VAL D 25 27.30 43.37 45.39
C VAL D 25 28.09 43.72 44.15
N GLY D 26 27.43 44.41 43.23
CA GLY D 26 28.04 44.91 42.02
C GLY D 26 28.75 46.23 42.25
N PRO D 27 28.04 47.22 42.75
CA PRO D 27 28.72 48.47 43.14
C PRO D 27 29.93 48.21 44.00
N GLU D 28 29.96 47.10 44.71
CA GLU D 28 31.13 46.80 45.53
C GLU D 28 32.26 46.28 44.66
N LEU D 29 31.95 45.51 43.62
CA LEU D 29 33.00 45.05 42.71
C LEU D 29 33.50 46.20 41.85
N MET D 30 32.60 47.01 41.29
CA MET D 30 33.04 48.19 40.54
C MET D 30 33.97 49.04 41.38
N HIS D 31 33.63 49.27 42.66
CA HIS D 31 34.54 50.01 43.52
C HIS D 31 35.95 49.44 43.45
N ALA D 32 36.07 48.15 43.17
CA ALA D 32 37.38 47.53 43.11
C ALA D 32 37.91 47.39 41.69
N VAL D 33 37.08 47.43 40.66
CA VAL D 33 37.74 47.60 39.37
C VAL D 33 38.27 49.02 39.29
N LYS D 34 37.61 50.00 39.89
CA LYS D 34 38.23 51.31 39.75
C LYS D 34 39.43 51.43 40.68
N GLU D 35 39.29 51.05 41.94
CA GLU D 35 40.42 51.28 42.85
C GLU D 35 41.65 50.47 42.46
N VAL D 36 41.49 49.39 41.69
CA VAL D 36 42.64 48.80 41.02
C VAL D 36 43.14 49.74 39.93
N PHE D 37 42.26 50.07 38.97
CA PHE D 37 42.68 50.89 37.84
C PHE D 37 43.32 52.18 38.34
N LYS D 38 42.82 52.69 39.48
CA LYS D 38 43.40 53.88 40.10
C LYS D 38 44.88 53.67 40.35
N ALA D 39 45.19 52.61 41.11
CA ALA D 39 46.59 52.29 41.41
C ALA D 39 47.38 52.00 40.14
N ALA D 40 46.80 51.26 39.21
CA ALA D 40 47.51 51.03 37.96
C ALA D 40 47.55 52.27 37.08
N ALA D 41 46.84 53.34 37.48
CA ALA D 41 46.66 54.55 36.68
C ALA D 41 46.38 54.13 35.26
N VAL D 42 45.17 53.62 35.03
CA VAL D 42 44.76 53.14 33.72
C VAL D 42 44.05 54.29 33.03
N PRO D 43 44.49 54.72 31.85
CA PRO D 43 43.92 55.91 31.21
C PRO D 43 42.49 55.71 30.73
N VAL D 44 41.65 55.22 31.63
CA VAL D 44 40.26 54.92 31.33
C VAL D 44 39.39 55.84 32.16
N GLU D 45 38.28 56.26 31.57
CA GLU D 45 37.36 57.20 32.19
C GLU D 45 35.99 56.53 32.20
N PHE D 46 35.50 56.20 33.39
CA PHE D 46 34.30 55.40 33.53
C PHE D 46 33.08 56.30 33.55
N GLN D 47 32.23 56.19 32.53
CA GLN D 47 30.93 56.87 32.57
C GLN D 47 29.92 55.90 33.19
N GLU D 48 29.51 56.18 34.42
CA GLU D 48 28.58 55.31 35.14
C GLU D 48 27.14 55.66 34.81
N HIS D 49 26.34 54.65 34.53
CA HIS D 49 24.88 54.79 34.49
C HIS D 49 24.33 53.82 35.53
N HIS D 50 23.55 54.37 36.46
CA HIS D 50 23.14 53.65 37.66
C HIS D 50 21.89 52.84 37.46
N LEU D 51 21.66 52.38 36.23
CA LEU D 51 20.43 51.67 35.87
C LEU D 51 20.18 50.52 36.84
N SER D 52 19.02 50.57 37.50
CA SER D 52 18.76 49.67 38.61
C SER D 52 17.27 49.71 38.91
N GLU D 53 16.68 48.55 39.15
CA GLU D 53 15.26 48.49 39.47
C GLU D 53 14.99 48.24 40.95
N VAL D 54 15.73 47.31 41.57
CA VAL D 54 15.60 47.09 43.00
C VAL D 54 15.84 48.38 43.77
N GLN D 55 16.67 49.27 43.24
CA GLN D 55 16.96 50.56 43.87
C GLN D 55 16.02 51.67 43.43
N ASN D 56 15.19 51.43 42.41
CA ASN D 56 14.21 52.41 41.89
C ASN D 56 14.90 53.62 41.25
N MET D 57 15.94 53.35 40.45
CA MET D 57 16.52 54.31 39.51
C MET D 57 16.58 53.67 38.13
N ALA D 58 15.41 53.32 37.62
CA ALA D 58 15.27 52.71 36.30
C ALA D 58 14.04 53.25 35.60
N SER D 59 14.19 53.43 34.29
CA SER D 59 13.11 53.70 33.34
C SER D 59 13.77 53.66 31.96
N GLU D 60 12.95 53.67 30.89
CA GLU D 60 13.56 53.61 29.57
C GLU D 60 14.15 54.95 29.14
N GLU D 61 13.89 56.03 29.86
CA GLU D 61 14.76 57.20 29.75
C GLU D 61 16.20 56.79 30.08
N LYS D 62 16.41 56.18 31.25
CA LYS D 62 17.72 55.74 31.68
C LYS D 62 18.31 54.68 30.76
N LEU D 63 17.52 54.07 29.87
CA LEU D 63 18.08 53.07 28.97
C LEU D 63 18.63 53.68 27.70
N GLU D 64 17.97 54.71 27.16
CA GLU D 64 18.56 55.34 25.98
C GLU D 64 19.86 56.05 26.34
N GLN D 65 19.85 56.85 27.42
CA GLN D 65 21.07 57.48 27.92
C GLN D 65 22.21 56.46 28.00
N VAL D 66 21.91 55.25 28.47
CA VAL D 66 22.90 54.17 28.45
C VAL D 66 23.34 53.86 27.02
N LEU D 67 22.38 53.62 26.11
CA LEU D 67 22.72 53.26 24.74
C LEU D 67 23.43 54.38 24.02
N SER D 68 23.07 55.64 24.32
CA SER D 68 23.88 56.77 23.89
C SER D 68 25.35 56.56 24.25
N SER D 69 25.61 56.23 25.53
CA SER D 69 26.97 55.93 25.97
C SER D 69 27.60 54.81 25.15
N MET D 70 26.81 53.85 24.67
CA MET D 70 27.41 52.77 23.92
C MET D 70 27.74 53.15 22.47
N LYS D 71 26.94 54.00 21.83
CA LYS D 71 27.31 54.49 20.51
C LYS D 71 28.58 55.32 20.56
N GLU D 72 28.81 56.04 21.67
CA GLU D 72 30.05 56.80 21.83
C GLU D 72 31.22 55.89 22.15
N ASN D 73 31.12 55.12 23.25
CA ASN D 73 32.22 54.37 23.82
C ASN D 73 32.41 52.98 23.20
N LYS D 74 31.34 52.34 22.75
CA LYS D 74 31.43 51.06 22.05
C LYS D 74 31.96 49.92 22.91
N VAL D 75 32.24 50.18 24.20
CA VAL D 75 32.67 49.16 25.16
C VAL D 75 32.11 49.48 26.54
N ALA D 76 31.56 48.46 27.21
CA ALA D 76 31.05 48.60 28.57
C ALA D 76 31.52 47.46 29.46
N ILE D 77 31.47 47.67 30.77
CA ILE D 77 31.75 46.64 31.77
C ILE D 77 30.66 46.71 32.82
N ILE D 78 29.85 45.65 32.93
CA ILE D 78 28.62 45.72 33.72
C ILE D 78 28.51 44.57 34.71
N GLY D 79 27.87 44.86 35.83
CA GLY D 79 27.48 43.85 36.79
C GLY D 79 26.23 43.17 36.30
N LYS D 80 25.33 42.80 37.18
CA LYS D 80 24.08 42.15 36.80
C LYS D 80 22.95 43.07 37.21
N ILE D 81 22.11 43.45 36.26
CA ILE D 81 20.95 44.29 36.58
C ILE D 81 19.91 43.38 37.20
N HIS D 82 19.53 43.68 38.45
CA HIS D 82 18.68 42.77 39.21
C HIS D 82 17.24 42.80 38.69
N THR D 83 16.61 41.63 38.74
CA THR D 83 15.30 41.28 38.24
C THR D 83 14.30 41.29 39.39
N PRO D 84 13.22 42.06 39.31
CA PRO D 84 12.26 42.09 40.42
C PRO D 84 11.41 40.83 40.47
N MET D 85 11.95 39.78 41.11
CA MET D 85 11.38 38.44 41.03
C MET D 85 9.92 38.36 41.46
N GLU D 86 9.37 39.40 42.09
CA GLU D 86 8.02 39.34 42.63
C GLU D 86 6.95 39.73 41.60
N TYR D 87 7.14 40.82 40.88
CA TYR D 87 6.10 41.33 40.00
C TYR D 87 6.50 41.29 38.52
N LYS D 88 7.57 40.60 38.17
CA LYS D 88 8.03 40.59 36.78
C LYS D 88 8.82 39.30 36.55
N GLY D 89 9.05 39.00 35.27
CA GLY D 89 9.79 37.81 34.93
C GLY D 89 11.29 38.01 34.94
N GLU D 90 11.92 37.69 33.82
CA GLU D 90 13.27 38.14 33.49
C GLU D 90 13.41 38.49 32.02
N LEU D 91 12.57 37.96 31.15
CA LEU D 91 12.48 38.35 29.76
C LEU D 91 11.93 39.75 29.58
N ALA D 92 11.51 40.40 30.68
CA ALA D 92 11.16 41.80 30.65
C ALA D 92 11.91 42.58 31.73
N SER D 93 12.90 41.95 32.35
CA SER D 93 13.75 42.64 33.32
C SER D 93 14.82 43.45 32.60
N TYR D 94 15.15 44.58 33.18
CA TYR D 94 16.01 45.54 32.49
C TYR D 94 17.37 44.96 32.15
N ASP D 95 17.63 43.71 32.52
CA ASP D 95 18.86 43.07 32.08
C ASP D 95 18.68 42.44 30.72
N MET D 96 17.46 42.05 30.36
CA MET D 96 17.21 41.64 28.98
C MET D 96 16.97 42.86 28.10
N ARG D 97 16.21 43.84 28.57
CA ARG D 97 16.00 45.07 27.82
C ARG D 97 17.33 45.75 27.48
N LEU D 98 18.24 45.80 28.45
CA LEU D 98 19.56 46.33 28.15
C LEU D 98 20.35 45.35 27.32
N ARG D 99 20.03 44.06 27.36
CA ARG D 99 20.79 43.11 26.54
C ARG D 99 20.32 43.14 25.10
N ARG D 100 19.01 43.16 24.89
CA ARG D 100 18.51 43.22 23.53
C ARG D 100 18.58 44.62 22.93
N LYS D 101 18.60 45.67 23.76
CA LYS D 101 18.81 47.02 23.23
C LYS D 101 20.10 47.08 22.43
N LEU D 102 21.24 46.79 23.07
CA LEU D 102 22.54 46.70 22.43
C LEU D 102 22.65 45.57 21.46
N ASP D 103 21.60 44.81 21.15
CA ASP D 103 21.71 43.56 20.40
C ASP D 103 23.01 42.82 20.76
N LEU D 104 23.20 42.49 22.02
CA LEU D 104 24.25 41.56 22.36
C LEU D 104 23.77 40.19 21.93
N PHE D 105 24.53 39.52 21.09
CA PHE D 105 24.13 38.19 20.67
C PHE D 105 25.14 37.13 21.04
N ALA D 106 26.31 37.51 21.51
CA ALA D 106 27.36 36.55 21.81
C ALA D 106 27.63 36.55 23.30
N ASN D 107 27.47 35.40 23.92
CA ASN D 107 27.92 35.16 25.29
C ASN D 107 29.22 34.38 25.20
N VAL D 108 30.29 34.92 25.76
CA VAL D 108 31.54 34.20 25.88
C VAL D 108 31.91 34.12 27.35
N VAL D 109 32.13 32.91 27.84
CA VAL D 109 32.57 32.68 29.21
C VAL D 109 33.91 31.95 29.14
N HIS D 110 34.97 32.58 29.66
CA HIS D 110 36.29 31.97 29.76
C HIS D 110 36.35 31.04 30.96
N VAL D 111 36.57 29.76 30.71
CA VAL D 111 36.71 28.78 31.79
C VAL D 111 38.17 28.35 31.82
N LYS D 112 38.96 28.99 32.69
CA LYS D 112 40.41 28.77 32.79
C LYS D 112 40.78 28.85 34.25
N SER D 113 41.23 27.73 34.81
CA SER D 113 41.65 27.73 36.21
C SER D 113 42.74 28.77 36.45
N LEU D 114 42.77 29.28 37.67
CA LEU D 114 43.91 30.07 38.09
C LEU D 114 44.83 29.17 38.90
N PRO D 115 46.10 29.05 38.51
CA PRO D 115 47.00 28.16 39.22
C PRO D 115 47.13 28.64 40.65
N GLY D 116 46.99 27.70 41.59
CA GLY D 116 47.01 28.01 42.99
C GLY D 116 45.67 27.97 43.68
N TYR D 117 44.57 28.10 42.94
CA TYR D 117 43.25 27.91 43.52
C TYR D 117 42.79 26.49 43.18
N MET D 118 43.50 25.52 43.76
CA MET D 118 43.29 24.12 43.44
C MET D 118 41.81 23.78 43.58
N THR D 119 41.26 23.17 42.54
CA THR D 119 39.91 22.61 42.56
C THR D 119 39.97 21.20 42.05
N ARG D 120 38.80 20.58 41.92
CA ARG D 120 38.77 19.22 41.43
C ARG D 120 39.23 19.14 39.98
N HIS D 121 39.27 20.27 39.28
CA HIS D 121 39.64 20.28 37.86
C HIS D 121 40.65 21.40 37.63
N ASN D 122 41.87 21.06 37.26
CA ASN D 122 42.97 22.01 37.20
C ASN D 122 43.68 21.95 35.86
N ASN D 123 44.39 23.04 35.55
CA ASN D 123 45.13 23.16 34.30
C ASN D 123 44.18 23.00 33.12
N LEU D 124 43.07 23.73 33.20
CA LEU D 124 41.94 23.60 32.29
C LEU D 124 41.67 24.96 31.65
N ASP D 125 41.60 24.99 30.33
CA ASP D 125 41.45 26.24 29.57
C ASP D 125 40.40 25.98 28.51
N LEU D 126 39.32 26.76 28.52
CA LEU D 126 38.10 26.37 27.82
C LEU D 126 37.20 27.59 27.65
N VAL D 127 36.61 27.75 26.46
CA VAL D 127 35.83 28.95 26.15
C VAL D 127 34.44 28.56 25.63
N ILE D 128 33.41 29.07 26.28
CA ILE D 128 32.02 28.62 26.09
C ILE D 128 31.26 29.72 25.36
N ILE D 129 30.84 29.43 24.14
CA ILE D 129 30.16 30.38 23.27
C ILE D 129 28.71 29.94 23.11
N ARG D 130 27.77 30.81 23.46
CA ARG D 130 26.38 30.45 23.25
C ARG D 130 25.58 31.64 22.72
N GLU D 131 24.63 31.32 21.84
CA GLU D 131 23.75 32.31 21.23
C GLU D 131 22.85 32.91 22.30
N GLN D 132 22.64 34.23 22.24
CA GLN D 132 22.05 34.95 23.37
C GLN D 132 20.76 35.71 23.07
N THR D 133 20.10 35.51 21.92
CA THR D 133 18.89 36.28 21.63
C THR D 133 17.60 35.48 21.44
N GLU D 134 17.68 34.15 21.28
CA GLU D 134 16.51 33.30 21.11
C GLU D 134 16.51 32.18 22.14
N GLY D 135 15.98 31.01 21.78
CA GLY D 135 15.96 29.88 22.70
C GLY D 135 15.14 30.15 23.94
N GLU D 136 15.66 29.70 25.09
CA GLU D 136 14.99 29.92 26.37
C GLU D 136 14.63 31.39 26.59
N TYR D 137 15.41 32.32 26.01
CA TYR D 137 15.15 33.75 26.12
C TYR D 137 14.04 34.24 25.21
N SER D 138 13.53 33.39 24.32
CA SER D 138 12.43 33.69 23.40
C SER D 138 11.10 33.14 23.89
N SER D 139 10.98 32.83 25.18
CA SER D 139 9.81 32.13 25.70
C SER D 139 8.58 33.02 25.61
N LEU D 140 7.56 32.52 24.95
CA LEU D 140 6.22 33.09 24.97
C LEU D 140 5.33 32.04 25.59
N GLU D 141 4.63 32.41 26.66
CA GLU D 141 3.84 31.46 27.44
C GLU D 141 2.37 31.85 27.42
N HIS D 142 1.50 30.89 27.12
CA HIS D 142 0.08 31.17 27.12
C HIS D 142 -0.68 29.97 27.67
N GLU D 143 -1.77 30.27 28.38
CA GLU D 143 -2.57 29.27 29.09
C GLU D 143 -3.75 28.85 28.22
N SER D 144 -3.86 27.55 27.93
CA SER D 144 -5.01 26.95 27.28
C SER D 144 -5.92 26.31 28.33
N ALA D 145 -7.21 26.67 28.30
CA ALA D 145 -8.20 26.15 29.26
C ALA D 145 -7.71 26.20 30.71
N ARG D 146 -7.53 25.04 31.34
CA ARG D 146 -7.24 25.00 32.76
C ARG D 146 -5.74 24.94 33.04
N GLY D 147 -5.29 23.84 33.61
CA GLY D 147 -3.92 23.77 34.06
C GLY D 147 -2.93 23.56 32.94
N VAL D 148 -3.31 23.81 31.70
CA VAL D 148 -2.41 23.61 30.57
C VAL D 148 -1.67 24.92 30.29
N ILE D 149 -0.37 24.95 30.61
CA ILE D 149 0.54 26.04 30.28
C ILE D 149 1.34 25.67 29.06
N GLU D 150 1.59 26.65 28.20
CA GLU D 150 2.25 26.43 26.92
C GLU D 150 3.28 27.53 26.70
N CYS D 151 4.53 27.14 26.50
CA CYS D 151 5.56 28.04 26.00
C CYS D 151 5.99 27.59 24.61
N LEU D 152 6.09 28.57 23.71
CA LEU D 152 6.53 28.36 22.33
C LEU D 152 7.85 29.09 22.15
N LYS D 153 8.76 28.49 21.39
CA LYS D 153 10.10 29.05 21.21
C LYS D 153 10.47 29.10 19.73
N ILE D 154 11.52 29.86 19.44
CA ILE D 154 11.94 30.12 18.07
C ILE D 154 13.41 29.76 17.91
N VAL D 155 13.76 29.27 16.72
CA VAL D 155 15.13 28.95 16.34
C VAL D 155 15.29 29.34 14.87
N THR D 156 15.99 30.44 14.62
CA THR D 156 16.14 30.92 13.25
C THR D 156 17.37 30.32 12.57
N ARG D 157 17.56 30.65 11.30
CA ARG D 157 18.86 30.49 10.69
C ARG D 157 19.66 31.77 10.72
N ALA D 158 18.96 32.89 10.73
CA ALA D 158 19.62 34.19 10.63
C ALA D 158 20.55 34.47 11.80
N LYS D 159 20.36 33.78 12.93
CA LYS D 159 21.16 34.04 14.11
C LYS D 159 21.89 32.81 14.61
N SER D 160 21.85 31.71 13.88
CA SER D 160 22.79 30.64 14.11
C SER D 160 23.99 30.76 13.21
N GLN D 161 23.84 31.38 12.05
CA GLN D 161 25.04 31.72 11.29
C GLN D 161 25.75 32.92 11.91
N ARG D 162 24.99 33.90 12.40
CA ARG D 162 25.60 34.99 13.14
C ARG D 162 26.49 34.49 14.29
N ILE D 163 26.20 33.30 14.86
CA ILE D 163 26.94 32.80 16.03
C ILE D 163 27.94 31.71 15.64
N ALA D 164 27.63 30.89 14.66
CA ALA D 164 28.64 29.91 14.30
C ALA D 164 29.81 30.60 13.60
N LYS D 165 29.55 31.69 12.89
CA LYS D 165 30.66 32.51 12.43
C LYS D 165 31.42 33.11 13.61
N PHE D 166 30.70 33.58 14.63
CA PHE D 166 31.34 34.11 15.83
C PHE D 166 32.12 33.01 16.56
N ALA D 167 31.59 31.80 16.57
CA ALA D 167 32.32 30.69 17.18
C ALA D 167 33.64 30.47 16.46
N PHE D 168 33.65 30.64 15.14
CA PHE D 168 34.89 30.38 14.44
C PHE D 168 35.76 31.61 14.37
N ASP D 169 35.16 32.76 14.12
CA ASP D 169 35.95 33.98 14.16
C ASP D 169 36.62 34.19 15.51
N TYR D 170 36.24 33.42 16.54
CA TYR D 170 36.90 33.54 17.83
C TYR D 170 38.03 32.56 18.01
N ALA D 171 37.96 31.41 17.34
CA ALA D 171 38.98 30.38 17.47
C ALA D 171 40.20 30.65 16.57
N THR D 172 40.00 31.35 15.45
CA THR D 172 41.13 31.93 14.76
C THR D 172 41.71 33.09 15.57
N LYS D 173 40.89 34.11 15.84
CA LYS D 173 41.37 35.36 16.41
C LYS D 173 42.05 35.16 17.76
N LYS D 174 41.74 34.06 18.48
CA LYS D 174 42.32 33.87 19.81
C LYS D 174 43.37 32.76 19.89
N GLY D 175 43.33 31.76 19.01
CA GLY D 175 44.45 30.84 18.91
C GLY D 175 44.03 29.39 19.03
N ARG D 176 42.73 29.17 18.97
CA ARG D 176 42.13 27.93 19.39
C ARG D 176 42.05 26.93 18.25
N GLY D 177 41.89 25.65 18.61
CA GLY D 177 41.94 24.59 17.62
C GLY D 177 40.59 24.02 17.25
N LYS D 178 39.96 23.32 18.19
CA LYS D 178 38.68 22.66 17.95
C LYS D 178 37.54 23.63 18.21
N VAL D 179 36.41 23.37 17.55
CA VAL D 179 35.12 23.99 17.88
C VAL D 179 34.09 22.87 17.90
N THR D 180 33.64 22.47 19.08
CA THR D 180 32.71 21.37 19.22
C THR D 180 31.32 21.94 19.40
N ALA D 181 30.45 21.69 18.43
CA ALA D 181 29.10 22.25 18.42
C ALA D 181 28.17 21.32 19.18
N VAL D 182 27.55 21.83 20.23
CA VAL D 182 26.79 21.03 21.19
C VAL D 182 25.32 21.32 21.00
N HIS D 183 24.56 20.30 20.63
CA HIS D 183 23.26 20.43 19.97
C HIS D 183 22.34 19.36 20.50
N LYS D 184 21.04 19.54 20.28
CA LYS D 184 20.13 18.44 20.59
C LYS D 184 19.35 18.01 19.34
N ALA D 185 20.05 17.87 18.21
CA ALA D 185 19.43 17.44 16.95
C ALA D 185 18.88 16.03 17.03
N ASN D 186 19.17 15.26 18.08
CA ASN D 186 18.69 13.89 18.12
C ASN D 186 17.20 13.84 18.43
N ILE D 187 16.71 14.65 19.37
CA ILE D 187 15.29 14.69 19.64
C ILE D 187 14.62 15.97 19.12
N MET D 188 15.33 17.09 19.02
CA MET D 188 14.72 18.30 18.46
C MET D 188 15.18 18.50 17.02
N LYS D 189 14.75 17.56 16.16
CA LYS D 189 15.30 17.47 14.81
C LYS D 189 15.17 18.78 14.07
N LEU D 190 13.99 19.38 14.10
CA LEU D 190 13.73 20.51 13.22
C LEU D 190 14.39 21.79 13.73
N GLY D 191 14.19 22.10 15.02
CA GLY D 191 14.78 23.30 15.58
C GLY D 191 16.31 23.33 15.57
N ASP D 192 16.91 22.27 16.14
CA ASP D 192 18.35 22.24 16.39
C ASP D 192 19.14 21.67 15.23
N GLY D 193 18.56 20.76 14.44
CA GLY D 193 19.25 20.32 13.24
C GLY D 193 19.63 21.49 12.35
N LEU D 194 18.67 22.39 12.13
CA LEU D 194 18.91 23.68 11.50
C LEU D 194 20.20 24.32 12.00
N PHE D 195 20.38 24.29 13.34
CA PHE D 195 21.57 24.86 13.97
C PHE D 195 22.82 24.08 13.58
N LEU D 196 22.75 22.76 13.63
CA LEU D 196 23.87 21.96 13.14
C LEU D 196 24.10 22.19 11.66
N GLN D 197 23.02 22.39 10.90
CA GLN D 197 23.19 22.72 9.49
C GLN D 197 24.00 23.99 9.32
N CYS D 198 23.71 24.99 10.15
CA CYS D 198 24.52 26.21 10.12
C CYS D 198 25.94 25.94 10.60
N CYS D 199 26.08 25.23 11.72
CA CYS D 199 27.41 24.93 12.24
C CYS D 199 28.27 24.26 11.18
N GLU D 200 27.71 23.24 10.53
CA GLU D 200 28.53 22.49 9.57
C GLU D 200 28.78 23.29 8.32
N GLU D 201 27.81 24.14 7.92
CA GLU D 201 28.02 25.07 6.82
C GLU D 201 29.29 25.90 7.04
N VAL D 202 29.32 26.64 8.15
CA VAL D 202 30.44 27.54 8.44
C VAL D 202 31.74 26.82 8.77
N ALA D 203 31.71 25.50 8.98
CA ALA D 203 32.88 24.78 9.48
C ALA D 203 33.78 24.25 8.36
N GLU D 204 33.28 24.15 7.13
CA GLU D 204 34.19 23.99 5.99
C GLU D 204 34.77 25.32 5.56
N LEU D 205 34.13 26.42 5.93
CA LEU D 205 34.66 27.75 5.68
C LEU D 205 35.93 28.02 6.46
N TYR D 206 36.30 27.15 7.40
CA TYR D 206 37.49 27.32 8.22
C TYR D 206 38.28 26.01 8.31
N PRO D 207 38.86 25.54 7.18
CA PRO D 207 39.55 24.24 7.21
C PRO D 207 40.87 24.30 7.93
N LYS D 208 41.09 25.40 8.67
CA LYS D 208 42.21 25.54 9.58
C LYS D 208 41.86 25.19 11.00
N ILE D 209 40.60 24.81 11.26
CA ILE D 209 40.04 24.65 12.60
C ILE D 209 39.28 23.33 12.66
N LYS D 210 39.61 22.49 13.65
CA LYS D 210 38.87 21.24 13.80
C LYS D 210 37.44 21.54 14.23
N PHE D 211 36.52 20.65 13.84
CA PHE D 211 35.12 20.82 14.17
C PHE D 211 34.49 19.45 14.33
N GLU D 212 33.70 19.26 15.38
CA GLU D 212 32.94 18.02 15.52
C GLU D 212 31.74 18.30 16.39
N THR D 213 30.68 17.53 16.21
CA THR D 213 29.51 17.83 17.01
C THR D 213 29.48 16.95 18.24
N MET D 214 28.53 17.24 19.12
CA MET D 214 28.31 16.38 20.26
C MET D 214 26.94 16.68 20.81
N ILE D 215 26.21 15.61 21.18
CA ILE D 215 24.92 15.76 21.84
C ILE D 215 25.10 16.46 23.17
N ILE D 216 24.07 17.20 23.61
CA ILE D 216 24.17 18.03 24.80
C ILE D 216 24.11 17.19 26.07
N ASP D 217 23.31 16.13 26.08
CA ASP D 217 23.31 15.22 27.21
C ASP D 217 24.72 14.75 27.49
N ASN D 218 25.33 14.13 26.49
CA ASN D 218 26.66 13.55 26.67
C ASN D 218 27.69 14.62 27.01
N CYS D 219 27.51 15.85 26.51
CA CYS D 219 28.50 16.90 26.71
C CYS D 219 28.44 17.57 28.09
N CYS D 220 27.42 17.33 28.91
CA CYS D 220 27.47 17.80 30.28
C CYS D 220 28.13 16.76 31.15
N MET D 221 28.00 15.50 30.77
CA MET D 221 28.70 14.45 31.49
C MET D 221 30.19 14.50 31.21
N GLN D 222 30.57 14.92 29.99
CA GLN D 222 31.99 15.03 29.73
C GLN D 222 32.56 16.27 30.39
N LEU D 223 31.84 17.39 30.32
CA LEU D 223 32.32 18.60 30.97
C LEU D 223 32.52 18.43 32.46
N VAL D 224 32.08 17.33 33.08
CA VAL D 224 32.44 17.11 34.48
C VAL D 224 33.47 16.00 34.57
N GLN D 225 33.39 15.00 33.67
CA GLN D 225 34.18 13.80 33.84
C GLN D 225 35.60 13.97 33.31
N ASN D 226 35.76 14.59 32.15
CA ASN D 226 37.04 15.22 31.84
C ASN D 226 36.80 16.31 30.80
N PRO D 227 36.62 17.54 31.26
CA PRO D 227 36.34 18.65 30.34
C PRO D 227 37.58 19.12 29.60
N TYR D 228 38.69 18.40 29.76
CA TYR D 228 39.95 18.79 29.14
C TYR D 228 39.91 18.66 27.63
N GLN D 229 39.01 17.85 27.10
CA GLN D 229 39.04 17.54 25.68
C GLN D 229 38.61 18.70 24.81
N PHE D 230 38.12 19.81 25.36
CA PHE D 230 37.40 20.79 24.55
C PHE D 230 38.20 22.08 24.38
N ASP D 231 38.01 22.75 23.24
CA ASP D 231 38.50 24.12 23.15
C ASP D 231 37.34 25.12 23.19
N VAL D 232 36.75 25.39 22.03
CA VAL D 232 35.73 26.43 21.87
C VAL D 232 34.38 25.74 21.72
N LEU D 233 33.62 25.68 22.81
CA LEU D 233 32.31 25.09 22.72
C LEU D 233 31.33 26.12 22.19
N VAL D 234 30.59 25.75 21.15
CA VAL D 234 29.51 26.58 20.62
C VAL D 234 28.22 25.83 20.78
N MET D 235 27.18 26.51 21.27
CA MET D 235 25.92 25.86 21.57
C MET D 235 24.80 26.90 21.50
N PRO D 236 23.64 26.52 21.01
CA PRO D 236 22.53 27.46 20.93
C PRO D 236 21.87 27.61 22.29
N ASN D 237 21.08 28.67 22.42
CA ASN D 237 20.55 29.00 23.71
C ASN D 237 19.50 28.02 24.14
N LEU D 238 19.82 26.73 24.06
CA LEU D 238 18.99 25.72 24.70
C LEU D 238 19.23 25.74 26.21
N TYR D 239 18.14 25.61 26.96
CA TYR D 239 18.21 25.42 28.41
C TYR D 239 18.64 26.69 29.14
N GLY D 240 19.18 27.66 28.41
CA GLY D 240 19.64 28.89 29.01
C GLY D 240 21.12 28.81 29.21
N ASN D 241 21.60 29.40 30.30
CA ASN D 241 23.01 29.49 30.64
C ASN D 241 23.46 28.33 31.52
N ILE D 242 22.91 27.14 31.32
CA ILE D 242 23.18 26.04 32.24
C ILE D 242 24.61 25.55 32.10
N ILE D 243 25.08 25.42 30.86
CA ILE D 243 26.43 24.93 30.66
C ILE D 243 27.45 25.94 31.17
N ASP D 244 27.20 27.24 30.93
CA ASP D 244 28.11 28.26 31.42
C ASP D 244 28.31 28.11 32.93
N ASN D 245 27.23 27.93 33.68
CA ASN D 245 27.38 27.71 35.13
C ASN D 245 28.06 26.37 35.44
N LEU D 246 27.61 25.28 34.82
CA LEU D 246 28.27 24.00 35.02
C LEU D 246 29.77 24.13 34.83
N ALA D 247 30.22 24.75 33.73
CA ALA D 247 31.67 24.81 33.53
C ALA D 247 32.30 25.76 34.53
N ALA D 248 31.60 26.83 34.86
CA ALA D 248 32.16 27.81 35.78
C ALA D 248 32.33 27.22 37.17
N GLY D 249 31.85 26.01 37.41
CA GLY D 249 32.12 25.43 38.69
C GLY D 249 33.34 24.57 38.67
N LEU D 250 33.85 24.31 37.48
CA LEU D 250 35.04 23.51 37.42
C LEU D 250 36.21 24.28 38.00
N VAL D 251 36.16 25.59 37.91
CA VAL D 251 37.35 26.41 38.07
C VAL D 251 37.40 27.17 39.40
N GLY D 252 36.30 27.31 40.11
CA GLY D 252 36.37 28.01 41.37
C GLY D 252 34.99 28.53 41.70
N GLY D 253 34.25 28.84 40.65
CA GLY D 253 32.88 29.28 40.74
C GLY D 253 32.68 30.69 40.21
N ALA D 254 31.53 31.25 40.57
CA ALA D 254 31.10 32.58 40.16
C ALA D 254 32.05 33.67 40.62
N GLY D 255 32.82 33.42 41.68
CA GLY D 255 33.66 34.47 42.21
C GLY D 255 34.95 34.72 41.44
N VAL D 256 35.25 33.95 40.40
CA VAL D 256 36.50 34.15 39.68
C VAL D 256 36.29 34.20 38.17
N VAL D 257 35.27 33.53 37.67
CA VAL D 257 35.18 33.21 36.26
C VAL D 257 34.55 34.35 35.43
N PRO D 258 35.29 35.02 34.55
CA PRO D 258 34.75 36.19 33.84
C PRO D 258 34.11 35.96 32.49
N GLY D 259 33.33 36.93 32.09
CA GLY D 259 32.65 36.85 30.81
C GLY D 259 32.57 38.20 30.13
N GLU D 260 32.49 38.12 28.81
CA GLU D 260 32.19 39.23 27.95
C GLU D 260 30.86 38.97 27.26
N SER D 261 30.32 40.02 26.66
CA SER D 261 29.09 39.92 25.86
C SER D 261 29.27 40.80 24.64
N TYR D 262 29.39 40.19 23.47
CA TYR D 262 29.80 40.85 22.23
C TYR D 262 28.61 41.11 21.32
N SER D 263 28.64 42.25 20.65
CA SER D 263 27.69 42.57 19.59
C SER D 263 28.47 42.81 18.29
N ALA D 264 27.73 43.12 17.22
CA ALA D 264 28.41 43.47 15.98
C ALA D 264 29.40 44.60 16.20
N GLU D 265 29.02 45.60 16.97
CA GLU D 265 29.85 46.78 17.16
C GLU D 265 30.15 47.10 18.62
N TYR D 266 29.64 46.32 19.56
CA TYR D 266 29.83 46.63 20.97
C TYR D 266 30.70 45.57 21.61
N ALA D 267 30.80 45.63 22.94
CA ALA D 267 31.48 44.63 23.77
C ALA D 267 31.19 44.94 25.24
N VAL D 268 30.31 44.16 25.86
CA VAL D 268 30.02 44.29 27.28
C VAL D 268 30.81 43.22 28.01
N PHE D 269 31.55 43.62 29.01
CA PHE D 269 32.34 42.70 29.81
C PHE D 269 31.74 42.58 31.20
N GLU D 270 31.67 41.36 31.73
CA GLU D 270 30.85 41.03 32.90
C GLU D 270 31.47 39.82 33.59
N THR D 271 30.70 39.18 34.49
CA THR D 271 31.08 37.95 35.16
C THR D 271 30.61 36.76 34.34
N GLY D 272 31.21 35.60 34.59
CA GLY D 272 30.88 34.38 33.87
C GLY D 272 29.63 33.61 34.28
N ALA D 273 29.31 33.56 35.57
CA ALA D 273 28.13 32.84 36.03
C ALA D 273 27.18 33.82 36.71
N ARG D 274 26.21 34.30 35.94
CA ARG D 274 25.17 35.19 36.46
C ARG D 274 23.95 34.44 36.94
N HIS D 275 24.09 33.31 37.64
CA HIS D 275 22.93 32.59 38.20
C HIS D 275 22.29 33.38 39.34
N PRO D 276 20.97 33.37 39.45
CA PRO D 276 20.33 34.01 40.62
C PRO D 276 21.02 33.57 41.89
N PHE D 277 21.43 34.55 42.72
CA PHE D 277 22.30 34.34 43.88
C PHE D 277 23.71 33.87 43.50
N ALA D 278 24.55 34.76 42.96
CA ALA D 278 25.88 34.44 42.48
C ALA D 278 26.97 34.72 43.50
N GLN D 279 26.84 35.83 44.22
CA GLN D 279 27.65 36.13 45.37
C GLN D 279 26.76 36.94 46.31
N ALA D 280 25.60 36.41 46.67
CA ALA D 280 24.73 37.09 47.62
C ALA D 280 25.35 37.12 49.01
N VAL D 281 26.43 37.89 49.18
CA VAL D 281 27.02 38.15 50.47
C VAL D 281 26.80 39.61 50.82
N GLY D 282 27.15 39.98 52.04
CA GLY D 282 26.89 41.32 52.53
C GLY D 282 28.00 42.28 52.22
N ARG D 283 28.03 43.37 53.00
CA ARG D 283 29.09 44.36 52.75
C ARG D 283 30.38 43.57 52.94
N ASN D 284 31.32 43.73 51.99
CA ASN D 284 32.64 43.06 51.98
C ASN D 284 32.45 41.57 51.71
N ILE D 285 33.51 40.78 51.93
CA ILE D 285 33.50 39.29 51.80
C ILE D 285 33.06 38.82 50.41
N ALA D 286 33.30 39.59 49.36
CA ALA D 286 32.83 39.21 48.01
C ALA D 286 34.06 39.19 47.13
N ASN D 287 34.15 38.21 46.25
CA ASN D 287 35.40 38.15 45.53
C ASN D 287 35.39 39.07 44.33
N PRO D 288 36.43 39.89 44.16
CA PRO D 288 36.56 40.71 42.95
C PRO D 288 37.39 40.06 41.85
N THR D 289 37.77 38.78 41.95
CA THR D 289 38.60 38.23 40.88
C THR D 289 37.83 38.19 39.56
N ALA D 290 36.56 37.81 39.61
CA ALA D 290 35.76 37.73 38.39
C ALA D 290 35.79 39.04 37.62
N MET D 291 35.31 40.11 38.23
CA MET D 291 35.30 41.41 37.58
C MET D 291 36.66 41.77 37.00
N LEU D 292 37.75 41.50 37.76
CA LEU D 292 39.08 42.01 37.44
C LEU D 292 39.71 41.27 36.26
N LEU D 293 39.81 39.94 36.34
CA LEU D 293 40.12 39.13 35.17
C LEU D 293 39.29 39.55 33.96
N SER D 294 38.03 39.92 34.18
CA SER D 294 37.20 40.45 33.10
C SER D 294 37.65 41.84 32.69
N ALA D 295 37.74 42.76 33.67
CA ALA D 295 38.16 44.12 33.40
C ALA D 295 39.51 44.19 32.72
N SER D 296 40.31 43.14 32.81
CA SER D 296 41.56 43.13 32.08
C SER D 296 41.33 42.71 30.63
N ASN D 297 40.64 41.58 30.41
CA ASN D 297 40.27 41.21 29.06
C ASN D 297 39.55 42.35 28.32
N MET D 298 39.05 43.37 29.04
CA MET D 298 38.51 44.56 28.40
C MET D 298 39.61 45.55 28.06
N LEU D 299 40.60 45.72 28.94
CA LEU D 299 41.73 46.58 28.59
C LEU D 299 42.55 45.98 27.46
N ARG D 300 42.50 44.65 27.25
CA ARG D 300 43.04 44.09 26.00
C ARG D 300 42.10 44.33 24.83
N HIS D 301 40.80 44.36 25.09
CA HIS D 301 39.92 44.79 24.02
C HIS D 301 40.07 46.28 23.76
N LEU D 302 40.53 47.05 24.74
CA LEU D 302 40.69 48.49 24.56
C LEU D 302 42.06 48.88 24.02
N ASN D 303 42.88 47.89 23.66
CA ASN D 303 44.28 48.10 23.30
C ASN D 303 45.04 48.92 24.34
N LEU D 304 44.71 48.68 25.60
CA LEU D 304 45.52 49.13 26.73
C LEU D 304 46.38 48.00 27.27
N GLU D 305 46.97 47.19 26.39
CA GLU D 305 47.50 45.89 26.79
C GLU D 305 48.75 45.99 27.65
N TYR D 306 49.21 47.19 27.98
CA TYR D 306 50.23 47.24 29.02
C TYR D 306 49.62 46.92 30.38
N HIS D 307 48.50 47.59 30.72
CA HIS D 307 47.82 47.38 32.00
C HIS D 307 46.89 46.16 31.98
N SER D 308 46.37 45.76 30.82
CA SER D 308 45.72 44.45 30.77
C SER D 308 46.74 43.35 31.05
N SER D 309 47.96 43.49 30.50
CA SER D 309 49.03 42.54 30.76
C SER D 309 49.32 42.43 32.25
N MET D 310 49.07 43.50 33.01
CA MET D 310 49.59 43.63 34.37
C MET D 310 48.52 43.63 35.46
N ILE D 311 47.31 44.15 35.22
CA ILE D 311 46.21 43.86 36.14
C ILE D 311 45.96 42.36 36.18
N ALA D 312 46.05 41.72 35.01
CA ALA D 312 45.79 40.30 34.90
C ALA D 312 46.92 39.44 35.46
N ASP D 313 48.18 39.75 35.13
CA ASP D 313 49.30 38.99 35.72
C ASP D 313 49.31 39.10 37.23
N ALA D 314 48.84 40.23 37.77
CA ALA D 314 48.78 40.43 39.21
C ALA D 314 47.81 39.47 39.87
N VAL D 315 46.51 39.65 39.65
CA VAL D 315 45.49 38.89 40.40
C VAL D 315 45.70 37.39 40.29
N LYS D 316 46.18 36.91 39.15
CA LYS D 316 46.63 35.53 39.08
C LYS D 316 47.68 35.26 40.15
N LYS D 317 48.63 36.18 40.31
CA LYS D 317 49.74 35.96 41.23
C LYS D 317 49.33 36.21 42.69
N VAL D 318 48.39 37.14 42.94
CA VAL D 318 47.98 37.39 44.32
C VAL D 318 47.30 36.18 44.90
N ILE D 319 46.54 35.44 44.08
CA ILE D 319 45.89 34.23 44.56
C ILE D 319 46.77 33.00 44.42
N LYS D 320 47.99 33.12 43.88
CA LYS D 320 48.92 32.01 43.96
C LYS D 320 49.73 32.06 45.25
N VAL D 321 50.49 33.13 45.47
CA VAL D 321 51.32 33.27 46.66
C VAL D 321 50.46 32.93 47.88
N GLY D 322 49.14 33.15 47.76
CA GLY D 322 48.20 32.60 48.71
C GLY D 322 48.12 33.31 50.04
N LYS D 323 48.64 34.53 50.15
CA LYS D 323 48.55 35.21 51.43
C LYS D 323 47.10 35.62 51.70
N VAL D 324 46.57 36.55 50.90
CA VAL D 324 45.18 36.95 51.06
C VAL D 324 44.31 36.18 50.08
N ARG D 325 43.29 35.52 50.62
CA ARG D 325 42.19 34.98 49.85
C ARG D 325 40.92 35.27 50.62
N THR D 326 39.84 35.41 49.85
CA THR D 326 38.48 35.77 50.30
C THR D 326 37.67 34.55 50.70
N SER D 327 36.42 34.78 51.09
CA SER D 327 35.53 33.68 51.46
C SER D 327 35.74 32.44 50.58
N ASP D 328 35.53 32.59 49.26
CA ASP D 328 35.49 31.44 48.36
C ASP D 328 36.71 30.57 48.52
N MET D 329 37.89 31.13 48.29
CA MET D 329 39.11 30.36 48.03
C MET D 329 39.78 29.82 49.31
N GLY D 330 38.99 29.21 50.20
CA GLY D 330 39.52 28.60 51.41
C GLY D 330 40.35 29.56 52.24
N GLY D 331 39.86 30.80 52.37
CA GLY D 331 40.49 31.84 53.15
C GLY D 331 39.41 32.68 53.78
N TYR D 332 39.83 33.74 54.45
CA TYR D 332 38.88 34.53 55.25
C TYR D 332 39.28 36.02 55.27
N ALA D 333 39.51 36.62 54.11
CA ALA D 333 39.74 38.04 54.03
C ALA D 333 38.49 38.79 53.57
N THR D 334 38.46 40.09 53.84
CA THR D 334 37.35 40.88 53.35
C THR D 334 37.54 41.20 51.85
N CYS D 335 36.55 41.87 51.26
CA CYS D 335 36.69 42.39 49.91
C CYS D 335 37.66 43.55 49.87
N HIS D 336 37.57 44.45 50.85
CA HIS D 336 38.55 45.52 50.93
C HIS D 336 39.95 44.95 51.09
N ASP D 337 40.13 43.94 51.95
CA ASP D 337 41.44 43.35 52.13
C ASP D 337 41.99 42.75 50.84
N PHE D 338 41.15 42.00 50.09
CA PHE D 338 41.65 41.31 48.89
C PHE D 338 41.95 42.26 47.75
N THR D 339 41.17 43.32 47.56
CA THR D 339 41.49 44.27 46.50
C THR D 339 42.69 45.13 46.88
N GLU D 340 42.77 45.48 48.17
CA GLU D 340 43.90 46.24 48.69
C GLU D 340 45.22 45.53 48.44
N GLU D 341 45.23 44.20 48.52
CA GLU D 341 46.48 43.49 48.25
C GLU D 341 46.79 43.46 46.75
N ILE D 342 45.77 43.49 45.89
CA ILE D 342 46.05 43.58 44.46
C ILE D 342 46.64 44.94 44.11
N CYS D 343 46.15 45.99 44.76
CA CYS D 343 46.71 47.31 44.49
C CYS D 343 48.17 47.38 44.90
N ARG D 344 48.49 46.92 46.11
CA ARG D 344 49.87 46.87 46.60
C ARG D 344 50.81 46.33 45.54
N ARG D 345 50.63 45.06 45.16
CA ARG D 345 51.44 44.46 44.11
C ARG D 345 51.26 45.12 42.73
N VAL D 346 50.21 45.91 42.54
CA VAL D 346 50.08 46.59 41.26
C VAL D 346 51.00 47.81 41.19
N LYS D 347 50.89 48.71 42.17
CA LYS D 347 51.75 49.89 42.16
C LYS D 347 53.22 49.51 42.24
N ASP D 348 53.53 48.41 42.91
CA ASP D 348 54.94 48.01 42.97
C ASP D 348 55.42 47.51 41.63
N LEU D 349 54.51 47.21 40.70
CA LEU D 349 54.89 46.87 39.33
C LEU D 349 55.31 48.09 38.52
N ASP D 350 55.42 49.27 39.14
CA ASP D 350 55.91 50.48 38.48
C ASP D 350 57.37 50.81 38.77
N GLU D 351 58.01 50.06 39.69
CA GLU D 351 59.47 49.98 39.80
C GLU D 351 59.85 48.87 40.78
N THR E 8 -34.84 46.22 36.33
CA THR E 8 -34.03 47.26 35.69
C THR E 8 -32.82 46.69 34.95
N VAL E 9 -32.88 46.59 33.63
CA VAL E 9 -31.77 46.03 32.87
C VAL E 9 -30.77 47.13 32.54
N THR E 10 -29.52 46.92 32.96
CA THR E 10 -28.48 47.95 32.85
C THR E 10 -28.30 48.38 31.40
N LEU E 11 -28.02 49.66 31.20
CA LEU E 11 -27.95 50.26 29.87
C LEU E 11 -26.57 50.86 29.63
N ILE E 12 -25.89 50.37 28.60
CA ILE E 12 -24.67 50.99 28.08
C ILE E 12 -25.09 51.85 26.88
N PRO E 13 -25.12 53.18 27.03
CA PRO E 13 -25.58 54.04 25.92
C PRO E 13 -24.66 54.05 24.72
N GLY E 14 -23.41 53.62 24.87
CA GLY E 14 -22.55 53.38 23.73
C GLY E 14 -22.07 54.63 23.02
N ASP E 15 -21.21 54.41 22.03
CA ASP E 15 -20.55 55.46 21.27
C ASP E 15 -21.13 55.51 19.85
N GLY E 16 -20.84 56.61 19.16
CA GLY E 16 -21.13 56.73 17.73
C GLY E 16 -22.58 56.98 17.35
N ILE E 17 -23.22 55.98 16.72
CA ILE E 17 -24.65 56.01 16.45
C ILE E 17 -25.37 55.48 17.69
N GLY E 18 -24.66 55.45 18.81
CA GLY E 18 -25.12 54.79 20.02
C GLY E 18 -26.16 55.56 20.81
N PRO E 19 -25.77 56.74 21.33
CA PRO E 19 -26.73 57.51 22.14
C PRO E 19 -27.85 58.13 21.33
N GLU E 20 -27.68 58.28 20.01
CA GLU E 20 -28.80 58.69 19.18
C GLU E 20 -29.89 57.63 19.17
N ILE E 21 -29.49 56.36 19.19
CA ILE E 21 -30.46 55.24 19.18
C ILE E 21 -30.75 54.69 20.56
N SER E 22 -29.87 54.89 21.53
CA SER E 22 -30.15 54.45 22.89
C SER E 22 -31.28 55.26 23.50
N ALA E 23 -31.21 56.58 23.37
CA ALA E 23 -32.33 57.42 23.80
C ALA E 23 -33.59 57.09 23.01
N ALA E 24 -33.43 56.72 21.74
CA ALA E 24 -34.58 56.41 20.91
C ALA E 24 -35.26 55.10 21.33
N VAL E 25 -34.53 54.17 21.97
CA VAL E 25 -35.15 52.94 22.46
C VAL E 25 -35.61 53.07 23.91
N MET E 26 -34.83 53.78 24.72
CA MET E 26 -35.30 54.11 26.06
C MET E 26 -36.63 54.84 26.00
N LYS E 27 -36.82 55.67 24.97
CA LYS E 27 -38.04 56.45 24.79
C LYS E 27 -39.17 55.63 24.18
N ILE E 28 -38.85 54.63 23.38
CA ILE E 28 -39.87 53.66 23.01
C ILE E 28 -40.31 52.88 24.26
N PHE E 29 -39.37 52.58 25.15
CA PHE E 29 -39.71 51.87 26.38
C PHE E 29 -40.68 52.69 27.23
N ASP E 30 -40.34 53.97 27.46
CA ASP E 30 -41.13 54.79 28.39
C ASP E 30 -42.48 55.19 27.80
N ALA E 31 -42.58 55.33 26.47
CA ALA E 31 -43.85 55.73 25.85
C ALA E 31 -44.81 54.56 25.68
N ALA E 32 -44.37 53.33 25.91
CA ALA E 32 -45.24 52.17 25.97
C ALA E 32 -45.65 51.84 27.39
N LYS E 33 -45.11 52.55 28.37
CA LYS E 33 -45.30 52.25 29.79
C LYS E 33 -44.93 50.79 30.07
N ALA E 34 -43.67 50.48 29.84
CA ALA E 34 -43.18 49.14 30.05
C ALA E 34 -42.42 49.06 31.37
N PRO E 35 -42.56 47.94 32.12
CA PRO E 35 -41.88 47.85 33.42
C PRO E 35 -40.36 47.69 33.35
N ILE E 36 -39.68 48.68 32.78
CA ILE E 36 -38.23 48.66 32.64
C ILE E 36 -37.67 49.97 33.14
N GLN E 37 -36.75 49.90 34.09
CA GLN E 37 -35.95 51.05 34.50
C GLN E 37 -34.55 50.84 33.94
N TRP E 38 -33.91 51.92 33.49
CA TRP E 38 -32.60 51.82 32.86
C TRP E 38 -31.53 52.25 33.87
N GLU E 39 -30.58 51.35 34.12
CA GLU E 39 -29.49 51.61 35.05
C GLU E 39 -28.20 51.90 34.28
N GLU E 40 -28.19 53.07 33.63
CA GLU E 40 -27.04 53.47 32.82
C GLU E 40 -25.76 53.34 33.62
N ARG E 41 -24.77 52.70 33.01
CA ARG E 41 -23.50 52.42 33.67
C ARG E 41 -22.43 52.26 32.60
N ASN E 42 -22.10 53.35 31.89
CA ASN E 42 -21.15 53.37 30.78
C ASN E 42 -19.91 52.51 31.03
N VAL E 43 -19.38 51.88 29.97
CA VAL E 43 -18.31 50.90 30.13
C VAL E 43 -16.98 51.39 29.53
N TRP E 53 -5.88 43.97 31.03
CA TRP E 53 -6.85 45.00 30.68
C TRP E 53 -8.15 44.85 31.48
N MET E 54 -8.31 45.68 32.50
CA MET E 54 -9.53 45.63 33.30
C MET E 54 -10.61 46.48 32.64
N ILE E 55 -11.78 46.50 33.25
CA ILE E 55 -12.93 47.24 32.73
C ILE E 55 -13.56 48.03 33.88
N PRO E 56 -14.37 49.04 33.59
CA PRO E 56 -15.04 49.79 34.66
C PRO E 56 -15.81 48.86 35.58
N SER E 57 -15.57 48.98 36.89
CA SER E 57 -16.35 48.23 37.87
C SER E 57 -17.69 48.90 38.20
N GLU E 58 -17.90 50.14 37.72
CA GLU E 58 -19.20 50.80 37.80
C GLU E 58 -20.19 50.20 36.81
N ALA E 59 -19.69 49.69 35.68
CA ALA E 59 -20.53 48.91 34.79
C ALA E 59 -20.70 47.47 35.30
N LYS E 60 -19.60 46.85 35.74
CA LYS E 60 -19.63 45.45 36.15
C LYS E 60 -20.53 45.21 37.35
N GLU E 61 -20.76 46.24 38.18
CA GLU E 61 -21.60 46.06 39.35
C GLU E 61 -23.04 45.77 38.95
N SER E 62 -23.55 46.47 37.94
CA SER E 62 -24.93 46.28 37.49
C SER E 62 -25.15 44.85 37.00
N MET E 63 -24.34 44.42 36.01
CA MET E 63 -24.60 43.17 35.32
C MET E 63 -24.52 41.96 36.25
N ASP E 64 -23.54 41.93 37.16
CA ASP E 64 -23.48 40.81 38.10
C ASP E 64 -24.69 40.80 39.02
N LYS E 65 -25.20 41.98 39.38
CA LYS E 65 -26.45 42.07 40.13
C LYS E 65 -27.65 41.83 39.22
N ASN E 66 -27.71 42.56 38.10
CA ASN E 66 -28.84 42.50 37.18
C ASN E 66 -28.97 41.11 36.55
N LYS E 67 -27.95 40.71 35.78
CA LYS E 67 -27.99 39.58 34.85
C LYS E 67 -28.85 39.89 33.61
N MET E 68 -28.83 41.14 33.18
CA MET E 68 -29.61 41.60 32.04
C MET E 68 -28.99 42.91 31.57
N GLY E 69 -29.30 43.29 30.33
CA GLY E 69 -28.83 44.57 29.85
C GLY E 69 -28.82 44.84 28.35
N LEU E 70 -29.57 45.87 27.95
CA LEU E 70 -29.61 46.35 26.56
C LEU E 70 -28.43 47.29 26.35
N LYS E 71 -27.33 46.74 25.84
CA LYS E 71 -26.16 47.53 25.52
C LYS E 71 -26.24 48.02 24.08
N GLY E 72 -25.37 48.98 23.74
CA GLY E 72 -25.23 49.47 22.39
C GLY E 72 -23.87 49.14 21.80
N PRO E 73 -23.53 49.78 20.66
CA PRO E 73 -22.24 49.50 20.00
C PRO E 73 -20.99 49.93 20.79
N LEU E 74 -19.81 49.77 20.19
CA LEU E 74 -18.54 50.07 20.85
C LEU E 74 -17.47 50.31 19.78
N LYS E 75 -16.38 50.98 20.17
CA LYS E 75 -15.32 51.35 19.23
C LYS E 75 -14.06 50.54 19.48
N THR E 76 -13.32 50.24 18.42
CA THR E 76 -12.11 49.43 18.53
C THR E 76 -11.04 49.89 17.53
N HIS E 82 -7.10 49.59 22.53
CA HIS E 82 -7.28 48.42 23.38
C HIS E 82 -7.24 47.12 22.55
N PRO E 83 -6.95 45.99 23.22
CA PRO E 83 -6.86 44.71 22.48
C PRO E 83 -8.17 44.31 21.82
N SER E 84 -9.27 44.44 22.55
CA SER E 84 -10.62 44.41 22.02
C SER E 84 -11.53 44.83 23.16
N MET E 85 -12.83 44.83 22.91
CA MET E 85 -13.75 45.21 23.97
C MET E 85 -14.97 44.30 24.06
N ASN E 86 -15.59 43.99 22.92
CA ASN E 86 -16.73 43.07 22.92
C ASN E 86 -16.34 41.75 23.55
N LEU E 87 -15.16 41.23 23.17
CA LEU E 87 -14.68 39.99 23.76
C LEU E 87 -14.58 40.10 25.27
N LEU E 88 -14.11 41.26 25.77
CA LEU E 88 -14.04 41.49 27.21
C LEU E 88 -15.44 41.51 27.83
N LEU E 89 -16.41 42.11 27.14
CA LEU E 89 -17.78 42.02 27.58
C LEU E 89 -18.25 40.57 27.60
N ARG E 90 -18.13 39.89 26.46
CA ARG E 90 -18.64 38.53 26.34
C ARG E 90 -18.00 37.61 27.38
N LYS E 91 -16.67 37.48 27.33
CA LYS E 91 -16.00 36.41 28.04
C LYS E 91 -16.16 36.49 29.56
N THR E 92 -16.37 37.70 30.11
CA THR E 92 -16.46 37.85 31.57
C THR E 92 -17.73 37.19 32.13
N PHE E 93 -18.89 37.68 31.70
CA PHE E 93 -20.19 37.19 32.17
C PHE E 93 -20.58 35.83 31.57
N ASP E 94 -19.65 35.16 30.86
CA ASP E 94 -19.86 33.87 30.23
C ASP E 94 -21.04 33.64 29.28
N LEU E 95 -21.13 34.40 28.20
CA LEU E 95 -22.22 34.27 27.26
C LEU E 95 -21.88 33.35 26.06
N TYR E 96 -22.14 32.04 26.23
CA TYR E 96 -21.61 31.03 25.30
C TYR E 96 -22.22 31.13 23.90
N ALA E 97 -23.47 31.56 23.76
CA ALA E 97 -24.17 31.54 22.48
C ALA E 97 -24.53 32.95 22.03
N ASN E 98 -24.38 33.21 20.74
CA ASN E 98 -24.66 34.52 20.16
C ASN E 98 -25.75 34.30 19.12
N VAL E 99 -27.00 34.54 19.53
CA VAL E 99 -28.16 34.33 18.68
C VAL E 99 -28.40 35.57 17.85
N ARG E 100 -28.12 35.49 16.56
CA ARG E 100 -28.50 36.58 15.67
C ARG E 100 -29.68 36.11 14.83
N PRO E 101 -30.90 36.22 15.35
CA PRO E 101 -32.06 35.87 14.53
C PRO E 101 -32.17 36.84 13.36
N CYS E 102 -32.65 36.32 12.25
CA CYS E 102 -32.60 37.07 11.00
C CYS E 102 -33.87 36.77 10.21
N VAL E 103 -34.81 37.71 10.22
CA VAL E 103 -36.14 37.50 9.65
C VAL E 103 -36.55 38.75 8.86
N SER E 104 -37.31 38.52 7.79
CA SER E 104 -37.71 39.58 6.89
C SER E 104 -38.64 40.56 7.58
N ILE E 105 -39.03 41.61 6.85
CA ILE E 105 -40.02 42.57 7.30
C ILE E 105 -40.98 42.82 6.14
N GLU E 106 -42.26 42.46 6.33
CA GLU E 106 -43.27 42.61 5.28
C GLU E 106 -43.40 44.07 4.85
N GLY E 107 -43.09 45.01 5.73
CA GLY E 107 -43.06 46.39 5.32
C GLY E 107 -42.10 46.61 4.18
N TYR E 108 -40.80 46.45 4.44
CA TYR E 108 -39.74 46.86 3.53
C TYR E 108 -39.36 45.74 2.58
N LYS E 109 -39.33 46.06 1.28
CA LYS E 109 -39.01 45.09 0.23
C LYS E 109 -37.52 45.12 -0.11
N THR E 110 -36.96 43.93 -0.26
CA THR E 110 -35.59 43.72 -0.69
C THR E 110 -35.60 42.49 -1.60
N PRO E 111 -34.56 42.28 -2.41
CA PRO E 111 -34.66 41.24 -3.44
C PRO E 111 -34.87 39.86 -2.88
N TYR E 112 -34.82 39.71 -1.56
CA TYR E 112 -35.07 38.46 -0.89
C TYR E 112 -36.41 38.54 -0.18
N THR E 113 -37.06 37.39 -0.02
CA THR E 113 -38.42 37.32 0.47
C THR E 113 -38.57 36.16 1.42
N ASP E 114 -39.26 36.39 2.55
CA ASP E 114 -39.73 35.31 3.42
C ASP E 114 -38.60 34.49 4.02
N VAL E 115 -37.54 35.14 4.45
CA VAL E 115 -36.38 34.44 4.95
C VAL E 115 -36.42 34.46 6.46
N ASN E 116 -36.19 33.30 7.08
CA ASN E 116 -36.18 33.16 8.54
C ASN E 116 -34.97 32.33 8.87
N ILE E 117 -33.95 32.97 9.42
CA ILE E 117 -32.69 32.33 9.74
C ILE E 117 -32.28 32.79 11.15
N VAL E 118 -31.85 31.83 11.98
CA VAL E 118 -31.22 32.14 13.25
C VAL E 118 -29.79 31.58 13.21
N THR E 119 -28.83 32.38 13.62
CA THR E 119 -27.42 32.04 13.50
C THR E 119 -26.86 31.85 14.90
N ILE E 120 -26.94 30.62 15.41
CA ILE E 120 -26.34 30.23 16.69
C ILE E 120 -24.83 30.15 16.50
N ARG E 121 -24.11 31.19 16.91
CA ARG E 121 -22.65 31.18 16.78
C ARG E 121 -22.00 31.00 18.15
N GLU E 122 -21.00 30.13 18.20
CA GLU E 122 -20.18 29.97 19.40
C GLU E 122 -19.61 31.32 19.79
N ASN E 123 -19.67 31.67 21.09
CA ASN E 123 -19.39 33.05 21.51
C ASN E 123 -18.30 33.16 22.57
N THR E 124 -17.50 32.11 22.77
CA THR E 124 -16.46 32.07 23.80
C THR E 124 -15.05 31.94 23.24
N GLU E 125 -14.85 31.04 22.30
CA GLU E 125 -13.51 30.65 21.90
C GLU E 125 -13.13 30.97 20.47
N GLY E 126 -12.55 29.98 19.81
CA GLY E 126 -12.25 30.22 18.40
C GLY E 126 -11.47 31.49 18.29
N GLU E 127 -11.93 32.42 17.47
CA GLU E 127 -11.20 33.70 17.29
C GLU E 127 -11.21 34.54 18.57
N TYR E 128 -12.30 34.62 19.31
CA TYR E 128 -12.32 35.49 20.49
C TYR E 128 -11.26 35.10 21.51
N SER E 129 -10.73 33.88 21.43
CA SER E 129 -9.64 33.41 22.30
C SER E 129 -8.26 33.89 21.83
N GLY E 130 -8.15 35.14 21.41
CA GLY E 130 -6.98 35.57 20.65
C GLY E 130 -5.76 35.77 21.53
N ILE E 131 -4.61 35.35 20.99
CA ILE E 131 -3.27 35.65 21.51
C ILE E 131 -2.34 35.86 20.31
N GLU E 132 -2.71 36.76 19.39
CA GLU E 132 -1.81 37.10 18.30
C GLU E 132 -0.57 37.80 18.85
N HIS E 133 0.58 37.47 18.29
CA HIS E 133 1.84 38.09 18.66
C HIS E 133 2.72 38.21 17.43
N VAL E 134 3.97 38.59 17.63
CA VAL E 134 4.94 38.77 16.55
C VAL E 134 6.03 37.71 16.70
N ILE E 135 6.25 36.94 15.63
CA ILE E 135 7.24 35.88 15.72
C ILE E 135 8.60 36.51 15.41
N VAL E 136 8.90 36.71 14.13
CA VAL E 136 10.05 37.48 13.71
C VAL E 136 9.51 38.78 13.13
N ASP E 137 10.38 39.75 12.94
CA ASP E 137 9.93 41.03 12.39
C ASP E 137 9.37 40.82 10.99
N GLY E 138 8.07 41.10 10.83
CA GLY E 138 7.37 40.91 9.57
C GLY E 138 6.59 39.62 9.43
N VAL E 139 6.33 38.91 10.54
CA VAL E 139 5.65 37.62 10.59
C VAL E 139 4.80 37.63 11.84
N VAL E 140 3.47 37.60 11.70
CA VAL E 140 2.54 37.67 12.83
C VAL E 140 1.87 36.31 12.98
N GLN E 141 2.06 35.65 14.13
CA GLN E 141 1.41 34.37 14.41
C GLN E 141 0.25 34.60 15.36
N SER E 142 -0.92 34.12 14.99
CA SER E 142 -2.08 34.20 15.85
C SER E 142 -2.36 32.81 16.42
N ILE E 143 -2.77 32.75 17.68
CA ILE E 143 -2.99 31.49 18.38
C ILE E 143 -4.44 31.49 18.86
N LYS E 144 -5.31 30.88 18.04
CA LYS E 144 -6.71 30.67 18.38
C LYS E 144 -6.92 29.19 18.66
N LEU E 145 -7.71 28.89 19.68
CA LEU E 145 -7.93 27.51 20.10
C LEU E 145 -9.38 27.28 20.42
N ILE E 146 -9.90 26.15 19.96
CA ILE E 146 -11.26 25.75 20.24
C ILE E 146 -11.20 24.53 21.14
N THR E 147 -12.22 24.39 21.98
CA THR E 147 -12.29 23.38 23.02
C THR E 147 -13.22 22.26 22.57
N GLU E 148 -13.10 21.07 23.17
CA GLU E 148 -14.19 20.11 23.04
C GLU E 148 -15.38 20.55 23.87
N GLY E 149 -15.21 20.58 25.21
CA GLY E 149 -16.30 20.91 26.11
C GLY E 149 -17.29 21.93 25.57
N ALA E 150 -16.82 23.10 25.20
CA ALA E 150 -17.78 24.16 24.87
C ALA E 150 -18.29 24.04 23.46
N SER E 151 -17.73 23.15 22.64
CA SER E 151 -18.39 22.85 21.38
C SER E 151 -19.79 22.29 21.64
N LYS E 152 -19.87 21.19 22.40
CA LYS E 152 -21.18 20.69 22.85
C LYS E 152 -21.98 21.76 23.59
N ARG E 153 -21.33 22.57 24.43
CA ARG E 153 -22.04 23.63 25.15
C ARG E 153 -22.63 24.68 24.21
N ILE E 154 -22.16 24.79 22.96
CA ILE E 154 -22.94 25.57 22.00
C ILE E 154 -23.96 24.69 21.29
N ALA E 155 -23.56 23.51 20.82
CA ALA E 155 -24.47 22.70 20.04
C ALA E 155 -25.73 22.39 20.82
N GLU E 156 -25.60 22.06 22.11
CA GLU E 156 -26.79 21.89 22.92
C GLU E 156 -27.64 23.15 22.87
N PHE E 157 -27.02 24.33 22.94
CA PHE E 157 -27.84 25.52 22.96
C PHE E 157 -28.67 25.63 21.70
N ALA E 158 -28.16 25.12 20.58
CA ALA E 158 -28.89 25.22 19.32
C ALA E 158 -30.12 24.31 19.32
N PHE E 159 -29.90 23.01 19.54
CA PHE E 159 -31.04 22.11 19.67
C PHE E 159 -32.01 22.57 20.75
N GLU E 160 -31.51 23.23 21.80
CA GLU E 160 -32.42 23.90 22.73
C GLU E 160 -33.25 24.94 22.00
N TYR E 161 -32.59 25.87 21.31
CA TYR E 161 -33.25 27.02 20.72
C TYR E 161 -34.24 26.59 19.64
N ALA E 162 -33.91 25.53 18.90
CA ALA E 162 -34.87 24.97 17.97
C ALA E 162 -36.11 24.48 18.69
N ARG E 163 -35.92 23.82 19.84
CA ARG E 163 -37.01 23.08 20.45
C ARG E 163 -37.98 24.00 21.16
N ASN E 164 -37.47 25.11 21.71
CA ASN E 164 -38.36 26.09 22.30
C ASN E 164 -38.98 27.01 21.26
N ASN E 165 -38.29 27.25 20.14
CA ASN E 165 -38.77 28.23 19.17
C ASN E 165 -39.28 27.59 17.89
N HIS E 166 -39.73 26.33 17.95
CA HIS E 166 -40.45 25.69 16.86
C HIS E 166 -39.65 25.78 15.56
N ARG E 167 -38.45 25.19 15.56
CA ARG E 167 -37.62 25.16 14.36
C ARG E 167 -37.52 23.71 13.88
N SER E 168 -38.13 23.45 12.72
CA SER E 168 -38.09 22.12 12.14
C SER E 168 -36.66 21.60 12.04
N ASN E 169 -35.80 22.37 11.40
CA ASN E 169 -34.44 21.95 11.08
C ASN E 169 -33.38 22.72 11.86
N VAL E 170 -32.25 22.09 12.04
CA VAL E 170 -31.04 22.71 12.58
C VAL E 170 -29.90 22.18 11.76
N THR E 171 -28.98 23.06 11.38
CA THR E 171 -27.87 22.64 10.56
C THR E 171 -26.61 23.37 10.99
N ALA E 172 -25.56 22.61 11.27
CA ALA E 172 -24.30 23.15 11.78
C ALA E 172 -23.34 23.37 10.61
N VAL E 173 -22.73 24.55 10.59
CA VAL E 173 -21.95 25.03 9.45
C VAL E 173 -20.49 25.20 9.89
N HIS E 174 -19.58 24.69 9.06
CA HIS E 174 -18.24 24.32 9.49
C HIS E 174 -17.33 24.32 8.27
N LYS E 175 -16.02 24.36 8.49
CA LYS E 175 -15.08 24.10 7.40
C LYS E 175 -14.16 22.96 7.82
N ALA E 176 -14.71 21.75 7.82
CA ALA E 176 -13.96 20.59 8.25
C ALA E 176 -13.01 20.07 7.19
N ASN E 177 -13.23 20.42 5.92
CA ASN E 177 -12.30 19.97 4.89
C ASN E 177 -10.90 20.55 5.07
N ILE E 178 -10.77 21.77 5.60
CA ILE E 178 -9.46 22.40 5.73
C ILE E 178 -9.08 22.66 7.17
N MET E 179 -9.92 22.32 8.14
CA MET E 179 -9.57 22.48 9.55
C MET E 179 -9.96 21.20 10.29
N ARG E 180 -9.28 20.12 9.95
CA ARG E 180 -9.78 18.78 10.20
C ARG E 180 -10.03 18.51 11.69
N MET E 181 -9.09 18.89 12.56
CA MET E 181 -9.24 18.62 13.99
C MET E 181 -10.28 19.54 14.65
N SER E 182 -10.15 20.85 14.44
CA SER E 182 -10.98 21.83 15.16
C SER E 182 -12.44 21.75 14.76
N ASP E 183 -12.73 21.62 13.47
CA ASP E 183 -14.14 21.50 13.10
C ASP E 183 -14.62 20.07 13.25
N GLY E 184 -13.74 19.11 12.95
CA GLY E 184 -14.11 17.71 13.12
C GLY E 184 -14.57 17.41 14.54
N LEU E 185 -13.90 17.99 15.53
CA LEU E 185 -14.36 17.89 16.91
C LEU E 185 -15.69 18.61 17.09
N PHE E 186 -15.80 19.84 16.56
CA PHE E 186 -17.05 20.58 16.64
C PHE E 186 -18.21 19.74 16.16
N LEU E 187 -18.06 19.15 14.97
CA LEU E 187 -19.09 18.26 14.46
C LEU E 187 -19.26 17.02 15.34
N GLN E 188 -18.16 16.48 15.88
CA GLN E 188 -18.27 15.27 16.67
C GLN E 188 -19.20 15.48 17.86
N LYS E 189 -19.13 16.65 18.50
CA LYS E 189 -20.08 16.98 19.55
C LYS E 189 -21.48 17.22 18.96
N CYS E 190 -21.57 18.07 17.93
CA CYS E 190 -22.84 18.32 17.25
C CYS E 190 -23.60 17.03 16.98
N ARG E 191 -22.92 16.04 16.39
CA ARG E 191 -23.62 14.81 16.01
C ARG E 191 -24.16 14.09 17.24
N GLU E 192 -23.34 13.98 18.28
CA GLU E 192 -23.79 13.42 19.54
C GLU E 192 -25.05 14.12 19.99
N VAL E 193 -24.99 15.45 20.20
CA VAL E 193 -26.16 16.18 20.68
C VAL E 193 -27.32 16.12 19.68
N ALA E 194 -27.12 15.51 18.51
CA ALA E 194 -28.26 15.35 17.61
C ALA E 194 -28.92 13.98 17.77
N GLU E 195 -28.14 12.90 17.92
CA GLU E 195 -28.74 11.60 18.20
C GLU E 195 -29.64 11.64 19.42
N SER E 196 -29.49 12.66 20.27
CA SER E 196 -30.37 12.77 21.42
C SER E 196 -31.71 13.38 21.03
N CYS E 197 -31.69 14.38 20.14
CA CYS E 197 -32.85 15.18 19.81
C CYS E 197 -33.41 14.84 18.42
N LYS E 198 -33.43 13.55 18.06
CA LYS E 198 -33.75 13.15 16.70
C LYS E 198 -35.13 13.61 16.26
N ASP E 199 -35.85 14.35 17.10
CA ASP E 199 -37.07 15.02 16.65
C ASP E 199 -36.77 16.27 15.86
N ILE E 200 -35.52 16.68 15.80
CA ILE E 200 -35.09 17.85 15.05
C ILE E 200 -34.13 17.40 13.96
N LYS E 201 -34.35 17.87 12.73
CA LYS E 201 -33.61 17.37 11.58
C LYS E 201 -32.26 18.07 11.48
N PHE E 202 -31.19 17.28 11.48
CA PHE E 202 -29.83 17.79 11.53
C PHE E 202 -29.09 17.38 10.26
N ASN E 203 -28.32 18.32 9.70
CA ASN E 203 -27.48 18.08 8.54
C ASN E 203 -26.30 19.04 8.59
N GLU E 204 -25.15 18.58 8.07
CA GLU E 204 -23.89 19.30 8.12
C GLU E 204 -23.52 19.84 6.75
N MET E 205 -23.07 21.10 6.70
CA MET E 205 -22.78 21.81 5.46
C MET E 205 -21.53 22.66 5.61
N TYR E 206 -20.66 22.61 4.60
CA TYR E 206 -19.41 23.38 4.62
C TYR E 206 -19.66 24.89 4.51
N LEU E 207 -18.91 25.68 5.30
CA LEU E 207 -19.19 27.10 5.46
C LEU E 207 -19.23 27.84 4.14
N ASP E 208 -18.29 27.55 3.25
CA ASP E 208 -18.28 28.30 2.00
C ASP E 208 -19.56 28.05 1.22
N THR E 209 -19.92 26.77 1.03
CA THR E 209 -21.15 26.39 0.35
C THR E 209 -22.36 27.19 0.85
N VAL E 210 -22.65 27.13 2.15
CA VAL E 210 -23.76 27.88 2.71
C VAL E 210 -23.73 29.33 2.24
N CYS E 211 -22.55 29.94 2.15
CA CYS E 211 -22.54 31.32 1.68
C CYS E 211 -23.02 31.39 0.24
N LEU E 212 -22.44 30.57 -0.65
CA LEU E 212 -22.90 30.52 -2.04
C LEU E 212 -24.35 30.03 -2.16
N ASN E 213 -24.85 29.29 -1.15
CA ASN E 213 -26.24 28.86 -1.05
C ASN E 213 -27.12 29.83 -0.29
N MET E 214 -26.53 30.78 0.42
CA MET E 214 -27.34 31.81 1.07
C MET E 214 -27.77 32.85 0.05
N VAL E 215 -26.80 33.51 -0.59
CA VAL E 215 -27.17 34.56 -1.52
C VAL E 215 -28.00 34.01 -2.67
N GLN E 216 -28.01 32.70 -2.86
CA GLN E 216 -28.76 32.15 -3.98
C GLN E 216 -30.20 31.79 -3.63
N ASP E 217 -30.43 31.24 -2.42
CA ASP E 217 -31.75 30.81 -1.96
C ASP E 217 -31.75 30.53 -0.46
N PRO E 218 -32.09 31.51 0.37
CA PRO E 218 -32.11 31.31 1.81
C PRO E 218 -33.33 30.56 2.30
N SER E 219 -34.22 30.14 1.41
CA SER E 219 -35.34 29.34 1.83
C SER E 219 -34.94 27.96 2.33
N GLN E 220 -33.67 27.57 2.25
CA GLN E 220 -33.26 26.24 2.72
C GLN E 220 -32.56 26.28 4.08
N PHE E 221 -32.70 27.37 4.83
CA PHE E 221 -31.97 27.48 6.08
C PHE E 221 -32.91 27.80 7.20
N ASP E 222 -32.44 27.56 8.41
CA ASP E 222 -33.33 27.54 9.55
C ASP E 222 -32.62 27.98 10.81
N VAL E 223 -31.87 27.08 11.42
CA VAL E 223 -30.98 27.38 12.52
C VAL E 223 -29.58 26.96 12.08
N LEU E 224 -28.65 27.91 12.10
CA LEU E 224 -27.24 27.64 11.83
C LEU E 224 -26.46 27.56 13.13
N VAL E 225 -25.60 26.55 13.27
CA VAL E 225 -24.73 26.40 14.43
C VAL E 225 -23.29 26.50 13.98
N MET E 226 -22.62 27.60 14.37
CA MET E 226 -21.23 27.80 13.97
C MET E 226 -20.30 27.65 15.16
N PRO E 227 -19.06 27.28 14.94
CA PRO E 227 -18.02 27.64 15.90
C PRO E 227 -17.69 29.11 15.68
N ASN E 228 -16.77 29.62 16.49
CA ASN E 228 -16.35 31.00 16.35
C ASN E 228 -15.03 31.10 15.59
N LEU E 229 -14.66 30.06 14.85
CA LEU E 229 -13.47 30.12 14.01
C LEU E 229 -13.62 31.13 12.89
N TYR E 230 -14.79 31.19 12.25
CA TYR E 230 -15.03 31.96 11.04
C TYR E 230 -15.63 33.32 11.30
N GLY E 231 -15.31 33.91 12.46
CA GLY E 231 -15.99 35.13 12.85
C GLY E 231 -17.50 34.94 12.77
N ASP E 232 -18.19 36.03 12.45
CA ASP E 232 -19.63 35.99 12.31
C ASP E 232 -20.01 36.52 10.94
N ILE E 233 -19.34 36.02 9.91
CA ILE E 233 -19.61 36.56 8.58
C ILE E 233 -20.92 36.03 8.04
N LEU E 234 -21.29 34.78 8.36
CA LEU E 234 -22.57 34.23 7.94
C LEU E 234 -23.73 35.05 8.51
N SER E 235 -23.62 35.50 9.76
CA SER E 235 -24.53 36.49 10.29
C SER E 235 -24.68 37.65 9.33
N ASP E 236 -23.56 38.31 9.02
CA ASP E 236 -23.60 39.61 8.34
C ASP E 236 -24.25 39.51 6.97
N LEU E 237 -23.78 38.56 6.16
CA LEU E 237 -24.45 38.21 4.92
C LEU E 237 -25.95 38.22 5.13
N CYS E 238 -26.43 37.35 6.03
CA CYS E 238 -27.87 37.24 6.31
C CYS E 238 -28.49 38.60 6.57
N ALA E 239 -27.84 39.40 7.43
CA ALA E 239 -28.35 40.73 7.72
C ALA E 239 -28.51 41.58 6.47
N GLY E 240 -27.78 41.26 5.40
CA GLY E 240 -27.95 42.02 4.16
C GLY E 240 -29.30 41.77 3.50
N LEU E 241 -29.71 40.51 3.37
CA LEU E 241 -30.95 40.22 2.68
C LEU E 241 -32.16 40.67 3.48
N ILE E 242 -32.06 40.75 4.81
CA ILE E 242 -33.22 41.11 5.61
C ILE E 242 -33.59 42.59 5.42
N GLY E 243 -32.63 43.47 5.14
CA GLY E 243 -32.96 44.87 5.03
C GLY E 243 -31.86 45.87 5.36
N GLY E 244 -30.88 45.47 6.17
CA GLY E 244 -29.77 46.36 6.51
C GLY E 244 -29.15 45.98 7.84
N LEU E 245 -28.44 46.95 8.43
CA LEU E 245 -27.86 46.79 9.77
C LEU E 245 -28.79 47.33 10.86
N GLY E 246 -29.34 48.53 10.63
CA GLY E 246 -30.29 49.18 11.50
C GLY E 246 -31.58 48.44 11.73
N VAL E 247 -31.81 47.30 11.08
CA VAL E 247 -32.97 46.48 11.35
C VAL E 247 -32.62 45.19 12.09
N THR E 248 -31.41 44.69 11.92
CA THR E 248 -31.16 43.34 12.46
C THR E 248 -30.51 43.36 13.82
N PRO E 249 -31.08 42.65 14.78
CA PRO E 249 -30.56 42.70 16.16
C PRO E 249 -29.59 41.61 16.47
N SER E 250 -29.19 41.50 17.73
CA SER E 250 -28.35 40.40 18.18
C SER E 250 -28.85 39.91 19.53
N GLY E 251 -28.33 38.77 19.94
CA GLY E 251 -28.41 38.32 21.32
C GLY E 251 -27.10 37.66 21.70
N ASN E 252 -26.86 37.58 23.03
CA ASN E 252 -25.65 36.96 23.62
C ASN E 252 -26.08 36.14 24.84
N ILE E 253 -26.64 34.95 24.62
CA ILE E 253 -27.30 34.21 25.70
C ILE E 253 -26.27 33.47 26.55
N GLY E 254 -26.44 33.57 27.88
CA GLY E 254 -25.68 32.78 28.82
C GLY E 254 -26.58 32.03 29.79
N ALA E 255 -25.96 31.07 30.50
CA ALA E 255 -26.70 30.19 31.39
C ALA E 255 -27.45 30.98 32.47
N ASN E 256 -28.54 30.39 32.95
CA ASN E 256 -29.39 30.95 34.01
C ASN E 256 -29.85 32.37 33.66
N GLY E 257 -30.57 32.49 32.56
CA GLY E 257 -31.21 33.75 32.21
C GLY E 257 -30.31 34.97 31.97
N VAL E 258 -29.01 34.80 32.13
CA VAL E 258 -28.07 35.91 31.93
C VAL E 258 -27.87 36.16 30.44
N ALA E 259 -27.99 37.42 30.01
CA ALA E 259 -27.87 37.74 28.59
C ALA E 259 -27.81 39.23 28.27
N ILE E 260 -26.84 39.63 27.45
CA ILE E 260 -26.77 40.98 26.91
C ILE E 260 -27.31 40.96 25.49
N PHE E 261 -28.26 41.84 25.22
CA PHE E 261 -28.78 42.02 23.88
C PHE E 261 -28.19 43.29 23.32
N GLU E 262 -27.33 43.15 22.31
CA GLU E 262 -26.93 44.26 21.46
C GLU E 262 -27.63 44.14 20.10
N SER E 263 -27.32 45.08 19.23
CA SER E 263 -27.70 44.94 17.83
C SER E 263 -26.53 44.41 17.05
N VAL E 264 -26.79 44.00 15.81
CA VAL E 264 -25.66 43.73 14.93
C VAL E 264 -24.86 45.01 14.71
N HIS E 265 -25.58 46.11 14.50
CA HIS E 265 -24.98 47.33 13.95
C HIS E 265 -23.90 47.90 14.86
N GLY E 266 -22.88 48.47 14.23
CA GLY E 266 -21.76 49.06 14.93
C GLY E 266 -21.91 50.56 15.11
N THR E 267 -20.78 51.22 15.34
CA THR E 267 -20.80 52.65 15.63
C THR E 267 -21.18 53.47 14.40
N ALA E 268 -20.60 53.12 13.24
CA ALA E 268 -20.79 53.87 12.00
C ALA E 268 -20.31 55.30 12.15
N PRO E 269 -19.02 55.57 11.91
CA PRO E 269 -18.54 56.94 12.08
C PRO E 269 -19.20 57.94 11.15
N ASP E 270 -19.49 57.53 9.90
CA ASP E 270 -19.93 58.47 8.88
C ASP E 270 -21.25 59.13 9.26
N ILE E 271 -22.23 58.34 9.71
CA ILE E 271 -23.59 58.84 9.95
C ILE E 271 -23.82 59.19 11.42
N ALA E 272 -22.81 59.04 12.28
CA ALA E 272 -23.02 59.14 13.72
C ALA E 272 -23.43 60.54 14.14
N GLY E 273 -24.14 60.61 15.27
CA GLY E 273 -24.45 61.85 15.94
C GLY E 273 -24.90 63.00 15.07
N LYS E 274 -25.47 62.67 13.91
CA LYS E 274 -26.05 63.65 13.01
C LYS E 274 -27.56 63.49 12.89
N ASP E 275 -28.16 62.67 13.76
CA ASP E 275 -29.61 62.41 13.77
C ASP E 275 -30.10 61.97 12.40
N MET E 276 -29.38 61.00 11.81
CA MET E 276 -29.80 60.38 10.56
C MET E 276 -29.91 58.86 10.66
N ALA E 277 -29.75 58.27 11.85
CA ALA E 277 -29.71 56.83 12.05
C ALA E 277 -31.10 56.26 12.36
N ASN E 278 -31.22 54.89 12.27
CA ASN E 278 -32.44 54.10 12.48
C ASN E 278 -32.46 53.56 13.89
N PRO E 279 -33.55 53.78 14.64
CA PRO E 279 -33.67 53.13 15.95
C PRO E 279 -34.09 51.68 15.86
N THR E 280 -34.29 51.17 14.64
CA THR E 280 -34.95 49.88 14.45
C THR E 280 -34.12 48.72 15.03
N ALA E 281 -32.80 48.80 14.91
CA ALA E 281 -31.87 47.76 15.37
C ALA E 281 -31.97 47.49 16.87
N LEU E 282 -31.51 48.45 17.67
CA LEU E 282 -31.60 48.31 19.12
C LEU E 282 -33.04 48.03 19.57
N LEU E 283 -34.01 48.74 18.99
CA LEU E 283 -35.41 48.52 19.36
C LEU E 283 -35.80 47.07 19.14
N LEU E 284 -35.55 46.55 17.94
CA LEU E 284 -35.89 45.16 17.64
C LEU E 284 -34.94 44.19 18.34
N SER E 285 -33.77 44.64 18.75
CA SER E 285 -32.94 43.82 19.62
C SER E 285 -33.61 43.64 20.97
N ALA E 286 -34.03 44.76 21.56
CA ALA E 286 -34.73 44.72 22.83
C ALA E 286 -35.91 43.77 22.77
N VAL E 287 -36.73 43.86 21.74
CA VAL E 287 -37.95 43.06 21.69
C VAL E 287 -37.69 41.61 22.13
N MET E 288 -36.46 41.12 21.91
CA MET E 288 -36.09 39.80 22.44
C MET E 288 -35.90 39.84 23.96
N MET E 289 -35.36 40.96 24.48
CA MET E 289 -35.28 41.24 25.92
C MET E 289 -36.62 40.91 26.56
N LEU E 290 -37.64 41.71 26.24
CA LEU E 290 -38.97 41.48 26.79
C LEU E 290 -39.42 40.03 26.59
N ARG E 291 -39.17 39.47 25.41
CA ARG E 291 -39.51 38.06 25.22
C ARG E 291 -38.60 37.15 26.04
N HIS E 292 -37.38 37.61 26.37
CA HIS E 292 -36.47 36.83 27.22
C HIS E 292 -36.83 36.98 28.68
N MET E 293 -37.34 38.16 29.07
CA MET E 293 -37.70 38.47 30.44
C MET E 293 -39.08 37.96 30.82
N GLY E 294 -40.02 37.96 29.88
CA GLY E 294 -41.36 37.47 30.16
C GLY E 294 -42.47 38.39 29.71
N LEU E 295 -42.12 39.61 29.30
CA LEU E 295 -43.10 40.65 28.96
C LEU E 295 -43.63 40.46 27.53
N PHE E 296 -44.22 39.29 27.29
CA PHE E 296 -44.71 38.94 25.95
C PHE E 296 -45.69 39.99 25.42
N ASP E 297 -46.60 40.45 26.29
CA ASP E 297 -47.66 41.37 25.85
C ASP E 297 -47.16 42.78 25.61
N HIS E 298 -46.13 43.23 26.34
CA HIS E 298 -45.47 44.49 26.02
C HIS E 298 -44.50 44.35 24.84
N ALA E 299 -44.06 43.12 24.54
CA ALA E 299 -43.06 42.89 23.50
C ALA E 299 -43.68 42.96 22.11
N ALA E 300 -44.58 42.02 21.79
CA ALA E 300 -45.22 41.98 20.48
C ALA E 300 -45.88 43.31 20.12
N ARG E 301 -46.11 44.18 21.10
CA ARG E 301 -46.71 45.49 20.85
C ARG E 301 -45.68 46.49 20.33
N ILE E 302 -44.52 46.59 21.00
CA ILE E 302 -43.47 47.48 20.50
C ILE E 302 -42.92 46.98 19.17
N GLU E 303 -43.17 45.71 18.83
CA GLU E 303 -42.73 45.15 17.55
C GLU E 303 -43.72 45.46 16.44
N ALA E 304 -44.96 44.98 16.56
CA ALA E 304 -45.98 45.23 15.54
C ALA E 304 -46.30 46.70 15.37
N ALA E 305 -45.81 47.56 16.26
CA ALA E 305 -45.86 48.99 16.01
C ALA E 305 -44.73 49.45 15.09
N CYS E 306 -43.51 48.94 15.34
CA CYS E 306 -42.38 49.22 14.45
C CYS E 306 -42.66 48.72 13.03
N PHE E 307 -43.17 47.50 12.91
CA PHE E 307 -43.60 46.98 11.61
C PHE E 307 -44.60 47.93 10.97
N ALA E 308 -45.75 48.11 11.63
CA ALA E 308 -46.76 49.04 11.13
C ALA E 308 -46.19 50.45 10.96
N THR E 309 -45.19 50.84 11.75
CA THR E 309 -44.53 52.12 11.50
C THR E 309 -43.85 52.11 10.14
N ILE E 310 -43.25 50.97 9.77
CA ILE E 310 -42.57 50.86 8.48
C ILE E 310 -43.49 50.28 7.40
N LYS E 311 -44.55 49.55 7.78
CA LYS E 311 -45.49 48.99 6.82
C LYS E 311 -46.10 50.07 5.94
N ASP E 312 -46.71 51.09 6.55
CA ASP E 312 -47.31 52.19 5.80
C ASP E 312 -46.27 52.95 4.98
N GLY E 313 -45.18 53.37 5.62
CA GLY E 313 -44.09 54.04 4.94
C GLY E 313 -43.92 55.50 5.36
N LYS E 314 -43.23 56.24 4.48
CA LYS E 314 -42.99 57.68 4.59
C LYS E 314 -42.08 58.03 5.78
N SER E 315 -42.50 57.69 6.99
CA SER E 315 -41.73 57.97 8.19
C SER E 315 -40.65 56.90 8.30
N LEU E 316 -39.61 57.07 7.48
CA LEU E 316 -38.54 56.11 7.39
C LEU E 316 -37.22 56.82 7.61
N THR E 317 -36.23 56.03 8.01
CA THR E 317 -34.90 56.54 8.22
C THR E 317 -34.16 56.59 6.88
N LYS E 318 -32.96 57.18 6.90
CA LYS E 318 -32.29 57.53 5.65
C LYS E 318 -31.89 56.29 4.86
N ASP E 319 -31.46 55.24 5.56
CA ASP E 319 -30.95 54.05 4.88
C ASP E 319 -32.07 53.23 4.26
N LEU E 320 -33.28 53.34 4.82
CA LEU E 320 -34.43 52.64 4.26
C LEU E 320 -34.91 53.31 2.96
N GLY E 321 -34.66 54.61 2.78
CA GLY E 321 -34.92 55.23 1.49
C GLY E 321 -35.68 56.54 1.56
N GLY E 322 -36.04 56.94 2.79
CA GLY E 322 -36.81 58.15 3.03
C GLY E 322 -36.04 59.11 3.92
N ASN E 323 -35.92 60.35 3.44
CA ASN E 323 -35.11 61.38 4.08
C ASN E 323 -35.88 61.93 5.28
N ALA E 324 -35.65 61.34 6.44
CA ALA E 324 -36.24 61.79 7.69
C ALA E 324 -35.27 61.43 8.81
N LYS E 325 -35.15 62.32 9.79
CA LYS E 325 -34.16 62.19 10.83
C LYS E 325 -34.58 61.12 11.85
N CYS E 326 -33.62 60.71 12.69
CA CYS E 326 -33.88 59.71 13.71
C CYS E 326 -34.99 60.17 14.66
N SER E 327 -35.00 61.46 14.98
CA SER E 327 -36.09 62.02 15.77
C SER E 327 -37.43 61.78 15.08
N ASP E 328 -37.49 62.05 13.77
CA ASP E 328 -38.75 61.87 13.03
C ASP E 328 -39.20 60.42 13.07
N PHE E 329 -38.29 59.47 12.88
CA PHE E 329 -38.63 58.06 13.00
C PHE E 329 -39.02 57.73 14.44
N THR E 330 -38.11 57.98 15.40
CA THR E 330 -38.35 57.59 16.78
C THR E 330 -39.60 58.25 17.37
N GLU E 331 -40.15 59.26 16.70
CA GLU E 331 -41.40 59.89 17.11
C GLU E 331 -42.61 59.39 16.35
N GLU E 332 -42.44 58.89 15.12
CA GLU E 332 -43.56 58.32 14.39
C GLU E 332 -43.86 56.90 14.85
N ILE E 333 -42.90 56.22 15.47
CA ILE E 333 -43.19 54.96 16.14
C ILE E 333 -43.84 55.22 17.49
N CYS E 334 -43.47 56.32 18.15
CA CYS E 334 -44.00 56.61 19.48
C CYS E 334 -45.49 56.90 19.45
N ARG E 335 -45.96 57.67 18.46
CA ARG E 335 -47.39 57.90 18.34
C ARG E 335 -48.14 56.62 17.99
N ARG E 336 -47.45 55.67 17.34
CA ARG E 336 -48.07 54.41 16.96
C ARG E 336 -48.31 53.52 18.17
N VAL E 337 -47.44 53.59 19.17
CA VAL E 337 -47.59 52.74 20.35
C VAL E 337 -48.76 53.23 21.20
N LYS E 338 -48.83 54.53 21.44
CA LYS E 338 -49.88 55.10 22.29
C LYS E 338 -51.28 55.01 21.66
N ASP E 339 -51.42 54.42 20.47
CA ASP E 339 -52.73 54.23 19.86
C ASP E 339 -53.24 52.80 20.06
N SER F 14 0.01 26.89 -32.17
CA SER F 14 1.33 27.28 -31.69
C SER F 14 1.53 26.92 -30.20
N PHE F 15 0.53 27.27 -29.38
CA PHE F 15 0.73 27.52 -27.95
C PHE F 15 0.45 26.29 -27.09
N PRO F 16 1.38 25.86 -26.27
CA PRO F 16 1.14 24.69 -25.43
C PRO F 16 0.71 25.09 -24.01
N VAL F 17 -0.40 24.52 -23.52
CA VAL F 17 -0.90 24.78 -22.17
C VAL F 17 -1.22 23.46 -21.49
N THR F 18 -0.97 23.40 -20.18
CA THR F 18 -1.16 22.22 -19.34
C THR F 18 -2.64 22.12 -18.96
N MET F 19 -3.35 21.10 -19.47
CA MET F 19 -4.74 20.80 -19.10
C MET F 19 -4.72 19.82 -17.93
N LEU F 20 -5.54 20.07 -16.91
CA LEU F 20 -5.61 19.19 -15.75
C LEU F 20 -7.07 18.90 -15.42
N PRO F 21 -7.68 17.90 -16.09
CA PRO F 21 -9.12 17.67 -15.96
C PRO F 21 -9.68 17.57 -14.55
N GLY F 22 -8.84 17.31 -13.54
CA GLY F 22 -9.34 17.21 -12.17
C GLY F 22 -10.32 16.07 -12.04
N ASP F 23 -10.98 16.01 -10.89
CA ASP F 23 -12.03 15.03 -10.67
C ASP F 23 -13.40 15.71 -10.67
N GLY F 24 -14.44 14.91 -10.49
CA GLY F 24 -15.77 15.47 -10.62
C GLY F 24 -16.12 15.61 -12.09
N VAL F 25 -17.03 16.55 -12.39
CA VAL F 25 -17.35 16.81 -13.80
C VAL F 25 -16.19 17.46 -14.54
N GLY F 26 -15.11 17.79 -13.82
CA GLY F 26 -13.90 18.35 -14.38
C GLY F 26 -13.54 17.87 -15.78
N PRO F 27 -13.42 16.56 -15.99
CA PRO F 27 -13.14 16.07 -17.34
C PRO F 27 -14.15 16.49 -18.40
N GLU F 28 -15.41 16.67 -18.02
CA GLU F 28 -16.40 17.14 -18.99
C GLU F 28 -16.21 18.62 -19.33
N LEU F 29 -15.71 19.42 -18.38
CA LEU F 29 -15.53 20.84 -18.62
C LEU F 29 -14.35 21.09 -19.56
N MET F 30 -13.28 20.32 -19.44
CA MET F 30 -12.20 20.50 -20.41
C MET F 30 -12.65 20.08 -21.79
N HIS F 31 -13.27 18.89 -21.92
CA HIS F 31 -13.73 18.46 -23.23
C HIS F 31 -14.81 19.39 -23.79
N ALA F 32 -15.48 20.18 -22.95
CA ALA F 32 -16.21 21.32 -23.48
C ALA F 32 -15.25 22.27 -24.18
N VAL F 33 -14.19 22.67 -23.48
CA VAL F 33 -13.25 23.68 -23.98
C VAL F 33 -12.60 23.23 -25.28
N LYS F 34 -11.98 22.03 -25.28
CA LYS F 34 -11.22 21.65 -26.47
C LYS F 34 -12.12 21.40 -27.68
N GLU F 35 -13.38 21.02 -27.48
CA GLU F 35 -14.26 20.96 -28.64
C GLU F 35 -14.80 22.34 -29.06
N VAL F 36 -14.71 23.35 -28.18
CA VAL F 36 -15.03 24.74 -28.54
C VAL F 36 -13.79 25.52 -29.02
N PHE F 37 -12.59 25.11 -28.61
CA PHE F 37 -11.39 25.56 -29.30
C PHE F 37 -11.32 24.97 -30.71
N LYS F 38 -11.60 23.67 -30.85
CA LYS F 38 -11.61 23.04 -32.17
C LYS F 38 -12.50 23.82 -33.15
N ALA F 39 -13.67 24.24 -32.70
CA ALA F 39 -14.60 24.95 -33.57
C ALA F 39 -14.06 26.31 -34.00
N ALA F 40 -13.53 27.08 -33.06
CA ALA F 40 -12.89 28.32 -33.47
C ALA F 40 -11.45 28.11 -33.90
N ALA F 41 -10.98 26.86 -33.93
CA ALA F 41 -9.63 26.47 -34.35
C ALA F 41 -8.57 27.37 -33.71
N VAL F 42 -8.60 27.39 -32.39
CA VAL F 42 -7.65 28.19 -31.62
C VAL F 42 -6.30 27.49 -31.60
N PRO F 43 -5.25 28.16 -31.97
CA PRO F 43 -3.93 27.52 -31.94
C PRO F 43 -3.46 27.26 -30.53
N VAL F 44 -4.02 26.26 -29.87
CA VAL F 44 -3.47 25.75 -28.62
C VAL F 44 -3.21 24.26 -28.78
N GLU F 45 -2.11 23.80 -28.22
CA GLU F 45 -1.82 22.38 -28.11
C GLU F 45 -1.86 22.03 -26.63
N PHE F 46 -2.86 21.25 -26.22
CA PHE F 46 -3.06 20.91 -24.82
C PHE F 46 -2.25 19.68 -24.44
N GLN F 47 -1.56 19.75 -23.30
CA GLN F 47 -0.86 18.59 -22.75
C GLN F 47 -1.64 18.13 -21.52
N GLU F 48 -2.58 17.19 -21.71
CA GLU F 48 -3.39 16.64 -20.62
C GLU F 48 -2.54 15.81 -19.65
N HIS F 49 -3.03 15.69 -18.42
CA HIS F 49 -2.21 14.99 -17.44
C HIS F 49 -2.99 13.96 -16.61
N HIS F 50 -4.16 14.33 -16.09
CA HIS F 50 -4.97 13.40 -15.29
C HIS F 50 -4.32 13.02 -13.97
N LEU F 51 -4.18 13.97 -13.04
CA LEU F 51 -3.69 13.72 -11.68
C LEU F 51 -4.88 13.65 -10.73
N SER F 52 -5.13 12.48 -10.14
CA SER F 52 -6.35 12.26 -9.37
C SER F 52 -6.10 11.34 -8.18
N GLU F 53 -6.25 11.87 -6.97
CA GLU F 53 -6.13 11.04 -5.78
C GLU F 53 -7.32 10.12 -5.60
N VAL F 54 -8.47 10.47 -6.16
CA VAL F 54 -9.68 9.68 -5.96
C VAL F 54 -9.78 8.50 -6.93
N GLN F 55 -9.29 8.64 -8.16
CA GLN F 55 -9.17 7.49 -9.06
C GLN F 55 -7.85 6.76 -8.91
N ASN F 56 -7.06 7.10 -7.90
CA ASN F 56 -5.74 6.52 -7.65
C ASN F 56 -4.81 6.70 -8.85
N MET F 57 -4.70 7.94 -9.31
CA MET F 57 -3.67 8.32 -10.26
C MET F 57 -2.70 9.35 -9.67
N ALA F 58 -2.61 9.43 -8.34
CA ALA F 58 -1.90 10.50 -7.68
C ALA F 58 -0.59 10.00 -7.10
N SER F 59 0.42 10.86 -7.13
CA SER F 59 1.77 10.54 -6.67
C SER F 59 2.59 11.81 -6.66
N GLU F 60 3.63 11.83 -5.81
CA GLU F 60 4.51 12.99 -5.72
C GLU F 60 5.48 13.08 -6.89
N GLU F 61 5.46 12.10 -7.80
CA GLU F 61 6.28 12.13 -9.02
C GLU F 61 5.54 12.73 -10.21
N LYS F 62 4.25 12.40 -10.39
CA LYS F 62 3.46 13.03 -11.43
C LYS F 62 3.31 14.52 -11.17
N LEU F 63 3.38 14.95 -9.91
CA LEU F 63 3.46 16.38 -9.62
C LEU F 63 4.67 17.01 -10.30
N GLU F 64 5.86 16.44 -10.12
CA GLU F 64 7.03 17.03 -10.74
C GLU F 64 6.97 16.93 -12.27
N GLN F 65 6.20 15.98 -12.80
CA GLN F 65 5.92 15.96 -14.24
C GLN F 65 5.15 17.21 -14.66
N VAL F 66 4.09 17.52 -13.91
CA VAL F 66 3.29 18.72 -14.17
C VAL F 66 4.18 19.96 -14.12
N LEU F 67 4.91 20.12 -13.00
CA LEU F 67 5.72 21.33 -12.82
C LEU F 67 6.67 21.54 -13.99
N SER F 68 7.24 20.46 -14.51
CA SER F 68 8.12 20.57 -15.67
C SER F 68 7.39 21.21 -16.85
N SER F 69 6.21 20.68 -17.18
CA SER F 69 5.41 21.30 -18.24
C SER F 69 5.20 22.78 -17.96
N MET F 70 4.98 23.13 -16.69
CA MET F 70 4.72 24.52 -16.32
C MET F 70 5.92 25.42 -16.56
N LYS F 71 7.08 25.06 -15.98
CA LYS F 71 8.31 25.81 -16.20
C LYS F 71 8.51 26.07 -17.69
N GLU F 72 8.25 25.06 -18.52
CA GLU F 72 8.32 25.22 -19.97
C GLU F 72 7.22 26.16 -20.47
N ASN F 73 6.01 26.10 -19.90
CA ASN F 73 4.80 26.65 -20.52
C ASN F 73 4.30 27.98 -19.94
N LYS F 74 4.39 28.17 -18.61
CA LYS F 74 4.00 29.38 -17.88
C LYS F 74 2.49 29.58 -17.69
N VAL F 75 1.64 28.68 -18.19
CA VAL F 75 0.19 28.86 -18.31
C VAL F 75 -0.49 27.50 -18.21
N ALA F 76 -1.58 27.42 -17.46
CA ALA F 76 -2.29 26.15 -17.38
C ALA F 76 -3.75 26.35 -16.98
N ILE F 77 -4.60 25.49 -17.54
CA ILE F 77 -6.03 25.49 -17.22
C ILE F 77 -6.35 24.14 -16.56
N ILE F 78 -6.84 24.19 -15.31
CA ILE F 78 -6.98 23.03 -14.46
C ILE F 78 -8.38 22.98 -13.89
N GLY F 79 -8.77 21.79 -13.45
CA GLY F 79 -9.99 21.53 -12.74
C GLY F 79 -9.76 21.44 -11.25
N LYS F 80 -10.63 20.71 -10.57
CA LYS F 80 -10.56 20.59 -9.12
C LYS F 80 -10.06 19.19 -8.77
N ILE F 81 -8.93 19.12 -8.08
CA ILE F 81 -8.39 17.85 -7.62
C ILE F 81 -8.99 17.54 -6.25
N HIS F 82 -9.76 16.44 -6.18
CA HIS F 82 -10.50 16.15 -4.97
C HIS F 82 -9.57 15.67 -3.86
N THR F 83 -9.92 16.00 -2.66
CA THR F 83 -9.26 15.42 -1.50
C THR F 83 -10.03 14.18 -1.06
N PRO F 84 -9.38 13.02 -0.91
CA PRO F 84 -10.09 11.89 -0.28
C PRO F 84 -10.49 12.30 1.11
N MET F 85 -11.75 12.71 1.26
CA MET F 85 -12.21 13.29 2.51
C MET F 85 -11.98 12.35 3.68
N GLU F 86 -12.14 11.04 3.45
CA GLU F 86 -11.96 10.06 4.52
C GLU F 86 -10.53 10.05 5.03
N TYR F 87 -9.55 9.91 4.13
CA TYR F 87 -8.16 9.75 4.55
C TYR F 87 -7.53 11.08 4.99
N LYS F 88 -7.44 12.06 4.08
CA LYS F 88 -6.59 13.23 4.28
C LYS F 88 -7.38 14.53 4.46
N GLY F 89 -6.72 15.53 5.05
CA GLY F 89 -7.24 16.87 5.10
C GLY F 89 -6.83 17.69 3.89
N GLU F 90 -7.29 18.94 3.85
CA GLU F 90 -7.15 19.69 2.62
C GLU F 90 -5.74 20.25 2.46
N LEU F 91 -5.22 20.92 3.49
CA LEU F 91 -3.88 21.48 3.36
C LEU F 91 -2.84 20.43 2.99
N ALA F 92 -3.22 19.15 3.02
CA ALA F 92 -2.41 18.07 2.49
C ALA F 92 -3.12 17.35 1.34
N SER F 93 -3.92 18.12 0.59
CA SER F 93 -4.55 17.65 -0.62
C SER F 93 -3.52 17.45 -1.73
N TYR F 94 -3.91 16.70 -2.74
CA TYR F 94 -3.10 16.76 -3.94
C TYR F 94 -3.37 18.02 -4.74
N ASP F 95 -4.33 18.85 -4.29
CA ASP F 95 -4.57 20.16 -4.88
C ASP F 95 -3.57 21.19 -4.32
N MET F 96 -3.61 21.39 -3.00
CA MET F 96 -2.68 22.33 -2.36
C MET F 96 -1.23 21.96 -2.61
N ARG F 97 -0.94 20.66 -2.71
CA ARG F 97 0.41 20.24 -2.98
C ARG F 97 0.82 20.58 -4.41
N LEU F 98 -0.17 20.81 -5.29
CA LEU F 98 0.09 21.35 -6.63
C LEU F 98 0.27 22.85 -6.58
N ARG F 99 -0.67 23.56 -5.95
CA ARG F 99 -0.57 25.01 -5.89
C ARG F 99 0.67 25.46 -5.13
N ARG F 100 1.09 24.70 -4.10
CA ARG F 100 2.26 25.11 -3.32
C ARG F 100 3.56 24.92 -4.11
N LYS F 101 3.63 23.89 -4.96
CA LYS F 101 4.81 23.66 -5.79
C LYS F 101 4.95 24.65 -6.94
N LEU F 102 3.90 25.42 -7.24
CA LEU F 102 3.98 26.46 -8.26
C LEU F 102 4.16 27.83 -7.65
N ASP F 103 3.94 27.97 -6.36
CA ASP F 103 3.80 29.26 -5.72
C ASP F 103 2.88 30.19 -6.51
N LEU F 104 1.65 29.74 -6.77
CA LEU F 104 0.59 30.67 -7.10
C LEU F 104 0.17 31.38 -5.82
N PHE F 105 0.32 32.71 -5.78
CA PHE F 105 0.09 33.46 -4.55
C PHE F 105 -1.13 34.37 -4.59
N ALA F 106 -1.80 34.49 -5.74
CA ALA F 106 -2.91 35.42 -5.87
C ALA F 106 -4.09 34.69 -6.48
N ASN F 107 -5.25 34.81 -5.85
CA ASN F 107 -6.48 34.27 -6.39
C ASN F 107 -7.33 35.41 -6.91
N VAL F 108 -7.75 35.30 -8.16
CA VAL F 108 -8.51 36.33 -8.84
C VAL F 108 -9.83 35.71 -9.28
N VAL F 109 -10.95 36.28 -8.84
CA VAL F 109 -12.27 35.78 -9.21
C VAL F 109 -13.10 36.91 -9.83
N HIS F 110 -13.62 36.67 -11.03
CA HIS F 110 -14.41 37.66 -11.75
C HIS F 110 -15.88 37.54 -11.38
N VAL F 111 -16.38 38.45 -10.55
CA VAL F 111 -17.80 38.53 -10.26
C VAL F 111 -18.40 39.45 -11.31
N LYS F 112 -18.96 38.84 -12.37
CA LYS F 112 -19.56 39.58 -13.48
C LYS F 112 -20.79 38.83 -13.93
N SER F 113 -21.93 39.53 -13.94
CA SER F 113 -23.18 38.93 -14.37
C SER F 113 -23.24 38.84 -15.88
N LEU F 114 -23.84 37.76 -16.38
CA LEU F 114 -24.02 37.61 -17.80
C LEU F 114 -25.36 38.21 -18.20
N PRO F 115 -25.38 39.20 -19.10
CA PRO F 115 -26.66 39.78 -19.52
C PRO F 115 -27.51 38.72 -20.17
N GLY F 116 -28.58 38.33 -19.47
CA GLY F 116 -29.45 37.25 -19.89
C GLY F 116 -29.84 36.27 -18.78
N TYR F 117 -28.85 35.59 -18.20
CA TYR F 117 -29.08 34.83 -16.98
C TYR F 117 -29.38 35.79 -15.83
N MET F 118 -30.63 36.20 -15.69
CA MET F 118 -30.98 37.25 -14.73
C MET F 118 -30.94 36.71 -13.29
N THR F 119 -30.64 37.60 -12.33
CA THR F 119 -30.46 37.18 -10.96
C THR F 119 -30.90 38.31 -10.02
N ARG F 120 -30.61 38.16 -8.73
CA ARG F 120 -31.00 39.13 -7.69
C ARG F 120 -30.10 40.36 -7.66
N HIS F 121 -28.96 40.30 -8.33
CA HIS F 121 -28.14 41.46 -8.61
C HIS F 121 -27.72 41.27 -10.05
N ASN F 122 -27.91 42.30 -10.87
CA ASN F 122 -27.58 42.23 -12.29
C ASN F 122 -26.68 43.39 -12.66
N ASN F 123 -26.08 43.29 -13.84
CA ASN F 123 -25.16 44.30 -14.38
C ASN F 123 -24.12 44.75 -13.34
N LEU F 124 -23.43 43.77 -12.76
CA LEU F 124 -22.40 44.04 -11.77
C LEU F 124 -21.07 43.54 -12.29
N ASP F 125 -20.07 44.41 -12.30
CA ASP F 125 -18.70 44.04 -12.65
C ASP F 125 -17.82 44.41 -11.47
N LEU F 126 -17.10 43.41 -10.96
CA LEU F 126 -16.43 43.43 -9.66
C LEU F 126 -15.54 42.20 -9.61
N VAL F 127 -14.28 42.34 -9.18
CA VAL F 127 -13.36 41.21 -9.10
C VAL F 127 -12.94 41.03 -7.65
N ILE F 128 -12.61 39.80 -7.28
CA ILE F 128 -12.12 39.47 -5.96
C ILE F 128 -10.66 39.10 -6.09
N ILE F 129 -9.79 39.83 -5.41
CA ILE F 129 -8.38 39.48 -5.29
C ILE F 129 -8.12 39.00 -3.88
N ARG F 130 -7.46 37.86 -3.76
CA ARG F 130 -7.24 37.26 -2.46
C ARG F 130 -5.86 36.61 -2.44
N GLU F 131 -5.19 36.71 -1.28
CA GLU F 131 -3.99 35.95 -0.97
C GLU F 131 -4.28 34.43 -0.97
N GLN F 132 -3.28 33.64 -1.37
CA GLN F 132 -3.49 32.21 -1.59
C GLN F 132 -2.27 31.39 -1.20
N THR F 133 -1.63 31.74 -0.07
CA THR F 133 -0.58 30.83 0.40
C THR F 133 -0.38 30.80 1.91
N GLU F 134 -0.61 31.92 2.60
CA GLU F 134 -0.64 31.91 4.05
C GLU F 134 -2.07 32.22 4.51
N GLY F 135 -2.23 32.62 5.77
CA GLY F 135 -3.56 32.64 6.37
C GLY F 135 -4.06 31.22 6.59
N GLU F 136 -5.35 31.02 6.35
CA GLU F 136 -5.96 29.72 6.61
C GLU F 136 -5.15 28.58 6.01
N TYR F 137 -4.58 28.77 4.83
CA TYR F 137 -3.79 27.70 4.25
C TYR F 137 -2.43 27.55 4.92
N SER F 138 -2.15 28.40 5.92
CA SER F 138 -0.99 28.27 6.78
C SER F 138 -1.36 27.69 8.13
N SER F 139 -2.39 26.86 8.18
CA SER F 139 -2.96 26.42 9.45
C SER F 139 -2.22 25.19 9.92
N LEU F 140 -1.80 25.20 11.19
CA LEU F 140 -1.24 24.02 11.82
C LEU F 140 -1.98 23.79 13.12
N GLU F 141 -2.26 22.52 13.40
CA GLU F 141 -3.14 22.14 14.49
C GLU F 141 -2.42 21.15 15.39
N HIS F 142 -2.62 21.30 16.71
CA HIS F 142 -2.15 20.31 17.68
C HIS F 142 -3.20 20.16 18.78
N GLU F 143 -3.02 19.14 19.64
CA GLU F 143 -3.95 18.83 20.75
C GLU F 143 -3.26 19.05 22.09
N SER F 144 -3.63 20.12 22.80
CA SER F 144 -3.01 20.41 24.10
C SER F 144 -3.54 19.48 25.18
N ALA F 145 -4.87 19.35 25.28
CA ALA F 145 -5.51 18.60 26.35
C ALA F 145 -6.60 17.73 25.76
N ARG F 146 -7.40 17.12 26.66
CA ARG F 146 -8.50 16.28 26.21
C ARG F 146 -9.34 17.01 25.19
N GLY F 147 -10.01 18.05 25.62
CA GLY F 147 -10.80 18.80 24.69
C GLY F 147 -10.19 20.11 24.27
N VAL F 148 -8.87 20.22 24.14
CA VAL F 148 -8.28 21.47 23.69
C VAL F 148 -7.45 21.20 22.45
N ILE F 149 -7.77 21.91 21.38
CA ILE F 149 -7.12 21.76 20.10
C ILE F 149 -6.80 23.17 19.59
N GLU F 150 -5.57 23.35 19.10
CA GLU F 150 -5.04 24.69 18.82
C GLU F 150 -4.79 24.87 17.34
N CYS F 151 -5.30 25.96 16.79
CA CYS F 151 -5.08 26.35 15.41
C CYS F 151 -4.04 27.47 15.41
N LEU F 152 -2.96 27.29 14.65
CA LEU F 152 -1.84 28.23 14.59
C LEU F 152 -1.70 28.76 13.17
N LYS F 153 -1.74 30.09 13.00
CA LYS F 153 -1.83 30.71 11.67
C LYS F 153 -0.85 31.89 11.56
N ILE F 154 -0.54 32.28 10.30
CA ILE F 154 0.55 33.20 9.98
C ILE F 154 0.08 34.35 9.08
N VAL F 155 0.66 35.55 9.30
CA VAL F 155 0.47 36.74 8.46
C VAL F 155 1.81 37.47 8.34
N THR F 156 2.31 37.63 7.11
CA THR F 156 3.65 38.17 6.86
C THR F 156 3.59 39.33 5.87
N ARG F 157 4.20 40.46 6.26
CA ARG F 157 4.37 41.56 5.32
C ARG F 157 4.99 41.09 4.01
N ALA F 158 5.82 40.06 4.06
CA ALA F 158 6.34 39.44 2.84
C ALA F 158 5.28 39.34 1.77
N LYS F 159 4.27 38.47 1.97
CA LYS F 159 3.25 38.24 0.95
C LYS F 159 2.01 39.12 1.11
N SER F 160 1.87 39.82 2.26
CA SER F 160 0.98 40.98 2.31
C SER F 160 1.47 42.11 1.42
N GLN F 161 2.72 42.07 0.97
CA GLN F 161 3.18 43.02 -0.01
C GLN F 161 2.98 42.46 -1.39
N ARG F 162 3.45 41.24 -1.61
CA ARG F 162 3.29 40.48 -2.85
C ARG F 162 1.88 40.58 -3.41
N ILE F 163 0.89 40.83 -2.56
CA ILE F 163 -0.51 40.82 -2.96
C ILE F 163 -1.03 42.24 -3.18
N ALA F 164 -0.49 43.22 -2.44
CA ALA F 164 -0.95 44.59 -2.64
C ALA F 164 -0.50 45.10 -3.99
N LYS F 165 0.79 44.95 -4.29
CA LYS F 165 1.27 45.19 -5.65
C LYS F 165 0.43 44.43 -6.67
N PHE F 166 0.12 43.15 -6.42
CA PHE F 166 -0.72 42.42 -7.36
C PHE F 166 -2.13 43.00 -7.49
N ALA F 167 -2.61 43.75 -6.49
CA ALA F 167 -3.93 44.36 -6.63
C ALA F 167 -3.86 45.52 -7.61
N PHE F 168 -3.16 46.57 -7.21
CA PHE F 168 -3.07 47.74 -8.06
C PHE F 168 -2.42 47.41 -9.40
N ASP F 169 -1.43 46.52 -9.43
CA ASP F 169 -0.86 46.14 -10.72
C ASP F 169 -1.92 45.53 -11.61
N TYR F 170 -2.93 44.86 -11.02
CA TYR F 170 -4.08 44.35 -11.76
C TYR F 170 -5.13 45.43 -11.99
N ALA F 171 -5.32 46.30 -11.00
CA ALA F 171 -6.30 47.38 -11.13
C ALA F 171 -6.02 48.21 -12.37
N THR F 172 -4.78 48.63 -12.56
CA THR F 172 -4.40 49.39 -13.75
C THR F 172 -4.52 48.53 -15.00
N LYS F 173 -3.77 47.42 -15.04
CA LYS F 173 -3.72 46.56 -16.24
C LYS F 173 -5.10 46.33 -16.83
N LYS F 174 -6.16 46.44 -16.02
CA LYS F 174 -7.53 46.18 -16.44
C LYS F 174 -8.43 47.41 -16.23
N GLY F 175 -7.87 48.61 -16.39
CA GLY F 175 -8.61 49.86 -16.26
C GLY F 175 -9.57 49.95 -15.09
N ARG F 176 -9.05 50.03 -13.87
CA ARG F 176 -9.90 49.97 -12.69
C ARG F 176 -9.54 51.07 -11.71
N GLY F 177 -10.56 51.60 -11.04
CA GLY F 177 -10.41 52.82 -10.29
C GLY F 177 -10.35 52.69 -8.77
N LYS F 178 -11.04 51.70 -8.21
CA LYS F 178 -10.98 51.46 -6.77
C LYS F 178 -10.12 50.24 -6.48
N VAL F 179 -9.55 50.24 -5.29
CA VAL F 179 -9.02 49.05 -4.63
C VAL F 179 -9.52 49.14 -3.20
N THR F 180 -10.53 48.36 -2.88
CA THR F 180 -11.02 48.34 -1.52
C THR F 180 -10.27 47.29 -0.72
N ALA F 181 -9.75 47.69 0.43
CA ALA F 181 -9.03 46.78 1.29
C ALA F 181 -10.01 46.21 2.32
N VAL F 182 -10.06 44.88 2.40
CA VAL F 182 -10.90 44.18 3.37
C VAL F 182 -10.00 43.58 4.45
N HIS F 183 -10.28 43.92 5.70
CA HIS F 183 -9.36 43.65 6.80
C HIS F 183 -10.13 43.35 8.07
N LYS F 184 -9.43 42.78 9.05
CA LYS F 184 -9.99 42.63 10.37
C LYS F 184 -9.03 43.21 11.43
N ALA F 185 -8.43 44.36 11.10
CA ALA F 185 -7.58 45.11 12.04
C ALA F 185 -8.29 45.46 13.34
N ASN F 186 -9.61 45.28 13.40
CA ASN F 186 -10.38 45.69 14.57
C ASN F 186 -10.11 44.79 15.76
N ILE F 187 -10.16 43.47 15.55
CA ILE F 187 -9.85 42.51 16.60
C ILE F 187 -8.55 41.77 16.33
N MET F 188 -8.28 41.43 15.07
CA MET F 188 -7.01 40.80 14.69
C MET F 188 -5.97 41.88 14.40
N LYS F 189 -5.65 42.62 15.47
CA LYS F 189 -4.94 43.89 15.30
C LYS F 189 -3.64 43.71 14.55
N LEU F 190 -2.86 42.72 14.96
CA LEU F 190 -1.45 42.69 14.57
C LEU F 190 -1.25 42.11 13.17
N GLY F 191 -1.85 40.96 12.88
CA GLY F 191 -1.73 40.42 11.55
C GLY F 191 -2.34 41.33 10.48
N ASP F 192 -3.58 41.75 10.69
CA ASP F 192 -4.31 42.46 9.64
C ASP F 192 -4.08 43.97 9.64
N GLY F 193 -3.77 44.57 10.80
CA GLY F 193 -3.24 45.92 10.77
C GLY F 193 -1.96 46.01 9.97
N LEU F 194 -1.18 44.91 9.95
CA LEU F 194 0.00 44.86 9.10
C LEU F 194 -0.39 44.67 7.64
N PHE F 195 -1.48 43.96 7.38
CA PHE F 195 -2.03 43.92 6.04
C PHE F 195 -2.54 45.29 5.63
N LEU F 196 -3.29 45.96 6.52
CA LEU F 196 -3.76 47.31 6.20
C LEU F 196 -2.61 48.32 6.17
N GLN F 197 -1.59 48.16 7.03
CA GLN F 197 -0.39 48.98 6.96
C GLN F 197 0.47 48.66 5.73
N CYS F 198 0.21 47.57 5.05
CA CYS F 198 0.85 47.31 3.78
C CYS F 198 0.10 47.94 2.62
N CYS F 199 -1.23 47.81 2.62
CA CYS F 199 -2.02 48.29 1.49
C CYS F 199 -1.88 49.80 1.32
N GLU F 200 -2.08 50.55 2.39
CA GLU F 200 -1.90 52.00 2.34
C GLU F 200 -0.50 52.35 1.80
N GLU F 201 0.51 51.54 2.14
CA GLU F 201 1.85 51.76 1.60
C GLU F 201 1.81 51.84 0.08
N VAL F 202 1.39 50.76 -0.58
CA VAL F 202 1.41 50.73 -2.04
C VAL F 202 0.31 51.56 -2.67
N ALA F 203 -0.71 51.94 -1.90
CA ALA F 203 -1.79 52.77 -2.42
C ALA F 203 -1.37 54.23 -2.56
N GLU F 204 -0.13 54.55 -2.20
CA GLU F 204 0.51 55.79 -2.61
C GLU F 204 1.21 55.62 -3.95
N LEU F 205 1.84 54.46 -4.17
CA LEU F 205 2.58 54.23 -5.40
C LEU F 205 1.69 54.18 -6.63
N TYR F 206 0.39 53.96 -6.45
CA TYR F 206 -0.59 53.97 -7.53
C TYR F 206 -1.67 54.98 -7.16
N PRO F 207 -1.39 56.27 -7.32
CA PRO F 207 -2.35 57.29 -6.90
C PRO F 207 -3.36 57.67 -7.97
N LYS F 208 -3.29 57.04 -9.14
CA LYS F 208 -4.36 57.16 -10.12
C LYS F 208 -5.56 56.27 -9.79
N ILE F 209 -5.50 55.50 -8.71
CA ILE F 209 -6.54 54.54 -8.33
C ILE F 209 -7.06 54.93 -6.95
N LYS F 210 -8.34 55.30 -6.90
CA LYS F 210 -8.96 55.57 -5.61
C LYS F 210 -8.74 54.37 -4.70
N PHE F 211 -8.35 54.64 -3.47
CA PHE F 211 -8.14 53.60 -2.49
C PHE F 211 -8.92 53.90 -1.23
N GLU F 212 -9.35 52.83 -0.58
CA GLU F 212 -10.12 52.91 0.65
C GLU F 212 -9.92 51.60 1.39
N THR F 213 -10.55 51.50 2.55
CA THR F 213 -10.51 50.29 3.34
C THR F 213 -11.93 49.95 3.77
N MET F 214 -12.08 48.74 4.29
CA MET F 214 -13.37 48.28 4.78
C MET F 214 -13.15 47.08 5.68
N ILE F 215 -13.84 47.09 6.82
CA ILE F 215 -13.85 45.96 7.73
C ILE F 215 -14.46 44.72 7.05
N ILE F 216 -13.95 43.53 7.39
CA ILE F 216 -14.44 42.32 6.73
C ILE F 216 -15.88 42.03 7.09
N ASP F 217 -16.30 42.33 8.32
CA ASP F 217 -17.69 42.06 8.69
C ASP F 217 -18.63 42.84 7.78
N ASN F 218 -18.47 44.17 7.71
CA ASN F 218 -19.40 44.99 6.92
C ASN F 218 -19.29 44.75 5.42
N CYS F 219 -18.09 44.48 4.90
CA CYS F 219 -17.91 44.30 3.46
C CYS F 219 -18.67 43.07 2.95
N CYS F 220 -18.64 41.98 3.73
CA CYS F 220 -19.51 40.84 3.45
C CYS F 220 -20.94 41.31 3.36
N MET F 221 -21.36 42.12 4.32
CA MET F 221 -22.72 42.63 4.32
C MET F 221 -23.01 43.43 3.06
N GLN F 222 -22.12 44.35 2.71
CA GLN F 222 -22.38 45.19 1.54
C GLN F 222 -22.36 44.38 0.24
N LEU F 223 -21.67 43.23 0.23
CA LEU F 223 -21.67 42.45 -1.00
C LEU F 223 -23.05 41.93 -1.39
N VAL F 224 -24.03 41.96 -0.48
CA VAL F 224 -25.38 41.50 -0.79
C VAL F 224 -26.44 42.54 -0.44
N GLN F 225 -26.04 43.77 -0.12
CA GLN F 225 -27.01 44.86 -0.08
C GLN F 225 -26.89 45.74 -1.31
N ASN F 226 -25.67 46.09 -1.66
CA ASN F 226 -25.35 46.58 -2.99
C ASN F 226 -23.87 46.29 -3.20
N PRO F 227 -23.53 45.28 -4.00
CA PRO F 227 -22.13 45.04 -4.34
C PRO F 227 -21.62 46.06 -5.30
N TYR F 228 -22.51 46.93 -5.77
CA TYR F 228 -22.19 47.78 -6.89
C TYR F 228 -21.10 48.79 -6.58
N GLN F 229 -20.86 49.12 -5.29
CA GLN F 229 -19.84 50.09 -4.96
C GLN F 229 -18.43 49.59 -5.32
N PHE F 230 -18.15 48.30 -5.08
CA PHE F 230 -16.79 47.76 -5.16
C PHE F 230 -16.31 47.56 -6.59
N ASP F 231 -15.08 48.00 -6.86
CA ASP F 231 -14.49 47.84 -8.19
C ASP F 231 -13.53 46.67 -8.24
N VAL F 232 -12.60 46.62 -7.32
CA VAL F 232 -11.80 45.43 -7.06
C VAL F 232 -11.60 45.39 -5.55
N LEU F 233 -11.54 44.18 -5.02
CA LEU F 233 -11.42 43.93 -3.59
C LEU F 233 -10.12 43.19 -3.39
N VAL F 234 -9.29 43.69 -2.49
CA VAL F 234 -8.09 42.97 -2.09
C VAL F 234 -8.26 42.67 -0.62
N MET F 235 -8.15 41.38 -0.30
CA MET F 235 -8.37 40.89 1.06
C MET F 235 -7.38 39.76 1.30
N PRO F 236 -7.08 39.46 2.60
CA PRO F 236 -6.06 38.46 2.90
C PRO F 236 -6.71 37.11 3.01
N ASN F 237 -6.01 36.11 3.52
CA ASN F 237 -6.58 34.77 3.60
C ASN F 237 -7.18 34.45 4.95
N LEU F 238 -7.65 35.44 5.69
CA LEU F 238 -8.62 35.13 6.72
C LEU F 238 -9.80 34.43 6.06
N TYR F 239 -10.27 33.35 6.66
CA TYR F 239 -11.55 32.75 6.30
C TYR F 239 -11.54 32.03 4.95
N GLY F 240 -10.42 32.01 4.22
CA GLY F 240 -10.34 31.18 3.04
C GLY F 240 -11.10 31.72 1.85
N ASN F 241 -11.77 30.83 1.10
CA ASN F 241 -12.50 31.18 -0.11
C ASN F 241 -13.93 31.60 0.16
N ILE F 242 -14.18 32.19 1.32
CA ILE F 242 -15.56 32.34 1.77
C ILE F 242 -16.20 33.49 1.04
N ILE F 243 -15.42 34.53 0.74
CA ILE F 243 -16.01 35.70 0.08
C ILE F 243 -16.04 35.53 -1.44
N ASP F 244 -15.23 34.66 -1.99
CA ASP F 244 -15.42 34.32 -3.39
C ASP F 244 -16.83 33.77 -3.59
N ASN F 245 -17.19 32.73 -2.83
CA ASN F 245 -18.44 32.01 -3.11
C ASN F 245 -19.65 32.89 -2.86
N LEU F 246 -19.67 33.59 -1.72
CA LEU F 246 -20.72 34.57 -1.48
C LEU F 246 -20.94 35.43 -2.72
N ALA F 247 -19.91 36.19 -3.12
CA ALA F 247 -20.04 37.08 -4.28
C ALA F 247 -20.25 36.28 -5.56
N ALA F 248 -19.57 35.13 -5.70
CA ALA F 248 -19.79 34.27 -6.86
C ALA F 248 -21.23 33.78 -6.98
N GLY F 249 -22.08 34.03 -5.98
CA GLY F 249 -23.42 33.52 -6.02
C GLY F 249 -24.37 34.57 -6.52
N LEU F 250 -23.92 35.82 -6.41
CA LEU F 250 -24.73 36.96 -6.86
C LEU F 250 -24.98 36.91 -8.35
N VAL F 251 -24.20 36.12 -9.06
CA VAL F 251 -24.11 36.15 -10.50
C VAL F 251 -24.70 34.91 -11.15
N GLY F 252 -24.82 33.81 -10.41
CA GLY F 252 -25.50 32.65 -10.92
C GLY F 252 -24.92 31.33 -10.48
N GLY F 253 -24.23 31.33 -9.34
CA GLY F 253 -23.60 30.12 -8.84
C GLY F 253 -22.25 29.88 -9.49
N ALA F 254 -21.63 28.77 -9.04
CA ALA F 254 -20.30 28.43 -9.55
C ALA F 254 -20.35 27.91 -10.96
N GLY F 255 -21.53 27.69 -11.51
CA GLY F 255 -21.56 27.25 -12.89
C GLY F 255 -21.18 28.30 -13.91
N VAL F 256 -21.12 29.58 -13.52
CA VAL F 256 -21.01 30.67 -14.48
C VAL F 256 -19.90 31.66 -14.16
N VAL F 257 -19.19 31.49 -13.06
CA VAL F 257 -18.26 32.52 -12.62
C VAL F 257 -16.85 31.96 -12.76
N PRO F 258 -15.97 32.63 -13.48
CA PRO F 258 -14.67 32.04 -13.79
C PRO F 258 -13.60 32.63 -12.93
N GLY F 259 -12.38 32.09 -13.05
CA GLY F 259 -11.34 32.50 -12.13
C GLY F 259 -9.99 32.05 -12.60
N GLU F 260 -8.97 32.61 -11.95
CA GLU F 260 -7.58 32.34 -12.28
C GLU F 260 -6.70 32.72 -11.09
N SER F 261 -5.46 32.26 -11.16
CA SER F 261 -4.59 32.20 -9.99
C SER F 261 -3.17 32.45 -10.47
N TYR F 262 -2.58 33.56 -10.04
CA TYR F 262 -1.39 34.12 -10.68
C TYR F 262 -0.19 33.99 -9.77
N SER F 263 0.93 33.50 -10.32
CA SER F 263 2.21 33.30 -9.63
C SER F 263 3.22 34.36 -10.07
N ALA F 264 4.49 34.09 -9.76
CA ALA F 264 5.57 34.91 -10.31
C ALA F 264 5.63 34.76 -11.83
N GLU F 265 5.87 33.55 -12.32
CA GLU F 265 5.99 33.33 -13.75
C GLU F 265 4.97 32.33 -14.27
N TYR F 266 3.99 31.95 -13.48
CA TYR F 266 2.96 31.05 -13.95
C TYR F 266 1.59 31.66 -13.72
N ALA F 267 0.69 31.46 -14.67
CA ALA F 267 -0.71 31.88 -14.54
C ALA F 267 -1.60 30.69 -14.84
N VAL F 268 -2.48 30.37 -13.88
CA VAL F 268 -3.35 29.21 -13.93
C VAL F 268 -4.81 29.65 -13.98
N PHE F 269 -5.59 29.03 -14.85
CA PHE F 269 -6.97 29.44 -15.13
C PHE F 269 -7.91 28.31 -14.74
N GLU F 270 -8.84 28.61 -13.83
CA GLU F 270 -9.71 27.62 -13.20
C GLU F 270 -11.16 28.11 -13.10
N THR F 271 -11.79 27.96 -11.92
CA THR F 271 -13.19 28.36 -11.71
C THR F 271 -13.35 29.18 -10.44
N GLY F 272 -14.24 30.18 -10.50
CA GLY F 272 -14.44 31.06 -9.36
C GLY F 272 -14.72 30.36 -8.03
N ALA F 273 -15.97 29.86 -7.87
CA ALA F 273 -16.39 29.23 -6.63
C ALA F 273 -16.03 27.77 -6.65
N ARG F 274 -15.01 27.39 -5.89
CA ARG F 274 -14.50 26.03 -5.86
C ARG F 274 -14.86 25.32 -4.55
N HIS F 275 -16.05 25.57 -4.00
CA HIS F 275 -16.45 24.81 -2.80
C HIS F 275 -16.42 23.31 -3.09
N PRO F 276 -16.56 22.44 -2.10
CA PRO F 276 -16.86 21.03 -2.42
C PRO F 276 -18.26 20.97 -3.02
N PHE F 277 -18.53 19.89 -3.77
CA PHE F 277 -19.82 19.75 -4.46
C PHE F 277 -20.05 20.83 -5.50
N ALA F 278 -18.98 21.41 -6.05
CA ALA F 278 -19.04 22.58 -6.93
C ALA F 278 -20.09 22.41 -8.03
N GLN F 279 -19.99 21.34 -8.81
CA GLN F 279 -21.12 20.91 -9.64
C GLN F 279 -21.13 19.39 -9.55
N ALA F 280 -21.64 18.86 -8.43
CA ALA F 280 -21.66 17.43 -8.15
C ALA F 280 -22.70 16.71 -8.99
N VAL F 281 -22.70 16.95 -10.28
CA VAL F 281 -23.80 16.58 -11.11
C VAL F 281 -23.42 15.33 -11.89
N GLY F 282 -24.41 14.74 -12.59
CA GLY F 282 -24.16 13.55 -13.37
C GLY F 282 -23.48 13.84 -14.69
N ARG F 283 -22.90 12.78 -15.27
CA ARG F 283 -22.36 12.78 -16.62
C ARG F 283 -23.34 13.62 -17.45
N ASN F 284 -22.83 14.70 -18.04
CA ASN F 284 -23.44 15.53 -19.08
C ASN F 284 -24.62 16.38 -18.60
N ILE F 285 -24.48 17.07 -17.47
CA ILE F 285 -25.55 17.99 -17.11
C ILE F 285 -24.93 19.26 -16.53
N ALA F 286 -23.61 19.26 -16.34
CA ALA F 286 -22.91 20.38 -15.72
C ALA F 286 -22.73 21.54 -16.70
N ASN F 287 -23.03 22.74 -16.21
CA ASN F 287 -22.94 23.97 -17.00
C ASN F 287 -21.50 24.34 -17.28
N PRO F 288 -21.08 24.41 -18.54
CA PRO F 288 -19.69 24.76 -18.87
C PRO F 288 -19.45 26.24 -19.09
N THR F 289 -20.39 27.13 -18.75
CA THR F 289 -20.10 28.56 -18.88
C THR F 289 -18.77 28.88 -18.23
N ALA F 290 -18.70 28.72 -16.91
CA ALA F 290 -17.58 29.23 -16.15
C ALA F 290 -16.24 28.83 -16.78
N MET F 291 -16.10 27.55 -17.15
CA MET F 291 -14.83 27.12 -17.75
C MET F 291 -14.53 27.91 -19.03
N LEU F 292 -15.50 27.94 -19.96
CA LEU F 292 -15.27 28.57 -21.25
C LEU F 292 -14.85 30.01 -21.09
N LEU F 293 -15.51 30.73 -20.17
CA LEU F 293 -15.11 32.11 -19.89
C LEU F 293 -13.68 32.14 -19.38
N SER F 294 -13.41 31.43 -18.29
CA SER F 294 -12.05 31.37 -17.77
C SER F 294 -11.07 30.90 -18.84
N ALA F 295 -11.49 29.97 -19.70
CA ALA F 295 -10.62 29.53 -20.78
C ALA F 295 -10.49 30.58 -21.89
N SER F 296 -11.37 31.57 -21.94
CA SER F 296 -11.17 32.73 -22.80
C SER F 296 -10.26 33.73 -22.12
N ASN F 297 -10.41 33.92 -20.81
CA ASN F 297 -9.49 34.77 -20.08
C ASN F 297 -8.07 34.22 -20.20
N MET F 298 -7.94 32.91 -20.40
CA MET F 298 -6.64 32.34 -20.73
C MET F 298 -6.19 32.82 -22.10
N LEU F 299 -6.96 32.56 -23.15
CA LEU F 299 -6.61 33.01 -24.49
C LEU F 299 -6.26 34.49 -24.54
N ARG F 300 -6.78 35.29 -23.60
CA ARG F 300 -6.33 36.67 -23.51
C ARG F 300 -4.90 36.74 -23.01
N HIS F 301 -4.62 36.08 -21.89
CA HIS F 301 -3.27 36.03 -21.33
C HIS F 301 -2.25 35.58 -22.36
N LEU F 302 -2.63 34.69 -23.27
CA LEU F 302 -1.79 34.26 -24.38
C LEU F 302 -1.77 35.25 -25.54
N ASN F 303 -2.66 36.26 -25.53
CA ASN F 303 -2.72 37.31 -26.53
C ASN F 303 -3.31 36.82 -27.84
N LEU F 304 -3.97 35.67 -27.82
CA LEU F 304 -4.84 35.33 -28.92
C LEU F 304 -6.14 36.12 -28.79
N GLU F 305 -6.01 37.45 -28.61
CA GLU F 305 -7.12 38.30 -28.20
C GLU F 305 -8.25 38.35 -29.23
N TYR F 306 -8.00 37.99 -30.49
CA TYR F 306 -9.12 37.71 -31.39
C TYR F 306 -9.85 36.49 -30.87
N HIS F 307 -9.24 35.32 -31.09
CA HIS F 307 -9.78 34.05 -30.63
C HIS F 307 -10.45 34.18 -29.25
N SER F 308 -9.77 34.84 -28.31
CA SER F 308 -10.28 35.01 -26.96
C SER F 308 -11.57 35.83 -26.93
N SER F 309 -11.53 37.01 -27.55
CA SER F 309 -12.72 37.86 -27.58
C SER F 309 -13.92 37.10 -28.15
N MET F 310 -13.68 36.16 -29.05
CA MET F 310 -14.74 35.52 -29.81
C MET F 310 -15.39 34.40 -29.01
N ILE F 311 -14.59 33.50 -28.46
CA ILE F 311 -15.06 32.50 -27.51
C ILE F 311 -15.94 33.20 -26.50
N ALA F 312 -15.39 34.17 -25.77
CA ALA F 312 -16.20 34.95 -24.83
C ALA F 312 -17.49 35.42 -25.48
N ASP F 313 -17.37 36.17 -26.57
CA ASP F 313 -18.55 36.83 -27.11
C ASP F 313 -19.60 35.83 -27.52
N ALA F 314 -19.17 34.68 -28.06
CA ALA F 314 -20.13 33.69 -28.51
C ALA F 314 -20.96 33.19 -27.34
N VAL F 315 -20.32 32.89 -26.22
CA VAL F 315 -21.07 32.23 -25.16
C VAL F 315 -22.06 33.19 -24.53
N LYS F 316 -21.65 34.44 -24.24
CA LYS F 316 -22.57 35.38 -23.59
C LYS F 316 -23.79 35.64 -24.47
N LYS F 317 -23.62 35.58 -25.79
CA LYS F 317 -24.73 35.80 -26.70
C LYS F 317 -25.63 34.59 -26.80
N VAL F 318 -25.05 33.40 -26.69
CA VAL F 318 -25.84 32.17 -26.55
C VAL F 318 -26.77 32.30 -25.34
N ILE F 319 -26.19 32.58 -24.19
CA ILE F 319 -26.98 32.57 -22.99
C ILE F 319 -27.72 33.88 -22.86
N LYS F 320 -27.63 34.74 -23.88
CA LYS F 320 -28.53 35.89 -23.96
C LYS F 320 -29.74 35.59 -24.83
N VAL F 321 -29.52 35.22 -26.09
CA VAL F 321 -30.60 34.84 -27.00
C VAL F 321 -31.58 33.96 -26.24
N GLY F 322 -31.05 33.07 -25.39
CA GLY F 322 -31.89 32.39 -24.43
C GLY F 322 -32.42 31.04 -24.87
N LYS F 323 -31.94 30.49 -25.99
CA LYS F 323 -32.56 29.29 -26.53
C LYS F 323 -32.17 28.14 -25.64
N VAL F 324 -30.90 27.75 -25.64
CA VAL F 324 -30.43 26.60 -24.87
C VAL F 324 -29.74 27.09 -23.59
N ARG F 325 -30.23 26.63 -22.45
CA ARG F 325 -29.65 26.91 -21.15
C ARG F 325 -29.64 25.64 -20.33
N THR F 326 -28.69 25.54 -19.41
CA THR F 326 -28.55 24.35 -18.57
C THR F 326 -29.45 24.42 -17.34
N SER F 327 -29.38 23.41 -16.49
CA SER F 327 -30.22 23.44 -15.30
C SER F 327 -29.80 24.55 -14.35
N ASP F 328 -28.55 25.00 -14.44
CA ASP F 328 -28.12 26.14 -13.64
C ASP F 328 -28.96 27.36 -13.94
N MET F 329 -29.13 27.64 -15.22
CA MET F 329 -29.80 28.84 -15.71
C MET F 329 -31.27 28.58 -16.04
N GLY F 330 -31.86 27.59 -15.39
CA GLY F 330 -33.29 27.39 -15.45
C GLY F 330 -33.81 26.65 -16.65
N GLY F 331 -33.01 26.45 -17.68
CA GLY F 331 -33.40 25.60 -18.78
C GLY F 331 -33.05 24.16 -18.50
N TYR F 332 -33.51 23.27 -19.38
CA TYR F 332 -33.28 21.84 -19.21
C TYR F 332 -32.34 21.28 -20.28
N ALA F 333 -31.58 22.16 -20.95
CA ALA F 333 -30.65 21.72 -21.98
C ALA F 333 -29.44 21.06 -21.36
N THR F 334 -28.99 19.98 -21.96
CA THR F 334 -27.88 19.24 -21.40
C THR F 334 -26.59 20.02 -21.60
N CYS F 335 -25.54 19.59 -20.90
CA CYS F 335 -24.25 20.25 -21.04
C CYS F 335 -23.83 20.28 -22.49
N HIS F 336 -23.71 19.11 -23.10
CA HIS F 336 -23.34 19.01 -24.51
C HIS F 336 -24.17 19.94 -25.38
N ASP F 337 -25.50 19.72 -25.42
CA ASP F 337 -26.39 20.61 -26.16
C ASP F 337 -26.00 22.07 -25.95
N PHE F 338 -25.60 22.43 -24.73
CA PHE F 338 -25.12 23.77 -24.52
C PHE F 338 -23.75 23.96 -25.16
N THR F 339 -22.79 23.06 -24.93
CA THR F 339 -21.48 23.30 -25.52
C THR F 339 -21.59 23.27 -27.04
N GLU F 340 -22.44 22.39 -27.57
CA GLU F 340 -22.54 22.25 -29.02
C GLU F 340 -23.29 23.42 -29.66
N GLU F 341 -24.11 24.14 -28.91
CA GLU F 341 -24.69 25.36 -29.45
C GLU F 341 -23.63 26.44 -29.55
N ILE F 342 -22.72 26.47 -28.58
CA ILE F 342 -21.68 27.50 -28.56
C ILE F 342 -20.70 27.24 -29.69
N CYS F 343 -20.38 25.97 -29.94
CA CYS F 343 -19.53 25.61 -31.07
C CYS F 343 -20.13 26.15 -32.36
N ARG F 344 -21.39 25.80 -32.64
CA ARG F 344 -22.05 26.28 -33.84
C ARG F 344 -21.95 27.80 -33.91
N ARG F 345 -22.53 28.53 -32.94
CA ARG F 345 -22.45 29.98 -33.12
C ARG F 345 -21.09 30.48 -33.00
N VAL F 346 -20.02 29.67 -33.02
CA VAL F 346 -18.65 30.16 -33.13
C VAL F 346 -18.23 29.99 -34.58
N LYS F 347 -18.37 28.76 -35.12
CA LYS F 347 -18.04 28.55 -36.53
C LYS F 347 -18.76 29.56 -37.41
N ASP F 348 -19.92 30.08 -36.96
CA ASP F 348 -20.62 31.17 -37.63
C ASP F 348 -19.98 32.53 -37.37
N LEU F 349 -19.06 32.64 -36.41
CA LEU F 349 -18.33 33.89 -36.18
C LEU F 349 -17.00 33.92 -36.93
N ASP F 350 -16.72 32.90 -37.74
CA ASP F 350 -15.79 33.04 -38.87
C ASP F 350 -16.61 33.37 -40.14
N GLU F 351 -17.21 32.37 -40.76
CA GLU F 351 -18.08 32.68 -41.90
C GLU F 351 -19.51 32.19 -41.69
N VAL G 6 -53.50 -36.11 -62.42
CA VAL G 6 -52.24 -36.76 -62.04
C VAL G 6 -51.04 -35.93 -62.52
N GLN G 7 -50.22 -35.46 -61.56
CA GLN G 7 -49.13 -34.55 -61.84
C GLN G 7 -47.77 -35.23 -61.78
N THR G 8 -46.78 -34.61 -62.43
CA THR G 8 -45.41 -35.13 -62.54
C THR G 8 -44.43 -34.17 -61.89
N VAL G 9 -43.50 -34.73 -61.11
CA VAL G 9 -42.52 -33.92 -60.39
C VAL G 9 -41.21 -34.69 -60.32
N THR G 10 -40.10 -33.96 -60.50
CA THR G 10 -38.78 -34.58 -60.41
C THR G 10 -38.52 -35.07 -58.98
N LEU G 11 -37.61 -36.03 -58.88
CA LEU G 11 -37.20 -36.57 -57.57
C LEU G 11 -35.75 -37.00 -57.66
N ILE G 12 -34.87 -36.29 -56.97
CA ILE G 12 -33.46 -36.66 -56.87
C ILE G 12 -33.29 -37.44 -55.57
N PRO G 13 -32.96 -38.73 -55.63
CA PRO G 13 -32.80 -39.50 -54.38
C PRO G 13 -31.88 -38.84 -53.40
N GLY G 14 -30.65 -38.57 -53.77
CA GLY G 14 -29.76 -37.80 -52.94
C GLY G 14 -28.58 -38.59 -52.44
N ASP G 15 -27.50 -37.87 -52.14
CA ASP G 15 -26.33 -38.47 -51.51
C ASP G 15 -26.70 -38.89 -50.09
N GLY G 16 -25.79 -39.66 -49.49
CA GLY G 16 -25.85 -39.95 -48.06
C GLY G 16 -27.00 -40.81 -47.55
N ILE G 17 -27.87 -40.21 -46.73
CA ILE G 17 -29.05 -40.90 -46.24
C ILE G 17 -30.26 -40.61 -47.10
N GLY G 18 -30.10 -39.87 -48.20
CA GLY G 18 -31.19 -39.40 -49.01
C GLY G 18 -32.13 -40.42 -49.63
N PRO G 19 -31.58 -41.40 -50.36
CA PRO G 19 -32.47 -42.36 -51.04
C PRO G 19 -33.24 -43.25 -50.08
N GLU G 20 -32.74 -43.40 -48.85
CA GLU G 20 -33.43 -44.21 -47.85
C GLU G 20 -34.79 -43.62 -47.51
N ILE G 21 -34.90 -42.28 -47.54
CA ILE G 21 -36.18 -41.61 -47.29
C ILE G 21 -36.83 -41.10 -48.58
N SER G 22 -36.11 -41.10 -49.70
CA SER G 22 -36.78 -40.89 -50.98
C SER G 22 -37.78 -42.00 -51.25
N ALA G 23 -37.56 -43.18 -50.66
CA ALA G 23 -38.51 -44.28 -50.80
C ALA G 23 -39.64 -44.16 -49.79
N ALA G 24 -39.33 -43.75 -48.57
CA ALA G 24 -40.37 -43.62 -47.55
C ALA G 24 -41.37 -42.52 -47.90
N VAL G 25 -40.94 -41.50 -48.66
CA VAL G 25 -41.86 -40.42 -49.03
C VAL G 25 -42.72 -40.81 -50.23
N MET G 26 -42.15 -41.52 -51.21
CA MET G 26 -42.96 -41.98 -52.34
C MET G 26 -43.90 -43.09 -51.92
N LYS G 27 -43.40 -44.07 -51.17
CA LYS G 27 -44.24 -45.16 -50.68
C LYS G 27 -45.45 -44.58 -49.95
N ILE G 28 -45.20 -43.67 -49.01
CA ILE G 28 -46.25 -42.99 -48.28
C ILE G 28 -47.14 -42.14 -49.19
N PHE G 29 -46.72 -41.90 -50.43
CA PHE G 29 -47.62 -41.21 -51.36
C PHE G 29 -48.48 -42.19 -52.15
N ASP G 30 -47.86 -43.17 -52.80
CA ASP G 30 -48.63 -44.27 -53.39
C ASP G 30 -49.33 -45.11 -52.32
N ALA G 31 -49.16 -44.78 -51.04
CA ALA G 31 -50.04 -45.22 -49.96
C ALA G 31 -51.09 -44.19 -49.59
N ALA G 32 -51.09 -43.04 -50.26
CA ALA G 32 -52.11 -42.02 -50.07
C ALA G 32 -52.83 -41.68 -51.35
N LYS G 33 -52.47 -42.34 -52.45
CA LYS G 33 -53.01 -42.04 -53.78
C LYS G 33 -52.99 -40.54 -54.02
N ALA G 34 -51.77 -40.04 -54.14
CA ALA G 34 -51.64 -38.65 -54.53
C ALA G 34 -51.45 -38.57 -56.04
N PRO G 35 -52.03 -37.56 -56.68
CA PRO G 35 -51.84 -37.38 -58.13
C PRO G 35 -50.41 -37.01 -58.52
N ILE G 36 -49.44 -37.86 -58.17
CA ILE G 36 -48.00 -37.58 -58.36
C ILE G 36 -47.30 -38.81 -58.91
N GLN G 37 -46.71 -38.68 -60.10
CA GLN G 37 -45.75 -39.65 -60.64
C GLN G 37 -44.36 -39.05 -60.54
N TRP G 38 -43.36 -39.90 -60.30
CA TRP G 38 -42.00 -39.48 -59.93
C TRP G 38 -40.99 -39.90 -60.99
N GLU G 39 -40.25 -38.93 -61.52
CA GLU G 39 -39.25 -39.16 -62.57
C GLU G 39 -37.86 -39.10 -61.94
N GLU G 40 -37.38 -40.26 -61.46
CA GLU G 40 -36.10 -40.35 -60.75
C GLU G 40 -34.95 -39.85 -61.60
N ARG G 41 -34.21 -38.84 -61.09
CA ARG G 41 -33.21 -38.08 -61.84
C ARG G 41 -31.96 -37.79 -60.99
N ASN G 42 -31.26 -38.86 -60.57
CA ASN G 42 -30.15 -38.75 -59.63
C ASN G 42 -29.06 -37.79 -60.06
N TRP G 53 -19.31 -26.58 -62.05
CA TRP G 53 -18.93 -27.57 -63.05
C TRP G 53 -20.07 -27.88 -63.99
N MET G 54 -21.12 -27.05 -63.91
CA MET G 54 -22.35 -27.21 -64.67
C MET G 54 -23.11 -28.48 -64.24
N ILE G 55 -24.42 -28.48 -64.45
CA ILE G 55 -25.33 -29.48 -63.89
C ILE G 55 -25.36 -30.76 -64.71
N PRO G 56 -25.69 -31.91 -64.11
CA PRO G 56 -26.07 -33.09 -64.92
C PRO G 56 -27.30 -32.75 -65.76
N SER G 57 -27.14 -32.88 -67.08
CA SER G 57 -28.16 -32.41 -68.01
C SER G 57 -29.44 -33.23 -67.97
N GLU G 58 -29.40 -34.49 -67.52
CA GLU G 58 -30.63 -35.27 -67.36
C GLU G 58 -31.52 -34.70 -66.26
N ALA G 59 -30.91 -34.04 -65.27
CA ALA G 59 -31.67 -33.34 -64.25
C ALA G 59 -32.05 -31.94 -64.71
N LYS G 60 -31.19 -31.27 -65.49
CA LYS G 60 -31.43 -29.88 -65.90
C LYS G 60 -32.54 -29.78 -66.93
N GLU G 61 -32.69 -30.80 -67.79
CA GLU G 61 -33.79 -30.82 -68.75
C GLU G 61 -35.12 -31.20 -68.10
N SER G 62 -35.09 -31.89 -66.96
CA SER G 62 -36.31 -32.44 -66.36
C SER G 62 -37.16 -31.38 -65.69
N MET G 63 -36.54 -30.31 -65.19
CA MET G 63 -37.30 -29.37 -64.38
C MET G 63 -38.05 -28.37 -65.25
N ASP G 64 -37.38 -27.79 -66.25
CA ASP G 64 -38.04 -26.82 -67.13
C ASP G 64 -39.30 -27.42 -67.76
N LYS G 65 -39.48 -28.74 -67.61
CA LYS G 65 -40.67 -29.48 -68.00
C LYS G 65 -41.59 -29.81 -66.83
N ASN G 66 -41.04 -30.22 -65.70
CA ASN G 66 -41.85 -30.44 -64.51
C ASN G 66 -42.06 -29.17 -63.69
N LYS G 67 -41.06 -28.27 -63.69
CA LYS G 67 -41.10 -27.00 -62.95
C LYS G 67 -41.32 -27.21 -61.45
N MET G 68 -40.86 -28.34 -60.93
CA MET G 68 -41.25 -28.77 -59.59
C MET G 68 -40.35 -29.92 -59.12
N GLY G 69 -39.91 -29.87 -57.86
CA GLY G 69 -38.99 -30.89 -57.37
C GLY G 69 -39.09 -31.14 -55.88
N LEU G 70 -38.56 -32.30 -55.48
CA LEU G 70 -38.48 -32.74 -54.09
C LEU G 70 -37.17 -33.52 -53.94
N LYS G 71 -36.09 -32.77 -53.69
CA LYS G 71 -34.73 -33.31 -53.77
C LYS G 71 -34.25 -33.78 -52.41
N GLY G 72 -33.45 -34.86 -52.43
CA GLY G 72 -32.83 -35.36 -51.24
C GLY G 72 -31.69 -34.47 -50.79
N PRO G 73 -31.05 -34.89 -49.69
CA PRO G 73 -29.88 -34.15 -49.19
C PRO G 73 -28.58 -34.60 -49.85
N LEU G 74 -28.02 -33.73 -50.69
CA LEU G 74 -26.81 -34.00 -51.44
C LEU G 74 -25.58 -33.64 -50.62
N LYS G 75 -24.47 -34.32 -50.91
CA LYS G 75 -23.21 -34.05 -50.22
C LYS G 75 -22.48 -32.88 -50.87
N THR G 76 -21.45 -32.41 -50.16
CA THR G 76 -20.54 -31.39 -50.65
C THR G 76 -19.21 -31.57 -49.93
N PRO G 77 -18.17 -32.04 -50.61
CA PRO G 77 -16.87 -32.25 -49.95
C PRO G 77 -16.42 -31.01 -49.18
N HIS G 82 -15.94 -31.63 -54.85
CA HIS G 82 -15.14 -30.45 -54.52
C HIS G 82 -15.98 -29.17 -54.56
N PRO G 83 -16.22 -28.62 -55.76
CA PRO G 83 -16.89 -27.32 -55.86
C PRO G 83 -18.31 -27.36 -55.32
N SER G 84 -18.82 -26.16 -55.04
CA SER G 84 -20.03 -26.00 -54.26
C SER G 84 -21.25 -26.38 -55.11
N MET G 85 -22.15 -27.16 -54.51
CA MET G 85 -23.09 -27.96 -55.30
C MET G 85 -24.55 -27.57 -55.08
N ASN G 86 -25.07 -27.63 -53.85
CA ASN G 86 -26.51 -27.43 -53.68
C ASN G 86 -26.92 -26.02 -54.04
N LEU G 87 -26.02 -25.05 -53.82
CA LEU G 87 -26.23 -23.69 -54.31
C LEU G 87 -26.25 -23.64 -55.83
N LEU G 88 -25.40 -24.43 -56.49
CA LEU G 88 -25.45 -24.53 -57.94
C LEU G 88 -26.80 -25.03 -58.41
N LEU G 89 -27.43 -25.91 -57.63
CA LEU G 89 -28.80 -26.34 -57.90
C LEU G 89 -29.80 -25.23 -57.59
N ARG G 90 -29.54 -24.43 -56.56
CA ARG G 90 -30.49 -23.41 -56.12
C ARG G 90 -30.46 -22.17 -57.02
N LYS G 91 -29.27 -21.73 -57.40
CA LYS G 91 -29.13 -20.48 -58.15
C LYS G 91 -29.45 -20.65 -59.62
N THR G 92 -29.24 -21.87 -60.18
CA THR G 92 -29.57 -22.21 -61.58
C THR G 92 -31.09 -22.28 -61.82
N PHE G 93 -31.91 -21.91 -60.83
CA PHE G 93 -33.36 -21.89 -60.96
C PHE G 93 -33.96 -20.60 -60.38
N ASP G 94 -33.18 -19.52 -60.31
CA ASP G 94 -33.54 -18.25 -59.66
C ASP G 94 -34.45 -18.41 -58.45
N LEU G 95 -34.05 -19.24 -57.49
CA LEU G 95 -34.82 -19.40 -56.25
C LEU G 95 -34.29 -18.39 -55.24
N TYR G 96 -34.88 -17.21 -55.24
CA TYR G 96 -34.45 -16.08 -54.42
C TYR G 96 -34.94 -16.15 -52.97
N ALA G 97 -35.49 -17.27 -52.52
CA ALA G 97 -36.14 -17.29 -51.21
C ALA G 97 -36.20 -18.71 -50.71
N ASN G 98 -35.65 -18.96 -49.52
CA ASN G 98 -35.63 -20.27 -48.89
C ASN G 98 -36.48 -20.15 -47.63
N VAL G 99 -37.64 -20.79 -47.62
CA VAL G 99 -38.59 -20.72 -46.52
C VAL G 99 -38.48 -21.99 -45.68
N ARG G 100 -38.10 -21.84 -44.41
CA ARG G 100 -37.94 -22.96 -43.47
C ARG G 100 -38.81 -22.71 -42.25
N PRO G 101 -40.14 -22.83 -42.41
CA PRO G 101 -41.03 -22.65 -41.26
C PRO G 101 -40.76 -23.69 -40.20
N CYS G 102 -41.25 -23.40 -38.99
CA CYS G 102 -40.69 -24.00 -37.78
C CYS G 102 -41.79 -24.13 -36.73
N VAL G 103 -42.39 -25.32 -36.64
CA VAL G 103 -43.68 -25.52 -35.97
C VAL G 103 -43.58 -26.68 -34.99
N SER G 104 -43.94 -26.41 -33.74
CA SER G 104 -43.88 -27.42 -32.68
C SER G 104 -44.62 -28.67 -33.12
N ILE G 105 -44.07 -29.83 -32.75
CA ILE G 105 -44.73 -31.10 -32.98
C ILE G 105 -45.59 -31.43 -31.76
N GLU G 106 -46.89 -31.11 -31.83
CA GLU G 106 -47.80 -31.31 -30.68
C GLU G 106 -47.84 -32.76 -30.20
N GLY G 107 -47.31 -33.71 -30.95
CA GLY G 107 -47.12 -35.04 -30.43
C GLY G 107 -45.85 -35.15 -29.62
N TYR G 108 -44.80 -34.47 -30.06
CA TYR G 108 -43.48 -34.55 -29.43
C TYR G 108 -43.31 -33.52 -28.31
N LYS G 109 -42.43 -33.84 -27.37
CA LYS G 109 -42.17 -33.02 -26.20
C LYS G 109 -40.74 -32.51 -26.23
N THR G 110 -40.57 -31.21 -26.43
CA THR G 110 -39.26 -30.59 -26.28
C THR G 110 -39.34 -29.49 -25.24
N PRO G 111 -38.20 -29.05 -24.71
CA PRO G 111 -38.22 -28.04 -23.65
C PRO G 111 -38.84 -26.75 -24.13
N TYR G 112 -39.24 -26.70 -25.41
CA TYR G 112 -39.97 -25.58 -25.96
C TYR G 112 -41.37 -26.02 -26.34
N THR G 113 -42.25 -25.04 -26.49
CA THR G 113 -43.63 -25.35 -26.83
C THR G 113 -44.24 -24.13 -27.51
N ASP G 114 -45.15 -24.39 -28.44
CA ASP G 114 -45.87 -23.35 -29.17
C ASP G 114 -44.90 -22.39 -29.88
N VAL G 115 -44.08 -22.98 -30.74
CA VAL G 115 -43.13 -22.21 -31.51
C VAL G 115 -43.57 -22.31 -32.97
N ASN G 116 -43.75 -21.15 -33.60
CA ASN G 116 -44.26 -21.05 -34.96
C ASN G 116 -43.49 -19.89 -35.59
N ILE G 117 -42.40 -20.22 -36.26
CA ILE G 117 -41.51 -19.21 -36.82
C ILE G 117 -41.26 -19.53 -38.29
N VAL G 118 -41.28 -18.49 -39.10
CA VAL G 118 -40.97 -18.58 -40.52
C VAL G 118 -39.61 -17.93 -40.74
N THR G 119 -38.67 -18.68 -41.33
CA THR G 119 -37.35 -18.14 -41.70
C THR G 119 -37.37 -17.80 -43.18
N ILE G 120 -37.48 -16.50 -43.48
CA ILE G 120 -37.42 -15.98 -44.84
C ILE G 120 -36.01 -15.47 -45.09
N ARG G 121 -35.12 -16.38 -45.45
CA ARG G 121 -33.76 -16.07 -45.86
C ARG G 121 -33.69 -16.04 -47.38
N GLU G 122 -32.97 -15.08 -47.92
CA GLU G 122 -32.77 -15.07 -49.36
C GLU G 122 -31.70 -16.11 -49.75
N ASN G 123 -31.61 -16.38 -51.06
CA ASN G 123 -30.96 -17.59 -51.54
C ASN G 123 -30.19 -17.33 -52.85
N THR G 124 -29.74 -16.09 -53.09
CA THR G 124 -29.05 -15.78 -54.34
C THR G 124 -27.87 -14.84 -54.19
N GLU G 125 -27.59 -14.33 -52.99
CA GLU G 125 -26.54 -13.35 -52.83
C GLU G 125 -25.63 -13.78 -51.68
N GLY G 126 -24.86 -12.83 -51.16
CA GLY G 126 -24.01 -13.09 -50.02
C GLY G 126 -23.01 -14.22 -50.22
N GLU G 127 -23.06 -15.20 -49.34
CA GLU G 127 -22.11 -16.31 -49.39
C GLU G 127 -22.23 -17.07 -50.70
N TYR G 128 -23.46 -17.31 -51.17
CA TYR G 128 -23.68 -17.99 -52.43
C TYR G 128 -23.08 -17.25 -53.63
N SER G 129 -22.83 -15.94 -53.50
CA SER G 129 -22.20 -15.15 -54.56
C SER G 129 -20.69 -15.43 -54.57
N GLY G 130 -20.38 -16.71 -54.67
CA GLY G 130 -19.11 -17.28 -54.30
C GLY G 130 -17.92 -16.84 -55.11
N ILE G 131 -17.18 -15.86 -54.59
CA ILE G 131 -15.84 -15.58 -55.07
C ILE G 131 -14.96 -15.70 -53.85
N GLU G 132 -13.89 -16.48 -53.99
CA GLU G 132 -13.02 -16.85 -52.88
C GLU G 132 -11.71 -17.28 -53.51
N HIS G 133 -10.59 -16.75 -53.01
CA HIS G 133 -9.28 -17.00 -53.59
C HIS G 133 -8.22 -16.65 -52.56
N VAL G 134 -6.96 -16.90 -52.91
CA VAL G 134 -5.84 -16.82 -51.97
C VAL G 134 -4.97 -15.60 -52.31
N ILE G 135 -4.98 -14.60 -51.42
CA ILE G 135 -4.31 -13.35 -51.71
C ILE G 135 -2.80 -13.56 -51.76
N VAL G 136 -2.21 -14.14 -50.69
CA VAL G 136 -0.84 -14.63 -50.69
C VAL G 136 -0.78 -15.91 -49.85
N ASP G 137 0.41 -16.50 -49.74
CA ASP G 137 0.58 -17.72 -48.94
C ASP G 137 0.00 -17.53 -47.55
N GLY G 138 -1.04 -18.30 -47.26
CA GLY G 138 -1.63 -18.37 -45.93
C GLY G 138 -2.67 -17.33 -45.63
N VAL G 139 -3.10 -16.55 -46.62
CA VAL G 139 -4.08 -15.48 -46.43
C VAL G 139 -5.20 -15.69 -47.46
N VAL G 140 -6.42 -15.93 -46.99
CA VAL G 140 -7.54 -16.22 -47.88
C VAL G 140 -8.47 -15.02 -47.93
N GLN G 141 -8.93 -14.66 -49.12
CA GLN G 141 -9.92 -13.62 -49.27
C GLN G 141 -11.17 -14.19 -49.94
N SER G 142 -12.30 -13.91 -49.34
CA SER G 142 -13.59 -14.22 -49.94
C SER G 142 -14.22 -12.89 -50.32
N ILE G 143 -14.90 -12.87 -51.45
CA ILE G 143 -15.51 -11.65 -51.97
C ILE G 143 -17.00 -11.92 -52.04
N LYS G 144 -17.74 -11.41 -51.06
CA LYS G 144 -19.18 -11.52 -51.01
C LYS G 144 -19.81 -10.20 -51.40
N LEU G 145 -20.93 -10.27 -52.10
CA LEU G 145 -21.63 -9.05 -52.47
C LEU G 145 -23.12 -9.27 -52.37
N ILE G 146 -23.82 -8.20 -51.98
CA ILE G 146 -25.27 -8.19 -51.85
C ILE G 146 -25.77 -6.93 -52.51
N THR G 147 -26.94 -7.03 -53.16
CA THR G 147 -27.43 -6.02 -54.08
C THR G 147 -28.84 -5.58 -53.70
N GLU G 148 -29.19 -4.37 -54.13
CA GLU G 148 -30.56 -3.88 -53.96
C GLU G 148 -31.59 -4.89 -54.46
N GLY G 149 -31.45 -5.30 -55.71
CA GLY G 149 -32.44 -6.11 -56.41
C GLY G 149 -33.03 -7.25 -55.60
N ALA G 150 -32.16 -8.14 -55.11
CA ALA G 150 -32.68 -9.25 -54.32
C ALA G 150 -33.14 -8.77 -52.95
N SER G 151 -32.49 -7.75 -52.40
CA SER G 151 -32.92 -7.23 -51.11
C SER G 151 -34.36 -6.77 -51.19
N LYS G 152 -34.63 -5.85 -52.12
CA LYS G 152 -36.01 -5.48 -52.39
C LYS G 152 -36.87 -6.69 -52.68
N ARG G 153 -36.33 -7.67 -53.41
CA ARG G 153 -37.19 -8.79 -53.77
C ARG G 153 -37.49 -9.67 -52.57
N ILE G 154 -36.53 -9.83 -51.65
CA ILE G 154 -36.77 -10.74 -50.52
C ILE G 154 -37.72 -10.11 -49.50
N ALA G 155 -37.50 -8.84 -49.17
CA ALA G 155 -38.42 -8.13 -48.29
C ALA G 155 -39.86 -8.32 -48.76
N GLU G 156 -40.13 -8.06 -50.04
CA GLU G 156 -41.47 -8.23 -50.56
C GLU G 156 -41.96 -9.68 -50.41
N PHE G 157 -41.09 -10.65 -50.71
CA PHE G 157 -41.56 -12.03 -50.63
C PHE G 157 -42.00 -12.37 -49.23
N ALA G 158 -41.38 -11.74 -48.24
CA ALA G 158 -41.74 -11.99 -46.85
C ALA G 158 -43.12 -11.44 -46.51
N PHE G 159 -43.33 -10.14 -46.77
CA PHE G 159 -44.65 -9.53 -46.55
C PHE G 159 -45.72 -10.29 -47.33
N GLU G 160 -45.47 -10.58 -48.60
CA GLU G 160 -46.34 -11.47 -49.34
C GLU G 160 -46.60 -12.75 -48.54
N TYR G 161 -45.54 -13.35 -48.00
CA TYR G 161 -45.72 -14.59 -47.24
C TYR G 161 -46.52 -14.35 -45.97
N ALA G 162 -46.30 -13.21 -45.31
CA ALA G 162 -47.09 -12.87 -44.12
C ALA G 162 -48.57 -12.74 -44.46
N ARG G 163 -48.90 -11.83 -45.38
CA ARG G 163 -50.30 -11.56 -45.73
C ARG G 163 -51.01 -12.85 -46.10
N ASN G 164 -50.38 -13.66 -46.97
CA ASN G 164 -51.02 -14.88 -47.46
C ASN G 164 -51.19 -15.91 -46.35
N ASN G 165 -50.19 -16.04 -45.48
CA ASN G 165 -50.28 -17.00 -44.39
C ASN G 165 -50.64 -16.33 -43.08
N HIS G 166 -51.19 -15.10 -43.15
CA HIS G 166 -51.68 -14.32 -42.02
C HIS G 166 -50.76 -14.48 -40.82
N ARG G 167 -49.62 -13.79 -40.90
CA ARG G 167 -48.68 -13.68 -39.80
C ARG G 167 -48.68 -12.21 -39.38
N SER G 168 -48.82 -11.97 -38.07
CA SER G 168 -49.10 -10.61 -37.63
C SER G 168 -47.87 -9.71 -37.70
N ASN G 169 -46.70 -10.24 -37.39
CA ASN G 169 -45.46 -9.48 -37.37
C ASN G 169 -44.51 -9.98 -38.44
N VAL G 170 -43.65 -9.08 -38.94
CA VAL G 170 -42.53 -9.47 -39.82
C VAL G 170 -41.32 -8.65 -39.38
N THR G 171 -40.23 -9.33 -39.06
CA THR G 171 -39.03 -8.70 -38.54
C THR G 171 -37.81 -8.97 -39.43
N ALA G 172 -37.05 -7.92 -39.71
CA ALA G 172 -35.82 -8.02 -40.47
C ALA G 172 -34.67 -8.18 -39.49
N VAL G 173 -33.94 -9.28 -39.64
CA VAL G 173 -32.84 -9.64 -38.77
C VAL G 173 -31.57 -9.55 -39.58
N HIS G 174 -30.48 -9.17 -38.92
CA HIS G 174 -29.39 -8.52 -39.63
C HIS G 174 -28.31 -8.10 -38.66
N LYS G 175 -27.06 -8.05 -39.10
CA LYS G 175 -26.01 -7.49 -38.25
C LYS G 175 -25.59 -6.13 -38.79
N ALA G 176 -26.53 -5.22 -38.93
CA ALA G 176 -26.24 -3.93 -39.56
C ALA G 176 -25.45 -3.00 -38.66
N ASN G 177 -25.12 -3.37 -37.44
CA ASN G 177 -24.23 -2.48 -36.70
C ASN G 177 -22.79 -2.66 -37.16
N ILE G 178 -22.37 -3.88 -37.46
CA ILE G 178 -20.97 -4.15 -37.76
C ILE G 178 -20.69 -4.19 -39.25
N MET G 179 -21.69 -4.45 -40.08
CA MET G 179 -21.54 -4.46 -41.53
C MET G 179 -22.58 -3.49 -42.04
N ARG G 180 -22.18 -2.22 -42.21
CA ARG G 180 -23.16 -1.19 -42.50
C ARG G 180 -23.69 -1.28 -43.93
N MET G 181 -22.84 -1.03 -44.93
CA MET G 181 -23.33 -0.90 -46.30
C MET G 181 -24.05 -2.15 -46.79
N SER G 182 -23.71 -3.33 -46.27
CA SER G 182 -24.34 -4.56 -46.73
C SER G 182 -25.70 -4.80 -46.09
N ASP G 183 -25.96 -4.22 -44.94
CA ASP G 183 -27.27 -4.41 -44.31
C ASP G 183 -28.05 -3.12 -44.16
N GLY G 184 -27.37 -1.99 -44.03
CA GLY G 184 -28.06 -0.73 -44.06
C GLY G 184 -28.97 -0.75 -45.27
N LEU G 185 -28.35 -0.93 -46.44
CA LEU G 185 -29.10 -1.02 -47.68
C LEU G 185 -30.23 -2.04 -47.56
N PHE G 186 -29.97 -3.17 -46.89
CA PHE G 186 -31.00 -4.19 -46.77
C PHE G 186 -32.19 -3.70 -45.94
N LEU G 187 -31.93 -2.97 -44.85
CA LEU G 187 -33.06 -2.45 -44.09
C LEU G 187 -33.79 -1.38 -44.88
N GLN G 188 -33.06 -0.62 -45.70
CA GLN G 188 -33.69 0.41 -46.51
C GLN G 188 -34.69 -0.22 -47.47
N LYS G 189 -34.34 -1.35 -48.08
CA LYS G 189 -35.30 -2.09 -48.87
C LYS G 189 -36.32 -2.78 -47.96
N CYS G 190 -35.97 -3.09 -46.71
CA CYS G 190 -36.98 -3.59 -45.80
C CYS G 190 -37.93 -2.46 -45.37
N ARG G 191 -37.39 -1.39 -44.77
CA ARG G 191 -38.24 -0.29 -44.32
C ARG G 191 -39.16 0.23 -45.42
N GLU G 192 -38.70 0.16 -46.67
CA GLU G 192 -39.54 0.55 -47.80
C GLU G 192 -40.63 -0.49 -48.06
N VAL G 193 -40.24 -1.75 -48.16
CA VAL G 193 -41.25 -2.80 -48.32
C VAL G 193 -42.23 -2.85 -47.14
N ALA G 194 -41.99 -2.09 -46.06
CA ALA G 194 -42.88 -2.05 -44.90
C ALA G 194 -43.64 -0.72 -44.73
N GLU G 195 -43.11 0.39 -45.23
CA GLU G 195 -43.92 1.61 -45.25
C GLU G 195 -45.03 1.52 -46.29
N SER G 196 -44.89 0.65 -47.29
CA SER G 196 -45.94 0.47 -48.29
C SER G 196 -47.07 -0.40 -47.74
N CYS G 197 -46.71 -1.42 -46.98
CA CYS G 197 -47.63 -2.48 -46.57
C CYS G 197 -47.74 -2.45 -45.04
N LYS G 198 -48.59 -1.55 -44.51
CA LYS G 198 -48.76 -1.45 -43.07
C LYS G 198 -49.76 -2.44 -42.51
N ASP G 199 -50.32 -3.33 -43.34
CA ASP G 199 -51.07 -4.46 -42.80
C ASP G 199 -50.20 -5.21 -41.81
N ILE G 200 -48.94 -5.45 -42.20
CA ILE G 200 -48.01 -6.28 -41.45
C ILE G 200 -47.29 -5.44 -40.40
N LYS G 201 -47.15 -5.98 -39.19
CA LYS G 201 -46.43 -5.30 -38.11
C LYS G 201 -44.93 -5.54 -38.27
N PHE G 202 -44.15 -4.47 -38.48
CA PHE G 202 -42.74 -4.58 -38.86
C PHE G 202 -41.81 -4.02 -37.80
N ASN G 203 -40.68 -4.71 -37.56
CA ASN G 203 -39.73 -4.37 -36.50
C ASN G 203 -38.35 -4.95 -36.79
N GLU G 204 -37.31 -4.29 -36.27
CA GLU G 204 -35.94 -4.63 -36.60
C GLU G 204 -35.16 -5.05 -35.34
N MET G 205 -34.49 -6.19 -35.43
CA MET G 205 -33.70 -6.78 -34.34
C MET G 205 -32.36 -7.24 -34.90
N TYR G 206 -31.28 -7.00 -34.15
CA TYR G 206 -29.97 -7.47 -34.58
C TYR G 206 -29.91 -8.98 -34.51
N LEU G 207 -28.96 -9.56 -35.24
CA LEU G 207 -28.83 -11.02 -35.26
C LEU G 207 -28.51 -11.56 -33.86
N ASP G 208 -27.43 -11.06 -33.26
CA ASP G 208 -26.99 -11.64 -32.00
C ASP G 208 -28.07 -11.54 -30.93
N THR G 209 -28.80 -10.42 -30.90
CA THR G 209 -29.91 -10.29 -29.96
C THR G 209 -30.96 -11.37 -30.20
N VAL G 210 -31.24 -11.69 -31.46
CA VAL G 210 -32.28 -12.67 -31.78
C VAL G 210 -31.87 -14.07 -31.32
N CYS G 211 -30.59 -14.42 -31.47
CA CYS G 211 -30.20 -15.76 -31.08
C CYS G 211 -30.36 -15.94 -29.58
N LEU G 212 -29.83 -15.01 -28.78
CA LEU G 212 -30.03 -15.07 -27.32
C LEU G 212 -31.51 -14.98 -26.97
N ASN G 213 -32.26 -14.06 -27.59
CA ASN G 213 -33.71 -13.98 -27.40
C ASN G 213 -34.48 -15.16 -27.99
N MET G 214 -33.85 -15.99 -28.80
CA MET G 214 -34.60 -17.12 -29.32
C MET G 214 -34.54 -18.30 -28.38
N VAL G 215 -33.35 -18.66 -27.90
CA VAL G 215 -33.28 -19.80 -27.01
C VAL G 215 -33.91 -19.47 -25.66
N GLN G 216 -33.98 -18.19 -25.27
CA GLN G 216 -34.58 -17.88 -23.98
C GLN G 216 -36.10 -17.91 -24.02
N ASP G 217 -36.73 -17.59 -25.17
CA ASP G 217 -38.19 -17.67 -25.34
C ASP G 217 -38.58 -17.38 -26.79
N PRO G 218 -38.84 -18.42 -27.58
CA PRO G 218 -39.07 -18.24 -29.03
C PRO G 218 -40.52 -17.95 -29.37
N SER G 219 -41.37 -17.78 -28.37
CA SER G 219 -42.74 -17.36 -28.61
C SER G 219 -42.76 -15.85 -28.77
N GLN G 220 -41.89 -15.34 -29.63
CA GLN G 220 -41.74 -13.91 -29.82
C GLN G 220 -41.66 -13.54 -31.28
N PHE G 221 -41.72 -14.51 -32.20
CA PHE G 221 -41.44 -14.21 -33.59
C PHE G 221 -42.41 -14.94 -34.51
N ASP G 222 -42.84 -14.23 -35.58
CA ASP G 222 -43.48 -14.82 -36.75
C ASP G 222 -42.46 -15.03 -37.85
N VAL G 223 -42.42 -14.05 -38.77
CA VAL G 223 -41.67 -14.11 -40.02
C VAL G 223 -40.38 -13.30 -39.86
N LEU G 224 -39.26 -13.93 -40.20
CA LEU G 224 -37.93 -13.34 -40.13
C LEU G 224 -37.36 -13.14 -41.52
N VAL G 225 -36.91 -11.92 -41.82
CA VAL G 225 -36.33 -11.60 -43.13
C VAL G 225 -34.83 -11.45 -42.93
N MET G 226 -34.05 -12.12 -43.78
CA MET G 226 -32.64 -12.28 -43.48
C MET G 226 -31.81 -12.42 -44.74
N PRO G 227 -30.90 -11.50 -45.02
CA PRO G 227 -30.03 -11.65 -46.19
C PRO G 227 -29.04 -12.78 -45.98
N ASN G 228 -28.43 -13.20 -47.07
CA ASN G 228 -27.62 -14.40 -46.99
C ASN G 228 -26.18 -14.02 -46.66
N LEU G 229 -25.98 -13.64 -45.41
CA LEU G 229 -24.67 -13.29 -44.89
C LEU G 229 -24.28 -14.00 -43.61
N TYR G 230 -25.24 -14.55 -42.86
CA TYR G 230 -24.96 -15.14 -41.56
C TYR G 230 -25.29 -16.63 -41.57
N GLY G 231 -24.87 -17.28 -42.66
CA GLY G 231 -25.13 -18.66 -42.96
C GLY G 231 -26.62 -18.90 -43.02
N ASP G 232 -26.99 -20.13 -42.68
CA ASP G 232 -28.37 -20.50 -42.43
C ASP G 232 -28.55 -20.83 -40.96
N ILE G 233 -27.82 -20.13 -40.08
CA ILE G 233 -27.73 -20.61 -38.71
C ILE G 233 -29.04 -20.36 -37.96
N LEU G 234 -29.63 -19.18 -38.10
CA LEU G 234 -30.92 -18.95 -37.42
C LEU G 234 -31.89 -20.09 -37.71
N SER G 235 -31.86 -20.62 -38.93
CA SER G 235 -32.73 -21.74 -39.28
C SER G 235 -32.39 -22.97 -38.45
N ASP G 236 -31.12 -23.29 -38.28
CA ASP G 236 -30.76 -24.54 -37.60
C ASP G 236 -30.88 -24.44 -36.09
N LEU G 237 -30.85 -23.24 -35.53
CA LEU G 237 -31.17 -23.05 -34.12
C LEU G 237 -32.63 -23.36 -33.86
N CYS G 238 -33.51 -22.81 -34.68
CA CYS G 238 -34.92 -23.07 -34.54
C CYS G 238 -35.23 -24.52 -34.84
N ALA G 239 -34.37 -25.19 -35.62
CA ALA G 239 -34.54 -26.61 -35.84
C ALA G 239 -34.71 -27.36 -34.52
N GLY G 240 -33.78 -27.14 -33.59
CA GLY G 240 -33.78 -27.94 -32.38
C GLY G 240 -35.00 -27.72 -31.50
N LEU G 241 -35.54 -26.52 -31.53
CA LEU G 241 -36.73 -26.23 -30.73
C LEU G 241 -37.85 -27.21 -31.06
N ILE G 242 -38.02 -27.56 -32.33
CA ILE G 242 -39.06 -28.49 -32.73
C ILE G 242 -38.73 -29.92 -32.27
N GLY G 243 -37.52 -30.37 -32.57
CA GLY G 243 -37.11 -31.68 -32.13
C GLY G 243 -35.75 -32.07 -32.65
N GLY G 244 -35.64 -32.12 -33.97
CA GLY G 244 -34.38 -32.45 -34.60
C GLY G 244 -34.29 -31.80 -35.96
N LEU G 245 -33.16 -32.05 -36.61
CA LEU G 245 -33.09 -31.77 -38.04
C LEU G 245 -34.07 -32.66 -38.78
N GLY G 246 -34.24 -33.90 -38.30
CA GLY G 246 -35.07 -34.87 -38.99
C GLY G 246 -36.55 -34.53 -39.00
N VAL G 247 -36.99 -33.68 -38.08
CA VAL G 247 -38.37 -33.22 -38.14
C VAL G 247 -38.50 -31.88 -38.87
N THR G 248 -37.40 -31.17 -39.12
CA THR G 248 -37.59 -29.85 -39.71
C THR G 248 -37.36 -29.76 -41.20
N PRO G 249 -38.33 -29.21 -41.92
CA PRO G 249 -38.26 -29.17 -43.39
C PRO G 249 -37.75 -27.88 -43.99
N SER G 250 -37.41 -27.89 -45.29
CA SER G 250 -36.94 -26.69 -45.98
C SER G 250 -37.66 -26.54 -47.32
N GLY G 251 -37.96 -25.30 -47.66
CA GLY G 251 -38.60 -25.00 -48.92
C GLY G 251 -37.97 -23.84 -49.65
N ASN G 252 -37.54 -24.08 -50.90
CA ASN G 252 -36.93 -23.06 -51.76
C ASN G 252 -37.96 -22.57 -52.77
N ILE G 253 -38.40 -21.33 -52.62
CA ILE G 253 -39.42 -20.75 -53.49
C ILE G 253 -38.77 -19.72 -54.40
N GLY G 254 -39.19 -19.71 -55.67
CA GLY G 254 -38.85 -18.66 -56.60
C GLY G 254 -40.09 -17.93 -57.08
N ALA G 255 -40.11 -17.47 -58.33
CA ALA G 255 -41.26 -16.79 -58.91
C ALA G 255 -42.00 -17.72 -59.86
N ASN G 256 -43.17 -17.27 -60.30
CA ASN G 256 -44.07 -18.10 -61.12
C ASN G 256 -44.19 -19.54 -60.61
N GLY G 257 -44.25 -19.73 -59.29
CA GLY G 257 -44.48 -21.03 -58.69
C GLY G 257 -43.35 -22.04 -58.80
N VAL G 258 -42.20 -21.65 -59.35
CA VAL G 258 -41.07 -22.56 -59.47
C VAL G 258 -40.44 -22.77 -58.10
N ALA G 259 -40.31 -24.02 -57.68
CA ALA G 259 -39.83 -24.29 -56.33
C ALA G 259 -39.42 -25.74 -56.11
N ILE G 260 -38.23 -25.97 -55.57
CA ILE G 260 -37.81 -27.29 -55.14
C ILE G 260 -38.00 -27.33 -53.64
N PHE G 261 -38.41 -28.48 -53.13
CA PHE G 261 -38.63 -28.67 -51.70
C PHE G 261 -37.66 -29.75 -51.23
N GLU G 262 -36.74 -29.36 -50.36
CA GLU G 262 -35.82 -30.30 -49.75
C GLU G 262 -36.12 -30.36 -48.26
N SER G 263 -35.16 -30.83 -47.49
CA SER G 263 -35.26 -30.89 -46.05
C SER G 263 -33.99 -30.32 -45.46
N VAL G 264 -34.10 -29.65 -44.32
CA VAL G 264 -32.93 -28.97 -43.77
C VAL G 264 -31.85 -29.98 -43.42
N HIS G 265 -32.25 -31.14 -42.87
CA HIS G 265 -31.33 -32.21 -42.53
C HIS G 265 -30.43 -32.53 -43.74
N GLY G 266 -29.26 -33.10 -43.50
CA GLY G 266 -28.23 -33.28 -44.50
C GLY G 266 -27.90 -34.73 -44.79
N THR G 267 -26.65 -34.97 -45.17
CA THR G 267 -26.30 -36.29 -45.67
C THR G 267 -26.55 -37.34 -44.61
N ALA G 268 -25.99 -37.08 -43.42
CA ALA G 268 -25.98 -38.01 -42.29
C ALA G 268 -25.38 -39.35 -42.73
N PRO G 269 -24.06 -39.43 -42.88
CA PRO G 269 -23.43 -40.73 -43.19
C PRO G 269 -23.31 -41.68 -42.02
N ASP G 270 -23.42 -41.20 -40.78
CA ASP G 270 -23.34 -42.10 -39.63
C ASP G 270 -24.64 -42.89 -39.43
N ILE G 271 -25.78 -42.37 -39.89
CA ILE G 271 -27.07 -43.06 -39.78
C ILE G 271 -27.56 -43.64 -41.11
N ALA G 272 -26.85 -43.38 -42.22
CA ALA G 272 -27.25 -43.85 -43.55
C ALA G 272 -26.79 -45.28 -43.78
N GLY G 273 -27.74 -46.18 -43.99
CA GLY G 273 -27.41 -47.58 -44.20
C GLY G 273 -28.05 -48.53 -43.20
N LYS G 274 -28.02 -48.15 -41.92
CA LYS G 274 -28.58 -48.99 -40.86
C LYS G 274 -30.09 -48.85 -40.72
N ASP G 275 -30.77 -48.31 -41.73
CA ASP G 275 -32.22 -48.08 -41.73
C ASP G 275 -32.73 -47.54 -40.40
N MET G 276 -32.08 -46.47 -39.94
CA MET G 276 -32.52 -45.74 -38.75
C MET G 276 -32.68 -44.25 -39.05
N ALA G 277 -33.01 -43.92 -40.29
CA ALA G 277 -33.19 -42.52 -40.69
C ALA G 277 -34.64 -42.11 -40.48
N ASN G 278 -34.83 -40.89 -40.00
CA ASN G 278 -36.16 -40.36 -39.79
C ASN G 278 -36.70 -39.80 -41.10
N PRO G 279 -37.79 -40.35 -41.65
CA PRO G 279 -38.30 -39.83 -42.93
C PRO G 279 -39.36 -38.75 -42.78
N THR G 280 -39.41 -38.08 -41.63
CA THR G 280 -40.43 -37.05 -41.43
C THR G 280 -40.11 -35.78 -42.20
N ALA G 281 -38.84 -35.39 -42.19
CA ALA G 281 -38.35 -34.18 -42.86
C ALA G 281 -38.81 -34.10 -44.32
N LEU G 282 -38.27 -34.98 -45.17
CA LEU G 282 -38.69 -35.03 -46.57
C LEU G 282 -40.21 -35.07 -46.71
N LEU G 283 -40.91 -35.67 -45.73
CA LEU G 283 -42.34 -35.94 -45.83
C LEU G 283 -43.19 -34.73 -45.44
N LEU G 284 -42.87 -34.10 -44.31
CA LEU G 284 -43.53 -32.84 -43.98
C LEU G 284 -43.14 -31.76 -44.98
N SER G 285 -41.89 -31.79 -45.46
CA SER G 285 -41.49 -30.98 -46.60
C SER G 285 -42.42 -31.24 -47.78
N ALA G 286 -42.62 -32.52 -48.10
CA ALA G 286 -43.59 -32.90 -49.12
C ALA G 286 -44.94 -32.24 -48.87
N VAL G 287 -45.34 -32.08 -47.61
CA VAL G 287 -46.60 -31.41 -47.32
C VAL G 287 -46.58 -29.98 -47.84
N MET G 288 -45.41 -29.35 -47.85
CA MET G 288 -45.33 -27.98 -48.35
C MET G 288 -45.46 -27.93 -49.86
N MET G 289 -45.05 -29.01 -50.55
CA MET G 289 -45.17 -29.05 -52.01
C MET G 289 -46.62 -29.23 -52.43
N LEU G 290 -47.31 -30.22 -51.84
CA LEU G 290 -48.72 -30.44 -52.17
C LEU G 290 -49.54 -29.22 -51.82
N ARG G 291 -49.34 -28.68 -50.62
CA ARG G 291 -50.01 -27.45 -50.23
C ARG G 291 -49.68 -26.32 -51.22
N HIS G 292 -48.39 -26.18 -51.55
CA HIS G 292 -47.96 -25.19 -52.53
C HIS G 292 -48.65 -25.40 -53.87
N MET G 293 -48.81 -26.66 -54.26
CA MET G 293 -49.40 -27.02 -55.54
C MET G 293 -50.92 -27.06 -55.51
N GLY G 294 -51.55 -26.79 -54.36
CA GLY G 294 -52.99 -26.64 -54.28
C GLY G 294 -53.74 -27.78 -53.61
N LEU G 295 -53.18 -29.00 -53.63
CA LEU G 295 -53.80 -30.16 -52.98
C LEU G 295 -53.72 -29.71 -51.52
N PHE G 296 -54.88 -29.29 -50.98
CA PHE G 296 -54.95 -28.72 -49.62
C PHE G 296 -55.15 -29.94 -48.73
N ASP G 297 -55.89 -30.94 -49.23
CA ASP G 297 -56.37 -32.04 -48.40
C ASP G 297 -55.33 -33.13 -48.27
N HIS G 298 -54.73 -33.52 -49.40
CA HIS G 298 -53.73 -34.61 -49.40
C HIS G 298 -52.59 -34.35 -48.40
N ALA G 299 -52.12 -33.10 -48.31
CA ALA G 299 -51.10 -32.78 -47.31
C ALA G 299 -51.71 -32.77 -45.91
N ALA G 300 -52.92 -32.23 -45.76
CA ALA G 300 -53.60 -32.28 -44.47
C ALA G 300 -53.72 -33.72 -43.99
N ARG G 301 -54.19 -34.62 -44.86
CA ARG G 301 -54.34 -36.03 -44.49
C ARG G 301 -53.00 -36.73 -44.36
N ILE G 302 -52.06 -36.43 -45.27
CA ILE G 302 -50.73 -37.03 -45.17
C ILE G 302 -50.01 -36.51 -43.94
N GLU G 303 -50.12 -35.20 -43.66
CA GLU G 303 -49.54 -34.65 -42.43
C GLU G 303 -50.18 -35.29 -41.21
N ALA G 304 -51.52 -35.24 -41.12
CA ALA G 304 -52.22 -35.60 -39.90
C ALA G 304 -51.82 -36.98 -39.40
N ALA G 305 -51.76 -37.97 -40.30
CA ALA G 305 -51.42 -39.33 -39.89
C ALA G 305 -50.07 -39.37 -39.20
N CYS G 306 -49.09 -38.66 -39.77
CA CYS G 306 -47.77 -38.56 -39.18
C CYS G 306 -47.84 -38.03 -37.75
N PHE G 307 -48.55 -36.93 -37.55
CA PHE G 307 -48.66 -36.33 -36.22
C PHE G 307 -49.18 -37.35 -35.21
N ALA G 308 -50.37 -37.89 -35.48
CA ALA G 308 -50.92 -38.88 -34.58
C ALA G 308 -50.18 -40.20 -34.63
N THR G 309 -49.29 -40.39 -35.62
CA THR G 309 -48.35 -41.53 -35.55
C THR G 309 -47.24 -41.26 -34.53
N ILE G 310 -46.83 -40.00 -34.39
CA ILE G 310 -45.93 -39.61 -33.31
C ILE G 310 -46.68 -39.48 -31.99
N LYS G 311 -47.96 -39.07 -32.04
CA LYS G 311 -48.77 -39.00 -30.83
C LYS G 311 -48.72 -40.33 -30.10
N ASP G 312 -49.01 -41.43 -30.81
CA ASP G 312 -49.02 -42.75 -30.19
C ASP G 312 -47.66 -43.08 -29.57
N GLY G 313 -46.59 -42.89 -30.31
CA GLY G 313 -45.33 -43.50 -29.94
C GLY G 313 -45.41 -45.02 -30.17
N LYS G 314 -44.34 -45.70 -29.73
CA LYS G 314 -44.08 -47.12 -29.99
C LYS G 314 -43.92 -47.41 -31.48
N SER G 315 -43.62 -46.39 -32.27
CA SER G 315 -43.11 -46.56 -33.62
C SER G 315 -42.12 -45.45 -33.99
N LEU G 316 -41.75 -44.60 -33.04
CA LEU G 316 -40.91 -43.45 -33.32
C LEU G 316 -39.48 -43.87 -33.61
N THR G 317 -38.84 -43.14 -34.51
CA THR G 317 -37.53 -43.51 -35.02
C THR G 317 -36.46 -43.28 -33.95
N LYS G 318 -35.19 -43.37 -34.35
CA LYS G 318 -34.10 -43.53 -33.38
C LYS G 318 -33.76 -42.23 -32.64
N ASP G 319 -33.99 -41.07 -33.25
CA ASP G 319 -33.76 -39.80 -32.57
C ASP G 319 -34.94 -39.44 -31.67
N LEU G 320 -36.16 -39.63 -32.16
CA LEU G 320 -37.38 -39.30 -31.43
C LEU G 320 -37.53 -40.07 -30.13
N GLY G 321 -36.69 -41.10 -29.90
CA GLY G 321 -36.61 -41.70 -28.59
C GLY G 321 -36.88 -43.19 -28.50
N GLY G 322 -36.98 -43.88 -29.64
CA GLY G 322 -37.32 -45.28 -29.64
C GLY G 322 -36.69 -46.02 -30.80
N ASN G 323 -36.55 -47.34 -30.61
CA ASN G 323 -35.85 -48.19 -31.58
C ASN G 323 -36.85 -48.78 -32.59
N ALA G 324 -37.36 -47.89 -33.45
CA ALA G 324 -38.22 -48.26 -34.58
C ALA G 324 -37.48 -47.92 -35.87
N LYS G 325 -37.14 -48.95 -36.65
CA LYS G 325 -36.42 -48.76 -37.91
C LYS G 325 -37.16 -47.79 -38.82
N CYS G 326 -36.48 -47.26 -39.84
CA CYS G 326 -37.13 -46.38 -40.79
C CYS G 326 -38.30 -47.08 -41.47
N SER G 327 -38.11 -48.35 -41.85
CA SER G 327 -39.20 -49.13 -42.41
C SER G 327 -40.37 -49.22 -41.43
N ASP G 328 -40.09 -49.58 -40.17
CA ASP G 328 -41.13 -49.67 -39.14
C ASP G 328 -41.96 -48.39 -39.06
N PHE G 329 -41.29 -47.23 -39.07
CA PHE G 329 -41.99 -45.95 -38.99
C PHE G 329 -42.75 -45.66 -40.28
N THR G 330 -42.07 -45.75 -41.42
CA THR G 330 -42.74 -45.47 -42.68
C THR G 330 -43.83 -46.49 -42.98
N GLU G 331 -43.88 -47.59 -42.24
CA GLU G 331 -44.94 -48.60 -42.38
C GLU G 331 -46.19 -48.21 -41.60
N GLU G 332 -46.06 -48.10 -40.27
CA GLU G 332 -47.19 -47.66 -39.46
C GLU G 332 -47.67 -46.28 -39.86
N ILE G 333 -46.83 -45.50 -40.56
CA ILE G 333 -47.24 -44.21 -41.09
C ILE G 333 -48.08 -44.40 -42.35
N CYS G 334 -47.80 -45.43 -43.15
CA CYS G 334 -48.67 -45.73 -44.28
C CYS G 334 -49.99 -46.38 -43.81
N ARG G 335 -49.93 -47.15 -42.72
CA ARG G 335 -51.10 -47.87 -42.22
C ARG G 335 -52.14 -46.93 -41.62
N ARG G 336 -51.70 -45.78 -41.09
CA ARG G 336 -52.59 -44.80 -40.50
C ARG G 336 -53.20 -43.86 -41.54
N VAL G 337 -52.57 -43.72 -42.71
CA VAL G 337 -53.15 -42.94 -43.80
C VAL G 337 -54.37 -43.66 -44.38
N LYS G 338 -54.30 -44.99 -44.43
CA LYS G 338 -55.34 -45.80 -45.02
C LYS G 338 -56.55 -45.99 -44.09
N ASP G 339 -56.41 -45.70 -42.80
CA ASP G 339 -57.51 -45.89 -41.84
C ASP G 339 -58.01 -44.56 -41.26
N SER H 14 -2.25 -3.59 -3.41
CA SER H 14 -1.26 -4.50 -3.99
C SER H 14 -1.28 -4.51 -5.53
N PHE H 15 -2.46 -4.53 -6.14
CA PHE H 15 -2.60 -4.93 -7.53
C PHE H 15 -3.31 -3.85 -8.35
N PRO H 16 -2.56 -3.00 -9.07
CA PRO H 16 -3.22 -1.99 -9.91
C PRO H 16 -3.90 -2.60 -11.11
N VAL H 17 -5.23 -2.56 -11.17
CA VAL H 17 -5.99 -3.15 -12.27
C VAL H 17 -6.83 -2.06 -12.93
N THR H 18 -6.78 -2.02 -14.26
CA THR H 18 -7.50 -1.04 -15.03
C THR H 18 -8.95 -1.46 -15.19
N MET H 19 -9.86 -0.49 -15.03
CA MET H 19 -11.31 -0.63 -15.19
C MET H 19 -11.78 0.39 -16.22
N LEU H 20 -12.80 0.02 -16.98
CA LEU H 20 -13.29 0.85 -18.08
C LEU H 20 -14.80 0.70 -18.13
N PRO H 21 -15.55 1.49 -17.36
CA PRO H 21 -17.00 1.23 -17.22
C PRO H 21 -17.75 1.24 -18.54
N GLY H 22 -17.26 1.98 -19.53
CA GLY H 22 -18.01 1.96 -20.78
C GLY H 22 -19.32 2.71 -20.61
N ASP H 23 -20.31 2.30 -21.39
CA ASP H 23 -21.62 2.95 -21.44
C ASP H 23 -22.70 2.01 -20.93
N GLY H 24 -23.95 2.47 -21.03
CA GLY H 24 -25.06 1.61 -20.61
C GLY H 24 -25.11 1.49 -19.08
N VAL H 25 -25.51 0.31 -18.61
CA VAL H 25 -25.48 0.04 -17.17
C VAL H 25 -24.14 -0.52 -16.72
N GLY H 26 -23.20 -0.71 -17.62
CA GLY H 26 -21.84 -0.98 -17.23
C GLY H 26 -21.45 -0.27 -15.93
N PRO H 27 -21.59 1.06 -15.90
CA PRO H 27 -21.06 1.82 -14.75
C PRO H 27 -21.57 1.38 -13.38
N GLU H 28 -22.82 0.93 -13.21
CA GLU H 28 -23.14 0.28 -11.94
C GLU H 28 -22.39 -1.04 -11.82
N LEU H 29 -22.45 -1.86 -12.88
CA LEU H 29 -21.90 -3.21 -12.84
C LEU H 29 -20.47 -3.22 -12.32
N MET H 30 -19.68 -2.22 -12.70
CA MET H 30 -18.36 -2.05 -12.11
C MET H 30 -18.46 -1.66 -10.66
N HIS H 31 -19.41 -0.79 -10.31
CA HIS H 31 -19.55 -0.38 -8.93
C HIS H 31 -19.91 -1.57 -8.04
N ALA H 32 -20.80 -2.44 -8.51
CA ALA H 32 -21.04 -3.68 -7.78
C ALA H 32 -19.74 -4.37 -7.49
N VAL H 33 -18.93 -4.60 -8.54
CA VAL H 33 -17.63 -5.24 -8.38
C VAL H 33 -16.79 -4.52 -7.33
N LYS H 34 -16.94 -3.20 -7.25
CA LYS H 34 -16.16 -2.47 -6.27
C LYS H 34 -16.75 -2.62 -4.88
N GLU H 35 -18.09 -2.58 -4.77
CA GLU H 35 -18.73 -2.68 -3.47
C GLU H 35 -18.61 -4.09 -2.89
N VAL H 36 -18.55 -5.10 -3.76
CA VAL H 36 -18.35 -6.47 -3.31
C VAL H 36 -16.88 -6.77 -3.08
N PHE H 37 -15.97 -6.21 -3.89
CA PHE H 37 -14.55 -6.37 -3.57
C PHE H 37 -14.22 -5.70 -2.25
N LYS H 38 -14.83 -4.53 -2.00
CA LYS H 38 -14.71 -3.91 -0.68
C LYS H 38 -15.21 -4.87 0.39
N ALA H 39 -16.34 -5.52 0.13
CA ALA H 39 -16.88 -6.50 1.07
C ALA H 39 -15.81 -7.48 1.50
N ALA H 40 -15.26 -8.22 0.54
CA ALA H 40 -14.24 -9.21 0.84
C ALA H 40 -12.92 -8.59 1.22
N ALA H 41 -12.77 -7.28 1.05
CA ALA H 41 -11.46 -6.64 1.13
C ALA H 41 -10.46 -7.38 0.24
N VAL H 42 -10.56 -7.20 -1.07
CA VAL H 42 -9.61 -7.74 -2.02
C VAL H 42 -8.46 -6.75 -2.12
N PRO H 43 -7.22 -7.17 -2.27
CA PRO H 43 -6.13 -6.19 -2.38
C PRO H 43 -5.97 -5.56 -3.74
N VAL H 44 -7.05 -5.36 -4.52
CA VAL H 44 -6.95 -4.72 -5.83
C VAL H 44 -7.19 -3.23 -5.69
N GLU H 45 -6.34 -2.43 -6.31
CA GLU H 45 -6.57 -0.99 -6.46
C GLU H 45 -6.89 -0.73 -7.93
N PHE H 46 -8.11 -0.21 -8.19
CA PHE H 46 -8.61 0.02 -9.55
C PHE H 46 -8.13 1.36 -10.10
N GLN H 47 -8.25 1.53 -11.43
CA GLN H 47 -7.99 2.82 -12.07
C GLN H 47 -9.05 3.09 -13.14
N GLU H 48 -9.89 4.10 -12.93
CA GLU H 48 -11.04 4.34 -13.80
C GLU H 48 -10.67 5.18 -15.02
N HIS H 49 -11.15 4.79 -16.19
CA HIS H 49 -10.86 5.59 -17.39
C HIS H 49 -12.10 6.11 -18.11
N HIS H 50 -13.31 5.69 -17.70
CA HIS H 50 -14.58 6.34 -18.08
C HIS H 50 -14.69 6.63 -19.58
N LEU H 51 -13.90 5.93 -20.40
CA LEU H 51 -13.76 6.22 -21.83
C LEU H 51 -15.03 5.83 -22.57
N SER H 52 -15.68 6.81 -23.19
CA SER H 52 -16.96 6.60 -23.83
C SER H 52 -17.19 7.63 -24.92
N GLU H 53 -17.43 7.14 -26.14
CA GLU H 53 -17.76 7.98 -27.28
C GLU H 53 -19.15 8.59 -27.16
N VAL H 54 -20.05 7.94 -26.42
CA VAL H 54 -21.43 8.44 -26.39
C VAL H 54 -21.59 9.55 -25.37
N GLN H 55 -20.96 9.43 -24.21
CA GLN H 55 -20.93 10.59 -23.32
C GLN H 55 -19.80 11.56 -23.69
N ASN H 56 -19.04 11.25 -24.74
CA ASN H 56 -18.08 12.13 -25.38
C ASN H 56 -16.82 12.32 -24.55
N MET H 57 -16.41 11.29 -23.82
CA MET H 57 -15.10 11.36 -23.22
C MET H 57 -14.14 10.48 -24.01
N ALA H 58 -13.95 10.78 -25.29
CA ALA H 58 -13.20 9.87 -26.16
C ALA H 58 -12.42 10.65 -27.19
N SER H 59 -11.10 10.41 -27.22
CA SER H 59 -10.27 10.76 -28.36
C SER H 59 -9.19 9.71 -28.46
N GLU H 60 -8.61 9.58 -29.67
CA GLU H 60 -7.56 8.59 -29.90
C GLU H 60 -6.37 8.77 -28.96
N GLU H 61 -6.33 9.87 -28.21
CA GLU H 61 -5.34 10.03 -27.16
C GLU H 61 -5.80 9.37 -25.85
N LYS H 62 -7.12 9.34 -25.60
CA LYS H 62 -7.63 8.60 -24.45
C LYS H 62 -7.34 7.11 -24.56
N LEU H 63 -7.29 6.58 -25.79
CA LEU H 63 -6.93 5.18 -25.99
C LEU H 63 -5.47 4.93 -25.61
N GLU H 64 -4.57 5.79 -26.05
CA GLU H 64 -3.20 5.67 -25.59
C GLU H 64 -3.12 5.74 -24.07
N GLN H 65 -4.02 6.52 -23.45
CA GLN H 65 -4.08 6.55 -21.99
C GLN H 65 -4.50 5.19 -21.44
N VAL H 66 -5.48 4.56 -22.06
CA VAL H 66 -5.85 3.22 -21.65
C VAL H 66 -4.71 2.25 -21.95
N LEU H 67 -4.16 2.32 -23.17
CA LEU H 67 -3.04 1.44 -23.51
C LEU H 67 -1.84 1.69 -22.59
N SER H 68 -1.67 2.93 -22.14
CA SER H 68 -0.63 3.22 -21.14
C SER H 68 -0.76 2.29 -19.94
N SER H 69 -1.99 2.06 -19.48
CA SER H 69 -2.19 1.32 -18.23
C SER H 69 -2.06 -0.19 -18.42
N MET H 70 -2.32 -0.71 -19.63
CA MET H 70 -2.13 -2.14 -19.88
C MET H 70 -0.65 -2.49 -20.02
N LYS H 71 0.13 -1.61 -20.65
CA LYS H 71 1.57 -1.78 -20.62
C LYS H 71 2.08 -1.90 -19.17
N GLU H 72 1.40 -1.24 -18.23
CA GLU H 72 1.79 -1.39 -16.83
C GLU H 72 1.23 -2.68 -16.25
N ASN H 73 -0.11 -2.79 -16.21
CA ASN H 73 -0.80 -3.71 -15.31
C ASN H 73 -1.18 -5.04 -15.96
N LYS H 74 -1.38 -5.05 -17.27
CA LYS H 74 -1.57 -6.25 -18.08
C LYS H 74 -2.82 -7.04 -17.72
N VAL H 75 -3.74 -6.43 -16.95
CA VAL H 75 -4.97 -7.08 -16.50
C VAL H 75 -6.06 -6.01 -16.33
N ALA H 76 -7.16 -6.13 -17.05
CA ALA H 76 -8.19 -5.11 -17.03
C ALA H 76 -9.56 -5.75 -16.86
N ILE H 77 -10.54 -4.93 -16.46
CA ILE H 77 -11.95 -5.32 -16.43
C ILE H 77 -12.74 -4.24 -17.18
N ILE H 78 -13.25 -4.59 -18.35
CA ILE H 78 -13.90 -3.62 -19.23
C ILE H 78 -15.38 -3.97 -19.30
N GLY H 79 -16.18 -2.96 -19.62
CA GLY H 79 -17.60 -3.16 -19.78
C GLY H 79 -17.99 -3.25 -21.23
N LYS H 80 -18.60 -2.20 -21.74
CA LYS H 80 -18.99 -2.21 -23.15
C LYS H 80 -19.01 -0.76 -23.61
N ILE H 81 -18.03 -0.36 -24.41
CA ILE H 81 -18.06 1.00 -24.96
C ILE H 81 -19.15 1.07 -26.01
N HIS H 82 -20.17 1.88 -25.75
CA HIS H 82 -21.27 1.95 -26.69
C HIS H 82 -20.81 2.69 -27.93
N THR H 83 -21.27 2.21 -29.07
CA THR H 83 -20.85 2.72 -30.37
C THR H 83 -22.05 3.37 -31.03
N PRO H 84 -22.08 4.70 -31.20
CA PRO H 84 -23.26 5.34 -31.81
C PRO H 84 -23.46 4.81 -33.20
N MET H 85 -24.43 3.90 -33.38
CA MET H 85 -24.64 3.28 -34.67
C MET H 85 -25.12 4.27 -35.74
N GLU H 86 -25.42 5.51 -35.34
CA GLU H 86 -25.55 6.60 -36.30
C GLU H 86 -24.17 7.18 -36.59
N TYR H 87 -23.95 7.58 -37.86
CA TYR H 87 -22.71 8.18 -38.35
C TYR H 87 -21.58 7.15 -38.47
N LYS H 88 -21.09 6.63 -37.33
CA LYS H 88 -20.05 5.60 -37.33
C LYS H 88 -20.65 4.21 -37.49
N GLY H 89 -19.78 3.24 -37.80
CA GLY H 89 -20.16 1.85 -37.84
C GLY H 89 -19.41 1.12 -36.72
N GLU H 90 -19.82 -0.13 -36.49
CA GLU H 90 -19.24 -0.84 -35.35
C GLU H 90 -17.77 -1.13 -35.60
N LEU H 91 -17.42 -1.47 -36.84
CA LEU H 91 -16.07 -1.92 -37.12
C LEU H 91 -15.02 -0.89 -36.71
N ALA H 92 -15.34 0.41 -36.82
CA ALA H 92 -14.45 1.51 -36.48
C ALA H 92 -14.81 2.19 -35.15
N SER H 93 -15.69 1.57 -34.36
CA SER H 93 -16.04 2.09 -33.04
C SER H 93 -14.85 2.01 -32.10
N TYR H 94 -14.82 2.95 -31.13
CA TYR H 94 -13.70 2.97 -30.19
C TYR H 94 -13.54 1.62 -29.51
N ASP H 95 -14.65 0.94 -29.20
CA ASP H 95 -14.57 -0.40 -28.66
C ASP H 95 -13.60 -1.25 -29.49
N MET H 96 -13.80 -1.29 -30.80
CA MET H 96 -12.97 -2.14 -31.65
C MET H 96 -11.52 -1.68 -31.67
N ARG H 97 -11.29 -0.36 -31.68
CA ARG H 97 -9.91 0.11 -31.68
C ARG H 97 -9.19 -0.43 -30.46
N LEU H 98 -9.79 -0.22 -29.28
CA LEU H 98 -9.30 -0.75 -27.99
C LEU H 98 -8.84 -2.20 -28.12
N ARG H 99 -9.75 -3.07 -28.55
CA ARG H 99 -9.41 -4.48 -28.70
C ARG H 99 -8.24 -4.70 -29.64
N ARG H 100 -8.28 -4.07 -30.82
CA ARG H 100 -7.16 -4.28 -31.74
C ARG H 100 -5.95 -3.46 -31.32
N LYS H 101 -6.13 -2.35 -30.62
CA LYS H 101 -4.95 -1.65 -30.11
C LYS H 101 -4.27 -2.40 -28.99
N LEU H 102 -4.82 -3.53 -28.52
CA LEU H 102 -4.16 -4.41 -27.57
C LEU H 102 -3.74 -5.73 -28.19
N ASP H 103 -4.16 -6.01 -29.42
CA ASP H 103 -4.14 -7.34 -30.01
C ASP H 103 -4.67 -8.39 -29.05
N LEU H 104 -5.87 -8.18 -28.56
CA LEU H 104 -6.64 -9.30 -28.04
C LEU H 104 -7.02 -10.19 -29.21
N PHE H 105 -6.78 -11.50 -29.08
CA PHE H 105 -7.16 -12.39 -30.17
C PHE H 105 -8.14 -13.48 -29.77
N ALA H 106 -8.09 -13.99 -28.55
CA ALA H 106 -9.00 -15.05 -28.12
C ALA H 106 -10.10 -14.43 -27.28
N ASN H 107 -11.36 -14.68 -27.67
CA ASN H 107 -12.51 -14.31 -26.85
C ASN H 107 -13.07 -15.58 -26.21
N VAL H 108 -12.94 -15.66 -24.90
CA VAL H 108 -13.33 -16.80 -24.11
C VAL H 108 -14.66 -16.44 -23.45
N VAL H 109 -15.67 -17.30 -23.59
CA VAL H 109 -16.99 -17.09 -23.00
C VAL H 109 -17.33 -18.34 -22.23
N HIS H 110 -17.29 -18.27 -20.89
CA HIS H 110 -17.75 -19.35 -20.01
C HIS H 110 -19.27 -19.45 -20.02
N VAL H 111 -19.80 -20.52 -20.60
CA VAL H 111 -21.22 -20.85 -20.58
C VAL H 111 -21.44 -21.94 -19.55
N LYS H 112 -22.09 -21.62 -18.44
CA LYS H 112 -22.26 -22.63 -17.40
C LYS H 112 -23.44 -22.23 -16.53
N SER H 113 -24.45 -23.08 -16.49
CA SER H 113 -25.66 -22.68 -15.78
C SER H 113 -25.41 -22.71 -14.29
N LEU H 114 -26.12 -21.89 -13.60
CA LEU H 114 -25.97 -21.70 -12.17
C LEU H 114 -26.99 -22.54 -11.43
N PRO H 115 -26.57 -23.28 -10.41
CA PRO H 115 -27.53 -24.06 -9.62
C PRO H 115 -28.47 -23.12 -8.88
N GLY H 116 -29.75 -23.26 -9.13
CA GLY H 116 -30.73 -22.36 -8.55
C GLY H 116 -31.52 -21.62 -9.60
N TYR H 117 -30.82 -20.88 -10.46
CA TYR H 117 -31.44 -20.27 -11.61
C TYR H 117 -31.77 -21.39 -12.58
N MET H 118 -33.02 -21.85 -12.57
CA MET H 118 -33.37 -22.95 -13.46
C MET H 118 -33.62 -22.44 -14.88
N THR H 119 -33.28 -23.25 -15.87
CA THR H 119 -33.62 -22.93 -17.25
C THR H 119 -34.02 -24.21 -17.97
N ARG H 120 -34.26 -24.09 -19.27
CA ARG H 120 -34.54 -25.24 -20.13
C ARG H 120 -33.33 -26.11 -20.33
N HIS H 121 -32.14 -25.64 -19.90
CA HIS H 121 -30.88 -26.38 -19.95
C HIS H 121 -30.13 -26.05 -18.66
N ASN H 122 -30.09 -26.99 -17.72
CA ASN H 122 -29.34 -26.79 -16.49
C ASN H 122 -28.17 -27.76 -16.46
N ASN H 123 -27.30 -27.65 -15.46
CA ASN H 123 -26.15 -28.56 -15.27
C ASN H 123 -25.29 -28.71 -16.52
N LEU H 124 -24.92 -27.57 -17.09
CA LEU H 124 -24.17 -27.47 -18.33
C LEU H 124 -22.85 -26.75 -18.04
N ASP H 125 -21.73 -27.31 -18.51
CA ASP H 125 -20.42 -26.68 -18.35
C ASP H 125 -19.74 -26.60 -19.70
N LEU H 126 -19.32 -25.40 -20.09
CA LEU H 126 -19.01 -25.16 -21.49
C LEU H 126 -18.19 -23.88 -21.65
N VAL H 127 -17.10 -23.95 -22.43
CA VAL H 127 -16.32 -22.78 -22.85
C VAL H 127 -16.42 -22.62 -24.35
N ILE H 128 -16.77 -21.41 -24.78
CA ILE H 128 -16.69 -20.98 -26.16
C ILE H 128 -15.37 -20.24 -26.38
N ILE H 129 -14.65 -20.57 -27.44
CA ILE H 129 -13.39 -19.91 -27.73
C ILE H 129 -13.40 -19.54 -29.20
N ARG H 130 -13.40 -18.25 -29.49
CA ARG H 130 -13.43 -17.82 -30.87
C ARG H 130 -12.40 -16.72 -31.06
N GLU H 131 -12.09 -16.45 -32.34
CA GLU H 131 -11.03 -15.54 -32.74
C GLU H 131 -11.58 -14.13 -32.90
N GLN H 132 -11.07 -13.20 -32.09
CA GLN H 132 -11.66 -11.85 -31.98
C GLN H 132 -10.89 -10.76 -32.73
N THR H 133 -9.98 -11.08 -33.62
CA THR H 133 -9.26 -9.97 -34.27
C THR H 133 -9.24 -10.08 -35.80
N GLU H 134 -9.75 -11.18 -36.35
CA GLU H 134 -9.75 -11.40 -37.82
C GLU H 134 -11.18 -11.68 -38.26
N GLY H 135 -11.43 -12.85 -38.84
CA GLY H 135 -12.78 -13.25 -39.24
C GLY H 135 -13.62 -12.21 -39.94
N GLU H 136 -14.81 -11.96 -39.39
CA GLU H 136 -15.80 -10.99 -39.90
C GLU H 136 -15.54 -9.62 -39.29
N TYR H 137 -14.46 -9.49 -38.53
CA TYR H 137 -14.12 -8.21 -37.90
C TYR H 137 -13.10 -7.47 -38.76
N SER H 138 -12.99 -7.89 -40.02
CA SER H 138 -12.23 -7.19 -41.05
C SER H 138 -13.09 -6.68 -42.18
N SER H 139 -14.31 -7.20 -42.33
CA SER H 139 -15.15 -7.03 -43.52
C SER H 139 -15.08 -5.60 -44.06
N LEU H 140 -14.43 -5.46 -45.21
CA LEU H 140 -14.24 -4.16 -45.85
C LEU H 140 -15.31 -3.97 -46.91
N GLU H 141 -16.01 -2.85 -46.83
CA GLU H 141 -17.23 -2.66 -47.60
C GLU H 141 -17.06 -1.49 -48.53
N HIS H 142 -17.16 -1.75 -49.82
CA HIS H 142 -17.14 -0.69 -50.81
C HIS H 142 -18.37 -0.85 -51.70
N GLU H 143 -18.68 0.20 -52.45
CA GLU H 143 -19.83 0.20 -53.33
C GLU H 143 -19.35 -0.08 -54.74
N SER H 144 -19.98 -1.04 -55.40
CA SER H 144 -19.61 -1.39 -56.79
C SER H 144 -20.38 -0.53 -57.80
N ALA H 145 -21.69 -0.71 -57.88
CA ALA H 145 -22.49 0.06 -58.83
C ALA H 145 -23.63 0.85 -58.21
N ARG H 146 -24.84 0.32 -58.36
CA ARG H 146 -26.04 0.87 -57.76
C ARG H 146 -26.27 0.19 -56.43
N GLY H 147 -27.09 -0.86 -56.46
CA GLY H 147 -27.27 -1.69 -55.30
C GLY H 147 -26.17 -2.70 -55.07
N VAL H 148 -25.32 -2.98 -56.07
CA VAL H 148 -24.28 -3.99 -55.89
C VAL H 148 -23.25 -3.48 -54.90
N ILE H 149 -23.09 -4.22 -53.79
CA ILE H 149 -22.28 -3.88 -52.63
C ILE H 149 -21.46 -5.08 -52.24
N GLU H 150 -20.16 -4.88 -52.00
CA GLU H 150 -19.22 -5.96 -51.77
C GLU H 150 -18.73 -5.99 -50.33
N CYS H 151 -18.55 -7.21 -49.81
CA CYS H 151 -18.02 -7.45 -48.48
C CYS H 151 -16.72 -8.25 -48.63
N LEU H 152 -15.61 -7.73 -48.09
CA LEU H 152 -14.29 -8.32 -48.29
C LEU H 152 -13.72 -8.83 -46.97
N LYS H 153 -13.60 -10.15 -46.83
CA LYS H 153 -13.30 -10.77 -45.55
C LYS H 153 -12.02 -11.60 -45.62
N ILE H 154 -11.28 -11.62 -44.50
CA ILE H 154 -9.96 -12.24 -44.41
C ILE H 154 -9.95 -13.36 -43.38
N VAL H 155 -9.16 -14.41 -43.67
CA VAL H 155 -8.91 -15.54 -42.79
C VAL H 155 -7.49 -16.01 -43.05
N THR H 156 -6.58 -15.70 -42.13
CA THR H 156 -5.16 -16.00 -42.28
C THR H 156 -4.77 -17.24 -41.48
N ARG H 157 -3.83 -18.01 -42.02
CA ARG H 157 -3.18 -19.07 -41.24
C ARG H 157 -2.58 -18.50 -39.96
N ALA H 158 -1.73 -17.48 -40.10
CA ALA H 158 -1.03 -16.84 -38.99
C ALA H 158 -1.87 -16.83 -37.72
N LYS H 159 -3.09 -16.29 -37.82
CA LYS H 159 -3.92 -16.15 -36.63
C LYS H 159 -4.76 -17.39 -36.32
N SER H 160 -4.93 -18.30 -37.28
CA SER H 160 -5.62 -19.54 -36.96
C SER H 160 -4.80 -20.43 -36.03
N GLN H 161 -3.58 -20.81 -36.45
CA GLN H 161 -2.72 -21.55 -35.53
C GLN H 161 -2.64 -20.84 -34.17
N ARG H 162 -2.62 -19.52 -34.17
CA ARG H 162 -2.60 -18.75 -32.92
C ARG H 162 -3.79 -19.11 -32.04
N ILE H 163 -4.99 -19.16 -32.62
CA ILE H 163 -6.18 -19.46 -31.82
C ILE H 163 -6.21 -20.93 -31.45
N ALA H 164 -5.95 -21.81 -32.40
CA ALA H 164 -6.03 -23.24 -32.10
C ALA H 164 -5.11 -23.60 -30.94
N LYS H 165 -3.82 -23.25 -31.06
CA LYS H 165 -2.86 -23.31 -29.95
C LYS H 165 -3.49 -22.83 -28.65
N PHE H 166 -4.06 -21.61 -28.67
CA PHE H 166 -4.76 -21.09 -27.49
C PHE H 166 -5.82 -22.06 -26.98
N ALA H 167 -6.62 -22.65 -27.89
CA ALA H 167 -7.73 -23.50 -27.48
C ALA H 167 -7.24 -24.67 -26.66
N PHE H 168 -6.13 -25.26 -27.06
CA PHE H 168 -5.57 -26.38 -26.32
C PHE H 168 -4.74 -25.91 -25.14
N ASP H 169 -3.99 -24.83 -25.30
CA ASP H 169 -3.29 -24.27 -24.15
C ASP H 169 -4.27 -23.97 -23.01
N TYR H 170 -5.54 -23.76 -23.32
CA TYR H 170 -6.59 -23.53 -22.34
C TYR H 170 -7.29 -24.81 -21.93
N ALA H 171 -7.56 -25.70 -22.89
CA ALA H 171 -8.14 -27.00 -22.57
C ALA H 171 -7.28 -27.75 -21.56
N THR H 172 -5.96 -27.67 -21.71
CA THR H 172 -5.08 -28.35 -20.76
C THR H 172 -4.89 -27.52 -19.50
N LYS H 173 -4.65 -26.21 -19.64
CA LYS H 173 -4.49 -25.38 -18.43
C LYS H 173 -5.64 -25.64 -17.46
N LYS H 174 -6.88 -25.51 -17.95
CA LYS H 174 -8.06 -25.67 -17.13
C LYS H 174 -8.62 -27.11 -17.17
N GLY H 175 -7.78 -28.09 -17.49
CA GLY H 175 -8.13 -29.49 -17.27
C GLY H 175 -9.24 -30.05 -18.13
N ARG H 176 -9.56 -29.41 -19.24
CA ARG H 176 -10.75 -29.77 -20.00
C ARG H 176 -10.44 -30.94 -20.95
N GLY H 177 -11.49 -31.47 -21.59
CA GLY H 177 -11.44 -32.79 -22.20
C GLY H 177 -11.50 -32.89 -23.72
N LYS H 178 -12.59 -32.44 -24.33
CA LYS H 178 -12.73 -32.37 -25.78
C LYS H 178 -12.50 -30.95 -26.25
N VAL H 179 -11.81 -30.81 -27.36
CA VAL H 179 -11.86 -29.61 -28.18
C VAL H 179 -12.72 -29.95 -29.38
N THR H 180 -13.58 -29.04 -29.79
CA THR H 180 -14.33 -29.21 -31.02
C THR H 180 -14.09 -28.01 -31.94
N ALA H 181 -13.74 -28.29 -33.19
CA ALA H 181 -13.59 -27.24 -34.19
C ALA H 181 -14.93 -27.01 -34.89
N VAL H 182 -15.26 -25.73 -35.07
CA VAL H 182 -16.45 -25.33 -35.81
C VAL H 182 -15.99 -24.68 -37.10
N HIS H 183 -16.60 -25.06 -38.22
CA HIS H 183 -16.08 -24.63 -39.51
C HIS H 183 -17.20 -24.69 -40.55
N LYS H 184 -16.99 -23.99 -41.66
CA LYS H 184 -17.93 -24.14 -42.77
C LYS H 184 -17.17 -24.54 -44.01
N ALA H 185 -16.32 -25.56 -43.89
CA ALA H 185 -15.41 -25.96 -44.97
C ALA H 185 -16.14 -26.43 -46.23
N ASN H 186 -17.41 -26.82 -46.11
CA ASN H 186 -18.10 -27.36 -47.28
C ASN H 186 -18.32 -26.29 -48.35
N ILE H 187 -18.82 -25.12 -47.95
CA ILE H 187 -19.21 -24.10 -48.92
C ILE H 187 -18.14 -23.01 -49.04
N MET H 188 -17.45 -22.69 -47.93
CA MET H 188 -16.33 -21.75 -47.97
C MET H 188 -15.04 -22.54 -47.85
N LYS H 189 -14.78 -23.39 -48.83
CA LYS H 189 -13.73 -24.41 -48.73
C LYS H 189 -12.38 -23.78 -48.42
N LEU H 190 -11.86 -22.94 -49.31
CA LEU H 190 -10.52 -22.38 -49.12
C LEU H 190 -10.38 -21.74 -47.75
N GLY H 191 -11.33 -20.88 -47.39
CA GLY H 191 -11.25 -20.11 -46.15
C GLY H 191 -11.24 -20.90 -44.86
N ASP H 192 -12.42 -21.35 -44.42
CA ASP H 192 -12.52 -22.05 -43.14
C ASP H 192 -11.86 -23.43 -43.17
N GLY H 193 -11.72 -24.04 -44.35
CA GLY H 193 -10.88 -25.21 -44.46
C GLY H 193 -9.46 -24.92 -44.01
N LEU H 194 -8.97 -23.69 -44.24
CA LEU H 194 -7.69 -23.32 -43.66
C LEU H 194 -7.74 -23.39 -42.15
N PHE H 195 -8.79 -22.84 -41.54
CA PHE H 195 -8.98 -23.01 -40.12
C PHE H 195 -8.93 -24.50 -39.74
N LEU H 196 -9.81 -25.30 -40.36
CA LEU H 196 -9.83 -26.73 -40.11
C LEU H 196 -8.45 -27.36 -40.26
N GLN H 197 -7.73 -27.00 -41.33
CA GLN H 197 -6.41 -27.58 -41.60
C GLN H 197 -5.36 -27.11 -40.60
N CYS H 198 -5.62 -26.03 -39.87
CA CYS H 198 -4.71 -25.56 -38.84
C CYS H 198 -5.08 -26.10 -37.48
N CYS H 199 -6.36 -26.35 -37.24
CA CYS H 199 -6.80 -26.98 -36.00
C CYS H 199 -6.39 -28.44 -35.96
N GLU H 200 -6.59 -29.14 -37.08
CA GLU H 200 -6.10 -30.51 -37.21
C GLU H 200 -4.60 -30.57 -36.91
N GLU H 201 -3.85 -29.54 -37.31
CA GLU H 201 -2.42 -29.51 -37.02
C GLU H 201 -2.16 -29.49 -35.51
N VAL H 202 -2.56 -28.41 -34.83
CA VAL H 202 -2.18 -28.20 -33.44
C VAL H 202 -2.84 -29.16 -32.49
N ALA H 203 -3.83 -29.92 -32.95
CA ALA H 203 -4.37 -31.00 -32.13
C ALA H 203 -3.30 -32.07 -31.93
N GLU H 204 -2.69 -32.53 -33.01
CA GLU H 204 -1.66 -33.56 -32.93
C GLU H 204 -0.54 -33.17 -31.96
N LEU H 205 -0.39 -31.88 -31.64
CA LEU H 205 0.59 -31.50 -30.62
C LEU H 205 0.12 -31.88 -29.23
N TYR H 206 -1.15 -31.59 -28.90
CA TYR H 206 -1.76 -31.94 -27.62
C TYR H 206 -2.60 -33.19 -27.80
N PRO H 207 -2.03 -34.39 -27.67
CA PRO H 207 -2.80 -35.61 -27.95
C PRO H 207 -3.68 -36.05 -26.80
N LYS H 208 -3.47 -35.49 -25.60
CA LYS H 208 -4.26 -35.82 -24.42
C LYS H 208 -5.69 -35.25 -24.48
N ILE H 209 -6.05 -34.58 -25.56
CA ILE H 209 -7.37 -33.95 -25.70
C ILE H 209 -8.06 -34.57 -26.90
N LYS H 210 -9.21 -35.21 -26.66
CA LYS H 210 -10.03 -35.70 -27.75
C LYS H 210 -10.42 -34.52 -28.63
N PHE H 211 -10.18 -34.67 -29.93
CA PHE H 211 -10.44 -33.63 -30.92
C PHE H 211 -11.41 -34.18 -31.96
N GLU H 212 -12.54 -33.50 -32.13
CA GLU H 212 -13.49 -33.78 -33.21
C GLU H 212 -13.79 -32.47 -33.93
N THR H 213 -14.45 -32.58 -35.08
CA THR H 213 -14.88 -31.39 -35.81
C THR H 213 -16.39 -31.46 -36.06
N MET H 214 -16.99 -30.30 -36.33
CA MET H 214 -18.42 -30.21 -36.52
C MET H 214 -18.72 -29.00 -37.40
N ILE H 215 -19.62 -29.19 -38.36
CA ILE H 215 -19.99 -28.09 -39.26
C ILE H 215 -20.84 -27.08 -38.48
N ILE H 216 -20.64 -25.79 -38.79
CA ILE H 216 -21.21 -24.73 -37.95
C ILE H 216 -22.72 -24.65 -38.07
N ASP H 217 -23.28 -24.98 -39.24
CA ASP H 217 -24.73 -24.99 -39.39
C ASP H 217 -25.38 -26.03 -38.47
N ASN H 218 -24.72 -27.17 -38.29
CA ASN H 218 -25.25 -28.24 -37.44
C ASN H 218 -24.90 -28.06 -35.98
N CYS H 219 -23.67 -27.61 -35.68
CA CYS H 219 -23.23 -27.33 -34.32
C CYS H 219 -24.30 -26.56 -33.54
N CYS H 220 -25.07 -25.73 -34.25
CA CYS H 220 -25.99 -24.85 -33.55
C CYS H 220 -27.27 -25.57 -33.18
N MET H 221 -27.84 -26.38 -34.09
CA MET H 221 -28.92 -27.26 -33.68
C MET H 221 -28.47 -28.09 -32.50
N GLN H 222 -27.21 -28.52 -32.50
CA GLN H 222 -26.69 -29.32 -31.41
C GLN H 222 -26.49 -28.53 -30.11
N LEU H 223 -26.61 -27.21 -30.12
CA LEU H 223 -26.57 -26.50 -28.85
C LEU H 223 -27.95 -26.29 -28.23
N VAL H 224 -29.03 -26.64 -28.95
CA VAL H 224 -30.37 -26.53 -28.40
C VAL H 224 -31.09 -27.85 -28.26
N GLN H 225 -30.54 -28.94 -28.80
CA GLN H 225 -31.02 -30.27 -28.42
C GLN H 225 -30.16 -30.88 -27.31
N ASN H 226 -28.84 -30.90 -27.47
CA ASN H 226 -27.95 -31.47 -26.46
C ASN H 226 -26.64 -30.71 -26.45
N PRO H 227 -26.55 -29.60 -25.69
CA PRO H 227 -25.26 -28.89 -25.58
C PRO H 227 -24.26 -29.61 -24.69
N TYR H 228 -24.71 -30.61 -23.92
CA TYR H 228 -23.91 -31.35 -22.95
C TYR H 228 -22.94 -32.31 -23.60
N GLN H 229 -22.86 -32.40 -24.91
CA GLN H 229 -21.84 -33.23 -25.52
C GLN H 229 -20.51 -32.51 -25.64
N PHE H 230 -20.60 -31.19 -25.87
CA PHE H 230 -19.45 -30.34 -26.13
C PHE H 230 -18.62 -30.16 -24.84
N ASP H 231 -17.39 -29.69 -25.03
CA ASP H 231 -16.49 -29.51 -23.91
C ASP H 231 -15.83 -28.15 -24.05
N VAL H 232 -14.99 -28.04 -25.06
CA VAL H 232 -14.37 -26.80 -25.49
C VAL H 232 -14.80 -26.59 -26.94
N LEU H 233 -15.06 -25.36 -27.32
CA LEU H 233 -15.35 -25.05 -28.71
C LEU H 233 -14.37 -23.99 -29.18
N VAL H 234 -13.44 -24.37 -30.05
CA VAL H 234 -12.64 -23.40 -30.77
C VAL H 234 -13.33 -23.18 -32.10
N MET H 235 -13.51 -21.93 -32.49
CA MET H 235 -14.19 -21.60 -33.72
C MET H 235 -13.63 -20.29 -34.22
N PRO H 236 -13.72 -20.03 -35.54
CA PRO H 236 -13.16 -18.79 -36.09
C PRO H 236 -14.24 -17.71 -36.16
N ASN H 237 -13.89 -16.49 -36.56
CA ASN H 237 -14.81 -15.36 -36.44
C ASN H 237 -15.90 -15.37 -37.49
N LEU H 238 -16.17 -16.49 -38.16
CA LEU H 238 -17.34 -16.55 -39.02
C LEU H 238 -18.57 -16.12 -38.25
N TYR H 239 -19.31 -15.16 -38.80
CA TYR H 239 -20.58 -14.73 -38.22
C TYR H 239 -20.36 -13.90 -36.98
N GLY H 240 -19.20 -13.99 -36.37
CA GLY H 240 -18.95 -13.21 -35.17
C GLY H 240 -19.54 -13.86 -33.93
N ASN H 241 -19.93 -13.00 -32.98
CA ASN H 241 -20.36 -13.42 -31.65
C ASN H 241 -21.75 -14.07 -31.65
N ILE H 242 -22.07 -14.88 -32.64
CA ILE H 242 -23.41 -15.46 -32.71
C ILE H 242 -23.51 -16.68 -31.81
N ILE H 243 -22.62 -17.66 -32.04
CA ILE H 243 -22.61 -18.87 -31.22
C ILE H 243 -22.42 -18.51 -29.75
N ASP H 244 -21.77 -17.37 -29.47
CA ASP H 244 -21.60 -16.94 -28.09
C ASP H 244 -22.94 -16.55 -27.48
N ASN H 245 -23.62 -15.57 -28.07
CA ASN H 245 -24.88 -15.10 -27.49
C ASN H 245 -25.95 -16.18 -27.49
N LEU H 246 -25.86 -17.18 -28.37
CA LEU H 246 -26.81 -18.27 -28.34
C LEU H 246 -26.64 -18.99 -27.01
N ALA H 247 -25.50 -19.68 -26.83
CA ALA H 247 -25.24 -20.44 -25.61
C ALA H 247 -25.43 -19.58 -24.38
N ALA H 248 -25.07 -18.30 -24.46
CA ALA H 248 -25.33 -17.40 -23.34
C ALA H 248 -26.80 -17.43 -22.91
N GLY H 249 -27.68 -17.86 -23.81
CA GLY H 249 -29.11 -17.86 -23.55
C GLY H 249 -29.61 -19.14 -22.90
N LEU H 250 -28.85 -20.21 -23.07
CA LEU H 250 -29.15 -21.44 -22.36
C LEU H 250 -29.19 -21.21 -20.86
N VAL H 251 -28.38 -20.27 -20.36
CA VAL H 251 -27.92 -20.21 -18.99
C VAL H 251 -28.40 -18.94 -18.26
N GLY H 252 -29.25 -18.14 -18.90
CA GLY H 252 -29.83 -16.99 -18.23
C GLY H 252 -29.38 -15.66 -18.79
N GLY H 253 -28.55 -15.66 -19.85
CA GLY H 253 -28.35 -14.49 -20.68
C GLY H 253 -27.26 -13.56 -20.21
N ALA H 254 -27.26 -12.38 -20.84
CA ALA H 254 -26.32 -11.32 -20.48
C ALA H 254 -26.45 -10.89 -19.05
N GLY H 255 -27.51 -11.33 -18.38
CA GLY H 255 -27.51 -11.31 -16.94
C GLY H 255 -26.24 -11.91 -16.37
N VAL H 256 -25.99 -13.20 -16.59
CA VAL H 256 -25.14 -13.98 -15.69
C VAL H 256 -23.91 -14.61 -16.34
N VAL H 257 -23.76 -14.59 -17.66
CA VAL H 257 -22.64 -15.28 -18.32
C VAL H 257 -21.43 -14.34 -18.32
N PRO H 258 -20.30 -14.75 -17.72
CA PRO H 258 -19.12 -13.90 -17.72
C PRO H 258 -18.34 -14.16 -18.97
N GLY H 259 -17.19 -13.53 -19.11
CA GLY H 259 -16.33 -13.81 -20.23
C GLY H 259 -15.06 -13.00 -20.11
N GLU H 260 -14.05 -13.43 -20.86
CA GLU H 260 -12.77 -12.78 -20.85
C GLU H 260 -12.19 -12.82 -22.25
N SER H 261 -10.99 -12.27 -22.38
CA SER H 261 -10.51 -11.81 -23.67
C SER H 261 -9.01 -11.64 -23.56
N TYR H 262 -8.25 -12.48 -24.25
CA TYR H 262 -6.82 -12.64 -24.02
C TYR H 262 -6.00 -12.15 -25.20
N SER H 263 -4.88 -11.50 -24.87
CA SER H 263 -3.77 -11.16 -25.76
C SER H 263 -2.65 -12.19 -25.57
N ALA H 264 -1.46 -11.90 -26.11
CA ALA H 264 -0.30 -12.73 -25.78
C ALA H 264 0.21 -12.41 -24.39
N GLU H 265 0.24 -11.12 -24.04
CA GLU H 265 0.52 -10.65 -22.69
C GLU H 265 -0.73 -10.25 -21.93
N TYR H 266 -1.56 -9.38 -22.51
CA TYR H 266 -2.69 -8.81 -21.78
C TYR H 266 -3.82 -9.83 -21.65
N ALA H 267 -4.72 -9.57 -20.72
CA ALA H 267 -5.92 -10.37 -20.55
C ALA H 267 -6.98 -9.47 -19.94
N VAL H 268 -8.11 -9.34 -20.64
CA VAL H 268 -9.22 -8.47 -20.28
C VAL H 268 -10.40 -9.31 -19.82
N PHE H 269 -11.16 -8.79 -18.84
CA PHE H 269 -12.34 -9.46 -18.28
C PHE H 269 -13.60 -8.61 -18.48
N GLU H 270 -14.64 -9.24 -19.02
CA GLU H 270 -15.82 -8.52 -19.52
C GLU H 270 -17.06 -9.38 -19.26
N THR H 271 -18.13 -9.14 -20.02
CA THR H 271 -19.30 -10.00 -20.03
C THR H 271 -19.30 -10.90 -21.26
N GLY H 272 -20.00 -12.02 -21.15
CA GLY H 272 -20.09 -12.92 -22.27
C GLY H 272 -20.87 -12.33 -23.43
N ALA H 273 -22.17 -12.10 -23.18
CA ALA H 273 -23.09 -11.64 -24.22
C ALA H 273 -23.09 -10.12 -24.21
N ARG H 274 -22.48 -9.51 -25.23
CA ARG H 274 -22.31 -8.08 -25.25
C ARG H 274 -23.15 -7.41 -26.31
N HIS H 275 -24.01 -8.17 -27.01
CA HIS H 275 -24.97 -7.70 -28.01
C HIS H 275 -25.64 -6.39 -27.61
N PRO H 276 -26.16 -5.62 -28.56
CA PRO H 276 -26.94 -4.42 -28.21
C PRO H 276 -28.14 -4.75 -27.32
N PHE H 277 -28.51 -3.80 -26.46
CA PHE H 277 -29.58 -4.04 -25.48
C PHE H 277 -29.27 -5.30 -24.68
N ALA H 278 -27.98 -5.47 -24.36
CA ALA H 278 -27.54 -6.56 -23.49
C ALA H 278 -28.25 -6.47 -22.14
N GLN H 279 -28.01 -5.38 -21.42
CA GLN H 279 -28.96 -4.90 -20.42
C GLN H 279 -29.16 -3.43 -20.75
N ALA H 280 -30.38 -3.09 -21.17
CA ALA H 280 -30.75 -1.71 -21.48
C ALA H 280 -31.63 -1.11 -20.41
N VAL H 281 -31.99 -1.90 -19.39
CA VAL H 281 -32.78 -1.39 -18.28
C VAL H 281 -32.14 -0.13 -17.71
N GLY H 282 -32.97 0.77 -17.21
CA GLY H 282 -32.44 1.97 -16.59
C GLY H 282 -31.82 1.65 -15.25
N ARG H 283 -31.33 2.70 -14.61
CA ARG H 283 -30.46 2.50 -13.44
C ARG H 283 -31.23 1.45 -12.64
N ASN H 284 -30.44 0.68 -11.90
CA ASN H 284 -30.65 -0.07 -10.66
C ASN H 284 -31.56 -1.29 -10.82
N ILE H 285 -31.61 -1.93 -12.00
CA ILE H 285 -32.20 -3.25 -12.10
C ILE H 285 -31.33 -4.22 -12.90
N ALA H 286 -30.16 -3.77 -13.36
CA ALA H 286 -29.21 -4.63 -14.04
C ALA H 286 -28.77 -5.76 -13.13
N ASN H 287 -28.35 -6.85 -13.73
CA ASN H 287 -27.92 -8.00 -12.97
C ASN H 287 -26.41 -7.96 -12.82
N PRO H 288 -25.86 -7.81 -11.62
CA PRO H 288 -24.40 -7.77 -11.47
C PRO H 288 -23.73 -9.13 -11.55
N THR H 289 -24.45 -10.19 -11.95
CA THR H 289 -23.93 -11.55 -11.82
C THR H 289 -22.76 -11.77 -12.78
N ALA H 290 -23.00 -11.62 -14.08
CA ALA H 290 -21.91 -11.82 -15.02
C ALA H 290 -20.68 -11.01 -14.60
N MET H 291 -20.88 -9.71 -14.34
CA MET H 291 -19.75 -8.86 -13.96
C MET H 291 -19.01 -9.39 -12.72
N LEU H 292 -19.73 -9.85 -11.69
CA LEU H 292 -19.07 -10.34 -10.49
C LEU H 292 -18.44 -11.72 -10.70
N LEU H 293 -19.02 -12.55 -11.57
CA LEU H 293 -18.37 -13.84 -11.85
C LEU H 293 -17.10 -13.61 -12.62
N SER H 294 -17.15 -12.76 -13.66
CA SER H 294 -15.94 -12.39 -14.38
C SER H 294 -14.93 -11.77 -13.43
N ALA H 295 -15.38 -10.83 -12.59
CA ALA H 295 -14.48 -10.19 -11.64
C ALA H 295 -13.76 -11.23 -10.78
N SER H 296 -14.45 -12.32 -10.41
CA SER H 296 -13.85 -13.40 -9.61
C SER H 296 -12.87 -14.24 -10.44
N ASN H 297 -13.27 -14.62 -11.66
CA ASN H 297 -12.32 -15.25 -12.57
C ASN H 297 -11.12 -14.36 -12.79
N MET H 298 -11.30 -13.04 -12.74
CA MET H 298 -10.14 -12.17 -12.81
C MET H 298 -9.20 -12.40 -11.63
N LEU H 299 -9.75 -12.46 -10.41
CA LEU H 299 -8.94 -12.74 -9.24
C LEU H 299 -8.27 -14.10 -9.33
N ARG H 300 -8.84 -15.03 -10.10
CA ARG H 300 -8.18 -16.31 -10.32
C ARG H 300 -6.95 -16.14 -11.20
N HIS H 301 -7.09 -15.38 -12.29
CA HIS H 301 -6.00 -15.06 -13.22
C HIS H 301 -4.88 -14.32 -12.53
N LEU H 302 -5.13 -13.79 -11.31
CA LEU H 302 -4.18 -13.02 -10.51
C LEU H 302 -3.57 -13.82 -9.37
N ASN H 303 -3.96 -15.09 -9.22
CA ASN H 303 -3.47 -15.96 -8.14
C ASN H 303 -3.91 -15.45 -6.79
N LEU H 304 -5.01 -14.70 -6.79
CA LEU H 304 -5.73 -14.40 -5.56
C LEU H 304 -6.81 -15.45 -5.32
N GLU H 305 -6.46 -16.70 -5.56
CA GLU H 305 -7.42 -17.84 -5.67
C GLU H 305 -8.27 -17.98 -4.41
N TYR H 306 -7.92 -17.24 -3.37
CA TYR H 306 -8.73 -17.20 -2.15
C TYR H 306 -9.97 -16.36 -2.35
N HIS H 307 -9.78 -15.09 -2.76
CA HIS H 307 -10.93 -14.24 -3.00
C HIS H 307 -11.70 -14.69 -4.23
N SER H 308 -11.02 -15.24 -5.23
CA SER H 308 -11.76 -15.79 -6.36
C SER H 308 -12.63 -16.96 -5.90
N SER H 309 -12.12 -17.79 -5.01
CA SER H 309 -12.95 -18.83 -4.44
C SER H 309 -14.13 -18.23 -3.71
N MET H 310 -13.87 -17.20 -2.90
CA MET H 310 -14.90 -16.62 -2.03
C MET H 310 -16.03 -16.04 -2.85
N ILE H 311 -15.69 -15.02 -3.67
CA ILE H 311 -16.69 -14.23 -4.39
C ILE H 311 -17.51 -15.12 -5.30
N ALA H 312 -16.84 -16.02 -6.02
CA ALA H 312 -17.57 -16.99 -6.84
C ALA H 312 -18.48 -17.86 -5.99
N ASP H 313 -18.08 -18.12 -4.75
CA ASP H 313 -18.89 -18.97 -3.90
C ASP H 313 -20.04 -18.20 -3.30
N ALA H 314 -19.84 -16.92 -3.00
CA ALA H 314 -20.92 -16.10 -2.49
C ALA H 314 -22.07 -16.08 -3.47
N VAL H 315 -21.90 -15.38 -4.60
CA VAL H 315 -23.01 -15.10 -5.49
C VAL H 315 -23.69 -16.39 -5.91
N LYS H 316 -22.90 -17.45 -6.17
CA LYS H 316 -23.42 -18.69 -6.74
C LYS H 316 -24.41 -19.39 -5.80
N LYS H 317 -24.26 -19.15 -4.50
CA LYS H 317 -25.17 -19.67 -3.48
C LYS H 317 -26.21 -18.65 -3.05
N VAL H 318 -25.90 -17.36 -3.13
CA VAL H 318 -26.96 -16.36 -2.98
C VAL H 318 -28.07 -16.64 -3.97
N ILE H 319 -27.72 -16.78 -5.27
CA ILE H 319 -28.70 -17.08 -6.30
C ILE H 319 -29.15 -18.53 -6.21
N LYS H 320 -28.67 -19.28 -5.21
CA LYS H 320 -29.26 -20.60 -5.01
C LYS H 320 -30.39 -20.60 -3.96
N VAL H 321 -30.13 -20.02 -2.79
CA VAL H 321 -31.19 -19.87 -1.80
C VAL H 321 -32.43 -19.18 -2.40
N GLY H 322 -32.26 -18.40 -3.46
CA GLY H 322 -33.44 -17.88 -4.11
C GLY H 322 -34.20 -16.81 -3.36
N LYS H 323 -33.56 -16.09 -2.43
CA LYS H 323 -34.26 -15.01 -1.75
C LYS H 323 -34.39 -13.83 -2.70
N VAL H 324 -33.27 -13.12 -2.94
CA VAL H 324 -33.24 -11.93 -3.79
C VAL H 324 -32.77 -12.30 -5.21
N ARG H 325 -33.57 -11.90 -6.20
CA ARG H 325 -33.23 -12.07 -7.61
C ARG H 325 -33.63 -10.83 -8.38
N THR H 326 -32.82 -10.50 -9.37
CA THR H 326 -33.11 -9.34 -10.20
C THR H 326 -34.19 -9.67 -11.23
N SER H 327 -34.77 -8.61 -11.79
CA SER H 327 -35.87 -8.71 -12.75
C SER H 327 -35.75 -9.92 -13.68
N ASP H 328 -34.53 -10.23 -14.13
CA ASP H 328 -34.36 -11.26 -15.15
C ASP H 328 -34.33 -12.68 -14.62
N MET H 329 -34.31 -12.88 -13.30
CA MET H 329 -34.38 -14.22 -12.73
C MET H 329 -35.75 -14.50 -12.11
N GLY H 330 -36.76 -13.73 -12.50
CA GLY H 330 -38.01 -13.81 -11.81
C GLY H 330 -37.76 -13.40 -10.39
N GLY H 331 -37.69 -12.09 -10.18
CA GLY H 331 -37.44 -11.53 -8.87
C GLY H 331 -37.70 -10.04 -8.94
N TYR H 332 -37.84 -9.45 -7.76
CA TYR H 332 -38.15 -8.03 -7.68
C TYR H 332 -36.96 -7.23 -7.17
N ALA H 333 -35.82 -7.89 -6.95
CA ALA H 333 -34.70 -7.22 -6.31
C ALA H 333 -33.97 -6.28 -7.27
N THR H 334 -33.58 -5.13 -6.75
CA THR H 334 -32.77 -4.18 -7.47
C THR H 334 -31.33 -4.66 -7.52
N CYS H 335 -30.48 -3.90 -8.20
CA CYS H 335 -29.04 -4.13 -8.09
C CYS H 335 -28.59 -4.02 -6.63
N HIS H 336 -28.99 -2.94 -5.95
CA HIS H 336 -28.54 -2.70 -4.61
C HIS H 336 -29.04 -3.79 -3.67
N ASP H 337 -30.32 -4.17 -3.82
CA ASP H 337 -30.88 -5.31 -3.09
C ASP H 337 -30.00 -6.55 -3.27
N PHE H 338 -29.63 -6.84 -4.52
CA PHE H 338 -28.87 -8.03 -4.83
C PHE H 338 -27.41 -7.89 -4.42
N THR H 339 -26.77 -6.77 -4.73
CA THR H 339 -25.38 -6.64 -4.30
C THR H 339 -25.28 -6.46 -2.78
N GLU H 340 -26.21 -5.69 -2.19
CA GLU H 340 -26.16 -5.59 -0.74
C GLU H 340 -26.45 -6.92 -0.06
N GLU H 341 -26.91 -7.94 -0.79
CA GLU H 341 -26.99 -9.27 -0.23
C GLU H 341 -25.70 -10.05 -0.47
N ILE H 342 -24.91 -9.68 -1.46
CA ILE H 342 -23.68 -10.43 -1.71
C ILE H 342 -22.53 -9.88 -0.88
N CYS H 343 -22.55 -8.58 -0.60
CA CYS H 343 -21.68 -8.06 0.45
C CYS H 343 -21.90 -8.85 1.73
N ARG H 344 -23.14 -8.82 2.23
CA ARG H 344 -23.47 -9.46 3.49
C ARG H 344 -22.99 -10.90 3.52
N ARG H 345 -23.31 -11.66 2.49
CA ARG H 345 -22.87 -13.05 2.41
C ARG H 345 -21.42 -13.17 2.01
N VAL H 346 -20.65 -12.10 2.11
CA VAL H 346 -19.20 -12.13 1.94
C VAL H 346 -18.48 -11.58 3.16
N LYS H 347 -18.95 -10.45 3.70
CA LYS H 347 -18.52 -10.06 5.05
C LYS H 347 -18.83 -11.17 6.04
N ASP H 348 -19.83 -12.01 5.72
CA ASP H 348 -20.16 -13.20 6.51
C ASP H 348 -19.02 -14.22 6.49
N LEU H 349 -18.53 -14.57 5.28
CA LEU H 349 -17.54 -15.64 5.14
C LEU H 349 -16.15 -15.24 5.60
N ASP H 350 -16.02 -14.20 6.43
CA ASP H 350 -14.83 -14.01 7.23
C ASP H 350 -15.15 -14.22 8.71
N GLU H 351 -16.02 -15.21 8.97
CA GLU H 351 -16.31 -15.70 10.32
C GLU H 351 -16.28 -17.25 10.34
PA NAI I . 19.51 -49.12 -12.83
O1A NAI I . 19.95 -47.95 -12.12
O2A NAI I . 20.05 -49.34 -14.16
O5B NAI I . 17.97 -48.92 -12.93
C5B NAI I . 17.20 -49.61 -13.87
C4B NAI I . 15.81 -49.53 -13.29
O4B NAI I . 15.46 -48.20 -13.38
C3B NAI I . 14.81 -50.30 -14.12
O3B NAI I . 14.09 -51.24 -13.32
C2B NAI I . 13.95 -49.24 -14.72
O2B NAI I . 12.80 -49.01 -13.92
C1B NAI I . 14.74 -48.00 -14.57
N9A NAI I . 15.65 -47.77 -15.70
C8A NAI I . 16.90 -47.36 -15.61
N7A NAI I . 17.47 -47.17 -16.81
C5A NAI I . 16.55 -47.45 -17.69
C6A NAI I . 16.50 -47.45 -19.12
N6A NAI I . 17.60 -47.12 -19.76
N1A NAI I . 15.40 -47.80 -19.74
C2A NAI I . 14.34 -48.13 -19.06
N3A NAI I . 14.30 -48.15 -17.73
C4A NAI I . 15.36 -47.83 -16.99
O3 NAI I . 19.53 -50.44 -12.03
PN NAI I . 19.86 -50.50 -10.51
O1N NAI I . 20.32 -49.24 -9.97
O2N NAI I . 18.72 -51.13 -9.81
O5D NAI I . 21.08 -51.49 -10.48
C5D NAI I . 21.86 -51.61 -11.64
C4D NAI I . 23.01 -52.55 -11.41
O4D NAI I . 24.04 -52.05 -12.21
C3D NAI I . 23.54 -52.42 -10.03
O3D NAI I . 24.35 -53.56 -9.79
C2D NAI I . 24.43 -51.22 -10.09
O2D NAI I . 25.54 -51.28 -9.22
C1D NAI I . 24.96 -51.30 -11.46
N1N NAI I . 25.04 -49.93 -11.93
C2N NAI I . 26.03 -49.59 -12.73
C3N NAI I . 26.13 -48.31 -13.20
C7N NAI I . 27.25 -47.96 -14.08
O7N NAI I . 28.28 -48.60 -14.00
N7N NAI I . 27.09 -46.96 -14.89
C4N NAI I . 25.16 -47.25 -12.87
C5N NAI I . 24.13 -47.76 -11.98
C6N NAI I . 24.13 -49.06 -11.57
PA NAI J . 25.83 7.69 23.93
O1A NAI J . 24.77 8.54 24.48
O2A NAI J . 25.66 6.24 23.91
O5B NAI J . 27.09 7.89 24.79
C5B NAI J . 28.29 7.65 24.15
C4B NAI J . 29.32 7.43 25.20
O4B NAI J . 28.85 6.49 26.15
C3B NAI J . 30.41 6.75 24.44
O3B NAI J . 31.63 7.40 24.73
C2B NAI J . 30.37 5.32 24.97
O2B NAI J . 31.64 4.69 24.92
C1B NAI J . 29.85 5.53 26.37
N9A NAI J . 29.46 4.26 27.03
C8A NAI J . 28.35 3.97 27.69
N7A NAI J . 28.40 2.71 28.18
C5A NAI J . 29.57 2.15 27.83
C6A NAI J . 30.28 0.85 28.00
N6A NAI J . 29.79 -0.25 28.66
N1A NAI J . 31.51 0.76 27.45
C2A NAI J . 32.05 1.78 26.79
N3A NAI J . 31.46 2.95 26.60
C4A NAI J . 30.24 3.21 27.09
O3 NAI J . 26.27 8.23 22.56
PN NAI J . 25.41 9.43 22.08
O1N NAI J . 25.80 9.71 20.69
O2N NAI J . 25.36 10.54 23.04
O5D NAI J . 24.00 8.81 22.08
C5D NAI J . 23.93 7.49 21.59
C4D NAI J . 22.61 7.22 20.88
O4D NAI J . 21.70 6.60 21.77
C3D NAI J . 21.95 8.48 20.45
O3D NAI J . 21.25 8.12 19.29
C2D NAI J . 20.98 8.74 21.54
O2D NAI J . 19.90 9.51 21.06
C1D NAI J . 20.52 7.37 21.86
N1N NAI J . 19.92 7.36 23.19
C2N NAI J . 18.90 6.54 23.48
C3N NAI J . 18.28 6.50 24.69
C7N NAI J . 17.16 5.55 25.00
O7N NAI J . 17.25 4.81 25.97
N7N NAI J . 16.06 5.51 24.24
C4N NAI J . 18.75 7.43 25.76
C5N NAI J . 19.83 8.27 25.33
C6N NAI J . 20.37 8.20 24.09
PA NAI K . -20.20 49.55 10.89
O1A NAI K . -19.89 48.10 10.97
O2A NAI K . -21.33 50.14 11.66
O5B NAI K . -20.35 49.91 9.39
C5B NAI K . -20.56 51.24 8.96
C4B NAI K . -21.99 51.12 8.51
O4B NAI K . -22.69 51.09 9.73
C3B NAI K . -22.58 52.27 7.71
O3B NAI K . -22.75 51.91 6.35
C2B NAI K . -23.90 52.50 8.39
O2B NAI K . -25.05 52.33 7.57
C1B NAI K . -23.99 51.34 9.32
N9A NAI K . -24.89 51.68 10.37
C8A NAI K . -24.77 51.49 11.67
N7A NAI K . -25.87 51.95 12.29
C5A NAI K . -26.69 52.41 11.35
C6A NAI K . -27.99 53.03 11.32
N6A NAI K . -28.67 53.24 12.46
N1A NAI K . -28.47 53.36 10.12
C2A NAI K . -27.78 53.15 8.99
N3A NAI K . -26.58 52.60 8.96
C4A NAI K . -26.02 52.23 10.09
O3 NAI K . -18.90 50.37 11.25
PN NAI K . -17.45 49.98 10.78
O1N NAI K . -16.98 51.02 9.83
O2N NAI K . -17.41 48.52 10.51
O5D NAI K . -16.62 50.19 12.11
C5D NAI K . -17.23 50.78 13.24
C4D NAI K . -16.31 50.76 14.43
O4D NAI K . -17.12 50.47 15.54
C3D NAI K . -15.28 49.67 14.32
O3D NAI K . -14.00 50.24 14.48
C2D NAI K . -15.58 48.68 15.41
O2D NAI K . -14.50 48.43 16.30
C1D NAI K . -16.74 49.26 16.16
N1N NAI K . -17.80 48.32 15.93
C2N NAI K . -18.52 47.83 16.93
C3N NAI K . -19.52 46.94 16.69
C7N NAI K . -20.32 46.41 17.80
O7N NAI K . -21.51 46.18 17.67
N7N NAI K . -19.70 46.22 18.93
C4N NAI K . -19.83 46.46 15.31
C5N NAI K . -18.97 47.06 14.33
C6N NAI K . -18.00 47.96 14.68
PA NAI L . -26.28 -33.16 -40.87
O1A NAI L . -26.59 -34.09 -41.97
O2A NAI L . -27.24 -32.06 -40.64
O5B NAI L . -26.19 -34.11 -39.61
C5B NAI L . -25.69 -33.70 -38.35
C4B NAI L . -26.29 -34.60 -37.30
O4B NAI L . -27.69 -34.66 -37.50
C3B NAI L . -25.79 -36.02 -37.46
O3B NAI L . -25.13 -36.45 -36.27
C2B NAI L . -27.03 -36.85 -37.74
O2B NAI L . -27.08 -38.07 -37.02
C1B NAI L . -28.17 -35.97 -37.32
N9A NAI L . -29.22 -36.20 -38.30
C8A NAI L . -29.38 -35.49 -39.41
N7A NAI L . -30.44 -35.92 -40.12
C5A NAI L . -30.96 -36.93 -39.45
C6A NAI L . -32.08 -37.84 -39.64
N6A NAI L . -32.85 -37.73 -40.75
N1A NAI L . -32.31 -38.77 -38.71
C2A NAI L . -31.54 -38.88 -37.62
N3A NAI L . -30.49 -38.09 -37.38
C4A NAI L . -30.16 -37.11 -38.25
O3 NAI L . -24.84 -32.50 -41.02
PN NAI L . -23.61 -33.40 -41.46
O1N NAI L . -24.18 -34.77 -41.48
O2N NAI L . -22.35 -33.11 -40.73
O5D NAI L . -23.37 -32.95 -42.96
C5D NAI L . -23.31 -33.95 -43.96
C4D NAI L . -23.38 -33.24 -45.29
O4D NAI L . -24.69 -32.71 -45.48
C3D NAI L . -22.49 -32.02 -45.32
O3D NAI L . -21.37 -32.31 -46.13
C2D NAI L . -23.36 -30.90 -45.83
O2D NAI L . -22.75 -30.21 -46.92
C1D NAI L . -24.59 -31.58 -46.30
N1N NAI L . -25.77 -30.77 -46.10
C2N NAI L . -26.78 -30.88 -46.95
C3N NAI L . -27.96 -30.13 -46.81
C7N NAI L . -29.06 -30.31 -47.81
O7N NAI L . -29.86 -29.42 -47.99
N7N NAI L . -29.14 -31.46 -48.46
C4N NAI L . -28.12 -29.14 -45.69
C5N NAI L . -26.95 -29.13 -44.84
C6N NAI L . -25.84 -29.94 -45.07
#